data_9M3Z
#
_entry.id   9M3Z
#
_cell.length_a   1.00
_cell.length_b   1.00
_cell.length_c   1.00
_cell.angle_alpha   90.00
_cell.angle_beta   90.00
_cell.angle_gamma   90.00
#
_symmetry.space_group_name_H-M   'P 1'
#
loop_
_entity.id
_entity.type
_entity.pdbx_description
1 polymer 'Cell division control protein 48 homolog A'
2 polymer 'NPL4-like protein 2'
3 non-polymer 'PHOSPHOAMINOPHOSPHONIC ACID-ADENYLATE ESTER'
4 non-polymer 'MAGNESIUM ION'
5 non-polymer "ADENOSINE-5'-DIPHOSPHATE"
#
loop_
_entity_poly.entity_id
_entity_poly.type
_entity_poly.pdbx_seq_one_letter_code
_entity_poly.pdbx_strand_id
1 'polypeptide(L)'
;GPLGSMSTPAESSDSKSKKDFSTAILERKKSPNRLVVDEAINDDNSVVSLHPATMEKLQLFRGDTILIKGKKRKDTVCIA
LADETCEEPKIRMNKVVRSNLRVRLGDVISVHQCPDVKYGKRVHILPVDDTVEGVTGNLFDAYLKPYFLEAYRPVRKGDL
FLVRGGMRSVEFKVIETDPAEYCVVAPDTEIFCEGEPVKREDEERLDDVGYDDVGGVRKQMAQIRELVELPLRHPQLFKS
IGVKPPKGILLYGPPGSGKTLIARAVANETGAFFFCINGPEIMSKLAGESESNLRKAFEEAEKNAPSIIFIDEIDSIAPK
REKTNGEVERRIVSQLLTLMDGLKSRAHVIVMGATNRPNSIDPALRRFGRFDREIDIGVPDEIGRLEVLRIHTKNMKLAE
DVDLERISKDTHGYVGADLAALCTEAALQCIREKMDVIDLEDDSIDAEILNSMAVTNEHFHTALGNSNPSALRETVVEVP
NVSWNDIGGLENVKRELQETVQYPVEHPEKFEKFGMSPSKGVLFYGPPGCGKTLLAKAIANECQANFISVKGPELLTMWF
GESEANVREIFDKARQSAPCVLFFDELDSIATQRGGGSGGDGGGAADRVLNQLLTEMDGMNAKKTVFIIGATNRPDIIDS
ALLRPGRLDQLIYIPLPDEDSRLNIFKAALRKSPIAKDVDIGALAKYTQGFSGADITEICQRACKYAIRENIEKDIEKEK
RRSENPEAMEEDGVDEVSEIKAAHFEESMKYARRSVSDADIRKYQAFAQTLQQSRGFGSEFRFENSAGSGATTGVADPFA
TSAAAAGDDDDLYN
;
A,B,C,D,E,F
2 'polypeptide(L)'
;GPLGSMMMLRIRSRDGLERVTAEGAHITVSQLKTLIADQLQIPLHKQTLSTNRDLLLAKTPADLLAFTDLTDPNLPLSSL
NLGHGSMLYLAYDGERSIPGAPPVTPAGSFGRKMTVDDLIARQMRVTRQETSHCDSVSFDRDAANAFQHYVNESLAFAVK
RGGFMYGTVTEEGQVEVDFIYEPPQQGTEANLILMRDADEEKRVDAIAMGLGMRRVGFIFNQTVVQDKTEYTLSNAEVLQ
AAELHAESELKEWVTAVVKLEVNEDGGADVHFEAFQMSDMCIRLFKEEWFETEIMPDDDPKLSKMKKEVVVGVKDLKEVD
NDFFLVLVRILDHQGPLSSTFPIENRSSRATMRALKTHLDRAKSLPLVKKMSDFHLLLFVAQFLDVSSDVPALAECVRLQ
SPVPEGYALLIESMANTC
;
G
#
# COMPACT_ATOMS: atom_id res chain seq x y z
N LYS A 18 6.86 33.86 -46.79
CA LYS A 18 5.49 33.78 -46.27
C LYS A 18 5.39 34.41 -44.88
N LYS A 19 4.20 34.90 -44.55
CA LYS A 19 3.97 35.54 -43.26
C LYS A 19 3.56 34.47 -42.23
N ASP A 20 3.15 34.92 -41.05
CA ASP A 20 2.70 34.02 -39.99
C ASP A 20 1.22 33.72 -40.21
N PHE A 21 0.93 32.55 -40.76
CA PHE A 21 -0.43 32.13 -41.06
C PHE A 21 -1.07 31.36 -39.91
N SER A 22 -0.39 31.24 -38.77
CA SER A 22 -0.94 30.48 -37.65
C SER A 22 -2.28 31.04 -37.19
N THR A 23 -2.46 32.36 -37.28
CA THR A 23 -3.72 33.00 -36.92
C THR A 23 -4.53 33.40 -38.14
N ALA A 24 -4.17 32.86 -39.31
CA ALA A 24 -4.83 33.26 -40.57
C ALA A 24 -6.31 32.97 -40.56
N ILE A 25 -6.77 31.95 -39.83
CA ILE A 25 -8.19 31.63 -39.78
C ILE A 25 -8.98 32.65 -38.98
N LEU A 26 -8.31 33.54 -38.25
CA LEU A 26 -8.97 34.54 -37.42
C LEU A 26 -9.14 35.89 -38.11
N GLU A 27 -8.71 36.00 -39.36
CA GLU A 27 -8.78 37.28 -40.06
C GLU A 27 -10.21 37.67 -40.35
N ARG A 28 -10.48 38.98 -40.33
CA ARG A 28 -11.80 39.54 -40.61
C ARG A 28 -11.79 40.04 -42.06
N LYS A 29 -12.32 39.22 -42.96
CA LYS A 29 -12.34 39.56 -44.37
C LYS A 29 -13.42 40.61 -44.67
N LYS A 30 -13.13 41.48 -45.62
CA LYS A 30 -14.07 42.52 -46.00
C LYS A 30 -15.02 42.00 -47.09
N SER A 31 -16.31 42.15 -46.83
CA SER A 31 -17.34 41.74 -47.78
C SER A 31 -18.44 42.79 -47.76
N PRO A 32 -19.15 42.99 -48.88
CA PRO A 32 -20.25 43.96 -48.89
C PRO A 32 -21.39 43.61 -47.95
N ASN A 33 -21.50 42.34 -47.54
CA ASN A 33 -22.59 41.91 -46.69
C ASN A 33 -22.35 42.16 -45.21
N ARG A 34 -21.14 42.59 -44.83
CA ARG A 34 -20.82 42.86 -43.44
C ARG A 34 -21.07 44.32 -43.12
N LEU A 35 -21.78 44.58 -42.03
CA LEU A 35 -22.14 45.93 -41.63
C LEU A 35 -21.84 46.13 -40.14
N VAL A 36 -21.62 47.39 -39.79
CA VAL A 36 -21.30 47.78 -38.41
C VAL A 36 -22.58 48.13 -37.67
N VAL A 37 -22.72 47.60 -36.45
CA VAL A 37 -23.91 47.85 -35.65
C VAL A 37 -23.97 49.31 -35.24
N ASP A 38 -25.15 49.92 -35.42
CA ASP A 38 -25.35 51.33 -35.07
C ASP A 38 -26.77 51.49 -34.53
N GLU A 39 -26.95 52.55 -33.74
CA GLU A 39 -28.24 52.83 -33.13
C GLU A 39 -29.22 53.39 -34.16
N ALA A 40 -30.50 53.01 -34.00
CA ALA A 40 -31.57 53.47 -34.86
C ALA A 40 -32.25 54.70 -34.29
N ILE A 41 -32.72 55.58 -35.18
CA ILE A 41 -33.41 56.78 -34.75
C ILE A 41 -34.75 56.43 -34.12
N ASN A 42 -35.52 55.57 -34.78
CA ASN A 42 -36.81 55.15 -34.24
C ASN A 42 -36.63 54.02 -33.24
N ASP A 43 -37.53 53.98 -32.27
CA ASP A 43 -37.47 52.98 -31.20
C ASP A 43 -38.18 51.68 -31.55
N ASP A 44 -38.79 51.59 -32.73
CA ASP A 44 -39.47 50.37 -33.13
C ASP A 44 -38.45 49.25 -33.33
N ASN A 45 -38.78 48.07 -32.82
CA ASN A 45 -37.88 46.92 -32.87
C ASN A 45 -37.98 46.14 -34.17
N SER A 46 -38.97 46.42 -35.00
CA SER A 46 -39.16 45.71 -36.27
C SER A 46 -38.66 46.50 -37.47
N VAL A 47 -37.97 47.62 -37.24
CA VAL A 47 -37.49 48.48 -38.31
C VAL A 47 -36.00 48.71 -38.13
N VAL A 48 -35.25 48.57 -39.22
CA VAL A 48 -33.81 48.84 -39.26
C VAL A 48 -33.53 49.76 -40.43
N SER A 49 -32.38 50.43 -40.39
CA SER A 49 -32.01 51.41 -41.40
C SER A 49 -30.60 51.13 -41.91
N LEU A 50 -30.49 50.80 -43.19
CA LEU A 50 -29.20 50.64 -43.86
C LEU A 50 -28.83 51.96 -44.53
N HIS A 51 -27.80 51.93 -45.37
CA HIS A 51 -27.51 53.15 -46.13
C HIS A 51 -28.08 53.04 -47.54
N PRO A 52 -28.58 54.15 -48.10
CA PRO A 52 -29.16 54.07 -49.46
C PRO A 52 -28.21 53.52 -50.51
N ALA A 53 -26.93 53.91 -50.46
CA ALA A 53 -25.96 53.35 -51.40
C ALA A 53 -25.71 51.88 -51.12
N THR A 54 -25.61 51.51 -49.84
CA THR A 54 -25.51 50.10 -49.49
C THR A 54 -26.76 49.34 -49.89
N MET A 55 -27.93 49.98 -49.72
CA MET A 55 -29.18 49.36 -50.14
C MET A 55 -29.19 49.09 -51.64
N GLU A 56 -28.71 50.04 -52.44
CA GLU A 56 -28.60 49.82 -53.88
C GLU A 56 -27.59 48.73 -54.20
N LYS A 57 -26.46 48.70 -53.49
CA LYS A 57 -25.47 47.66 -53.71
C LYS A 57 -26.02 46.27 -53.38
N LEU A 58 -26.98 46.20 -52.45
CA LEU A 58 -27.58 44.94 -52.06
C LEU A 58 -28.85 44.62 -52.85
N GLN A 59 -29.12 45.37 -53.93
CA GLN A 59 -30.32 45.18 -54.75
C GLN A 59 -31.59 45.24 -53.90
N LEU A 60 -31.63 46.19 -52.98
CA LEU A 60 -32.74 46.35 -52.05
C LEU A 60 -33.43 47.68 -52.33
N PHE A 61 -34.62 47.84 -51.74
CA PHE A 61 -35.39 49.06 -51.86
C PHE A 61 -36.07 49.35 -50.52
N ARG A 62 -36.44 50.61 -50.32
CA ARG A 62 -37.14 50.99 -49.10
C ARG A 62 -38.44 50.23 -48.96
N GLY A 63 -38.71 49.77 -47.74
CA GLY A 63 -39.90 48.98 -47.47
C GLY A 63 -39.73 47.49 -47.58
N ASP A 64 -38.59 47.01 -48.04
CA ASP A 64 -38.34 45.58 -48.11
C ASP A 64 -38.01 45.03 -46.72
N THR A 65 -37.88 43.71 -46.64
CA THR A 65 -37.60 43.02 -45.39
C THR A 65 -36.32 42.22 -45.52
N ILE A 66 -35.50 42.25 -44.48
CA ILE A 66 -34.19 41.60 -44.50
C ILE A 66 -34.03 40.71 -43.29
N LEU A 67 -33.16 39.72 -43.43
CA LEU A 67 -32.80 38.78 -42.37
C LEU A 67 -31.41 39.17 -41.86
N ILE A 68 -31.35 39.63 -40.62
CA ILE A 68 -30.11 40.11 -40.02
C ILE A 68 -29.53 39.00 -39.16
N LYS A 69 -28.30 38.60 -39.45
CA LYS A 69 -27.60 37.55 -38.71
C LYS A 69 -26.50 38.19 -37.86
N GLY A 70 -26.46 37.82 -36.59
CA GLY A 70 -25.47 38.34 -35.67
C GLY A 70 -24.61 37.26 -35.02
N LYS A 71 -24.21 37.48 -33.78
CA LYS A 71 -23.33 36.54 -33.11
C LYS A 71 -24.11 35.32 -32.61
N LYS A 72 -23.35 34.26 -32.31
CA LYS A 72 -23.91 32.98 -31.85
C LYS A 72 -24.95 32.44 -32.81
N ARG A 73 -24.77 32.71 -34.12
CA ARG A 73 -25.62 32.19 -35.18
C ARG A 73 -27.10 32.59 -34.99
N LYS A 74 -27.37 33.61 -34.17
CA LYS A 74 -28.72 34.09 -33.97
C LYS A 74 -29.08 35.12 -35.03
N ASP A 75 -30.38 35.26 -35.28
CA ASP A 75 -30.84 36.10 -36.37
C ASP A 75 -32.24 36.63 -36.07
N THR A 76 -32.62 37.66 -36.81
CA THR A 76 -33.96 38.23 -36.74
C THR A 76 -34.35 38.72 -38.14
N VAL A 77 -35.58 39.20 -38.26
CA VAL A 77 -36.11 39.72 -39.51
C VAL A 77 -36.68 41.10 -39.26
N CYS A 78 -36.27 42.08 -40.07
CA CYS A 78 -36.70 43.46 -39.86
C CYS A 78 -36.93 44.15 -41.19
N ILE A 79 -37.83 45.14 -41.19
CA ILE A 79 -38.05 45.96 -42.38
C ILE A 79 -36.91 46.95 -42.53
N ALA A 80 -36.25 46.92 -43.68
CA ALA A 80 -35.08 47.74 -43.93
C ALA A 80 -35.48 49.02 -44.67
N LEU A 81 -35.04 50.15 -44.14
CA LEU A 81 -35.20 51.45 -44.76
C LEU A 81 -33.81 52.02 -45.03
N ALA A 82 -33.76 53.27 -45.48
CA ALA A 82 -32.50 53.91 -45.85
C ALA A 82 -32.34 55.22 -45.11
N ASP A 83 -31.08 55.58 -44.84
CA ASP A 83 -30.77 56.81 -44.12
C ASP A 83 -29.47 57.38 -44.70
N GLU A 84 -29.56 58.56 -45.32
CA GLU A 84 -28.40 59.16 -45.94
C GLU A 84 -27.45 59.75 -44.90
N THR A 85 -27.97 60.15 -43.74
CA THR A 85 -27.14 60.79 -42.72
C THR A 85 -26.11 59.83 -42.14
N CYS A 86 -26.48 58.56 -41.96
CA CYS A 86 -25.60 57.59 -41.34
C CYS A 86 -24.44 57.24 -42.27
N GLU A 87 -23.42 56.62 -41.70
CA GLU A 87 -22.25 56.20 -42.46
C GLU A 87 -22.62 55.07 -43.40
N GLU A 88 -21.82 54.92 -44.46
CA GLU A 88 -22.09 53.88 -45.47
C GLU A 88 -22.05 52.47 -44.91
N PRO A 89 -20.98 52.03 -44.19
CA PRO A 89 -20.96 50.65 -43.67
C PRO A 89 -21.54 50.55 -42.26
N LYS A 90 -22.84 50.83 -42.14
CA LYS A 90 -23.50 50.75 -40.84
C LYS A 90 -24.95 50.37 -41.02
N ILE A 91 -25.53 49.83 -39.94
CA ILE A 91 -26.93 49.43 -39.90
C ILE A 91 -27.51 49.90 -38.58
N ARG A 92 -28.72 50.45 -38.63
CA ARG A 92 -29.35 51.07 -37.47
C ARG A 92 -30.38 50.12 -36.88
N MET A 93 -30.23 49.82 -35.59
CA MET A 93 -31.22 49.06 -34.84
C MET A 93 -31.15 49.47 -33.38
N ASN A 94 -32.23 49.21 -32.65
CA ASN A 94 -32.31 49.62 -31.27
C ASN A 94 -31.61 48.61 -30.36
N LYS A 95 -31.72 48.84 -29.05
CA LYS A 95 -31.03 47.98 -28.09
C LYS A 95 -31.65 46.60 -27.99
N VAL A 96 -32.97 46.49 -28.19
CA VAL A 96 -33.62 45.19 -28.10
C VAL A 96 -33.11 44.25 -29.18
N VAL A 97 -32.98 44.75 -30.41
CA VAL A 97 -32.46 43.93 -31.51
C VAL A 97 -31.01 43.54 -31.23
N ARG A 98 -30.22 44.48 -30.72
CA ARG A 98 -28.82 44.16 -30.39
C ARG A 98 -28.73 43.07 -29.34
N SER A 99 -29.57 43.14 -28.31
CA SER A 99 -29.57 42.09 -27.29
C SER A 99 -30.03 40.76 -27.88
N ASN A 100 -31.06 40.79 -28.74
CA ASN A 100 -31.53 39.55 -29.35
C ASN A 100 -30.51 38.97 -30.31
N LEU A 101 -29.61 39.80 -30.84
CA LEU A 101 -28.55 39.34 -31.73
C LEU A 101 -27.25 39.06 -31.01
N ARG A 102 -27.20 39.28 -29.69
CA ARG A 102 -25.98 39.10 -28.90
C ARG A 102 -24.84 39.93 -29.46
N VAL A 103 -25.15 41.17 -29.85
CA VAL A 103 -24.18 42.08 -30.45
C VAL A 103 -24.20 43.40 -29.67
N ARG A 104 -23.16 44.19 -29.89
CA ARG A 104 -23.02 45.51 -29.28
C ARG A 104 -22.73 46.53 -30.37
N LEU A 105 -22.68 47.80 -29.97
CA LEU A 105 -22.37 48.86 -30.90
C LEU A 105 -20.95 48.69 -31.45
N GLY A 106 -20.80 48.82 -32.76
CA GLY A 106 -19.52 48.65 -33.41
C GLY A 106 -19.20 47.25 -33.87
N ASP A 107 -20.06 46.28 -33.60
CA ASP A 107 -19.82 44.89 -34.00
C ASP A 107 -20.05 44.74 -35.51
N VAL A 108 -19.94 43.50 -35.98
CA VAL A 108 -20.12 43.17 -37.39
C VAL A 108 -21.26 42.16 -37.51
N ILE A 109 -22.21 42.47 -38.39
CA ILE A 109 -23.35 41.60 -38.65
C ILE A 109 -23.50 41.41 -40.16
N SER A 110 -24.35 40.46 -40.55
CA SER A 110 -24.58 40.16 -41.95
C SER A 110 -26.06 40.32 -42.28
N VAL A 111 -26.34 40.61 -43.54
CA VAL A 111 -27.69 40.88 -44.01
C VAL A 111 -28.00 39.98 -45.20
N HIS A 112 -29.15 39.31 -45.16
CA HIS A 112 -29.63 38.48 -46.25
C HIS A 112 -30.96 39.03 -46.75
N GLN A 113 -31.21 38.88 -48.04
CA GLN A 113 -32.42 39.39 -48.66
C GLN A 113 -33.52 38.34 -48.54
N CYS A 114 -34.48 38.58 -47.65
CA CYS A 114 -35.62 37.69 -47.45
C CYS A 114 -36.90 38.51 -47.46
N PRO A 115 -37.33 39.00 -48.62
CA PRO A 115 -38.59 39.75 -48.71
C PRO A 115 -39.83 38.86 -48.83
N ASP A 116 -39.65 37.54 -48.88
CA ASP A 116 -40.77 36.61 -49.02
C ASP A 116 -41.38 36.32 -47.64
N VAL A 117 -42.06 37.34 -47.13
CA VAL A 117 -42.71 37.23 -45.82
C VAL A 117 -44.09 36.61 -46.00
N LYS A 118 -44.51 35.85 -44.99
CA LYS A 118 -45.79 35.15 -45.01
C LYS A 118 -46.56 35.44 -43.73
N TYR A 119 -47.87 35.63 -43.87
CA TYR A 119 -48.71 36.07 -42.75
C TYR A 119 -48.80 34.99 -41.67
N GLY A 120 -48.75 35.43 -40.42
CA GLY A 120 -48.89 34.51 -39.30
C GLY A 120 -50.34 34.20 -38.99
N LYS A 121 -50.54 33.10 -38.26
CA LYS A 121 -51.89 32.67 -37.89
C LYS A 121 -52.11 32.62 -36.39
N ARG A 122 -51.26 31.93 -35.63
CA ARG A 122 -51.42 31.80 -34.19
C ARG A 122 -50.09 32.01 -33.48
N VAL A 123 -49.40 33.08 -33.83
CA VAL A 123 -48.09 33.40 -33.26
C VAL A 123 -48.24 33.61 -31.75
N HIS A 124 -47.62 32.73 -30.97
CA HIS A 124 -47.80 32.76 -29.52
C HIS A 124 -46.95 33.87 -28.90
N ILE A 125 -47.59 34.71 -28.09
CA ILE A 125 -46.92 35.81 -27.41
C ILE A 125 -47.16 35.67 -25.92
N LEU A 126 -46.08 35.73 -25.13
CA LEU A 126 -46.19 35.65 -23.68
C LEU A 126 -45.53 36.86 -23.04
N PRO A 127 -46.18 37.48 -22.06
CA PRO A 127 -45.63 38.70 -21.45
C PRO A 127 -44.49 38.42 -20.48
N VAL A 128 -43.69 39.45 -20.25
CA VAL A 128 -42.64 39.44 -19.24
C VAL A 128 -43.27 40.04 -17.98
N ASP A 129 -43.65 39.18 -17.04
CA ASP A 129 -44.51 39.56 -15.92
C ASP A 129 -43.89 40.60 -14.99
N ASP A 130 -42.58 40.81 -15.05
CA ASP A 130 -41.95 41.88 -14.28
C ASP A 130 -42.02 43.23 -14.99
N THR A 131 -42.55 43.28 -16.21
CA THR A 131 -42.65 44.52 -16.96
C THR A 131 -44.07 44.76 -17.49
N VAL A 132 -45.09 44.23 -16.82
CA VAL A 132 -46.46 44.27 -17.33
C VAL A 132 -47.24 45.39 -16.66
N GLU A 133 -46.54 46.42 -16.19
CA GLU A 133 -47.20 47.56 -15.57
C GLU A 133 -48.18 48.20 -16.56
N GLY A 134 -49.40 48.45 -16.09
CA GLY A 134 -50.44 49.03 -16.92
C GLY A 134 -51.31 48.04 -17.65
N VAL A 135 -50.99 46.74 -17.61
CA VAL A 135 -51.77 45.70 -18.26
C VAL A 135 -52.21 44.71 -17.19
N THR A 136 -53.52 44.41 -17.15
CA THR A 136 -54.08 43.54 -16.14
C THR A 136 -54.63 42.24 -16.71
N GLY A 137 -55.53 42.30 -17.67
CA GLY A 137 -56.18 41.13 -18.22
C GLY A 137 -55.38 40.49 -19.34
N ASN A 138 -56.10 39.98 -20.33
CA ASN A 138 -55.46 39.42 -21.52
C ASN A 138 -54.61 40.48 -22.20
N LEU A 139 -53.30 40.29 -22.19
CA LEU A 139 -52.39 41.36 -22.57
C LEU A 139 -52.40 41.61 -24.08
N PHE A 140 -52.57 40.57 -24.89
CA PHE A 140 -52.47 40.74 -26.33
C PHE A 140 -53.56 41.67 -26.87
N ASP A 141 -54.81 41.42 -26.50
CA ASP A 141 -55.89 42.23 -27.03
C ASP A 141 -55.92 43.62 -26.40
N ALA A 142 -55.67 43.72 -25.10
CA ALA A 142 -55.77 45.00 -24.41
C ALA A 142 -54.55 45.89 -24.62
N TYR A 143 -53.43 45.35 -25.08
CA TYR A 143 -52.20 46.12 -25.18
C TYR A 143 -51.54 46.04 -26.55
N LEU A 144 -51.60 44.89 -27.21
CA LEU A 144 -50.84 44.66 -28.44
C LEU A 144 -51.65 44.89 -29.71
N LYS A 145 -52.94 44.56 -29.70
CA LYS A 145 -53.74 44.73 -30.91
C LYS A 145 -53.76 46.16 -31.44
N PRO A 146 -53.89 47.21 -30.62
CA PRO A 146 -53.83 48.57 -31.19
C PRO A 146 -52.52 48.91 -31.85
N TYR A 147 -51.43 48.22 -31.51
CA TYR A 147 -50.11 48.56 -32.03
C TYR A 147 -49.43 47.45 -32.83
N PHE A 148 -49.90 46.21 -32.73
CA PHE A 148 -49.27 45.11 -33.45
C PHE A 148 -50.21 44.38 -34.39
N LEU A 149 -51.47 44.18 -34.01
CA LEU A 149 -52.42 43.55 -34.91
C LEU A 149 -52.69 44.47 -36.09
N GLU A 150 -52.79 43.87 -37.28
CA GLU A 150 -53.02 44.55 -38.55
C GLU A 150 -51.88 45.49 -38.93
N ALA A 151 -50.80 45.50 -38.16
CA ALA A 151 -49.65 46.36 -38.46
C ALA A 151 -48.65 45.70 -39.40
N TYR A 152 -48.78 44.40 -39.66
CA TYR A 152 -47.91 43.67 -40.57
C TYR A 152 -46.43 43.82 -40.18
N ARG A 153 -46.15 43.72 -38.89
CA ARG A 153 -44.78 43.78 -38.42
C ARG A 153 -44.08 42.44 -38.62
N PRO A 154 -42.87 42.42 -39.15
CA PRO A 154 -42.14 41.14 -39.26
C PRO A 154 -41.64 40.69 -37.89
N VAL A 155 -41.79 39.40 -37.62
CA VAL A 155 -41.39 38.81 -36.35
C VAL A 155 -40.67 37.49 -36.59
N ARG A 156 -39.85 37.12 -35.62
CA ARG A 156 -39.03 35.92 -35.66
C ARG A 156 -39.18 35.19 -34.33
N LYS A 157 -38.96 33.87 -34.35
CA LYS A 157 -39.18 33.04 -33.18
C LYS A 157 -38.19 33.38 -32.06
N GLY A 158 -38.69 33.41 -30.83
CA GLY A 158 -37.86 33.50 -29.65
C GLY A 158 -37.31 34.87 -29.32
N ASP A 159 -37.73 35.91 -30.02
CA ASP A 159 -37.15 37.24 -29.83
C ASP A 159 -38.01 38.07 -28.89
N LEU A 160 -37.36 38.65 -27.87
CA LEU A 160 -38.03 39.60 -27.00
C LEU A 160 -38.31 40.90 -27.76
N PHE A 161 -39.38 41.59 -27.36
CA PHE A 161 -39.72 42.83 -28.01
C PHE A 161 -40.53 43.72 -27.06
N LEU A 162 -40.23 45.01 -27.11
CA LEU A 162 -40.87 46.01 -26.26
C LEU A 162 -41.94 46.75 -27.05
N VAL A 163 -43.11 46.92 -26.45
CA VAL A 163 -44.25 47.56 -27.10
C VAL A 163 -44.75 48.70 -26.22
N ARG A 164 -44.98 49.86 -26.83
CA ARG A 164 -45.57 51.00 -26.13
C ARG A 164 -47.07 51.05 -26.42
N GLY A 165 -47.77 50.04 -25.93
CA GLY A 165 -49.21 49.95 -26.09
C GLY A 165 -50.02 50.79 -25.13
N GLY A 166 -49.36 51.46 -24.18
CA GLY A 166 -50.06 52.31 -23.23
C GLY A 166 -49.14 53.31 -22.56
N MET A 167 -49.36 53.57 -21.28
CA MET A 167 -48.53 54.51 -20.54
C MET A 167 -47.18 53.92 -20.15
N ARG A 168 -47.04 52.59 -20.17
CA ARG A 168 -45.80 51.92 -19.80
C ARG A 168 -45.37 51.01 -20.93
N SER A 169 -44.09 51.08 -21.30
CA SER A 169 -43.54 50.16 -22.28
C SER A 169 -43.44 48.77 -21.69
N VAL A 170 -44.16 47.81 -22.27
CA VAL A 170 -44.24 46.45 -21.75
C VAL A 170 -43.48 45.53 -22.68
N GLU A 171 -42.68 44.63 -22.11
CA GLU A 171 -41.89 43.70 -22.89
C GLU A 171 -42.58 42.35 -22.97
N PHE A 172 -42.61 41.79 -24.17
CA PHE A 172 -43.21 40.49 -24.44
C PHE A 172 -42.18 39.60 -25.15
N LYS A 173 -42.53 38.33 -25.31
CA LYS A 173 -41.68 37.37 -25.99
C LYS A 173 -42.53 36.57 -26.97
N VAL A 174 -42.07 36.48 -28.22
CA VAL A 174 -42.68 35.58 -29.19
C VAL A 174 -42.17 34.17 -28.91
N ILE A 175 -43.03 33.33 -28.34
CA ILE A 175 -42.61 31.97 -27.98
C ILE A 175 -42.25 31.18 -29.24
N GLU A 176 -43.10 31.27 -30.27
CA GLU A 176 -42.86 30.55 -31.52
C GLU A 176 -43.71 31.18 -32.61
N THR A 177 -43.04 31.57 -33.70
CA THR A 177 -43.76 32.15 -34.84
C THR A 177 -44.41 31.03 -35.64
N ASP A 178 -45.49 31.33 -36.35
CA ASP A 178 -46.19 30.37 -37.19
C ASP A 178 -46.71 31.12 -38.41
N PRO A 179 -46.02 31.00 -39.57
CA PRO A 179 -44.88 30.14 -39.95
C PRO A 179 -43.65 30.17 -39.02
N ALA A 180 -42.98 29.02 -38.92
CA ALA A 180 -41.97 28.76 -37.90
C ALA A 180 -40.82 29.77 -37.88
N GLU A 181 -40.07 29.85 -38.97
CA GLU A 181 -38.83 30.62 -38.96
C GLU A 181 -39.09 32.11 -38.74
N TYR A 182 -39.85 32.73 -39.63
CA TYR A 182 -40.21 34.12 -39.48
C TYR A 182 -41.52 34.38 -40.20
N CYS A 183 -42.30 35.32 -39.70
CA CYS A 183 -43.62 35.57 -40.24
C CYS A 183 -43.98 37.04 -40.04
N VAL A 184 -45.24 37.37 -40.31
CA VAL A 184 -45.75 38.73 -40.22
C VAL A 184 -46.93 38.73 -39.26
N VAL A 185 -47.06 39.80 -38.48
CA VAL A 185 -48.21 39.95 -37.56
C VAL A 185 -49.33 40.57 -38.37
N ALA A 186 -50.06 39.70 -39.06
CA ALA A 186 -51.19 40.11 -39.90
C ALA A 186 -52.47 40.07 -39.09
N PRO A 187 -53.58 40.57 -39.66
CA PRO A 187 -54.89 40.35 -39.00
C PRO A 187 -55.21 38.89 -38.78
N ASP A 188 -54.65 37.98 -39.60
CA ASP A 188 -54.86 36.55 -39.40
C ASP A 188 -54.25 36.04 -38.10
N THR A 189 -53.38 36.81 -37.47
CA THR A 189 -52.74 36.39 -36.23
C THR A 189 -53.75 36.45 -35.09
N GLU A 190 -54.27 35.30 -34.69
CA GLU A 190 -55.21 35.19 -33.58
C GLU A 190 -54.51 34.46 -32.45
N ILE A 191 -54.40 35.11 -31.29
CA ILE A 191 -53.67 34.54 -30.16
C ILE A 191 -54.08 35.32 -28.91
N PHE A 192 -54.10 34.63 -27.78
CA PHE A 192 -54.31 35.24 -26.47
C PHE A 192 -53.25 34.72 -25.52
N CYS A 193 -52.95 35.52 -24.50
CA CYS A 193 -51.87 35.17 -23.57
C CYS A 193 -52.20 33.88 -22.83
N GLU A 194 -51.26 32.94 -22.84
CA GLU A 194 -51.42 31.66 -22.15
C GLU A 194 -50.73 31.73 -20.80
N GLY A 195 -51.30 32.54 -19.92
CA GLY A 195 -50.68 32.81 -18.63
C GLY A 195 -49.55 33.81 -18.76
N GLU A 196 -48.83 33.99 -17.64
CA GLU A 196 -47.68 34.88 -17.59
C GLU A 196 -46.50 34.16 -16.95
N PRO A 197 -45.96 33.13 -17.62
CA PRO A 197 -44.81 32.42 -17.04
C PRO A 197 -43.48 33.07 -17.41
N VAL A 198 -43.45 33.77 -18.53
CA VAL A 198 -42.20 34.32 -19.07
C VAL A 198 -41.79 35.54 -18.26
N LYS A 199 -40.50 35.61 -17.93
CA LYS A 199 -39.91 36.73 -17.20
C LYS A 199 -38.50 36.95 -17.75
N ARG A 200 -37.72 37.77 -17.05
CA ARG A 200 -36.31 37.90 -17.39
C ARG A 200 -35.58 36.57 -17.16
N GLU A 201 -35.92 35.88 -16.08
CA GLU A 201 -35.32 34.59 -15.76
C GLU A 201 -35.62 33.53 -16.82
N ASP A 202 -36.63 33.74 -17.66
CA ASP A 202 -36.86 32.85 -18.79
C ASP A 202 -35.66 32.80 -19.72
N GLU A 203 -34.81 33.83 -19.72
CA GLU A 203 -33.57 33.83 -20.48
C GLU A 203 -32.41 33.24 -19.69
N GLU A 204 -32.70 32.35 -18.73
CA GLU A 204 -31.63 31.68 -17.98
C GLU A 204 -30.77 30.81 -18.88
N ARG A 205 -31.25 30.47 -20.07
CA ARG A 205 -30.39 29.80 -21.04
C ARG A 205 -29.20 30.66 -21.41
N LEU A 206 -29.41 31.98 -21.51
CA LEU A 206 -28.35 32.95 -21.73
C LEU A 206 -27.59 32.69 -23.02
N ASP A 207 -26.40 33.29 -23.14
CA ASP A 207 -25.53 33.11 -24.29
C ASP A 207 -24.47 32.04 -24.07
N ASP A 208 -24.30 31.59 -22.83
CA ASP A 208 -23.23 30.66 -22.44
C ASP A 208 -21.91 31.34 -22.78
N VAL A 209 -21.10 30.82 -23.71
CA VAL A 209 -19.79 31.37 -24.00
C VAL A 209 -19.56 31.31 -25.50
N GLY A 210 -19.62 32.46 -26.17
CA GLY A 210 -19.32 32.54 -27.58
C GLY A 210 -17.83 32.47 -27.84
N TYR A 211 -17.38 33.12 -28.90
CA TYR A 211 -15.97 33.20 -29.20
C TYR A 211 -15.32 34.47 -28.66
N ASP A 212 -16.11 35.48 -28.27
CA ASP A 212 -15.56 36.66 -27.62
C ASP A 212 -15.23 36.38 -26.16
N ASP A 213 -15.92 35.43 -25.54
CA ASP A 213 -15.75 35.19 -24.10
C ASP A 213 -14.38 34.61 -23.76
N VAL A 214 -13.72 33.95 -24.70
CA VAL A 214 -12.43 33.34 -24.42
C VAL A 214 -11.34 34.40 -24.38
N GLY A 215 -10.33 34.18 -23.54
CA GLY A 215 -9.34 35.19 -23.26
C GLY A 215 -8.17 35.24 -24.23
N GLY A 216 -6.95 35.26 -23.69
CA GLY A 216 -5.75 35.41 -24.51
C GLY A 216 -5.11 34.10 -24.92
N VAL A 217 -5.85 33.24 -25.62
CA VAL A 217 -5.34 31.97 -26.10
C VAL A 217 -5.47 31.93 -27.61
N ARG A 218 -5.29 33.09 -28.25
CA ARG A 218 -5.60 33.25 -29.67
C ARG A 218 -4.94 32.19 -30.53
N LYS A 219 -3.70 31.81 -30.20
CA LYS A 219 -3.01 30.78 -30.98
C LYS A 219 -3.73 29.44 -30.89
N GLN A 220 -4.01 28.98 -29.66
CA GLN A 220 -4.74 27.73 -29.48
C GLN A 220 -6.16 27.84 -29.99
N MET A 221 -6.74 29.04 -29.91
CA MET A 221 -8.07 29.26 -30.48
C MET A 221 -8.05 28.98 -31.99
N ALA A 222 -7.09 29.55 -32.70
CA ALA A 222 -6.99 29.31 -34.14
C ALA A 222 -6.70 27.85 -34.44
N GLN A 223 -5.84 27.22 -33.62
CA GLN A 223 -5.51 25.83 -33.84
C GLN A 223 -6.74 24.94 -33.72
N ILE A 224 -7.52 25.10 -32.65
CA ILE A 224 -8.73 24.31 -32.49
C ILE A 224 -9.74 24.65 -33.57
N ARG A 225 -9.80 25.92 -33.98
CA ARG A 225 -10.72 26.30 -35.05
C ARG A 225 -10.40 25.53 -36.32
N GLU A 226 -9.13 25.54 -36.75
CA GLU A 226 -8.79 24.86 -37.99
C GLU A 226 -8.91 23.35 -37.85
N LEU A 227 -8.74 22.81 -36.64
CA LEU A 227 -8.88 21.36 -36.48
C LEU A 227 -10.34 20.90 -36.46
N VAL A 228 -11.25 21.73 -35.97
CA VAL A 228 -12.64 21.31 -35.74
C VAL A 228 -13.59 21.90 -36.78
N GLU A 229 -13.62 23.23 -36.91
CA GLU A 229 -14.63 23.86 -37.75
C GLU A 229 -14.50 23.45 -39.21
N LEU A 230 -13.27 23.43 -39.73
CA LEU A 230 -13.07 23.14 -41.15
C LEU A 230 -13.53 21.73 -41.54
N PRO A 231 -13.14 20.65 -40.86
CA PRO A 231 -13.66 19.33 -41.27
C PRO A 231 -15.17 19.21 -41.16
N LEU A 232 -15.77 19.82 -40.14
CA LEU A 232 -17.20 19.67 -39.93
C LEU A 232 -18.03 20.53 -40.89
N ARG A 233 -17.52 21.70 -41.26
CA ARG A 233 -18.30 22.61 -42.10
C ARG A 233 -18.10 22.37 -43.59
N HIS A 234 -16.86 22.09 -44.01
CA HIS A 234 -16.54 21.93 -45.43
C HIS A 234 -15.72 20.66 -45.64
N PRO A 235 -16.38 19.49 -45.58
CA PRO A 235 -15.65 18.24 -45.89
C PRO A 235 -15.21 18.14 -47.34
N GLN A 236 -15.82 18.92 -48.24
CA GLN A 236 -15.42 18.89 -49.64
C GLN A 236 -14.00 19.42 -49.82
N LEU A 237 -13.58 20.38 -49.00
CA LEU A 237 -12.22 20.91 -49.09
C LEU A 237 -11.19 19.83 -48.81
N PHE A 238 -11.40 19.03 -47.78
CA PHE A 238 -10.47 17.93 -47.48
C PHE A 238 -10.66 16.74 -48.39
N LYS A 239 -11.84 16.58 -49.01
CA LYS A 239 -12.00 15.52 -49.98
C LYS A 239 -11.31 15.84 -51.30
N SER A 240 -11.20 17.13 -51.64
CA SER A 240 -10.47 17.52 -52.84
C SER A 240 -9.00 17.13 -52.74
N ILE A 241 -8.37 17.38 -51.60
CA ILE A 241 -7.02 16.90 -51.37
C ILE A 241 -7.02 15.38 -51.19
N GLY A 242 -8.00 14.86 -50.47
CA GLY A 242 -8.13 13.42 -50.26
C GLY A 242 -7.59 12.90 -48.94
N VAL A 243 -7.20 13.78 -48.03
CA VAL A 243 -6.61 13.35 -46.76
C VAL A 243 -7.72 13.18 -45.73
N LYS A 244 -7.39 12.48 -44.65
CA LYS A 244 -8.33 12.24 -43.56
C LYS A 244 -7.94 13.14 -42.38
N PRO A 245 -8.76 14.13 -42.03
CA PRO A 245 -8.36 15.05 -40.97
C PRO A 245 -8.34 14.35 -39.62
N PRO A 246 -7.54 14.84 -38.68
CA PRO A 246 -7.50 14.20 -37.35
C PRO A 246 -8.82 14.38 -36.61
N LYS A 247 -9.11 13.41 -35.76
CA LYS A 247 -10.32 13.42 -34.93
C LYS A 247 -10.02 13.62 -33.46
N GLY A 248 -9.20 12.75 -32.87
CA GLY A 248 -8.87 12.90 -31.47
C GLY A 248 -8.10 14.16 -31.17
N ILE A 249 -8.62 14.98 -30.26
CA ILE A 249 -7.98 16.23 -29.86
C ILE A 249 -7.83 16.23 -28.35
N LEU A 250 -6.68 16.67 -27.87
CA LEU A 250 -6.40 16.70 -26.45
C LEU A 250 -6.03 18.12 -26.03
N LEU A 251 -6.53 18.54 -24.87
CA LEU A 251 -6.19 19.84 -24.30
C LEU A 251 -5.66 19.64 -22.89
N TYR A 252 -4.47 20.14 -22.62
CA TYR A 252 -3.92 20.05 -21.29
C TYR A 252 -3.29 21.37 -20.89
N GLY A 253 -3.21 21.60 -19.58
CA GLY A 253 -2.68 22.81 -19.03
C GLY A 253 -2.98 22.90 -17.55
N PRO A 254 -2.52 23.96 -16.90
CA PRO A 254 -2.75 24.08 -15.47
C PRO A 254 -4.23 24.25 -15.19
N PRO A 255 -4.71 23.77 -14.05
CA PRO A 255 -6.15 23.85 -13.76
C PRO A 255 -6.63 25.28 -13.66
N GLY A 256 -7.85 25.51 -14.14
CA GLY A 256 -8.39 26.85 -14.16
C GLY A 256 -7.90 27.71 -15.30
N SER A 257 -7.35 27.11 -16.36
CA SER A 257 -6.88 27.87 -17.50
C SER A 257 -7.97 28.15 -18.53
N GLY A 258 -9.11 27.49 -18.43
CA GLY A 258 -10.18 27.65 -19.38
C GLY A 258 -10.27 26.60 -20.46
N LYS A 259 -9.89 25.35 -20.16
CA LYS A 259 -10.01 24.28 -21.14
C LYS A 259 -11.48 23.90 -21.36
N THR A 260 -12.24 23.77 -20.27
CA THR A 260 -13.67 23.55 -20.40
C THR A 260 -14.33 24.70 -21.12
N LEU A 261 -13.90 25.93 -20.84
CA LEU A 261 -14.50 27.09 -21.48
C LEU A 261 -14.23 27.11 -22.98
N ILE A 262 -13.01 26.80 -23.41
CA ILE A 262 -12.73 26.80 -24.84
C ILE A 262 -13.48 25.66 -25.53
N ALA A 263 -13.53 24.49 -24.89
CA ALA A 263 -14.27 23.38 -25.48
C ALA A 263 -15.74 23.74 -25.66
N ARG A 264 -16.37 24.29 -24.63
CA ARG A 264 -17.78 24.64 -24.72
C ARG A 264 -18.02 25.80 -25.68
N ALA A 265 -17.09 26.76 -25.74
CA ALA A 265 -17.23 27.84 -26.69
C ALA A 265 -17.21 27.33 -28.13
N VAL A 266 -16.28 26.42 -28.43
CA VAL A 266 -16.23 25.85 -29.77
C VAL A 266 -17.50 25.07 -30.07
N ALA A 267 -17.96 24.28 -29.09
CA ALA A 267 -19.17 23.48 -29.31
C ALA A 267 -20.38 24.36 -29.56
N ASN A 268 -20.52 25.45 -28.80
CA ASN A 268 -21.68 26.32 -28.95
C ASN A 268 -21.62 27.14 -30.23
N GLU A 269 -20.45 27.67 -30.58
CA GLU A 269 -20.36 28.53 -31.75
C GLU A 269 -20.40 27.74 -33.05
N THR A 270 -19.90 26.50 -33.05
CA THR A 270 -19.92 25.71 -34.28
C THR A 270 -21.33 25.30 -34.69
N GLY A 271 -22.29 25.37 -33.76
CA GLY A 271 -23.66 25.02 -34.06
C GLY A 271 -23.93 23.54 -34.18
N ALA A 272 -22.92 22.70 -34.02
CA ALA A 272 -23.11 21.26 -34.17
C ALA A 272 -23.61 20.64 -32.87
N PHE A 273 -24.05 19.39 -32.97
CA PHE A 273 -24.49 18.66 -31.80
C PHE A 273 -23.34 18.49 -30.81
N PHE A 274 -23.67 18.54 -29.53
CA PHE A 274 -22.67 18.41 -28.47
C PHE A 274 -23.21 17.49 -27.40
N PHE A 275 -22.31 16.75 -26.75
CA PHE A 275 -22.70 15.84 -25.68
C PHE A 275 -21.56 15.76 -24.68
N CYS A 276 -21.63 16.59 -23.63
CA CYS A 276 -20.59 16.61 -22.63
C CYS A 276 -20.55 15.30 -21.85
N ILE A 277 -19.35 14.94 -21.39
CA ILE A 277 -19.15 13.83 -20.48
C ILE A 277 -18.17 14.29 -19.41
N ASN A 278 -18.46 13.98 -18.16
CA ASN A 278 -17.59 14.33 -17.05
C ASN A 278 -17.00 13.08 -16.43
N GLY A 279 -15.73 13.16 -16.05
CA GLY A 279 -15.07 12.08 -15.36
C GLY A 279 -15.74 11.73 -14.05
N PRO A 280 -15.95 12.71 -13.18
CA PRO A 280 -16.70 12.45 -11.95
C PRO A 280 -18.11 11.95 -12.20
N GLU A 281 -18.80 12.48 -13.21
CA GLU A 281 -20.17 12.07 -13.46
C GLU A 281 -20.25 10.61 -13.87
N ILE A 282 -19.38 10.18 -14.78
CA ILE A 282 -19.40 8.79 -15.22
C ILE A 282 -18.90 7.88 -14.11
N MET A 283 -17.81 8.26 -13.43
CA MET A 283 -17.31 7.44 -12.35
C MET A 283 -18.25 7.39 -11.16
N SER A 284 -19.25 8.26 -11.10
CA SER A 284 -20.25 8.22 -10.05
C SER A 284 -21.34 7.18 -10.28
N LYS A 285 -21.33 6.52 -11.43
CA LYS A 285 -22.34 5.52 -11.75
C LYS A 285 -21.90 4.14 -11.27
N LEU A 286 -22.89 3.28 -11.04
CA LEU A 286 -22.63 1.94 -10.55
C LEU A 286 -21.97 1.10 -11.64
N ALA A 287 -21.40 -0.03 -11.22
CA ALA A 287 -20.74 -0.93 -12.15
C ALA A 287 -21.71 -1.42 -13.22
N GLY A 288 -21.24 -1.44 -14.46
CA GLY A 288 -22.06 -1.79 -15.60
C GLY A 288 -22.84 -0.63 -16.19
N GLU A 289 -23.28 0.30 -15.33
CA GLU A 289 -23.99 1.47 -15.84
C GLU A 289 -23.06 2.43 -16.57
N SER A 290 -21.79 2.49 -16.17
CA SER A 290 -20.84 3.39 -16.81
C SER A 290 -20.63 3.03 -18.28
N GLU A 291 -20.46 1.73 -18.55
CA GLU A 291 -20.30 1.30 -19.94
C GLU A 291 -21.54 1.61 -20.75
N SER A 292 -22.72 1.40 -20.16
CA SER A 292 -23.97 1.70 -20.86
C SER A 292 -24.06 3.17 -21.21
N ASN A 293 -23.71 4.05 -20.26
CA ASN A 293 -23.73 5.48 -20.53
C ASN A 293 -22.73 5.86 -21.62
N LEU A 294 -21.52 5.28 -21.56
CA LEU A 294 -20.51 5.61 -22.57
C LEU A 294 -20.97 5.19 -23.97
N ARG A 295 -21.48 3.97 -24.10
CA ARG A 295 -21.92 3.52 -25.41
C ARG A 295 -23.15 4.28 -25.89
N LYS A 296 -24.05 4.64 -24.97
CA LYS A 296 -25.18 5.47 -25.34
C LYS A 296 -24.73 6.84 -25.85
N ALA A 297 -23.73 7.43 -25.19
CA ALA A 297 -23.21 8.71 -25.64
C ALA A 297 -22.60 8.61 -27.02
N PHE A 298 -21.78 7.58 -27.24
CA PHE A 298 -21.12 7.43 -28.53
C PHE A 298 -22.11 7.11 -29.65
N GLU A 299 -23.20 6.40 -29.33
CA GLU A 299 -24.23 6.14 -30.33
C GLU A 299 -25.02 7.40 -30.65
N GLU A 300 -25.41 8.15 -29.61
CA GLU A 300 -26.17 9.37 -29.81
C GLU A 300 -25.38 10.40 -30.59
N ALA A 301 -24.06 10.46 -30.37
CA ALA A 301 -23.22 11.37 -31.14
C ALA A 301 -23.24 11.02 -32.62
N GLU A 302 -23.15 9.74 -32.95
CA GLU A 302 -23.21 9.32 -34.34
C GLU A 302 -24.60 9.58 -34.94
N LYS A 303 -25.64 9.47 -34.13
CA LYS A 303 -27.00 9.70 -34.63
C LYS A 303 -27.19 11.13 -35.12
N ASN A 304 -26.41 12.07 -34.60
CA ASN A 304 -26.61 13.48 -34.93
C ASN A 304 -25.33 14.13 -35.44
N ALA A 305 -24.66 13.49 -36.40
CA ALA A 305 -23.43 14.04 -36.94
C ALA A 305 -23.72 15.37 -37.63
N PRO A 306 -22.81 16.35 -37.52
CA PRO A 306 -21.53 16.33 -36.80
C PRO A 306 -21.72 16.39 -35.29
N SER A 307 -20.80 15.82 -34.52
CA SER A 307 -20.96 15.79 -33.07
C SER A 307 -19.59 15.93 -32.41
N ILE A 308 -19.60 16.50 -31.22
CA ILE A 308 -18.41 16.69 -30.41
C ILE A 308 -18.68 16.06 -29.05
N ILE A 309 -17.70 15.33 -28.54
CA ILE A 309 -17.79 14.67 -27.24
C ILE A 309 -16.62 15.20 -26.42
N PHE A 310 -16.90 16.11 -25.50
CA PHE A 310 -15.86 16.67 -24.63
C PHE A 310 -15.78 15.80 -23.39
N ILE A 311 -14.91 14.79 -23.43
CA ILE A 311 -14.76 13.90 -22.29
C ILE A 311 -13.90 14.60 -21.25
N ASP A 312 -14.53 15.35 -20.35
CA ASP A 312 -13.80 16.18 -19.40
C ASP A 312 -13.02 15.30 -18.42
N GLU A 313 -11.78 15.68 -18.18
CA GLU A 313 -10.91 15.01 -17.20
C GLU A 313 -10.80 13.51 -17.48
N ILE A 314 -10.22 13.19 -18.64
CA ILE A 314 -9.99 11.79 -18.98
C ILE A 314 -8.97 11.13 -18.07
N ASP A 315 -8.23 11.90 -17.28
CA ASP A 315 -7.37 11.30 -16.27
C ASP A 315 -8.19 10.60 -15.19
N SER A 316 -9.39 11.10 -14.90
CA SER A 316 -10.27 10.43 -13.95
C SER A 316 -10.88 9.16 -14.54
N ILE A 317 -11.11 9.12 -15.84
CA ILE A 317 -11.75 7.97 -16.46
C ILE A 317 -10.72 6.88 -16.74
N ALA A 318 -9.61 7.23 -17.37
CA ALA A 318 -8.59 6.27 -17.80
C ALA A 318 -7.23 6.70 -17.27
N PRO A 319 -6.98 6.52 -15.97
CA PRO A 319 -5.68 6.91 -15.41
C PRO A 319 -4.57 5.94 -15.79
N LYS A 320 -3.38 6.14 -15.23
CA LYS A 320 -2.24 5.32 -15.59
C LYS A 320 -2.40 3.90 -15.03
N ARG A 321 -1.67 2.96 -15.64
CA ARG A 321 -1.78 1.56 -15.26
C ARG A 321 -1.33 1.33 -13.82
N GLU A 322 -0.25 1.99 -13.40
CA GLU A 322 0.32 1.78 -12.06
C GLU A 322 -0.41 2.59 -10.99
N LYS A 323 -1.62 3.07 -11.27
CA LYS A 323 -2.41 3.81 -10.30
C LYS A 323 -3.80 3.24 -10.08
N THR A 324 -4.43 2.68 -11.13
CA THR A 324 -5.81 2.20 -11.00
C THR A 324 -5.90 1.06 -9.99
N ASN A 325 -5.08 0.02 -10.18
CA ASN A 325 -5.08 -1.15 -9.30
C ASN A 325 -6.49 -1.72 -9.12
N GLY A 326 -7.22 -1.82 -10.23
CA GLY A 326 -8.59 -2.28 -10.19
C GLY A 326 -9.06 -2.91 -11.48
N GLU A 327 -9.80 -4.03 -11.36
CA GLU A 327 -10.26 -4.71 -12.55
C GLU A 327 -11.41 -3.97 -13.23
N VAL A 328 -12.31 -3.37 -12.44
CA VAL A 328 -13.41 -2.61 -13.02
C VAL A 328 -12.88 -1.39 -13.77
N GLU A 329 -11.87 -0.72 -13.19
CA GLU A 329 -11.28 0.42 -13.86
C GLU A 329 -10.59 0.01 -15.16
N ARG A 330 -9.90 -1.13 -15.15
CA ARG A 330 -9.32 -1.63 -16.40
C ARG A 330 -10.40 -1.97 -17.42
N ARG A 331 -11.55 -2.48 -16.95
CA ARG A 331 -12.66 -2.77 -17.86
C ARG A 331 -13.17 -1.49 -18.51
N ILE A 332 -13.33 -0.43 -17.72
CA ILE A 332 -13.83 0.82 -18.31
C ILE A 332 -12.79 1.43 -19.24
N VAL A 333 -11.49 1.31 -18.90
CA VAL A 333 -10.44 1.80 -19.78
C VAL A 333 -10.48 1.06 -21.12
N SER A 334 -10.61 -0.26 -21.08
CA SER A 334 -10.66 -1.04 -22.31
C SER A 334 -11.91 -0.73 -23.12
N GLN A 335 -13.04 -0.49 -22.45
CA GLN A 335 -14.24 -0.10 -23.17
C GLN A 335 -14.04 1.23 -23.88
N LEU A 336 -13.41 2.20 -23.20
CA LEU A 336 -13.13 3.49 -23.83
C LEU A 336 -12.20 3.32 -25.02
N LEU A 337 -11.17 2.48 -24.89
CA LEU A 337 -10.25 2.24 -26.00
C LEU A 337 -10.98 1.61 -27.19
N THR A 338 -11.85 0.63 -26.92
CA THR A 338 -12.59 0.00 -28.00
C THR A 338 -13.50 0.98 -28.70
N LEU A 339 -14.18 1.84 -27.94
CA LEU A 339 -15.04 2.85 -28.56
C LEU A 339 -14.22 3.84 -29.39
N MET A 340 -13.05 4.22 -28.90
CA MET A 340 -12.18 5.11 -29.68
C MET A 340 -11.76 4.46 -30.98
N ASP A 341 -11.40 3.17 -30.93
CA ASP A 341 -11.04 2.47 -32.16
C ASP A 341 -12.21 2.39 -33.12
N GLY A 342 -13.41 2.12 -32.61
CA GLY A 342 -14.59 2.05 -33.45
C GLY A 342 -15.12 3.38 -33.92
N LEU A 343 -14.59 4.47 -33.38
CA LEU A 343 -15.00 5.81 -33.81
C LEU A 343 -14.75 6.05 -35.29
N LYS A 344 -13.85 5.28 -35.91
CA LYS A 344 -13.42 5.50 -37.29
C LYS A 344 -14.53 5.28 -38.31
N SER A 345 -15.77 5.10 -37.90
CA SER A 345 -16.90 4.94 -38.82
C SER A 345 -17.23 6.22 -39.60
N ARG A 346 -16.43 7.29 -39.50
CA ARG A 346 -16.43 8.47 -40.35
C ARG A 346 -17.57 9.44 -40.00
N ALA A 347 -18.47 9.12 -39.07
CA ALA A 347 -19.65 9.95 -38.90
C ALA A 347 -19.34 11.24 -38.14
N HIS A 348 -18.33 11.99 -38.60
CA HIS A 348 -18.05 13.36 -38.16
C HIS A 348 -17.90 13.48 -36.65
N VAL A 349 -17.72 12.37 -35.95
CA VAL A 349 -17.60 12.39 -34.50
C VAL A 349 -16.21 12.87 -34.12
N ILE A 350 -16.14 13.87 -33.24
CA ILE A 350 -14.88 14.39 -32.75
C ILE A 350 -14.84 14.20 -31.24
N VAL A 351 -13.68 13.83 -30.71
CA VAL A 351 -13.49 13.60 -29.29
C VAL A 351 -12.47 14.60 -28.79
N MET A 352 -12.83 15.37 -27.75
CA MET A 352 -11.93 16.35 -27.18
C MET A 352 -11.71 16.02 -25.71
N GLY A 353 -10.51 15.54 -25.39
CA GLY A 353 -10.18 15.25 -24.01
C GLY A 353 -9.88 16.51 -23.23
N ALA A 354 -9.40 16.31 -22.01
CA ALA A 354 -8.98 17.40 -21.14
C ALA A 354 -8.24 16.80 -19.96
N THR A 355 -7.12 17.41 -19.58
CA THR A 355 -6.33 16.91 -18.47
C THR A 355 -5.44 18.04 -17.97
N ASN A 356 -4.55 17.69 -17.04
CA ASN A 356 -3.60 18.64 -16.48
C ASN A 356 -2.15 18.28 -16.81
N ARG A 357 -1.78 17.03 -16.60
CA ARG A 357 -0.45 16.53 -16.98
C ARG A 357 -0.62 15.39 -17.96
N PRO A 358 -0.23 15.58 -19.24
CA PRO A 358 -0.40 14.50 -20.22
C PRO A 358 0.39 13.24 -19.89
N ASN A 359 1.41 13.34 -19.03
CA ASN A 359 2.14 12.15 -18.64
C ASN A 359 1.29 11.20 -17.80
N SER A 360 0.39 11.75 -16.97
CA SER A 360 -0.41 10.95 -16.07
C SER A 360 -1.52 10.17 -16.78
N ILE A 361 -1.79 10.46 -18.04
CA ILE A 361 -2.84 9.75 -18.77
C ILE A 361 -2.33 8.35 -19.11
N ASP A 362 -3.24 7.47 -19.52
CA ASP A 362 -2.85 6.13 -19.94
C ASP A 362 -1.96 6.22 -21.17
N PRO A 363 -0.76 5.64 -21.14
CA PRO A 363 0.15 5.78 -22.29
C PRO A 363 -0.38 5.15 -23.58
N ALA A 364 -1.39 4.28 -23.50
CA ALA A 364 -1.92 3.65 -24.70
C ALA A 364 -2.97 4.49 -25.41
N LEU A 365 -3.35 5.63 -24.86
CA LEU A 365 -4.34 6.50 -25.48
C LEU A 365 -3.73 7.52 -26.43
N ARG A 366 -2.40 7.59 -26.53
CA ARG A 366 -1.73 8.54 -27.40
C ARG A 366 -1.28 7.91 -28.72
N ARG A 367 -1.70 6.68 -28.98
CA ARG A 367 -1.36 6.01 -30.22
C ARG A 367 -2.07 6.68 -31.40
N PHE A 368 -1.57 6.40 -32.60
CA PHE A 368 -2.17 6.96 -33.81
C PHE A 368 -3.63 6.56 -33.93
N GLY A 369 -4.48 7.55 -34.21
CA GLY A 369 -5.89 7.33 -34.46
C GLY A 369 -6.79 7.62 -33.27
N ARG A 370 -6.28 7.55 -32.05
CA ARG A 370 -7.13 7.78 -30.88
C ARG A 370 -7.06 9.23 -30.41
N PHE A 371 -5.88 9.67 -29.98
CA PHE A 371 -5.64 11.06 -29.58
C PHE A 371 -4.32 11.48 -30.20
N ASP A 372 -4.38 11.99 -31.42
CA ASP A 372 -3.18 12.32 -32.19
C ASP A 372 -2.88 13.81 -32.24
N ARG A 373 -3.68 14.64 -31.57
CA ARG A 373 -3.42 16.07 -31.49
C ARG A 373 -3.41 16.49 -30.03
N GLU A 374 -2.34 17.12 -29.59
CA GLU A 374 -2.21 17.55 -28.21
C GLU A 374 -1.90 19.05 -28.19
N ILE A 375 -2.72 19.80 -27.46
CA ILE A 375 -2.64 21.26 -27.43
C ILE A 375 -2.38 21.69 -26.00
N ASP A 376 -1.51 22.68 -25.83
CA ASP A 376 -1.07 23.12 -24.51
C ASP A 376 -1.63 24.51 -24.24
N ILE A 377 -2.67 24.56 -23.39
CA ILE A 377 -3.25 25.82 -22.96
C ILE A 377 -2.44 26.35 -21.78
N GLY A 378 -1.40 27.14 -22.06
CA GLY A 378 -0.49 27.58 -21.02
C GLY A 378 -0.96 28.81 -20.29
N VAL A 379 -0.12 29.27 -19.36
CA VAL A 379 -0.40 30.48 -18.59
C VAL A 379 -0.37 31.69 -19.52
N PRO A 380 -1.35 32.58 -19.49
CA PRO A 380 -1.32 33.74 -20.37
C PRO A 380 -0.23 34.72 -19.98
N ASP A 381 0.22 35.49 -20.97
CA ASP A 381 1.18 36.55 -20.76
C ASP A 381 0.45 37.85 -20.42
N GLU A 382 1.16 38.98 -20.48
CA GLU A 382 0.57 40.25 -20.05
C GLU A 382 -0.68 40.59 -20.84
N ILE A 383 -0.61 40.49 -22.17
CA ILE A 383 -1.77 40.83 -22.98
C ILE A 383 -2.92 39.86 -22.71
N GLY A 384 -2.61 38.59 -22.44
CA GLY A 384 -3.66 37.64 -22.09
C GLY A 384 -4.37 38.03 -20.82
N ARG A 385 -3.62 38.40 -19.78
CA ARG A 385 -4.24 38.82 -18.54
C ARG A 385 -5.07 40.09 -18.72
N LEU A 386 -4.57 41.03 -19.53
CA LEU A 386 -5.33 42.24 -19.80
C LEU A 386 -6.65 41.91 -20.49
N GLU A 387 -6.62 41.02 -21.47
CA GLU A 387 -7.85 40.66 -22.17
C GLU A 387 -8.81 39.92 -21.24
N VAL A 388 -8.30 39.04 -20.38
CA VAL A 388 -9.15 38.32 -19.44
C VAL A 388 -9.85 39.30 -18.51
N LEU A 389 -9.10 40.26 -17.99
CA LEU A 389 -9.69 41.27 -17.10
C LEU A 389 -10.73 42.11 -17.84
N ARG A 390 -10.45 42.49 -19.09
CA ARG A 390 -11.42 43.25 -19.84
C ARG A 390 -12.70 42.46 -20.09
N ILE A 391 -12.57 41.14 -20.27
CA ILE A 391 -13.76 40.31 -20.45
C ILE A 391 -14.55 40.22 -19.15
N HIS A 392 -13.86 40.05 -18.02
CA HIS A 392 -14.55 39.80 -16.76
C HIS A 392 -15.16 41.04 -16.15
N THR A 393 -14.54 42.22 -16.34
CA THR A 393 -15.06 43.44 -15.74
C THR A 393 -15.97 44.22 -16.69
N LYS A 394 -16.68 43.53 -17.58
CA LYS A 394 -17.59 44.22 -18.49
C LYS A 394 -18.92 44.57 -17.81
N ASN A 395 -19.40 43.73 -16.90
CA ASN A 395 -20.68 43.97 -16.25
C ASN A 395 -20.57 44.81 -14.98
N MET A 396 -19.44 44.73 -14.28
CA MET A 396 -19.30 45.46 -13.03
C MET A 396 -19.33 46.96 -13.24
N LYS A 397 -19.97 47.68 -12.33
CA LYS A 397 -19.78 49.12 -12.25
C LYS A 397 -18.35 49.41 -11.80
N LEU A 398 -17.74 50.40 -12.44
CA LEU A 398 -16.37 50.77 -12.07
C LEU A 398 -16.11 52.19 -12.52
N ALA A 399 -15.36 52.92 -11.70
CA ALA A 399 -15.04 54.31 -12.00
C ALA A 399 -14.01 54.38 -13.13
N GLU A 400 -13.87 55.59 -13.70
CA GLU A 400 -12.95 55.80 -14.80
C GLU A 400 -11.49 55.68 -14.40
N ASP A 401 -11.20 55.63 -13.10
CA ASP A 401 -9.82 55.57 -12.62
C ASP A 401 -9.20 54.18 -12.78
N VAL A 402 -9.99 53.17 -13.18
CA VAL A 402 -9.49 51.81 -13.23
C VAL A 402 -8.32 51.72 -14.20
N ASP A 403 -7.19 51.23 -13.72
CA ASP A 403 -5.97 51.07 -14.52
C ASP A 403 -5.74 49.58 -14.72
N LEU A 404 -6.37 49.03 -15.76
CA LEU A 404 -6.27 47.59 -16.01
C LEU A 404 -4.87 47.19 -16.47
N GLU A 405 -4.15 48.11 -17.11
CA GLU A 405 -2.80 47.78 -17.55
C GLU A 405 -1.87 47.52 -16.37
N ARG A 406 -1.96 48.36 -15.33
CA ARG A 406 -1.14 48.16 -14.15
C ARG A 406 -1.48 46.84 -13.46
N ILE A 407 -2.76 46.52 -13.37
CA ILE A 407 -3.18 45.26 -12.76
C ILE A 407 -2.67 44.07 -13.57
N SER A 408 -2.72 44.18 -14.90
CA SER A 408 -2.21 43.10 -15.74
C SER A 408 -0.72 42.91 -15.55
N LYS A 409 0.04 44.01 -15.49
CA LYS A 409 1.49 43.90 -15.33
C LYS A 409 1.86 43.36 -13.96
N ASP A 410 1.15 43.79 -12.92
CA ASP A 410 1.49 43.36 -11.56
C ASP A 410 1.21 41.88 -11.35
N THR A 411 0.13 41.36 -11.95
CA THR A 411 -0.23 39.96 -11.80
C THR A 411 0.70 39.10 -12.66
N HIS A 412 1.46 38.23 -12.01
CA HIS A 412 2.34 37.30 -12.70
C HIS A 412 2.07 35.90 -12.19
N GLY A 413 1.90 34.96 -13.12
CA GLY A 413 1.54 33.60 -12.75
C GLY A 413 0.05 33.39 -12.53
N TYR A 414 -0.77 34.38 -12.84
CA TYR A 414 -2.22 34.27 -12.69
C TYR A 414 -2.83 33.62 -13.92
N VAL A 415 -3.89 32.84 -13.69
CA VAL A 415 -4.67 32.24 -14.75
C VAL A 415 -6.05 32.90 -14.76
N GLY A 416 -6.88 32.49 -15.73
CA GLY A 416 -8.19 33.11 -15.86
C GLY A 416 -9.03 33.01 -14.62
N ALA A 417 -9.06 31.82 -13.99
CA ALA A 417 -9.87 31.64 -12.80
C ALA A 417 -9.41 32.56 -11.67
N ASP A 418 -8.09 32.69 -11.48
CA ASP A 418 -7.58 33.56 -10.45
C ASP A 418 -7.91 35.03 -10.73
N LEU A 419 -7.96 35.42 -12.00
CA LEU A 419 -8.32 36.80 -12.32
C LEU A 419 -9.81 37.04 -12.08
N ALA A 420 -10.65 36.05 -12.35
CA ALA A 420 -12.06 36.17 -11.97
C ALA A 420 -12.20 36.32 -10.46
N ALA A 421 -11.44 35.53 -9.71
CA ALA A 421 -11.46 35.65 -8.25
C ALA A 421 -10.97 37.02 -7.81
N LEU A 422 -9.96 37.57 -8.49
CA LEU A 422 -9.47 38.90 -8.15
C LEU A 422 -10.54 39.96 -8.38
N CYS A 423 -11.27 39.89 -9.50
CA CYS A 423 -12.34 40.84 -9.74
C CYS A 423 -13.44 40.72 -8.68
N THR A 424 -13.81 39.49 -8.32
CA THR A 424 -14.80 39.30 -7.27
C THR A 424 -14.31 39.87 -5.95
N GLU A 425 -13.03 39.66 -5.62
CA GLU A 425 -12.48 40.22 -4.39
C GLU A 425 -12.51 41.73 -4.40
N ALA A 426 -12.22 42.34 -5.56
CA ALA A 426 -12.29 43.80 -5.64
C ALA A 426 -13.71 44.29 -5.39
N ALA A 427 -14.70 43.64 -5.97
CA ALA A 427 -16.09 44.04 -5.74
C ALA A 427 -16.47 43.88 -4.27
N LEU A 428 -16.06 42.77 -3.65
CA LEU A 428 -16.38 42.55 -2.24
C LEU A 428 -15.70 43.58 -1.35
N GLN A 429 -14.45 43.95 -1.67
CA GLN A 429 -13.78 45.00 -0.91
C GLN A 429 -14.50 46.33 -1.06
N CYS A 430 -14.98 46.64 -2.26
CA CYS A 430 -15.72 47.88 -2.45
C CYS A 430 -17.00 47.90 -1.62
N ILE A 431 -17.70 46.76 -1.56
CA ILE A 431 -18.89 46.68 -0.73
C ILE A 431 -18.53 46.82 0.75
N ARG A 432 -17.45 46.16 1.17
CA ARG A 432 -17.07 46.17 2.58
C ARG A 432 -16.68 47.56 3.05
N GLU A 433 -16.04 48.35 2.18
CA GLU A 433 -15.70 49.72 2.56
C GLU A 433 -16.95 50.59 2.74
N LYS A 434 -18.00 50.36 1.96
CA LYS A 434 -19.27 51.05 2.13
C LYS A 434 -20.09 50.49 3.29
N MET A 435 -19.74 49.30 3.78
CA MET A 435 -20.50 48.67 4.86
C MET A 435 -20.58 49.53 6.11
N ASP A 436 -19.62 50.44 6.32
CA ASP A 436 -19.60 51.23 7.54
C ASP A 436 -20.80 52.19 7.66
N VAL A 437 -21.52 52.43 6.57
CA VAL A 437 -22.68 53.30 6.60
C VAL A 437 -23.98 52.54 6.38
N ILE A 438 -23.94 51.39 5.73
CA ILE A 438 -25.15 50.60 5.49
C ILE A 438 -25.48 49.83 6.77
N ASP A 439 -26.76 49.82 7.14
CA ASP A 439 -27.23 49.12 8.33
C ASP A 439 -27.89 47.81 7.92
N LEU A 440 -27.43 46.71 8.51
CA LEU A 440 -27.95 45.39 8.15
C LEU A 440 -29.38 45.18 8.64
N GLU A 441 -29.78 45.85 9.73
CA GLU A 441 -31.13 45.69 10.24
C GLU A 441 -32.18 46.25 9.30
N ASP A 442 -31.80 47.15 8.40
CA ASP A 442 -32.73 47.76 7.46
C ASP A 442 -32.51 47.15 6.08
N ASP A 443 -33.47 46.37 5.62
CA ASP A 443 -33.41 45.83 4.26
C ASP A 443 -33.73 46.89 3.21
N SER A 444 -34.19 48.07 3.62
CA SER A 444 -34.50 49.15 2.70
C SER A 444 -33.27 50.04 2.51
N ILE A 445 -32.31 49.49 1.76
CA ILE A 445 -31.10 50.25 1.42
C ILE A 445 -31.47 51.41 0.52
N ASP A 446 -30.91 52.59 0.81
CA ASP A 446 -31.25 53.79 0.05
C ASP A 446 -30.89 53.62 -1.42
N ALA A 447 -31.82 54.00 -2.29
CA ALA A 447 -31.61 53.81 -3.73
C ALA A 447 -30.40 54.59 -4.23
N GLU A 448 -30.25 55.85 -3.77
CA GLU A 448 -29.09 56.62 -4.17
C GLU A 448 -27.81 56.01 -3.64
N ILE A 449 -27.84 55.47 -2.43
CA ILE A 449 -26.69 54.75 -1.89
C ILE A 449 -26.37 53.53 -2.74
N LEU A 450 -27.41 52.80 -3.15
CA LEU A 450 -27.20 51.60 -3.96
C LEU A 450 -26.57 51.94 -5.31
N ASN A 451 -26.80 53.15 -5.82
CA ASN A 451 -26.25 53.58 -7.10
C ASN A 451 -25.05 54.51 -6.95
N SER A 452 -24.58 54.75 -5.73
CA SER A 452 -23.40 55.57 -5.50
C SER A 452 -22.16 54.75 -5.20
N MET A 453 -22.21 53.45 -5.43
CA MET A 453 -21.10 52.54 -5.16
C MET A 453 -20.42 52.17 -6.47
N ALA A 454 -19.11 52.40 -6.55
CA ALA A 454 -18.36 52.13 -7.76
C ALA A 454 -16.95 51.70 -7.39
N VAL A 455 -16.44 50.70 -8.11
CA VAL A 455 -15.10 50.18 -7.87
C VAL A 455 -14.08 51.11 -8.51
N THR A 456 -12.97 51.35 -7.81
CA THR A 456 -11.90 52.21 -8.28
C THR A 456 -10.61 51.41 -8.36
N ASN A 457 -9.50 52.11 -8.63
CA ASN A 457 -8.21 51.44 -8.73
C ASN A 457 -7.69 51.00 -7.37
N GLU A 458 -7.96 51.77 -6.32
CA GLU A 458 -7.45 51.44 -5.00
C GLU A 458 -8.02 50.12 -4.50
N HIS A 459 -9.31 49.88 -4.73
CA HIS A 459 -9.91 48.61 -4.34
C HIS A 459 -9.28 47.45 -5.09
N PHE A 460 -9.01 47.64 -6.39
CA PHE A 460 -8.33 46.61 -7.16
C PHE A 460 -6.95 46.32 -6.60
N HIS A 461 -6.21 47.37 -6.22
CA HIS A 461 -4.88 47.16 -5.65
C HIS A 461 -4.95 46.41 -4.32
N THR A 462 -5.91 46.77 -3.47
CA THR A 462 -6.06 46.08 -2.20
C THR A 462 -6.42 44.61 -2.41
N ALA A 463 -7.35 44.34 -3.33
CA ALA A 463 -7.72 42.96 -3.60
C ALA A 463 -6.55 42.17 -4.17
N LEU A 464 -5.74 42.81 -5.01
CA LEU A 464 -4.54 42.15 -5.52
C LEU A 464 -3.57 41.84 -4.39
N GLY A 465 -3.42 42.75 -3.44
CA GLY A 465 -2.58 42.49 -2.29
C GLY A 465 -3.09 41.33 -1.44
N ASN A 466 -4.40 41.22 -1.31
CA ASN A 466 -4.99 40.15 -0.50
C ASN A 466 -5.11 38.82 -1.24
N SER A 467 -4.78 38.78 -2.53
CA SER A 467 -4.92 37.56 -3.31
C SER A 467 -3.56 36.87 -3.49
N ASN A 468 -3.62 35.60 -3.90
CA ASN A 468 -2.42 34.79 -4.11
C ASN A 468 -2.57 33.98 -5.39
N PRO A 469 -1.57 33.98 -6.26
CA PRO A 469 -1.65 33.19 -7.50
C PRO A 469 -1.57 31.70 -7.21
N SER A 470 -2.11 30.92 -8.15
CA SER A 470 -2.19 29.47 -7.99
C SER A 470 -1.40 28.69 -9.03
N ALA A 471 -0.65 29.36 -9.90
CA ALA A 471 0.11 28.67 -10.93
C ALA A 471 1.51 29.26 -11.05
N LEU A 472 2.16 29.52 -9.92
CA LEU A 472 3.50 30.09 -9.94
C LEU A 472 4.56 29.05 -10.27
N ARG A 473 4.36 27.80 -9.86
CA ARG A 473 5.36 26.77 -10.11
C ARG A 473 5.46 26.38 -11.58
N GLU A 474 4.44 26.69 -12.38
CA GLU A 474 4.44 26.31 -13.79
C GLU A 474 5.58 27.01 -14.53
N THR A 475 6.25 26.26 -15.40
CA THR A 475 7.34 26.81 -16.19
C THR A 475 6.79 27.78 -17.23
N VAL A 476 7.50 28.88 -17.44
CA VAL A 476 7.03 29.97 -18.29
C VAL A 476 7.82 29.96 -19.59
N VAL A 477 7.11 30.04 -20.71
CA VAL A 477 7.70 30.16 -22.03
C VAL A 477 7.25 31.50 -22.61
N GLU A 478 8.18 32.41 -22.79
CA GLU A 478 7.83 33.76 -23.23
C GLU A 478 9.05 34.40 -23.86
N VAL A 479 8.81 35.51 -24.57
CA VAL A 479 9.87 36.32 -25.16
C VAL A 479 10.28 37.36 -24.12
N PRO A 480 11.54 37.38 -23.68
CA PRO A 480 11.93 38.33 -22.64
C PRO A 480 11.86 39.76 -23.13
N ASN A 481 11.52 40.67 -22.21
CA ASN A 481 11.36 42.08 -22.52
C ASN A 481 12.61 42.89 -22.20
N VAL A 482 13.78 42.25 -22.18
CA VAL A 482 15.04 42.93 -21.95
C VAL A 482 15.64 43.29 -23.30
N SER A 483 15.84 44.57 -23.55
CA SER A 483 16.34 45.02 -24.84
C SER A 483 17.83 44.67 -24.97
N TRP A 484 18.31 44.70 -26.21
CA TRP A 484 19.68 44.32 -26.51
C TRP A 484 20.70 45.34 -26.02
N ASN A 485 20.26 46.51 -25.57
CA ASN A 485 21.15 47.58 -25.15
C ASN A 485 20.93 47.96 -23.70
N ASP A 486 20.72 46.95 -22.83
CA ASP A 486 20.52 47.21 -21.41
C ASP A 486 21.81 47.09 -20.61
N ILE A 487 22.87 46.55 -21.19
CA ILE A 487 24.17 46.44 -20.54
C ILE A 487 25.23 46.99 -21.49
N GLY A 488 26.35 47.42 -20.92
CA GLY A 488 27.39 48.06 -21.68
C GLY A 488 28.74 47.40 -21.49
N GLY A 489 29.66 47.74 -22.38
CA GLY A 489 31.04 47.29 -22.33
C GLY A 489 31.34 45.95 -22.96
N LEU A 490 30.40 45.01 -22.84
CA LEU A 490 30.61 43.66 -23.35
C LEU A 490 30.31 43.59 -24.84
N GLU A 491 30.90 44.49 -25.63
CA GLU A 491 30.64 44.50 -27.07
C GLU A 491 31.16 43.24 -27.74
N ASN A 492 32.35 42.79 -27.35
CA ASN A 492 32.92 41.59 -27.96
C ASN A 492 32.06 40.37 -27.69
N VAL A 493 31.57 40.22 -26.45
CA VAL A 493 30.70 39.10 -26.12
C VAL A 493 29.38 39.21 -26.88
N LYS A 494 28.88 40.43 -27.05
CA LYS A 494 27.67 40.62 -27.84
C LYS A 494 27.86 40.15 -29.28
N ARG A 495 29.00 40.51 -29.88
CA ARG A 495 29.27 40.09 -31.25
C ARG A 495 29.43 38.57 -31.33
N GLU A 496 30.13 37.98 -30.36
CA GLU A 496 30.31 36.53 -30.36
C GLU A 496 28.98 35.81 -30.23
N LEU A 497 28.11 36.29 -29.35
CA LEU A 497 26.79 35.66 -29.19
C LEU A 497 25.94 35.85 -30.44
N GLN A 498 26.02 37.02 -31.07
CA GLN A 498 25.30 37.23 -32.32
C GLN A 498 25.75 36.25 -33.39
N GLU A 499 27.07 36.04 -33.50
CA GLU A 499 27.57 35.10 -34.50
C GLU A 499 27.19 33.67 -34.16
N THR A 500 27.18 33.31 -32.88
CA THR A 500 26.93 31.93 -32.51
C THR A 500 25.46 31.56 -32.59
N VAL A 501 24.55 32.48 -32.29
CA VAL A 501 23.13 32.17 -32.12
C VAL A 501 22.29 32.68 -33.29
N GLN A 502 22.35 33.98 -33.57
CA GLN A 502 21.40 34.60 -34.50
C GLN A 502 21.56 34.05 -35.91
N TYR A 503 22.79 33.86 -36.37
CA TYR A 503 23.05 33.53 -37.76
C TYR A 503 22.71 32.09 -38.15
N PRO A 504 22.96 31.08 -37.30
CA PRO A 504 22.51 29.73 -37.65
C PRO A 504 21.01 29.53 -37.52
N VAL A 505 20.29 30.62 -37.25
CA VAL A 505 18.83 30.60 -37.18
C VAL A 505 18.21 31.48 -38.27
N GLU A 506 18.71 32.71 -38.41
CA GLU A 506 18.18 33.61 -39.43
C GLU A 506 18.45 33.10 -40.84
N HIS A 507 19.65 32.56 -41.08
CA HIS A 507 20.06 32.13 -42.42
C HIS A 507 20.60 30.71 -42.36
N PRO A 508 19.72 29.72 -42.16
CA PRO A 508 20.19 28.32 -42.20
C PRO A 508 20.74 27.90 -43.56
N GLU A 509 20.19 28.46 -44.65
CA GLU A 509 20.63 28.06 -45.98
C GLU A 509 22.08 28.45 -46.22
N LYS A 510 22.51 29.59 -45.67
CA LYS A 510 23.90 29.98 -45.81
C LYS A 510 24.84 28.96 -45.15
N PHE A 511 24.47 28.49 -43.96
CA PHE A 511 25.25 27.45 -43.31
C PHE A 511 25.23 26.17 -44.13
N GLU A 512 24.09 25.81 -44.69
CA GLU A 512 24.00 24.59 -45.47
C GLU A 512 24.86 24.65 -46.74
N LYS A 513 24.97 25.83 -47.35
CA LYS A 513 25.76 25.96 -48.57
C LYS A 513 27.23 25.60 -48.32
N PHE A 514 27.78 26.06 -47.20
CA PHE A 514 29.17 25.73 -46.87
C PHE A 514 29.35 24.30 -46.40
N GLY A 515 28.27 23.59 -46.09
CA GLY A 515 28.37 22.20 -45.71
C GLY A 515 28.93 21.94 -44.32
N MET A 516 28.85 22.93 -43.43
CA MET A 516 29.31 22.76 -42.06
C MET A 516 28.19 23.15 -41.11
N SER A 517 27.92 22.29 -40.13
CA SER A 517 26.82 22.52 -39.21
C SER A 517 27.33 23.17 -37.93
N PRO A 518 26.59 24.12 -37.38
CA PRO A 518 27.01 24.81 -36.16
C PRO A 518 26.76 23.96 -34.93
N SER A 519 27.22 24.45 -33.79
CA SER A 519 27.03 23.79 -32.51
C SER A 519 25.86 24.41 -31.77
N LYS A 520 25.32 23.64 -30.82
CA LYS A 520 24.10 23.99 -30.10
C LYS A 520 24.35 24.11 -28.60
N GLY A 521 25.40 24.83 -28.22
CA GLY A 521 25.66 25.04 -26.81
C GLY A 521 26.70 26.10 -26.53
N VAL A 522 26.45 26.91 -25.51
CA VAL A 522 27.40 27.93 -25.06
C VAL A 522 27.39 27.91 -23.54
N LEU A 523 28.58 27.98 -22.93
CA LEU A 523 28.71 28.01 -21.49
C LEU A 523 29.37 29.31 -21.06
N PHE A 524 28.65 30.10 -20.27
CA PHE A 524 29.20 31.34 -19.71
C PHE A 524 29.94 31.02 -18.42
N TYR A 525 31.08 31.66 -18.21
CA TYR A 525 31.74 31.59 -16.92
C TYR A 525 32.37 32.93 -16.59
N GLY A 526 32.36 33.27 -15.30
CA GLY A 526 32.87 34.52 -14.83
C GLY A 526 32.45 34.77 -13.39
N PRO A 527 32.92 35.88 -12.81
CA PRO A 527 32.54 36.22 -11.45
C PRO A 527 31.04 36.44 -11.33
N PRO A 528 30.42 36.00 -10.23
CA PRO A 528 28.97 36.20 -10.08
C PRO A 528 28.62 37.68 -10.07
N GLY A 529 27.49 38.01 -10.68
CA GLY A 529 27.04 39.38 -10.74
C GLY A 529 27.63 40.20 -11.87
N CYS A 530 28.20 39.58 -12.88
CA CYS A 530 28.83 40.30 -13.99
C CYS A 530 27.93 40.43 -15.21
N GLY A 531 26.70 39.92 -15.15
CA GLY A 531 25.78 40.09 -16.25
C GLY A 531 25.63 38.90 -17.17
N LYS A 532 25.51 37.71 -16.60
CA LYS A 532 25.36 36.51 -17.41
C LYS A 532 23.90 36.26 -17.77
N THR A 533 23.01 36.25 -16.77
CA THR A 533 21.59 36.08 -17.03
C THR A 533 21.06 37.21 -17.90
N LEU A 534 21.55 38.43 -17.69
CA LEU A 534 21.14 39.54 -18.54
C LEU A 534 21.54 39.31 -19.99
N LEU A 535 22.75 38.80 -20.22
CA LEU A 535 23.19 38.51 -21.59
C LEU A 535 22.34 37.42 -22.22
N ALA A 536 22.04 36.36 -21.47
CA ALA A 536 21.21 35.30 -22.04
C ALA A 536 19.81 35.80 -22.38
N LYS A 537 19.21 36.58 -21.48
CA LYS A 537 17.87 37.11 -21.75
C LYS A 537 17.89 38.08 -22.93
N ALA A 538 18.94 38.92 -23.03
CA ALA A 538 19.03 39.85 -24.15
C ALA A 538 19.17 39.11 -25.48
N ILE A 539 20.00 38.07 -25.51
CA ILE A 539 20.15 37.34 -26.77
C ILE A 539 18.88 36.56 -27.10
N ALA A 540 18.12 36.14 -26.09
CA ALA A 540 16.83 35.52 -26.37
C ALA A 540 15.86 36.54 -26.96
N ASN A 541 15.84 37.75 -26.40
CA ASN A 541 14.93 38.78 -26.89
C ASN A 541 15.29 39.21 -28.31
N GLU A 542 16.59 39.37 -28.60
CA GLU A 542 17.01 39.87 -29.89
C GLU A 542 16.73 38.86 -31.01
N CYS A 543 16.69 37.57 -30.67
CA CYS A 543 16.50 36.53 -31.68
C CYS A 543 15.03 36.28 -32.00
N GLN A 544 14.11 37.01 -31.35
CA GLN A 544 12.67 36.79 -31.52
C GLN A 544 12.29 35.34 -31.25
N ALA A 545 12.85 34.78 -30.19
CA ALA A 545 12.60 33.40 -29.80
C ALA A 545 12.17 33.37 -28.34
N ASN A 546 11.72 32.19 -27.91
CA ASN A 546 11.25 32.00 -26.55
C ASN A 546 12.44 31.99 -25.58
N PHE A 547 12.14 31.73 -24.31
CA PHE A 547 13.18 31.66 -23.29
C PHE A 547 12.64 30.85 -22.11
N ILE A 548 13.36 29.80 -21.73
CA ILE A 548 12.96 28.94 -20.62
C ILE A 548 14.12 28.90 -19.63
N SER A 549 13.89 29.37 -18.41
CA SER A 549 14.92 29.43 -17.38
C SER A 549 14.69 28.32 -16.36
N VAL A 550 15.72 27.49 -16.15
CA VAL A 550 15.66 26.41 -15.17
C VAL A 550 16.86 26.54 -14.24
N LYS A 551 16.60 26.41 -12.94
CA LYS A 551 17.64 26.51 -11.93
C LYS A 551 18.03 25.13 -11.43
N GLY A 552 19.28 25.00 -10.99
CA GLY A 552 19.76 23.76 -10.43
C GLY A 552 19.00 23.29 -9.20
N PRO A 553 18.81 24.18 -8.23
CA PRO A 553 18.00 23.80 -7.06
C PRO A 553 16.60 23.36 -7.43
N GLU A 554 15.98 23.99 -8.42
CA GLU A 554 14.65 23.57 -8.84
C GLU A 554 14.67 22.14 -9.36
N LEU A 555 15.68 21.80 -10.18
CA LEU A 555 15.80 20.44 -10.67
C LEU A 555 16.01 19.46 -9.53
N LEU A 556 16.86 19.81 -8.57
CA LEU A 556 17.14 18.90 -7.46
C LEU A 556 15.91 18.67 -6.61
N THR A 557 15.12 19.73 -6.36
CA THR A 557 13.88 19.55 -5.60
C THR A 557 12.86 18.74 -6.37
N MET A 558 12.75 18.99 -7.69
CA MET A 558 11.73 18.31 -8.47
C MET A 558 12.06 16.83 -8.65
N TRP A 559 13.35 16.46 -8.69
CA TRP A 559 13.68 15.05 -8.76
C TRP A 559 13.25 14.32 -7.49
N PHE A 560 13.45 14.95 -6.33
CA PHE A 560 13.02 14.34 -5.08
C PHE A 560 11.50 14.27 -4.98
N GLY A 561 10.82 15.38 -5.28
CA GLY A 561 9.39 15.48 -5.07
C GLY A 561 8.51 15.15 -6.25
N GLU A 562 9.08 15.04 -7.46
CA GLU A 562 8.27 14.75 -8.64
C GLU A 562 8.92 13.69 -9.52
N SER A 563 9.50 12.66 -8.90
CA SER A 563 10.04 11.50 -9.61
C SER A 563 11.19 11.88 -10.54
N GLU A 564 11.64 10.91 -11.33
CA GLU A 564 12.76 11.12 -12.24
C GLU A 564 12.35 11.81 -13.54
N ALA A 565 11.07 11.78 -13.89
CA ALA A 565 10.61 12.29 -15.18
C ALA A 565 10.26 13.78 -15.09
N ASN A 566 11.30 14.59 -14.87
CA ASN A 566 11.16 16.04 -14.84
C ASN A 566 11.97 16.72 -15.94
N VAL A 567 13.26 16.40 -16.06
CA VAL A 567 14.08 17.00 -17.10
C VAL A 567 13.56 16.61 -18.47
N ARG A 568 13.00 15.41 -18.59
CA ARG A 568 12.39 14.99 -19.85
C ARG A 568 11.23 15.91 -20.22
N GLU A 569 10.39 16.25 -19.24
CA GLU A 569 9.28 17.17 -19.52
C GLU A 569 9.78 18.55 -19.89
N ILE A 570 10.83 19.03 -19.23
CA ILE A 570 11.39 20.34 -19.54
C ILE A 570 11.92 20.36 -20.97
N PHE A 571 12.64 19.32 -21.37
CA PHE A 571 13.18 19.29 -22.72
C PHE A 571 12.08 19.14 -23.76
N ASP A 572 11.03 18.37 -23.45
CA ASP A 572 9.89 18.27 -24.38
C ASP A 572 9.20 19.62 -24.53
N LYS A 573 9.03 20.35 -23.42
CA LYS A 573 8.42 21.67 -23.48
C LYS A 573 9.27 22.64 -24.29
N ALA A 574 10.59 22.55 -24.14
CA ALA A 574 11.49 23.37 -24.96
C ALA A 574 11.41 22.99 -26.43
N ARG A 575 11.33 21.69 -26.73
CA ARG A 575 11.24 21.25 -28.12
C ARG A 575 9.95 21.75 -28.78
N GLN A 576 8.83 21.65 -28.07
CA GLN A 576 7.55 22.03 -28.67
C GLN A 576 7.43 23.53 -28.93
N SER A 577 8.33 24.34 -28.39
CA SER A 577 8.27 25.79 -28.55
C SER A 577 9.48 26.35 -29.28
N ALA A 578 10.02 25.60 -30.23
CA ALA A 578 11.17 26.07 -30.98
C ALA A 578 10.78 27.26 -31.86
N PRO A 579 11.70 28.20 -32.08
CA PRO A 579 13.07 28.30 -31.55
C PRO A 579 13.08 28.67 -30.07
N CYS A 580 14.13 28.34 -29.32
CA CYS A 580 14.17 28.60 -27.90
C CYS A 580 15.61 28.80 -27.46
N VAL A 581 15.78 29.43 -26.31
CA VAL A 581 17.09 29.64 -25.70
C VAL A 581 16.99 29.12 -24.27
N LEU A 582 17.29 27.84 -24.08
CA LEU A 582 17.15 27.20 -22.79
C LEU A 582 18.32 27.59 -21.91
N PHE A 583 18.04 28.18 -20.75
CA PHE A 583 19.07 28.73 -19.88
C PHE A 583 19.19 27.86 -18.64
N PHE A 584 20.34 27.21 -18.48
CA PHE A 584 20.61 26.35 -17.33
C PHE A 584 21.42 27.15 -16.31
N ASP A 585 20.72 28.01 -15.58
CA ASP A 585 21.37 28.83 -14.58
C ASP A 585 21.80 27.99 -13.39
N GLU A 586 22.92 28.38 -12.78
CA GLU A 586 23.43 27.75 -11.57
C GLU A 586 23.66 26.25 -11.77
N LEU A 587 24.60 25.93 -12.67
CA LEU A 587 24.99 24.55 -12.88
C LEU A 587 25.91 24.03 -11.79
N ASP A 588 26.49 24.91 -10.97
CA ASP A 588 27.48 24.47 -9.99
C ASP A 588 26.91 23.45 -9.02
N SER A 589 25.60 23.47 -8.79
CA SER A 589 24.99 22.53 -7.87
C SER A 589 24.89 21.13 -8.45
N ILE A 590 24.88 20.98 -9.77
CA ILE A 590 24.72 19.69 -10.40
C ILE A 590 25.84 19.36 -11.38
N ALA A 591 26.56 20.34 -11.90
CA ALA A 591 27.56 20.10 -12.94
C ALA A 591 28.98 20.03 -12.39
N THR A 592 29.14 20.05 -11.07
CA THR A 592 30.48 19.91 -10.50
C THR A 592 31.01 18.50 -10.76
N GLN A 593 32.33 18.42 -10.94
CA GLN A 593 32.97 17.15 -11.26
C GLN A 593 32.85 16.20 -10.07
N ARG A 594 32.41 14.97 -10.36
CA ARG A 594 32.24 13.97 -9.30
C ARG A 594 33.59 13.55 -8.74
N GLY A 595 33.68 13.48 -7.41
CA GLY A 595 34.91 13.12 -6.76
C GLY A 595 35.18 11.63 -6.83
N GLY A 596 36.38 11.26 -6.35
CA GLY A 596 36.74 9.85 -6.29
C GLY A 596 35.83 9.06 -5.36
N GLY A 597 35.51 9.63 -4.20
CA GLY A 597 34.59 9.00 -3.28
C GLY A 597 33.14 9.32 -3.60
N SER A 598 32.69 8.88 -4.77
CA SER A 598 31.32 9.14 -5.19
C SER A 598 30.34 8.42 -4.28
N GLY A 599 29.27 9.12 -3.91
CA GLY A 599 28.25 8.56 -3.07
C GLY A 599 27.46 9.64 -2.36
N GLY A 600 26.56 9.21 -1.49
CA GLY A 600 25.71 10.12 -0.75
C GLY A 600 24.38 10.35 -1.45
N ASP A 601 23.31 10.54 -0.68
CA ASP A 601 22.00 10.78 -1.28
C ASP A 601 22.00 12.08 -2.08
N GLY A 602 22.60 13.14 -1.53
CA GLY A 602 22.74 14.36 -2.31
C GLY A 602 23.65 14.17 -3.50
N GLY A 603 24.80 13.50 -3.29
CA GLY A 603 25.69 13.22 -4.40
C GLY A 603 25.07 12.28 -5.42
N GLY A 604 24.34 11.27 -4.95
CA GLY A 604 23.64 10.39 -5.87
C GLY A 604 22.58 11.12 -6.68
N ALA A 605 21.82 12.01 -6.04
CA ALA A 605 20.84 12.81 -6.77
C ALA A 605 21.51 13.71 -7.80
N ALA A 606 22.62 14.34 -7.42
CA ALA A 606 23.34 15.18 -8.38
C ALA A 606 23.84 14.37 -9.57
N ASP A 607 24.40 13.18 -9.30
CA ASP A 607 24.88 12.34 -10.39
C ASP A 607 23.74 11.89 -11.30
N ARG A 608 22.60 11.52 -10.70
CA ARG A 608 21.46 11.10 -11.51
C ARG A 608 20.93 12.25 -12.37
N VAL A 609 20.85 13.45 -11.79
CA VAL A 609 20.38 14.60 -12.56
C VAL A 609 21.35 14.89 -13.70
N LEU A 610 22.65 14.84 -13.42
CA LEU A 610 23.64 15.08 -14.47
C LEU A 610 23.53 14.03 -15.58
N ASN A 611 23.33 12.77 -15.20
CA ASN A 611 23.21 11.70 -16.20
C ASN A 611 22.00 11.92 -17.09
N GLN A 612 20.85 12.24 -16.50
CA GLN A 612 19.66 12.50 -17.29
C GLN A 612 19.86 13.70 -18.21
N LEU A 613 20.47 14.76 -17.69
CA LEU A 613 20.71 15.96 -18.48
C LEU A 613 21.61 15.66 -19.67
N LEU A 614 22.69 14.91 -19.44
CA LEU A 614 23.59 14.55 -20.52
C LEU A 614 22.91 13.67 -21.55
N THR A 615 22.15 12.66 -21.08
CA THR A 615 21.50 11.74 -21.98
C THR A 615 20.52 12.46 -22.90
N GLU A 616 19.74 13.39 -22.36
CA GLU A 616 18.78 14.10 -23.20
C GLU A 616 19.45 15.17 -24.06
N MET A 617 20.47 15.85 -23.53
CA MET A 617 21.15 16.88 -24.31
C MET A 617 21.85 16.28 -25.52
N ASP A 618 22.48 15.13 -25.36
CA ASP A 618 23.18 14.52 -26.49
C ASP A 618 22.22 14.12 -27.59
N GLY A 619 21.07 13.56 -27.24
CA GLY A 619 20.06 13.22 -28.24
C GLY A 619 19.31 14.40 -28.81
N MET A 620 19.32 15.54 -28.12
CA MET A 620 18.73 16.75 -28.66
C MET A 620 19.41 17.22 -29.95
N ASN A 621 20.64 16.77 -30.19
CA ASN A 621 21.41 17.29 -31.33
C ASN A 621 20.72 17.10 -32.66
N ALA A 622 19.87 16.08 -32.78
CA ALA A 622 19.10 15.90 -34.01
C ALA A 622 18.18 17.09 -34.24
N LYS A 623 17.46 17.50 -33.20
CA LYS A 623 16.57 18.65 -33.31
C LYS A 623 17.39 19.93 -33.49
N LYS A 624 16.90 20.81 -34.36
CA LYS A 624 17.58 22.07 -34.63
C LYS A 624 16.81 23.22 -33.98
N THR A 625 17.48 24.37 -33.91
CA THR A 625 16.92 25.62 -33.38
C THR A 625 16.49 25.51 -31.92
N VAL A 626 17.09 24.60 -31.17
CA VAL A 626 16.94 24.54 -29.71
C VAL A 626 18.32 24.74 -29.13
N PHE A 627 18.58 25.95 -28.63
CA PHE A 627 19.94 26.40 -28.33
C PHE A 627 20.13 26.42 -26.82
N ILE A 628 20.67 25.33 -26.27
CA ILE A 628 20.90 25.21 -24.84
C ILE A 628 22.03 26.15 -24.43
N ILE A 629 21.82 26.89 -23.35
CA ILE A 629 22.81 27.79 -22.78
C ILE A 629 22.91 27.52 -21.30
N GLY A 630 24.14 27.45 -20.78
CA GLY A 630 24.36 27.26 -19.37
C GLY A 630 25.32 28.29 -18.82
N ALA A 631 25.07 28.71 -17.58
CA ALA A 631 25.92 29.68 -16.91
C ALA A 631 26.38 29.08 -15.59
N THR A 632 27.68 29.17 -15.32
CA THR A 632 28.27 28.58 -14.13
C THR A 632 29.23 29.57 -13.48
N ASN A 633 29.43 29.39 -12.17
CA ASN A 633 30.28 30.27 -11.39
C ASN A 633 31.63 29.68 -11.03
N ARG A 634 31.79 28.36 -11.12
CA ARG A 634 33.03 27.67 -10.80
C ARG A 634 33.43 26.81 -11.99
N PRO A 635 34.15 27.40 -12.95
CA PRO A 635 34.48 26.64 -14.17
C PRO A 635 35.53 25.56 -13.95
N ASP A 636 36.44 25.73 -13.00
CA ASP A 636 37.54 24.77 -12.84
C ASP A 636 37.10 23.44 -12.25
N ILE A 637 35.91 23.37 -11.66
CA ILE A 637 35.40 22.13 -11.08
C ILE A 637 34.28 21.54 -11.95
N ILE A 638 34.13 22.04 -13.18
CA ILE A 638 33.07 21.58 -14.06
C ILE A 638 33.34 20.15 -14.49
N ASP A 639 32.28 19.40 -14.77
CA ASP A 639 32.42 18.04 -15.24
C ASP A 639 32.99 18.03 -16.66
N SER A 640 33.71 16.95 -16.97
CA SER A 640 34.28 16.82 -18.30
C SER A 640 33.27 16.34 -19.34
N ALA A 641 32.12 15.84 -18.89
CA ALA A 641 31.09 15.44 -19.85
C ALA A 641 30.39 16.64 -20.47
N LEU A 642 30.33 17.76 -19.75
CA LEU A 642 29.71 18.98 -20.23
C LEU A 642 30.67 19.87 -21.01
N LEU A 643 31.82 19.34 -21.42
CA LEU A 643 32.74 20.03 -22.30
C LEU A 643 32.98 19.27 -23.60
N ARG A 644 32.44 18.06 -23.72
CA ARG A 644 32.59 17.30 -24.95
C ARG A 644 31.83 17.99 -26.08
N PRO A 645 32.38 17.99 -27.29
CA PRO A 645 31.67 18.61 -28.42
C PRO A 645 30.31 17.97 -28.64
N GLY A 646 29.35 18.79 -29.02
CA GLY A 646 27.97 18.36 -29.20
C GLY A 646 27.06 18.73 -28.05
N ARG A 647 27.60 19.13 -26.90
CA ARG A 647 26.78 19.51 -25.76
C ARG A 647 27.57 20.50 -24.92
N LEU A 648 27.20 21.78 -25.01
CA LEU A 648 27.83 22.85 -24.25
C LEU A 648 29.34 22.85 -24.45
N ASP A 649 29.74 23.08 -25.70
CA ASP A 649 31.14 23.03 -26.06
C ASP A 649 31.83 24.39 -25.91
N GLN A 650 31.33 25.41 -26.60
CA GLN A 650 31.97 26.71 -26.56
C GLN A 650 31.93 27.30 -25.15
N LEU A 651 33.02 27.95 -24.77
CA LEU A 651 33.14 28.61 -23.48
C LEU A 651 33.34 30.10 -23.71
N ILE A 652 32.60 30.91 -22.97
CA ILE A 652 32.69 32.37 -23.06
C ILE A 652 32.96 32.94 -21.68
N TYR A 653 33.98 33.78 -21.57
CA TYR A 653 34.38 34.38 -20.31
C TYR A 653 33.79 35.78 -20.20
N ILE A 654 33.18 36.07 -19.07
CA ILE A 654 32.51 37.35 -18.82
C ILE A 654 33.38 38.14 -17.84
N PRO A 655 33.94 39.28 -18.24
CA PRO A 655 34.79 40.07 -17.34
C PRO A 655 33.94 40.85 -16.33
N LEU A 656 34.61 41.72 -15.59
CA LEU A 656 33.94 42.54 -14.58
C LEU A 656 33.87 43.99 -15.06
N PRO A 657 32.87 44.32 -15.89
CA PRO A 657 32.85 45.58 -16.64
C PRO A 657 34.17 46.32 -16.87
N ASP A 658 34.06 47.63 -17.06
CA ASP A 658 35.19 48.54 -17.19
C ASP A 658 34.64 49.96 -17.03
N GLU A 659 35.49 50.96 -17.31
CA GLU A 659 35.10 52.34 -17.06
C GLU A 659 33.88 52.74 -17.88
N ASP A 660 33.90 52.45 -19.19
CA ASP A 660 32.76 52.81 -20.03
C ASP A 660 31.54 51.96 -19.68
N SER A 661 31.73 50.67 -19.46
CA SER A 661 30.62 49.82 -19.06
C SER A 661 30.05 50.22 -17.72
N ARG A 662 30.91 50.57 -16.76
CA ARG A 662 30.40 50.94 -15.44
C ARG A 662 29.67 52.28 -15.51
N LEU A 663 30.17 53.23 -16.29
CA LEU A 663 29.43 54.46 -16.50
C LEU A 663 28.07 54.18 -17.16
N ASN A 664 28.05 53.27 -18.13
CA ASN A 664 26.81 52.96 -18.83
C ASN A 664 25.80 52.28 -17.90
N ILE A 665 26.26 51.34 -17.07
CA ILE A 665 25.34 50.67 -16.15
C ILE A 665 24.87 51.65 -15.09
N PHE A 666 25.71 52.60 -14.65
CA PHE A 666 25.26 53.62 -13.72
C PHE A 666 24.17 54.47 -14.34
N LYS A 667 24.38 54.92 -15.58
CA LYS A 667 23.39 55.79 -16.22
C LYS A 667 22.16 55.03 -16.71
N ALA A 668 22.21 53.70 -16.78
CA ALA A 668 21.05 52.91 -17.16
C ALA A 668 20.29 52.35 -15.97
N ALA A 669 20.93 52.21 -14.82
CA ALA A 669 20.26 51.75 -13.60
C ALA A 669 19.46 52.85 -12.94
N LEU A 670 19.65 54.11 -13.34
CA LEU A 670 18.87 55.24 -12.85
C LEU A 670 17.82 55.68 -13.85
N ARG A 671 17.44 54.82 -14.79
CA ARG A 671 16.43 55.17 -15.79
C ARG A 671 15.03 55.26 -15.21
N LYS A 672 14.88 55.07 -13.90
CA LYS A 672 13.61 55.21 -13.21
C LYS A 672 13.68 56.20 -12.05
N SER A 673 14.80 56.22 -11.32
CA SER A 673 15.04 57.06 -10.15
C SER A 673 15.51 58.45 -10.58
N PRO A 674 14.86 59.50 -10.08
CA PRO A 674 15.36 60.85 -10.34
C PRO A 674 16.71 61.08 -9.70
N ILE A 675 17.53 61.90 -10.37
CA ILE A 675 18.90 62.16 -9.95
C ILE A 675 19.13 63.66 -9.94
N ALA A 676 19.74 64.16 -8.87
CA ALA A 676 20.12 65.56 -8.81
C ALA A 676 21.23 65.86 -9.81
N LYS A 677 21.14 67.03 -10.44
CA LYS A 677 22.05 67.36 -11.53
C LYS A 677 23.48 67.58 -11.06
N ASP A 678 23.68 67.92 -9.79
CA ASP A 678 25.03 68.19 -9.29
C ASP A 678 25.89 66.93 -9.20
N VAL A 679 25.30 65.75 -9.34
CA VAL A 679 26.04 64.49 -9.24
C VAL A 679 26.52 64.09 -10.62
N ASP A 680 27.79 63.72 -10.72
CA ASP A 680 28.38 63.26 -11.97
C ASP A 680 28.98 61.88 -11.73
N ILE A 681 28.70 60.95 -12.65
CA ILE A 681 29.30 59.62 -12.58
C ILE A 681 30.80 59.68 -12.83
N GLY A 682 31.29 60.75 -13.46
CA GLY A 682 32.72 60.91 -13.64
C GLY A 682 33.46 61.04 -12.33
N ALA A 683 32.78 61.51 -11.28
CA ALA A 683 33.35 61.45 -9.94
C ALA A 683 33.56 60.00 -9.50
N LEU A 684 32.61 59.13 -9.82
CA LEU A 684 32.72 57.70 -9.54
C LEU A 684 33.39 56.94 -10.66
N ALA A 685 34.14 57.62 -11.54
CA ALA A 685 34.81 56.96 -12.65
C ALA A 685 35.97 56.10 -12.18
N LYS A 686 36.33 56.22 -10.90
CA LYS A 686 37.29 55.28 -10.33
C LYS A 686 36.63 53.92 -10.07
N TYR A 687 35.40 53.92 -9.54
CA TYR A 687 34.56 52.74 -9.32
C TYR A 687 35.30 51.59 -8.64
N THR A 688 36.41 51.89 -7.94
CA THR A 688 37.18 50.89 -7.18
C THR A 688 37.55 49.68 -8.01
N GLN A 689 37.62 49.83 -9.33
CA GLN A 689 38.03 48.78 -10.25
C GLN A 689 37.10 47.57 -10.22
N GLY A 690 37.05 46.87 -9.09
CA GLY A 690 36.42 45.55 -9.06
C GLY A 690 34.96 45.49 -8.67
N PHE A 691 34.25 46.61 -8.77
CA PHE A 691 32.82 46.60 -8.47
C PHE A 691 32.07 45.81 -9.53
N SER A 692 31.24 44.87 -9.09
CA SER A 692 30.44 44.06 -10.00
C SER A 692 29.16 44.81 -10.36
N GLY A 693 28.36 44.20 -11.24
CA GLY A 693 27.06 44.79 -11.56
C GLY A 693 26.12 44.77 -10.38
N ALA A 694 26.07 43.64 -9.66
CA ALA A 694 25.27 43.58 -8.44
C ALA A 694 25.75 44.58 -7.41
N ASP A 695 27.05 44.87 -7.39
CA ASP A 695 27.57 45.90 -6.49
C ASP A 695 27.02 47.27 -6.87
N ILE A 696 26.96 47.58 -8.17
CA ILE A 696 26.41 48.85 -8.60
C ILE A 696 24.93 48.96 -8.23
N THR A 697 24.19 47.87 -8.44
CA THR A 697 22.78 47.87 -8.04
C THR A 697 22.63 48.07 -6.53
N GLU A 698 23.49 47.43 -5.74
CA GLU A 698 23.45 47.60 -4.29
C GLU A 698 23.74 49.04 -3.90
N ILE A 699 24.71 49.68 -4.54
CA ILE A 699 25.06 51.06 -4.21
C ILE A 699 23.89 51.98 -4.54
N CYS A 700 23.29 51.81 -5.72
CA CYS A 700 22.16 52.66 -6.09
C CYS A 700 20.98 52.45 -5.15
N GLN A 701 20.73 51.20 -4.75
CA GLN A 701 19.64 50.92 -3.82
C GLN A 701 19.90 51.53 -2.44
N ARG A 702 21.16 51.48 -1.98
CA ARG A 702 21.50 52.11 -0.70
C ARG A 702 21.29 53.62 -0.76
N ALA A 703 21.70 54.23 -1.87
CA ALA A 703 21.48 55.66 -2.03
C ALA A 703 19.99 55.99 -2.03
N CYS A 704 19.19 55.16 -2.70
CA CYS A 704 17.74 55.36 -2.71
C CYS A 704 17.16 55.25 -1.29
N LYS A 705 17.60 54.25 -0.53
CA LYS A 705 17.08 54.07 0.82
C LYS A 705 17.44 55.24 1.72
N TYR A 706 18.69 55.73 1.63
CA TYR A 706 19.07 56.89 2.43
C TYR A 706 18.29 58.13 2.00
N ALA A 707 18.04 58.29 0.69
CA ALA A 707 17.24 59.42 0.22
C ALA A 707 15.82 59.34 0.76
N ILE A 708 15.24 58.14 0.81
CA ILE A 708 13.89 58.01 1.34
C ILE A 708 13.88 58.28 2.85
N ARG A 709 14.94 57.90 3.55
CA ARG A 709 15.05 58.25 4.96
C ARG A 709 15.06 59.77 5.14
N GLU A 710 15.85 60.46 4.30
CA GLU A 710 15.88 61.92 4.37
C GLU A 710 14.51 62.51 4.06
N ASN A 711 13.80 61.95 3.07
CA ASN A 711 12.50 62.46 2.69
C ASN A 711 11.49 62.31 3.81
N ILE A 712 11.45 61.14 4.45
CA ILE A 712 10.48 60.94 5.53
C ILE A 712 10.84 61.79 6.73
N GLU A 713 12.14 61.96 7.02
CA GLU A 713 12.54 62.83 8.12
C GLU A 713 12.13 64.27 7.86
N LYS A 714 12.33 64.75 6.63
CA LYS A 714 11.92 66.11 6.30
C LYS A 714 10.41 66.28 6.38
N ASP A 715 9.66 65.28 5.91
CA ASP A 715 8.20 65.35 5.96
C ASP A 715 7.70 65.41 7.40
N ILE A 716 8.25 64.55 8.27
CA ILE A 716 7.81 64.56 9.65
C ILE A 716 8.25 65.84 10.36
N GLU A 717 9.42 66.39 10.00
CA GLU A 717 9.84 67.66 10.57
C GLU A 717 8.88 68.78 10.18
N LYS A 718 8.49 68.83 8.90
CA LYS A 718 7.53 69.85 8.47
C LYS A 718 6.18 69.66 9.16
N GLU A 719 5.75 68.40 9.31
CA GLU A 719 4.47 68.14 9.98
C GLU A 719 4.51 68.57 11.44
N LYS A 720 5.63 68.31 12.13
CA LYS A 720 5.76 68.75 13.52
C LYS A 720 5.82 70.27 13.61
N ARG A 721 6.50 70.93 12.68
CA ARG A 721 6.56 72.38 12.68
C ARG A 721 5.18 72.99 12.48
N ARG A 722 4.38 72.40 11.57
CA ARG A 722 3.02 72.87 11.38
C ARG A 722 2.16 72.59 12.61
N SER A 723 2.35 71.43 13.24
CA SER A 723 1.57 71.10 14.43
C SER A 723 1.87 72.07 15.57
N GLU A 724 3.15 72.40 15.77
CA GLU A 724 3.51 73.43 16.74
C GLU A 724 3.01 74.78 16.24
N ASN A 725 2.27 75.48 17.11
CA ASN A 725 1.61 76.73 16.73
C ASN A 725 0.77 76.51 15.48
N PRO A 726 -0.38 75.83 15.58
CA PRO A 726 -1.18 75.53 14.39
C PRO A 726 -1.66 76.75 13.62
N GLU A 727 -1.36 77.94 14.15
CA GLU A 727 -1.68 79.17 13.42
C GLU A 727 -0.99 79.21 12.06
N ALA A 728 0.15 78.54 11.92
CA ALA A 728 0.86 78.48 10.65
C ALA A 728 0.00 77.79 9.60
N MET A 729 -0.42 78.55 8.58
CA MET A 729 -1.29 78.04 7.54
C MET A 729 -0.45 77.28 6.50
N GLU A 730 -1.09 76.84 5.42
CA GLU A 730 -0.43 76.12 4.35
C GLU A 730 0.45 77.08 3.57
N GLU A 731 1.76 77.04 3.84
CA GLU A 731 2.71 77.91 3.17
C GLU A 731 3.07 77.36 1.81
N ASP A 732 4.03 78.00 1.14
CA ASP A 732 4.48 77.59 -0.17
C ASP A 732 5.53 76.48 -0.13
N GLY A 733 5.92 76.04 1.06
CA GLY A 733 6.93 74.99 1.18
C GLY A 733 6.38 73.61 0.87
N VAL A 734 6.00 73.40 -0.38
CA VAL A 734 5.49 72.10 -0.82
C VAL A 734 6.68 71.16 -1.05
N ASP A 735 6.43 69.86 -0.91
CA ASP A 735 7.48 68.87 -1.08
C ASP A 735 8.04 68.92 -2.50
N GLU A 736 9.36 68.93 -2.61
CA GLU A 736 10.04 69.06 -3.89
C GLU A 736 10.26 67.69 -4.51
N VAL A 737 11.10 67.65 -5.56
CA VAL A 737 11.34 66.39 -6.28
C VAL A 737 12.03 65.37 -5.39
N SER A 738 12.90 65.83 -4.49
CA SER A 738 13.63 64.96 -3.58
C SER A 738 14.51 63.97 -4.33
N GLU A 739 15.33 64.50 -5.24
CA GLU A 739 16.26 63.65 -5.98
C GLU A 739 17.38 63.16 -5.07
N ILE A 740 18.03 62.08 -5.50
CA ILE A 740 19.17 61.56 -4.76
C ILE A 740 20.35 62.50 -4.93
N LYS A 741 20.90 62.96 -3.82
CA LYS A 741 21.96 63.95 -3.82
C LYS A 741 23.33 63.28 -3.72
N ALA A 742 24.37 64.04 -4.03
CA ALA A 742 25.73 63.52 -3.96
C ALA A 742 26.10 63.13 -2.53
N ALA A 743 25.51 63.79 -1.54
CA ALA A 743 25.76 63.41 -0.16
C ALA A 743 25.30 61.98 0.12
N HIS A 744 24.12 61.61 -0.39
CA HIS A 744 23.63 60.25 -0.20
C HIS A 744 24.56 59.22 -0.85
N PHE A 745 25.01 59.50 -2.07
CA PHE A 745 25.92 58.59 -2.75
C PHE A 745 27.24 58.46 -2.00
N GLU A 746 27.77 59.58 -1.50
CA GLU A 746 29.03 59.52 -0.77
C GLU A 746 28.87 58.79 0.56
N GLU A 747 27.73 58.94 1.22
CA GLU A 747 27.47 58.17 2.43
C GLU A 747 27.37 56.67 2.13
N SER A 748 26.69 56.32 1.03
CA SER A 748 26.53 54.91 0.69
C SER A 748 27.84 54.28 0.26
N MET A 749 28.71 55.04 -0.42
CA MET A 749 29.95 54.48 -0.94
C MET A 749 30.85 53.98 0.18
N LYS A 750 30.78 54.60 1.36
CA LYS A 750 31.66 54.24 2.47
C LYS A 750 31.31 52.90 3.10
N TYR A 751 30.18 52.29 2.75
CA TYR A 751 29.79 51.02 3.32
C TYR A 751 29.69 49.89 2.30
N ALA A 752 29.77 50.19 0.99
CA ALA A 752 29.66 49.15 -0.02
C ALA A 752 30.81 48.16 0.09
N ARG A 753 30.48 46.87 0.01
CA ARG A 753 31.49 45.82 0.12
C ARG A 753 32.13 45.55 -1.24
N ARG A 754 32.96 44.52 -1.28
CA ARG A 754 33.61 44.07 -2.51
C ARG A 754 33.32 42.58 -2.68
N SER A 755 32.52 42.25 -3.70
CA SER A 755 32.03 40.89 -3.86
C SER A 755 33.04 39.94 -4.51
N VAL A 756 34.11 40.46 -5.11
CA VAL A 756 35.10 39.64 -5.80
C VAL A 756 36.46 39.92 -5.21
N SER A 757 37.17 38.86 -4.82
CA SER A 757 38.50 38.98 -4.26
C SER A 757 39.54 39.15 -5.37
N ASP A 758 40.80 39.29 -4.96
CA ASP A 758 41.89 39.48 -5.91
C ASP A 758 42.39 38.18 -6.52
N ALA A 759 41.96 37.03 -6.01
CA ALA A 759 42.43 35.74 -6.51
C ALA A 759 41.46 35.08 -7.47
N ASP A 760 40.16 35.29 -7.29
CA ASP A 760 39.17 34.69 -8.18
C ASP A 760 39.31 35.24 -9.60
N ILE A 761 39.60 36.53 -9.73
CA ILE A 761 39.80 37.12 -11.05
C ILE A 761 40.96 36.45 -11.76
N ARG A 762 42.08 36.24 -11.05
CA ARG A 762 43.23 35.59 -11.66
C ARG A 762 42.94 34.13 -11.98
N LYS A 763 42.18 33.45 -11.12
CA LYS A 763 41.82 32.07 -11.41
C LYS A 763 40.98 31.96 -12.67
N TYR A 764 39.98 32.83 -12.81
CA TYR A 764 39.18 32.85 -14.03
C TYR A 764 40.02 33.20 -15.25
N GLN A 765 40.93 34.17 -15.09
CA GLN A 765 41.80 34.54 -16.20
C GLN A 765 42.67 33.37 -16.64
N ALA A 766 43.19 32.60 -15.68
CA ALA A 766 43.99 31.43 -16.03
C ALA A 766 43.13 30.37 -16.72
N PHE A 767 41.91 30.13 -16.22
CA PHE A 767 41.05 29.14 -16.83
C PHE A 767 40.68 29.53 -18.25
N ALA A 768 40.58 30.83 -18.52
CA ALA A 768 40.36 31.29 -19.89
C ALA A 768 41.63 31.23 -20.73
N GLN A 769 42.78 31.52 -20.13
CA GLN A 769 44.02 31.60 -20.88
C GLN A 769 44.48 30.21 -21.32
N THR A 770 44.20 29.19 -20.51
CA THR A 770 44.54 27.83 -20.94
C THR A 770 43.80 27.43 -22.21
N LEU A 771 42.71 28.13 -22.54
CA LEU A 771 42.02 27.97 -23.81
C LEU A 771 42.43 29.01 -24.84
N GLN A 772 43.37 29.89 -24.51
CA GLN A 772 43.84 30.95 -25.40
C GLN A 772 45.32 30.78 -25.72
N GLN A 773 45.72 29.55 -26.07
CA GLN A 773 47.12 29.24 -26.31
C GLN A 773 47.60 29.70 -27.68
N SER A 774 46.85 30.53 -28.39
CA SER A 774 47.28 31.12 -29.64
C SER A 774 47.85 32.52 -29.46
N ARG A 775 48.05 32.96 -28.20
CA ARG A 775 48.53 34.30 -27.94
C ARG A 775 49.94 34.52 -28.45
N GLY A 776 50.78 33.48 -28.41
CA GLY A 776 52.17 33.63 -28.83
C GLY A 776 52.37 33.75 -30.33
N PHE A 777 51.35 33.45 -31.12
CA PHE A 777 51.43 33.52 -32.58
C PHE A 777 50.55 34.62 -33.17
N GLY A 778 49.80 35.34 -32.33
CA GLY A 778 48.89 36.37 -32.80
C GLY A 778 49.58 37.53 -33.47
N LYS B 18 -8.04 57.35 8.52
CA LYS B 18 -8.87 56.27 7.99
C LYS B 18 -9.17 55.23 9.07
N LYS B 19 -9.84 54.15 8.66
CA LYS B 19 -10.18 53.07 9.57
C LYS B 19 -9.89 51.74 8.91
N ASP B 20 -9.69 50.72 9.74
CA ASP B 20 -9.49 49.36 9.27
C ASP B 20 -10.85 48.72 9.04
N PHE B 21 -11.20 48.49 7.78
CA PHE B 21 -12.51 47.99 7.41
C PHE B 21 -12.57 46.48 7.27
N SER B 22 -11.50 45.77 7.63
CA SER B 22 -11.50 44.31 7.55
C SER B 22 -12.53 43.69 8.51
N THR B 23 -12.92 44.40 9.55
CA THR B 23 -13.93 43.95 10.52
C THR B 23 -14.99 45.02 10.70
N ALA B 24 -15.51 45.53 9.58
CA ALA B 24 -16.41 46.67 9.58
C ALA B 24 -17.88 46.30 9.71
N ILE B 25 -18.20 45.01 9.84
CA ILE B 25 -19.60 44.58 9.88
C ILE B 25 -20.09 44.37 11.31
N LEU B 26 -19.21 43.89 12.19
CA LEU B 26 -19.65 43.47 13.52
C LEU B 26 -20.16 44.64 14.36
N GLU B 27 -19.51 45.80 14.27
CA GLU B 27 -19.83 46.91 15.16
C GLU B 27 -21.23 47.45 14.88
N ARG B 28 -21.91 47.88 15.94
CA ARG B 28 -23.24 48.46 15.82
C ARG B 28 -23.18 49.86 15.23
N LYS B 29 -24.33 50.35 14.81
CA LYS B 29 -24.49 51.72 14.33
C LYS B 29 -25.45 52.46 15.25
N LYS B 30 -25.08 53.67 15.66
CA LYS B 30 -25.92 54.44 16.55
C LYS B 30 -27.24 54.81 15.87
N SER B 31 -28.32 54.83 16.65
CA SER B 31 -29.64 55.14 16.14
C SER B 31 -30.50 55.63 17.29
N PRO B 32 -31.46 56.53 17.03
CA PRO B 32 -32.38 56.96 18.10
C PRO B 32 -33.47 55.94 18.36
N ASN B 33 -33.37 54.77 17.74
CA ASN B 33 -34.34 53.70 17.92
C ASN B 33 -33.85 52.58 18.82
N ARG B 34 -32.60 52.61 19.25
CA ARG B 34 -32.03 51.57 20.08
C ARG B 34 -31.32 52.18 21.28
N LEU B 35 -31.52 51.57 22.45
CA LEU B 35 -30.97 52.07 23.70
C LEU B 35 -30.16 51.00 24.41
N VAL B 36 -29.73 51.29 25.64
CA VAL B 36 -28.93 50.37 26.44
C VAL B 36 -29.79 49.84 27.57
N VAL B 37 -29.45 48.65 28.07
CA VAL B 37 -30.23 47.94 29.07
C VAL B 37 -29.50 47.98 30.40
N ASP B 38 -30.21 48.36 31.47
CA ASP B 38 -29.67 48.34 32.81
C ASP B 38 -30.81 48.17 33.80
N GLU B 39 -30.47 48.21 35.09
CA GLU B 39 -31.41 47.85 36.14
C GLU B 39 -32.43 48.98 36.39
N ALA B 40 -33.50 48.62 37.10
CA ALA B 40 -34.57 49.56 37.43
C ALA B 40 -35.06 49.34 38.85
N ILE B 41 -36.21 49.93 39.19
CA ILE B 41 -36.81 49.82 40.52
C ILE B 41 -38.14 49.07 40.48
N ASN B 42 -39.04 49.47 39.58
CA ASN B 42 -40.34 48.82 39.50
C ASN B 42 -40.18 47.35 39.12
N ASP B 43 -41.00 46.50 39.73
CA ASP B 43 -40.87 45.05 39.62
C ASP B 43 -42.18 44.42 39.17
N ASP B 44 -42.81 45.00 38.15
CA ASP B 44 -43.94 44.37 37.51
C ASP B 44 -43.47 43.65 36.25
N ASN B 45 -44.14 42.52 35.94
CA ASN B 45 -43.69 41.62 34.89
C ASN B 45 -43.87 42.20 33.50
N SER B 46 -44.55 43.33 33.34
CA SER B 46 -44.82 43.87 32.01
C SER B 46 -44.58 45.37 31.95
N VAL B 47 -43.68 45.90 32.77
CA VAL B 47 -43.39 47.32 32.79
C VAL B 47 -41.89 47.54 32.62
N VAL B 48 -41.54 48.62 31.94
CA VAL B 48 -40.16 49.09 31.82
C VAL B 48 -40.20 50.61 31.88
N SER B 49 -39.21 51.20 32.55
CA SER B 49 -39.22 52.62 32.86
C SER B 49 -38.18 53.34 32.00
N LEU B 50 -38.64 54.28 31.19
CA LEU B 50 -37.80 55.11 30.34
C LEU B 50 -37.72 56.52 30.93
N HIS B 51 -37.05 57.41 30.19
CA HIS B 51 -37.08 58.83 30.53
C HIS B 51 -38.00 59.58 29.59
N PRO B 52 -38.73 60.59 30.08
CA PRO B 52 -39.68 61.29 29.21
C PRO B 52 -39.06 61.88 27.96
N ALA B 53 -37.78 62.24 27.99
CA ALA B 53 -37.12 62.72 26.78
C ALA B 53 -37.09 61.63 25.70
N THR B 54 -36.93 60.37 26.10
CA THR B 54 -36.98 59.28 25.12
C THR B 54 -38.34 59.21 24.46
N MET B 55 -39.42 59.36 25.23
CA MET B 55 -40.76 59.37 24.65
C MET B 55 -40.96 60.57 23.74
N GLU B 56 -40.41 61.73 24.11
CA GLU B 56 -40.52 62.91 23.27
C GLU B 56 -39.80 62.71 21.94
N LYS B 57 -38.61 62.11 21.98
CA LYS B 57 -37.88 61.84 20.75
C LYS B 57 -38.60 60.79 19.90
N LEU B 58 -39.17 59.77 20.54
CA LEU B 58 -39.85 58.69 19.84
C LEU B 58 -41.33 58.97 19.60
N GLN B 59 -41.83 60.13 20.04
CA GLN B 59 -43.25 60.47 19.92
C GLN B 59 -44.13 59.42 20.61
N LEU B 60 -43.71 58.99 21.79
CA LEU B 60 -44.45 58.04 22.60
C LEU B 60 -45.05 58.75 23.81
N PHE B 61 -46.13 58.19 24.34
CA PHE B 61 -46.89 58.82 25.40
C PHE B 61 -47.15 57.83 26.52
N ARG B 62 -47.88 58.29 27.55
CA ARG B 62 -48.07 57.49 28.75
C ARG B 62 -48.94 56.28 28.49
N GLY B 63 -48.54 55.14 29.05
CA GLY B 63 -49.33 53.93 28.98
C GLY B 63 -49.25 53.17 27.68
N ASP B 64 -48.45 53.62 26.73
CA ASP B 64 -48.30 52.91 25.46
C ASP B 64 -47.59 51.58 25.68
N THR B 65 -48.04 50.55 24.95
CA THR B 65 -47.43 49.23 25.01
C THR B 65 -46.47 49.10 23.84
N ILE B 66 -45.19 48.85 24.15
CA ILE B 66 -44.13 48.88 23.15
C ILE B 66 -43.60 47.46 22.96
N LEU B 67 -42.88 47.29 21.85
CA LEU B 67 -42.27 46.03 21.47
C LEU B 67 -40.75 46.14 21.64
N ILE B 68 -40.18 45.18 22.34
CA ILE B 68 -38.75 45.13 22.61
C ILE B 68 -38.15 43.93 21.90
N LYS B 69 -37.07 44.17 21.15
CA LYS B 69 -36.41 43.14 20.36
C LYS B 69 -35.01 42.93 20.89
N GLY B 70 -34.66 41.67 21.15
CA GLY B 70 -33.38 41.37 21.77
C GLY B 70 -32.49 40.45 20.97
N LYS B 71 -31.68 39.65 21.67
CA LYS B 71 -30.73 38.76 21.03
C LYS B 71 -31.44 37.55 20.44
N LYS B 72 -30.73 36.85 19.55
CA LYS B 72 -31.17 35.64 18.88
C LYS B 72 -32.65 35.68 18.50
N ARG B 73 -33.02 36.79 17.85
CA ARG B 73 -34.35 36.96 17.27
C ARG B 73 -35.47 36.71 18.28
N LYS B 74 -35.29 37.24 19.48
CA LYS B 74 -36.30 37.17 20.52
C LYS B 74 -36.94 38.54 20.69
N ASP B 75 -38.22 38.54 21.04
CA ASP B 75 -38.94 39.80 21.21
C ASP B 75 -40.07 39.60 22.21
N THR B 76 -40.53 40.71 22.78
CA THR B 76 -41.63 40.69 23.73
C THR B 76 -42.35 42.03 23.68
N VAL B 77 -43.44 42.12 24.44
CA VAL B 77 -44.25 43.32 24.53
C VAL B 77 -44.30 43.76 26.00
N CYS B 78 -44.00 45.03 26.25
CA CYS B 78 -43.97 45.55 27.61
C CYS B 78 -44.55 46.96 27.64
N ILE B 79 -45.11 47.34 28.79
CA ILE B 79 -45.68 48.67 28.97
C ILE B 79 -44.59 49.61 29.45
N ALA B 80 -44.44 50.74 28.76
CA ALA B 80 -43.38 51.70 29.05
C ALA B 80 -43.94 52.84 29.88
N LEU B 81 -43.38 53.04 31.07
CA LEU B 81 -43.69 54.18 31.91
C LEU B 81 -42.49 55.13 31.95
N ALA B 82 -42.61 56.23 32.68
CA ALA B 82 -41.59 57.26 32.69
C ALA B 82 -41.19 57.61 34.12
N ASP B 83 -39.95 58.09 34.25
CA ASP B 83 -39.44 58.60 35.52
C ASP B 83 -38.25 59.50 35.22
N GLU B 84 -38.09 60.53 36.05
CA GLU B 84 -36.97 61.46 35.85
C GLU B 84 -35.64 60.81 36.18
N THR B 85 -35.63 59.84 37.10
CA THR B 85 -34.38 59.18 37.47
C THR B 85 -33.74 58.47 36.29
N CYS B 86 -34.55 58.00 35.35
CA CYS B 86 -34.02 57.28 34.20
C CYS B 86 -33.21 58.22 33.32
N GLU B 87 -32.13 57.70 32.75
CA GLU B 87 -31.28 58.45 31.83
C GLU B 87 -31.78 58.24 30.41
N GLU B 88 -31.53 59.23 29.56
CA GLU B 88 -32.02 59.16 28.18
C GLU B 88 -31.45 57.98 27.39
N PRO B 89 -30.15 57.69 27.40
CA PRO B 89 -29.64 56.55 26.64
C PRO B 89 -29.79 55.20 27.33
N LYS B 90 -30.60 55.07 28.38
CA LYS B 90 -30.80 53.80 29.04
C LYS B 90 -32.28 53.48 29.15
N ILE B 91 -32.57 52.20 29.32
CA ILE B 91 -33.95 51.71 29.30
C ILE B 91 -34.44 51.21 30.65
N ARG B 92 -33.55 50.93 31.60
CA ARG B 92 -33.92 50.47 32.94
C ARG B 92 -34.82 49.24 32.88
N MET B 93 -34.24 48.16 32.38
CA MET B 93 -34.95 46.90 32.21
C MET B 93 -34.79 46.04 33.46
N ASN B 94 -35.91 45.51 33.95
CA ASN B 94 -35.87 44.67 35.13
C ASN B 94 -35.23 43.32 34.79
N LYS B 95 -35.11 42.46 35.81
CA LYS B 95 -34.39 41.20 35.63
C LYS B 95 -35.20 40.19 34.82
N VAL B 96 -36.51 40.10 35.06
CA VAL B 96 -37.32 39.07 34.41
C VAL B 96 -37.37 39.30 32.90
N VAL B 97 -37.70 40.53 32.49
CA VAL B 97 -37.80 40.83 31.07
C VAL B 97 -36.44 40.66 30.40
N ARG B 98 -35.38 41.13 31.05
CA ARG B 98 -34.04 40.99 30.50
C ARG B 98 -33.67 39.53 30.32
N SER B 99 -34.06 38.68 31.28
CA SER B 99 -33.85 37.24 31.12
C SER B 99 -34.64 36.71 29.94
N ASN B 100 -35.87 37.21 29.74
CA ASN B 100 -36.65 36.80 28.59
C ASN B 100 -36.03 37.26 27.28
N LEU B 101 -35.34 38.41 27.30
CA LEU B 101 -34.69 38.93 26.10
C LEU B 101 -33.31 38.32 25.87
N ARG B 102 -32.85 37.44 26.74
CA ARG B 102 -31.57 36.75 26.60
C ARG B 102 -30.42 37.74 26.47
N VAL B 103 -30.48 38.82 27.25
CA VAL B 103 -29.48 39.87 27.22
C VAL B 103 -28.97 40.11 28.64
N ARG B 104 -27.95 40.96 28.74
CA ARG B 104 -27.38 41.38 30.01
C ARG B 104 -27.16 42.88 29.99
N LEU B 105 -26.93 43.45 31.18
CA LEU B 105 -26.73 44.89 31.30
C LEU B 105 -25.54 45.34 30.45
N GLY B 106 -25.73 46.42 29.72
CA GLY B 106 -24.70 46.95 28.85
C GLY B 106 -24.83 46.61 27.39
N ASP B 107 -25.93 45.99 26.97
CA ASP B 107 -26.15 45.63 25.58
C ASP B 107 -27.10 46.62 24.92
N VAL B 108 -27.36 46.42 23.63
CA VAL B 108 -28.18 47.32 22.83
C VAL B 108 -29.49 46.63 22.50
N ILE B 109 -30.60 47.32 22.76
CA ILE B 109 -31.94 46.78 22.53
C ILE B 109 -32.74 47.81 21.75
N SER B 110 -33.36 47.37 20.66
CA SER B 110 -34.22 48.25 19.87
C SER B 110 -35.61 48.34 20.50
N VAL B 111 -36.31 49.41 20.17
CA VAL B 111 -37.65 49.67 20.69
C VAL B 111 -38.57 50.05 19.53
N HIS B 112 -39.80 49.55 19.56
CA HIS B 112 -40.80 49.93 18.59
C HIS B 112 -42.15 50.00 19.31
N GLN B 113 -43.20 50.36 18.56
CA GLN B 113 -44.53 50.44 19.13
C GLN B 113 -45.44 49.37 18.52
N CYS B 114 -46.33 48.83 19.36
CA CYS B 114 -47.29 47.83 18.92
C CYS B 114 -48.65 48.48 18.73
N PRO B 115 -49.17 48.56 17.50
CA PRO B 115 -50.51 49.16 17.34
C PRO B 115 -51.65 48.24 17.74
N ASP B 116 -51.46 46.93 17.59
CA ASP B 116 -52.53 45.96 17.83
C ASP B 116 -52.31 45.27 19.18
N VAL B 117 -53.10 45.66 20.17
CA VAL B 117 -53.12 44.94 21.45
C VAL B 117 -53.97 43.67 21.33
N LYS B 118 -55.25 43.85 21.00
CA LYS B 118 -56.15 42.74 20.64
C LYS B 118 -56.23 41.71 21.77
N TYR B 119 -56.83 42.15 22.87
CA TYR B 119 -57.00 41.32 24.07
C TYR B 119 -57.39 39.89 23.71
N GLY B 120 -56.65 38.94 24.28
CA GLY B 120 -56.82 37.55 23.91
C GLY B 120 -58.09 36.92 24.44
N LYS B 121 -58.51 35.86 23.75
CA LYS B 121 -59.69 35.10 24.13
C LYS B 121 -59.37 33.67 24.53
N ARG B 122 -58.80 32.88 23.62
CA ARG B 122 -58.41 31.50 23.93
C ARG B 122 -56.92 31.44 24.27
N VAL B 123 -56.58 32.12 25.36
CA VAL B 123 -55.21 32.08 25.85
C VAL B 123 -54.99 30.79 26.63
N HIS B 124 -53.72 30.44 26.83
CA HIS B 124 -53.34 29.30 27.65
C HIS B 124 -52.18 29.69 28.55
N ILE B 125 -52.34 29.46 29.85
CA ILE B 125 -51.31 29.80 30.85
C ILE B 125 -51.08 28.57 31.73
N LEU B 126 -49.85 28.08 31.73
CA LEU B 126 -49.50 26.88 32.48
C LEU B 126 -48.20 27.13 33.23
N PRO B 127 -48.02 26.50 34.41
CA PRO B 127 -46.83 26.79 35.23
C PRO B 127 -45.63 25.92 34.89
N VAL B 128 -44.53 26.13 35.62
CA VAL B 128 -43.29 25.41 35.41
C VAL B 128 -43.07 24.44 36.57
N ASP B 129 -42.41 23.32 36.28
CA ASP B 129 -42.27 22.26 37.27
C ASP B 129 -41.44 22.70 38.47
N ASP B 130 -40.34 23.44 38.22
CA ASP B 130 -39.41 23.76 39.30
C ASP B 130 -40.01 24.66 40.36
N THR B 131 -41.11 25.37 40.05
CA THR B 131 -41.75 26.24 41.02
C THR B 131 -43.03 25.65 41.61
N VAL B 132 -43.60 24.61 40.99
CA VAL B 132 -44.78 23.96 41.55
C VAL B 132 -44.42 22.77 42.44
N GLU B 133 -43.14 22.45 42.60
CA GLU B 133 -42.73 21.40 43.51
C GLU B 133 -43.00 21.84 44.94
N GLY B 134 -43.84 21.08 45.64
CA GLY B 134 -44.27 21.49 46.96
C GLY B 134 -45.06 22.78 46.96
N VAL B 135 -45.96 22.93 45.97
CA VAL B 135 -46.74 24.16 45.85
C VAL B 135 -47.73 24.26 47.01
N THR B 136 -48.03 25.50 47.40
CA THR B 136 -48.96 25.73 48.51
C THR B 136 -50.37 25.25 48.20
N GLY B 137 -50.72 25.09 46.93
CA GLY B 137 -52.04 24.61 46.56
C GLY B 137 -52.56 25.16 45.26
N ASN B 138 -53.78 25.69 45.28
CA ASN B 138 -54.41 26.20 44.08
C ASN B 138 -53.68 27.43 43.56
N LEU B 139 -53.55 27.52 42.24
CA LEU B 139 -52.97 28.67 41.58
C LEU B 139 -53.98 29.48 40.79
N PHE B 140 -55.13 28.90 40.44
CA PHE B 140 -56.12 29.61 39.65
C PHE B 140 -56.72 30.78 40.42
N ASP B 141 -57.18 30.53 41.65
CA ASP B 141 -57.89 31.54 42.43
C ASP B 141 -57.00 32.31 43.38
N ALA B 142 -55.71 32.01 43.43
CA ALA B 142 -54.79 32.70 44.33
C ALA B 142 -53.49 33.15 43.68
N TYR B 143 -53.18 32.70 42.47
CA TYR B 143 -51.95 33.08 41.81
C TYR B 143 -52.21 33.62 40.42
N LEU B 144 -53.21 33.06 39.73
CA LEU B 144 -53.49 33.44 38.35
C LEU B 144 -54.55 34.53 38.25
N LYS B 145 -55.76 34.24 38.74
CA LYS B 145 -56.85 35.21 38.59
C LYS B 145 -56.62 36.51 39.35
N PRO B 146 -56.23 36.50 40.64
CA PRO B 146 -56.13 37.78 41.37
C PRO B 146 -55.16 38.77 40.75
N TYR B 147 -54.06 38.30 40.16
CA TYR B 147 -53.01 39.17 39.66
C TYR B 147 -53.04 39.33 38.14
N PHE B 148 -53.98 38.69 37.45
CA PHE B 148 -54.06 38.80 36.00
C PHE B 148 -55.47 38.99 35.48
N LEU B 149 -56.47 39.10 36.35
CA LEU B 149 -57.82 39.47 35.94
C LEU B 149 -57.95 40.99 36.05
N GLU B 150 -58.30 41.63 34.94
CA GLU B 150 -58.38 43.08 34.81
C GLU B 150 -57.02 43.77 34.97
N ALA B 151 -55.93 42.99 35.05
CA ALA B 151 -54.60 43.56 35.17
C ALA B 151 -54.13 44.18 33.87
N TYR B 152 -54.64 43.72 32.73
CA TYR B 152 -54.27 44.26 31.41
C TYR B 152 -52.77 44.18 31.18
N ARG B 153 -52.15 43.09 31.63
CA ARG B 153 -50.73 42.89 31.42
C ARG B 153 -50.48 42.31 30.02
N PRO B 154 -49.69 42.96 29.18
CA PRO B 154 -49.37 42.36 27.88
C PRO B 154 -48.63 41.05 28.05
N VAL B 155 -48.97 40.08 27.20
CA VAL B 155 -48.42 38.73 27.27
C VAL B 155 -48.02 38.29 25.88
N ARG B 156 -46.84 37.68 25.79
CA ARG B 156 -46.29 37.15 24.55
C ARG B 156 -46.08 35.65 24.72
N LYS B 157 -46.42 34.90 23.68
CA LYS B 157 -46.34 33.44 23.74
C LYS B 157 -44.93 32.97 24.03
N GLY B 158 -44.77 32.17 25.09
CA GLY B 158 -43.49 31.62 25.47
C GLY B 158 -42.80 32.32 26.61
N ASP B 159 -43.27 33.49 27.02
CA ASP B 159 -42.60 34.23 28.08
C ASP B 159 -42.72 33.49 29.41
N LEU B 160 -41.60 33.42 30.13
CA LEU B 160 -41.54 32.80 31.45
C LEU B 160 -41.69 33.91 32.49
N PHE B 161 -42.93 34.11 32.94
CA PHE B 161 -43.20 35.21 33.87
C PHE B 161 -43.42 34.67 35.28
N LEU B 162 -42.91 35.41 36.26
CA LEU B 162 -42.92 35.00 37.66
C LEU B 162 -43.97 35.79 38.42
N VAL B 163 -44.82 35.07 39.15
CA VAL B 163 -45.89 35.68 39.93
C VAL B 163 -45.88 35.08 41.34
N ARG B 164 -46.39 35.85 42.29
CA ARG B 164 -46.45 35.44 43.68
C ARG B 164 -47.87 35.60 44.21
N GLY B 165 -48.40 34.53 44.81
CA GLY B 165 -49.65 34.58 45.52
C GLY B 165 -49.41 34.26 46.98
N GLY B 166 -48.27 34.72 47.50
CA GLY B 166 -47.82 34.38 48.83
C GLY B 166 -46.31 34.36 48.90
N MET B 167 -45.76 33.50 49.75
CA MET B 167 -44.30 33.40 49.87
C MET B 167 -43.69 32.71 48.66
N ARG B 168 -44.39 31.75 48.07
CA ARG B 168 -43.86 30.96 46.96
C ARG B 168 -44.02 31.71 45.65
N SER B 169 -42.94 31.74 44.86
CA SER B 169 -42.94 32.35 43.54
C SER B 169 -43.07 31.26 42.49
N VAL B 170 -44.09 31.36 41.64
CA VAL B 170 -44.42 30.31 40.68
C VAL B 170 -44.20 30.85 39.28
N GLU B 171 -43.20 30.29 38.59
CA GLU B 171 -42.97 30.65 37.20
C GLU B 171 -44.05 30.04 36.32
N PHE B 172 -44.42 30.78 35.27
CA PHE B 172 -45.44 30.35 34.33
C PHE B 172 -44.96 30.54 32.91
N LYS B 173 -45.26 29.55 32.06
CA LYS B 173 -44.92 29.56 30.65
C LYS B 173 -46.20 29.68 29.84
N VAL B 174 -46.23 30.63 28.91
CA VAL B 174 -47.41 30.88 28.11
C VAL B 174 -47.42 29.91 26.92
N ILE B 175 -48.17 28.81 27.07
CA ILE B 175 -48.15 27.77 26.05
C ILE B 175 -48.83 28.24 24.77
N GLU B 176 -50.00 28.85 24.89
CA GLU B 176 -50.79 29.22 23.72
C GLU B 176 -51.56 30.50 23.98
N THR B 177 -51.71 31.32 22.96
CA THR B 177 -52.51 32.53 23.01
C THR B 177 -53.39 32.60 21.77
N ASP B 178 -54.45 33.40 21.88
CA ASP B 178 -55.37 33.66 20.77
C ASP B 178 -55.78 35.12 20.82
N PRO B 179 -55.18 35.99 20.00
CA PRO B 179 -54.23 35.74 18.89
C PRO B 179 -52.92 35.09 19.30
N ALA B 180 -52.31 34.33 18.37
CA ALA B 180 -51.20 33.45 18.72
C ALA B 180 -49.97 34.24 19.18
N GLU B 181 -49.67 35.36 18.52
CA GLU B 181 -48.41 36.05 18.77
C GLU B 181 -48.40 36.72 20.14
N TYR B 182 -49.29 37.67 20.37
CA TYR B 182 -49.33 38.40 21.63
C TYR B 182 -50.73 38.91 21.87
N CYS B 183 -51.01 39.22 23.14
CA CYS B 183 -52.34 39.69 23.54
C CYS B 183 -52.21 40.35 24.91
N VAL B 184 -53.35 40.61 25.55
CA VAL B 184 -53.41 41.18 26.89
C VAL B 184 -54.35 40.33 27.73
N VAL B 185 -53.98 40.11 28.99
CA VAL B 185 -54.79 39.26 29.87
C VAL B 185 -55.99 40.05 30.38
N ALA B 186 -57.08 39.98 29.65
CA ALA B 186 -58.34 40.62 30.02
C ALA B 186 -59.23 39.61 30.74
N PRO B 187 -60.30 40.07 31.38
CA PRO B 187 -61.27 39.13 31.95
C PRO B 187 -61.91 38.21 30.90
N ASP B 188 -61.82 38.56 29.62
CA ASP B 188 -62.30 37.67 28.57
C ASP B 188 -61.49 36.38 28.50
N THR B 189 -60.27 36.37 29.03
CA THR B 189 -59.46 35.16 29.05
C THR B 189 -60.12 34.11 29.94
N GLU B 190 -60.41 32.94 29.36
CA GLU B 190 -61.20 31.92 30.01
C GLU B 190 -60.39 30.75 30.53
N ILE B 191 -59.08 30.74 30.34
CA ILE B 191 -58.28 29.57 30.71
C ILE B 191 -57.93 29.63 32.20
N PHE B 192 -57.89 28.45 32.80
CA PHE B 192 -57.40 28.25 34.15
C PHE B 192 -56.00 27.65 34.10
N CYS B 193 -55.48 27.26 35.25
CA CYS B 193 -54.21 26.53 35.30
C CYS B 193 -54.46 25.15 34.72
N GLU B 194 -54.00 24.94 33.48
CA GLU B 194 -54.42 23.76 32.73
C GLU B 194 -53.60 22.52 33.06
N GLY B 195 -53.44 22.25 34.36
CA GLY B 195 -52.89 20.99 34.81
C GLY B 195 -51.40 20.80 34.61
N GLU B 196 -50.97 20.71 33.36
CA GLU B 196 -49.61 20.27 33.04
C GLU B 196 -48.58 21.32 33.42
N PRO B 197 -47.61 20.99 34.27
CA PRO B 197 -46.48 21.90 34.48
C PRO B 197 -45.34 21.63 33.50
N VAL B 198 -44.82 22.68 32.85
CA VAL B 198 -43.75 22.48 31.89
C VAL B 198 -42.47 22.15 32.63
N LYS B 199 -41.79 21.09 32.18
CA LYS B 199 -40.56 20.65 32.80
C LYS B 199 -39.40 21.57 32.42
N ARG B 200 -38.28 21.41 33.13
CA ARG B 200 -37.09 22.19 32.84
C ARG B 200 -36.47 21.84 31.49
N GLU B 201 -36.91 20.75 30.86
CA GLU B 201 -36.37 20.35 29.57
C GLU B 201 -36.56 21.43 28.51
N ASP B 202 -37.56 22.30 28.69
CA ASP B 202 -37.74 23.41 27.76
C ASP B 202 -36.51 24.31 27.73
N GLU B 203 -35.86 24.51 28.87
CA GLU B 203 -34.62 25.26 28.94
C GLU B 203 -33.40 24.39 28.66
N GLU B 204 -33.57 23.07 28.51
CA GLU B 204 -32.46 22.22 28.10
C GLU B 204 -31.96 22.62 26.72
N ARG B 205 -32.87 22.88 25.79
CA ARG B 205 -32.54 23.52 24.52
C ARG B 205 -32.55 25.04 24.73
N LEU B 206 -31.52 25.52 25.42
CA LEU B 206 -31.47 26.91 25.83
C LEU B 206 -31.18 27.81 24.63
N ASP B 207 -32.10 27.83 23.67
CA ASP B 207 -31.97 28.63 22.45
C ASP B 207 -30.65 28.35 21.74
N ASP B 208 -30.23 27.08 21.77
CA ASP B 208 -29.00 26.61 21.12
C ASP B 208 -27.82 27.54 21.39
N VAL B 209 -27.30 28.16 20.34
CA VAL B 209 -26.14 29.04 20.43
C VAL B 209 -26.45 30.35 19.72
N GLY B 210 -26.10 31.46 20.35
CA GLY B 210 -26.22 32.78 19.76
C GLY B 210 -24.92 33.26 19.18
N TYR B 211 -24.56 34.51 19.49
CA TYR B 211 -23.27 35.06 19.11
C TYR B 211 -22.32 35.27 20.27
N ASP B 212 -22.85 35.64 21.45
CA ASP B 212 -21.98 35.81 22.61
C ASP B 212 -21.38 34.48 23.05
N ASP B 213 -21.92 33.35 22.59
CA ASP B 213 -21.36 32.05 22.92
C ASP B 213 -20.21 31.66 22.03
N VAL B 214 -19.87 32.48 21.04
CA VAL B 214 -18.65 32.33 20.26
C VAL B 214 -17.80 33.56 20.50
N GLY B 215 -16.63 33.36 21.08
CA GLY B 215 -15.74 34.48 21.39
C GLY B 215 -14.30 34.09 21.16
N GLY B 216 -13.47 35.13 21.07
CA GLY B 216 -12.05 34.96 20.85
C GLY B 216 -11.61 35.14 19.41
N VAL B 217 -12.51 35.00 18.46
CA VAL B 217 -12.22 35.22 17.05
C VAL B 217 -13.15 36.31 16.55
N ARG B 218 -12.57 37.46 16.21
CA ARG B 218 -13.33 38.60 15.73
C ARG B 218 -13.02 38.97 14.29
N LYS B 219 -12.08 38.31 13.63
CA LYS B 219 -11.87 38.50 12.21
C LYS B 219 -12.40 37.35 11.38
N GLN B 220 -12.18 36.10 11.82
CA GLN B 220 -12.75 34.97 11.11
C GLN B 220 -14.27 35.03 11.10
N MET B 221 -14.88 35.38 12.24
CA MET B 221 -16.31 35.54 12.28
C MET B 221 -16.78 36.69 11.40
N ALA B 222 -15.97 37.76 11.29
CA ALA B 222 -16.32 38.85 10.40
C ALA B 222 -16.32 38.42 8.94
N GLN B 223 -15.31 37.64 8.53
CA GLN B 223 -15.29 37.13 7.16
C GLN B 223 -16.46 36.20 6.90
N ILE B 224 -16.78 35.32 7.86
CA ILE B 224 -17.89 34.40 7.68
C ILE B 224 -19.20 35.17 7.57
N ARG B 225 -19.36 36.21 8.38
CA ARG B 225 -20.57 37.02 8.27
C ARG B 225 -20.66 37.71 6.92
N GLU B 226 -19.55 38.30 6.46
CA GLU B 226 -19.57 38.97 5.17
C GLU B 226 -19.82 37.99 4.02
N LEU B 227 -19.48 36.72 4.20
CA LEU B 227 -19.70 35.76 3.12
C LEU B 227 -21.08 35.11 3.19
N VAL B 228 -21.71 35.05 4.37
CA VAL B 228 -22.96 34.32 4.56
C VAL B 228 -24.14 35.27 4.81
N GLU B 229 -24.06 36.08 5.86
CA GLU B 229 -25.22 36.86 6.27
C GLU B 229 -25.56 37.97 5.28
N LEU B 230 -24.57 38.42 4.50
CA LEU B 230 -24.83 39.49 3.56
C LEU B 230 -25.52 38.99 2.29
N PRO B 231 -25.07 37.90 1.65
CA PRO B 231 -25.81 37.40 0.49
C PRO B 231 -27.24 36.98 0.80
N LEU B 232 -27.49 36.43 1.99
CA LEU B 232 -28.81 35.92 2.34
C LEU B 232 -29.73 36.99 2.90
N ARG B 233 -29.24 38.21 3.13
CA ARG B 233 -30.07 39.29 3.65
C ARG B 233 -29.91 40.59 2.88
N HIS B 234 -29.08 40.62 1.84
CA HIS B 234 -28.91 41.82 1.04
C HIS B 234 -28.46 41.49 -0.37
N PRO B 235 -29.30 40.86 -1.19
CA PRO B 235 -28.94 40.63 -2.60
C PRO B 235 -28.90 41.90 -3.42
N GLN B 236 -29.47 43.00 -2.91
CA GLN B 236 -29.51 44.24 -3.67
C GLN B 236 -28.11 44.78 -3.96
N LEU B 237 -27.23 44.72 -2.96
CA LEU B 237 -25.87 45.23 -3.14
C LEU B 237 -25.13 44.45 -4.21
N PHE B 238 -25.15 43.12 -4.10
CA PHE B 238 -24.45 42.29 -5.08
C PHE B 238 -25.05 42.44 -6.46
N LYS B 239 -26.37 42.58 -6.57
CA LYS B 239 -26.99 42.77 -7.87
C LYS B 239 -26.60 44.13 -8.47
N SER B 240 -26.49 45.16 -7.62
CA SER B 240 -26.12 46.48 -8.11
C SER B 240 -24.68 46.49 -8.60
N ILE B 241 -23.75 45.96 -7.80
CA ILE B 241 -22.37 45.89 -8.24
C ILE B 241 -22.24 44.95 -9.43
N GLY B 242 -22.95 43.82 -9.40
CA GLY B 242 -22.89 42.85 -10.46
C GLY B 242 -21.95 41.69 -10.21
N VAL B 243 -21.41 41.56 -9.01
CA VAL B 243 -20.48 40.49 -8.70
C VAL B 243 -21.25 39.22 -8.36
N LYS B 244 -20.66 38.07 -8.66
CA LYS B 244 -21.23 36.79 -8.29
C LYS B 244 -20.69 36.40 -6.92
N PRO B 245 -21.52 36.33 -5.88
CA PRO B 245 -21.01 36.03 -4.55
C PRO B 245 -20.50 34.60 -4.47
N PRO B 246 -19.48 34.34 -3.67
CA PRO B 246 -18.96 32.98 -3.55
C PRO B 246 -19.84 32.11 -2.68
N LYS B 247 -19.98 30.85 -3.08
CA LYS B 247 -20.80 29.92 -2.31
C LYS B 247 -19.96 29.09 -1.34
N GLY B 248 -19.00 28.32 -1.87
CA GLY B 248 -18.24 27.40 -1.04
C GLY B 248 -17.45 28.14 0.03
N ILE B 249 -17.51 27.65 1.27
CA ILE B 249 -16.66 28.12 2.35
C ILE B 249 -16.09 26.88 3.04
N LEU B 250 -14.82 26.95 3.42
CA LEU B 250 -14.14 25.78 3.98
C LEU B 250 -13.40 26.20 5.26
N LEU B 251 -14.09 26.11 6.39
CA LEU B 251 -13.44 26.34 7.67
C LEU B 251 -12.41 25.25 7.94
N TYR B 252 -11.30 25.62 8.57
CA TYR B 252 -10.35 24.63 9.05
C TYR B 252 -9.51 25.23 10.17
N GLY B 253 -8.88 24.35 10.93
CA GLY B 253 -8.04 24.74 12.03
C GLY B 253 -7.65 23.55 12.87
N PRO B 254 -7.03 23.80 14.03
CA PRO B 254 -6.72 22.70 14.93
C PRO B 254 -7.99 22.04 15.42
N PRO B 255 -7.95 20.74 15.67
CA PRO B 255 -9.15 20.06 16.18
C PRO B 255 -9.56 20.60 17.53
N GLY B 256 -10.87 20.68 17.74
CA GLY B 256 -11.39 21.25 18.98
C GLY B 256 -11.06 22.71 19.17
N SER B 257 -11.20 23.52 18.13
CA SER B 257 -10.92 24.96 18.22
C SER B 257 -12.14 25.82 17.98
N GLY B 258 -13.30 25.23 17.70
CA GLY B 258 -14.52 25.99 17.59
C GLY B 258 -15.04 26.18 16.18
N LYS B 259 -14.92 25.16 15.34
CA LYS B 259 -15.39 25.26 13.96
C LYS B 259 -16.88 25.00 13.87
N THR B 260 -17.34 23.85 14.38
CA THR B 260 -18.76 23.56 14.41
C THR B 260 -19.52 24.63 15.19
N LEU B 261 -18.93 25.12 16.29
CA LEU B 261 -19.60 26.16 17.06
C LEU B 261 -19.75 27.44 16.26
N ILE B 262 -18.73 27.83 15.51
CA ILE B 262 -18.83 29.04 14.69
C ILE B 262 -19.88 28.85 13.60
N ALA B 263 -19.90 27.68 12.97
CA ALA B 263 -20.91 27.42 11.95
C ALA B 263 -22.32 27.49 12.51
N ARG B 264 -22.54 26.88 13.67
CA ARG B 264 -23.86 26.93 14.28
C ARG B 264 -24.23 28.35 14.68
N ALA B 265 -23.27 29.11 15.20
CA ALA B 265 -23.54 30.49 15.61
C ALA B 265 -23.93 31.35 14.42
N VAL B 266 -23.23 31.18 13.29
CA VAL B 266 -23.51 32.02 12.13
C VAL B 266 -24.69 31.52 11.32
N ALA B 267 -25.14 30.28 11.54
CA ALA B 267 -26.30 29.78 10.81
C ALA B 267 -27.59 29.85 11.61
N ASN B 268 -27.52 29.83 12.94
CA ASN B 268 -28.72 29.95 13.76
C ASN B 268 -29.10 31.40 14.02
N GLU B 269 -28.12 32.30 14.07
CA GLU B 269 -28.43 33.71 14.30
C GLU B 269 -29.03 34.37 13.07
N THR B 270 -28.65 33.92 11.87
CA THR B 270 -29.17 34.52 10.64
C THR B 270 -30.59 34.10 10.32
N GLY B 271 -31.11 33.06 10.95
CA GLY B 271 -32.49 32.65 10.75
C GLY B 271 -32.77 31.91 9.45
N ALA B 272 -31.74 31.54 8.70
CA ALA B 272 -31.96 30.83 7.45
C ALA B 272 -32.17 29.34 7.71
N PHE B 273 -32.69 28.65 6.71
CA PHE B 273 -32.83 27.20 6.78
C PHE B 273 -31.45 26.57 6.91
N PHE B 274 -31.33 25.62 7.83
CA PHE B 274 -30.06 24.99 8.16
C PHE B 274 -30.14 23.50 7.83
N PHE B 275 -29.01 22.91 7.47
CA PHE B 275 -28.98 21.48 7.17
C PHE B 275 -27.59 20.95 7.53
N CYS B 276 -27.51 20.15 8.59
CA CYS B 276 -26.23 19.74 9.15
C CYS B 276 -25.92 18.30 8.75
N ILE B 277 -25.26 18.15 7.61
CA ILE B 277 -24.76 16.83 7.23
C ILE B 277 -23.50 16.52 8.03
N ASN B 278 -23.34 15.24 8.38
CA ASN B 278 -22.20 14.78 9.14
C ASN B 278 -21.42 13.76 8.31
N GLY B 279 -20.11 13.71 8.53
CA GLY B 279 -19.26 12.83 7.77
C GLY B 279 -19.48 11.36 8.06
N PRO B 280 -19.13 10.93 9.27
CA PRO B 280 -19.38 9.52 9.65
C PRO B 280 -20.84 9.13 9.57
N GLU B 281 -21.77 10.06 9.81
CA GLU B 281 -23.18 9.71 9.73
C GLU B 281 -23.55 9.25 8.33
N ILE B 282 -23.06 9.93 7.30
CA ILE B 282 -23.28 9.48 5.93
C ILE B 282 -22.45 8.24 5.63
N MET B 283 -21.20 8.20 6.12
CA MET B 283 -20.33 7.08 5.81
C MET B 283 -20.80 5.78 6.45
N SER B 284 -21.47 5.86 7.61
CA SER B 284 -21.87 4.64 8.31
C SER B 284 -22.91 3.85 7.53
N LYS B 285 -23.73 4.52 6.72
CA LYS B 285 -24.75 3.84 5.95
C LYS B 285 -24.12 2.97 4.86
N LEU B 286 -24.83 1.91 4.49
CA LEU B 286 -24.31 0.92 3.56
C LEU B 286 -24.16 1.51 2.16
N ALA B 287 -23.38 0.81 1.34
CA ALA B 287 -23.16 1.25 -0.04
C ALA B 287 -24.47 1.27 -0.81
N GLY B 288 -24.61 2.27 -1.68
CA GLY B 288 -25.83 2.47 -2.41
C GLY B 288 -26.84 3.39 -1.74
N GLU B 289 -26.59 3.78 -0.49
CA GLU B 289 -27.45 4.72 0.22
C GLU B 289 -26.84 6.09 0.40
N SER B 290 -25.51 6.17 0.52
CA SER B 290 -24.86 7.48 0.64
C SER B 290 -25.11 8.31 -0.61
N GLU B 291 -24.99 7.69 -1.79
CA GLU B 291 -25.23 8.39 -3.03
C GLU B 291 -26.66 8.91 -3.13
N SER B 292 -27.60 8.22 -2.46
CA SER B 292 -28.97 8.70 -2.43
C SER B 292 -29.19 9.73 -1.33
N ASN B 293 -28.56 9.52 -0.18
CA ASN B 293 -28.73 10.45 0.94
C ASN B 293 -28.20 11.83 0.60
N LEU B 294 -27.04 11.91 -0.03
CA LEU B 294 -26.48 13.22 -0.39
C LEU B 294 -27.38 13.95 -1.37
N ARG B 295 -27.85 13.25 -2.41
CA ARG B 295 -28.70 13.88 -3.40
C ARG B 295 -30.03 14.35 -2.80
N LYS B 296 -30.63 13.52 -1.93
CA LYS B 296 -31.86 13.94 -1.27
C LYS B 296 -31.62 15.14 -0.37
N ALA B 297 -30.48 15.16 0.34
CA ALA B 297 -30.17 16.30 1.18
C ALA B 297 -30.04 17.57 0.38
N PHE B 298 -29.29 17.53 -0.72
CA PHE B 298 -29.11 18.72 -1.54
C PHE B 298 -30.42 19.17 -2.16
N GLU B 299 -31.23 18.23 -2.66
CA GLU B 299 -32.48 18.62 -3.29
C GLU B 299 -33.48 19.17 -2.28
N GLU B 300 -33.40 18.73 -1.02
CA GLU B 300 -34.26 19.31 0.00
C GLU B 300 -33.76 20.70 0.40
N ALA B 301 -32.44 20.87 0.52
CA ALA B 301 -31.90 22.17 0.91
C ALA B 301 -32.17 23.23 -0.14
N GLU B 302 -32.03 22.88 -1.42
CA GLU B 302 -32.26 23.86 -2.48
C GLU B 302 -33.71 24.33 -2.49
N LYS B 303 -34.64 23.44 -2.13
CA LYS B 303 -36.07 23.76 -2.20
C LYS B 303 -36.50 24.80 -1.17
N ASN B 304 -35.66 25.10 -0.18
CA ASN B 304 -36.04 25.99 0.90
C ASN B 304 -35.14 27.21 0.96
N ALA B 305 -34.92 27.86 -0.18
CA ALA B 305 -34.05 29.02 -0.23
C ALA B 305 -34.53 30.10 0.73
N PRO B 306 -33.63 30.78 1.45
CA PRO B 306 -32.18 30.59 1.49
C PRO B 306 -31.79 29.39 2.33
N SER B 307 -30.64 28.75 2.07
CA SER B 307 -30.30 27.53 2.77
C SER B 307 -28.80 27.46 3.01
N ILE B 308 -28.44 26.89 4.15
CA ILE B 308 -27.06 26.65 4.53
C ILE B 308 -26.88 25.15 4.73
N ILE B 309 -25.85 24.60 4.11
CA ILE B 309 -25.53 23.19 4.21
C ILE B 309 -24.18 23.07 4.88
N PHE B 310 -24.18 22.73 6.16
CA PHE B 310 -22.94 22.56 6.91
C PHE B 310 -22.55 21.08 6.85
N ILE B 311 -21.45 20.78 6.19
CA ILE B 311 -21.01 19.40 6.00
C ILE B 311 -19.82 19.19 6.94
N ASP B 312 -20.10 18.73 8.16
CA ASP B 312 -19.05 18.57 9.14
C ASP B 312 -18.15 17.40 8.77
N GLU B 313 -16.88 17.52 9.14
CA GLU B 313 -15.87 16.48 8.91
C GLU B 313 -15.85 16.04 7.46
N ILE B 314 -15.83 17.02 6.56
CA ILE B 314 -15.81 16.73 5.13
C ILE B 314 -14.57 15.94 4.73
N ASP B 315 -13.55 15.92 5.58
CA ASP B 315 -12.36 15.14 5.28
C ASP B 315 -12.62 13.65 5.33
N SER B 316 -13.69 13.21 6.02
CA SER B 316 -14.00 11.80 6.10
C SER B 316 -14.63 11.27 4.81
N ILE B 317 -15.50 12.07 4.19
CA ILE B 317 -16.24 11.58 3.03
C ILE B 317 -15.53 11.88 1.71
N ALA B 318 -14.58 12.80 1.69
CA ALA B 318 -13.82 13.14 0.50
C ALA B 318 -12.33 13.18 0.83
N PRO B 319 -11.74 12.04 1.19
CA PRO B 319 -10.32 12.04 1.53
C PRO B 319 -9.47 12.15 0.28
N LYS B 320 -8.15 12.25 0.49
CA LYS B 320 -7.23 12.26 -0.62
C LYS B 320 -7.31 10.93 -1.36
N ARG B 321 -7.42 10.99 -2.69
CA ARG B 321 -7.68 9.79 -3.48
C ARG B 321 -6.53 8.80 -3.35
N GLU B 322 -5.30 9.28 -3.28
CA GLU B 322 -4.15 8.39 -3.13
C GLU B 322 -4.20 7.63 -1.81
N LYS B 323 -4.74 8.25 -0.77
CA LYS B 323 -4.72 7.66 0.58
C LYS B 323 -5.85 6.66 0.82
N THR B 324 -6.76 6.48 -0.13
CA THR B 324 -7.87 5.54 0.06
C THR B 324 -7.78 4.35 -0.89
N ASN B 325 -7.74 4.59 -2.21
CA ASN B 325 -7.77 3.52 -3.21
C ASN B 325 -8.97 2.58 -3.00
N GLY B 326 -10.11 3.16 -2.64
CA GLY B 326 -11.33 2.39 -2.42
C GLY B 326 -12.38 2.74 -3.46
N GLU B 327 -13.10 1.72 -3.93
CA GLU B 327 -14.08 1.93 -4.99
C GLU B 327 -15.27 2.74 -4.48
N VAL B 328 -15.81 2.38 -3.31
CA VAL B 328 -16.96 3.09 -2.79
C VAL B 328 -16.59 4.52 -2.42
N GLU B 329 -15.38 4.69 -1.90
CA GLU B 329 -14.90 6.06 -1.55
C GLU B 329 -14.82 6.88 -2.84
N ARG B 330 -14.24 6.31 -3.90
CA ARG B 330 -14.16 7.03 -5.17
C ARG B 330 -15.54 7.38 -5.69
N ARG B 331 -16.50 6.46 -5.59
CA ARG B 331 -17.84 6.72 -6.09
C ARG B 331 -18.52 7.83 -5.30
N ILE B 332 -18.38 7.83 -3.97
CA ILE B 332 -19.02 8.87 -3.17
C ILE B 332 -18.35 10.21 -3.39
N VAL B 333 -17.03 10.22 -3.58
CA VAL B 333 -16.33 11.46 -3.92
C VAL B 333 -16.84 12.02 -5.24
N SER B 334 -16.99 11.15 -6.25
CA SER B 334 -17.48 11.60 -7.55
C SER B 334 -18.90 12.14 -7.44
N GLN B 335 -19.75 11.47 -6.65
CA GLN B 335 -21.11 11.96 -6.44
C GLN B 335 -21.10 13.32 -5.78
N LEU B 336 -20.26 13.51 -4.77
CA LEU B 336 -20.17 14.80 -4.09
C LEU B 336 -19.70 15.89 -5.04
N LEU B 337 -18.70 15.59 -5.87
CA LEU B 337 -18.20 16.59 -6.82
C LEU B 337 -19.27 16.97 -7.83
N THR B 338 -19.98 15.97 -8.37
CA THR B 338 -21.02 16.25 -9.34
C THR B 338 -22.14 17.08 -8.74
N LEU B 339 -22.54 16.75 -7.50
CA LEU B 339 -23.55 17.55 -6.83
C LEU B 339 -23.07 18.97 -6.58
N MET B 340 -21.82 19.11 -6.13
CA MET B 340 -21.31 20.44 -5.78
C MET B 340 -21.22 21.34 -7.01
N ASP B 341 -20.79 20.80 -8.14
CA ASP B 341 -20.74 21.61 -9.36
C ASP B 341 -22.13 22.07 -9.80
N GLY B 342 -23.19 21.41 -9.32
CA GLY B 342 -24.54 21.75 -9.69
C GLY B 342 -25.21 22.82 -8.85
N LEU B 343 -24.51 23.40 -7.89
CA LEU B 343 -25.07 24.45 -7.05
C LEU B 343 -25.16 25.80 -7.74
N LYS B 344 -24.96 25.84 -9.05
CA LYS B 344 -24.99 27.10 -9.79
C LYS B 344 -26.40 27.58 -10.11
N SER B 345 -27.41 27.01 -9.44
CA SER B 345 -28.77 27.51 -9.59
C SER B 345 -28.92 28.91 -9.02
N ARG B 346 -27.96 29.38 -8.22
CA ARG B 346 -28.01 30.69 -7.59
C ARG B 346 -29.29 30.86 -6.78
N ALA B 347 -29.69 29.79 -6.09
CA ALA B 347 -30.88 29.78 -5.25
C ALA B 347 -30.52 29.91 -3.77
N HIS B 348 -29.45 30.65 -3.47
CA HIS B 348 -29.06 30.96 -2.10
C HIS B 348 -28.81 29.69 -1.29
N VAL B 349 -27.91 28.86 -1.79
CA VAL B 349 -27.47 27.64 -1.12
C VAL B 349 -25.99 27.78 -0.85
N ILE B 350 -25.62 27.87 0.43
CA ILE B 350 -24.24 28.13 0.83
C ILE B 350 -23.72 26.90 1.54
N VAL B 351 -22.62 26.34 1.04
CA VAL B 351 -22.04 25.11 1.57
C VAL B 351 -20.85 25.49 2.44
N MET B 352 -20.76 24.88 3.63
CA MET B 352 -19.67 25.14 4.58
C MET B 352 -19.09 23.81 5.03
N GLY B 353 -17.92 23.47 4.51
CA GLY B 353 -17.32 22.20 4.86
C GLY B 353 -16.22 22.29 5.89
N ALA B 354 -16.52 21.96 7.13
CA ALA B 354 -15.51 22.00 8.18
C ALA B 354 -14.50 20.89 8.00
N THR B 355 -13.24 21.17 8.34
CA THR B 355 -12.19 20.18 8.34
C THR B 355 -11.10 20.65 9.31
N ASN B 356 -10.00 19.90 9.38
CA ASN B 356 -8.89 20.30 10.23
C ASN B 356 -7.53 20.20 9.53
N ARG B 357 -7.48 19.77 8.28
CA ARG B 357 -6.25 19.73 7.51
C ARG B 357 -6.53 20.17 6.08
N PRO B 358 -6.12 21.38 5.69
CA PRO B 358 -6.37 21.83 4.30
C PRO B 358 -5.63 21.03 3.26
N ASN B 359 -4.60 20.27 3.64
CA ASN B 359 -3.85 19.46 2.69
C ASN B 359 -4.36 18.03 2.57
N SER B 360 -5.29 17.62 3.44
CA SER B 360 -5.81 16.26 3.41
C SER B 360 -7.10 16.13 2.61
N ILE B 361 -7.70 17.23 2.20
CA ILE B 361 -8.90 17.18 1.36
C ILE B 361 -8.48 16.89 -0.07
N ASP B 362 -9.30 16.11 -0.77
CA ASP B 362 -9.08 15.84 -2.18
C ASP B 362 -8.97 17.16 -2.95
N PRO B 363 -7.86 17.41 -3.65
CA PRO B 363 -7.66 18.73 -4.25
C PRO B 363 -8.71 19.12 -5.28
N ALA B 364 -9.45 18.16 -5.83
CA ALA B 364 -10.50 18.48 -6.79
C ALA B 364 -11.61 19.32 -6.17
N LEU B 365 -11.70 19.38 -4.85
CA LEU B 365 -12.67 20.23 -4.17
C LEU B 365 -12.18 21.64 -3.95
N ARG B 366 -10.96 21.97 -4.39
CA ARG B 366 -10.42 23.32 -4.26
C ARG B 366 -10.49 24.11 -5.55
N ARG B 367 -11.11 23.55 -6.60
CA ARG B 367 -11.21 24.23 -7.87
C ARG B 367 -12.19 25.38 -7.79
N PHE B 368 -12.22 26.21 -8.84
CA PHE B 368 -13.18 27.28 -8.92
C PHE B 368 -14.60 26.73 -9.07
N GLY B 369 -15.53 27.28 -8.30
CA GLY B 369 -16.89 26.82 -8.34
C GLY B 369 -17.25 25.96 -7.14
N ARG B 370 -16.30 25.14 -6.71
CA ARG B 370 -16.42 24.34 -5.51
C ARG B 370 -15.88 25.14 -4.33
N PHE B 371 -15.62 24.47 -3.19
CA PHE B 371 -15.08 25.17 -2.04
C PHE B 371 -13.83 25.95 -2.43
N ASP B 372 -13.94 27.28 -2.41
CA ASP B 372 -12.85 28.15 -2.83
C ASP B 372 -12.41 29.14 -1.76
N ARG B 373 -13.32 29.71 -0.99
CA ARG B 373 -12.96 30.53 0.16
C ARG B 373 -12.52 29.60 1.28
N GLU B 374 -11.34 29.86 1.85
CA GLU B 374 -10.82 29.06 2.93
C GLU B 374 -10.48 29.97 4.11
N ILE B 375 -10.95 29.60 5.29
CA ILE B 375 -10.81 30.40 6.50
C ILE B 375 -10.13 29.55 7.56
N ASP B 376 -9.11 30.12 8.21
CA ASP B 376 -8.32 29.39 9.18
C ASP B 376 -8.71 29.85 10.58
N ILE B 377 -9.41 28.99 11.31
CA ILE B 377 -9.77 29.27 12.70
C ILE B 377 -8.59 28.82 13.55
N GLY B 378 -7.62 29.71 13.72
CA GLY B 378 -6.43 29.39 14.45
C GLY B 378 -6.68 29.37 15.96
N VAL B 379 -5.63 29.01 16.69
CA VAL B 379 -5.68 28.97 18.14
C VAL B 379 -5.81 30.39 18.67
N PRO B 380 -6.61 30.63 19.71
CA PRO B 380 -6.78 32.00 20.20
C PRO B 380 -5.53 32.50 20.89
N ASP B 381 -5.41 33.83 20.93
CA ASP B 381 -4.31 34.50 21.61
C ASP B 381 -4.71 34.80 23.05
N GLU B 382 -3.91 35.65 23.72
CA GLU B 382 -4.14 35.91 25.14
C GLU B 382 -5.53 36.45 25.41
N ILE B 383 -5.93 37.50 24.67
CA ILE B 383 -7.26 38.06 24.86
C ILE B 383 -8.32 37.04 24.46
N GLY B 384 -8.02 36.22 23.45
CA GLY B 384 -8.96 35.17 23.08
C GLY B 384 -9.17 34.16 24.19
N ARG B 385 -8.09 33.72 24.82
CA ARG B 385 -8.21 32.78 25.92
C ARG B 385 -8.96 33.39 27.10
N LEU B 386 -8.68 34.66 27.40
CA LEU B 386 -9.42 35.34 28.47
C LEU B 386 -10.91 35.42 28.14
N GLU B 387 -11.24 35.72 26.89
CA GLU B 387 -12.65 35.83 26.51
C GLU B 387 -13.34 34.47 26.57
N VAL B 388 -12.66 33.41 26.12
CA VAL B 388 -13.25 32.07 26.20
C VAL B 388 -13.50 31.69 27.66
N LEU B 389 -12.54 31.98 28.54
CA LEU B 389 -12.71 31.64 29.94
C LEU B 389 -13.88 32.42 30.55
N ARG B 390 -14.00 33.71 30.22
CA ARG B 390 -15.09 34.49 30.77
C ARG B 390 -16.44 34.05 30.20
N ILE B 391 -16.47 33.55 28.97
CA ILE B 391 -17.72 33.02 28.44
C ILE B 391 -18.09 31.72 29.13
N HIS B 392 -17.12 30.86 29.39
CA HIS B 392 -17.42 29.55 29.96
C HIS B 392 -17.72 29.62 31.46
N THR B 393 -17.18 30.61 32.17
CA THR B 393 -17.39 30.71 33.61
C THR B 393 -18.47 31.70 33.98
N LYS B 394 -19.52 31.82 33.15
CA LYS B 394 -20.67 32.66 33.48
C LYS B 394 -21.76 31.88 34.18
N ASN B 395 -21.53 30.60 34.48
CA ASN B 395 -22.50 29.76 35.18
C ASN B 395 -21.97 29.17 36.48
N MET B 396 -20.66 28.93 36.57
CA MET B 396 -20.10 28.36 37.79
C MET B 396 -20.18 29.36 38.94
N LYS B 397 -20.45 28.85 40.14
CA LYS B 397 -20.54 29.69 41.33
C LYS B 397 -19.13 30.10 41.74
N LEU B 398 -18.62 31.13 41.07
CA LEU B 398 -17.26 31.59 41.30
C LEU B 398 -17.12 32.23 42.66
N ALA B 399 -15.91 32.15 43.21
CA ALA B 399 -15.56 32.87 44.42
C ALA B 399 -15.17 34.31 44.08
N GLU B 400 -15.03 35.12 45.12
CA GLU B 400 -14.73 36.53 44.94
C GLU B 400 -13.25 36.81 44.73
N ASP B 401 -12.45 35.79 44.41
CA ASP B 401 -11.02 35.99 44.23
C ASP B 401 -10.49 35.31 42.97
N VAL B 402 -11.32 35.09 41.96
CA VAL B 402 -10.88 34.49 40.71
C VAL B 402 -10.29 35.59 39.83
N ASP B 403 -8.99 35.46 39.52
CA ASP B 403 -8.26 36.43 38.70
C ASP B 403 -7.98 35.75 37.36
N LEU B 404 -8.88 35.96 36.40
CA LEU B 404 -8.80 35.26 35.13
C LEU B 404 -7.71 35.80 34.21
N GLU B 405 -7.23 37.02 34.44
CA GLU B 405 -6.16 37.56 33.60
C GLU B 405 -4.89 36.72 33.75
N ARG B 406 -4.50 36.43 34.99
CA ARG B 406 -3.30 35.62 35.21
C ARG B 406 -3.50 34.18 34.70
N ILE B 407 -4.72 33.66 34.84
CA ILE B 407 -5.00 32.32 34.32
C ILE B 407 -4.84 32.28 32.81
N SER B 408 -5.35 33.31 32.11
CA SER B 408 -5.20 33.39 30.67
C SER B 408 -3.74 33.53 30.27
N LYS B 409 -2.98 34.32 31.03
CA LYS B 409 -1.57 34.50 30.72
C LYS B 409 -0.76 33.24 30.96
N ASP B 410 -1.13 32.44 31.96
CA ASP B 410 -0.38 31.22 32.26
C ASP B 410 -0.57 30.16 31.18
N THR B 411 -1.78 30.06 30.62
CA THR B 411 -2.08 28.99 29.68
C THR B 411 -1.62 29.38 28.27
N HIS B 412 -0.79 28.54 27.67
CA HIS B 412 -0.31 28.76 26.32
C HIS B 412 -0.51 27.48 25.50
N GLY B 413 -1.05 27.64 24.29
CA GLY B 413 -1.32 26.51 23.44
C GLY B 413 -2.63 25.81 23.68
N TYR B 414 -3.51 26.38 24.51
CA TYR B 414 -4.81 25.80 24.80
C TYR B 414 -5.82 26.30 23.78
N VAL B 415 -6.45 25.36 23.07
CA VAL B 415 -7.58 25.66 22.21
C VAL B 415 -8.82 25.80 23.08
N GLY B 416 -9.92 26.27 22.51
CA GLY B 416 -11.11 26.55 23.30
C GLY B 416 -11.63 25.33 24.04
N ALA B 417 -11.59 24.15 23.39
CA ALA B 417 -12.06 22.93 24.04
C ALA B 417 -11.25 22.63 25.29
N ASP B 418 -9.93 22.82 25.23
CA ASP B 418 -9.09 22.57 26.39
C ASP B 418 -9.39 23.56 27.51
N LEU B 419 -9.76 24.79 27.19
CA LEU B 419 -10.15 25.74 28.23
C LEU B 419 -11.46 25.34 28.88
N ALA B 420 -12.41 24.83 28.09
CA ALA B 420 -13.64 24.31 28.69
C ALA B 420 -13.34 23.13 29.61
N ALA B 421 -12.45 22.23 29.18
CA ALA B 421 -12.06 21.12 30.03
C ALA B 421 -11.36 21.61 31.29
N LEU B 422 -10.57 22.68 31.17
CA LEU B 422 -9.91 23.24 32.35
C LEU B 422 -10.92 23.78 33.35
N CYS B 423 -11.94 24.49 32.86
CA CYS B 423 -12.98 24.99 33.76
C CYS B 423 -13.72 23.83 34.45
N THR B 424 -14.06 22.79 33.67
CA THR B 424 -14.72 21.63 34.27
C THR B 424 -13.84 20.95 35.30
N GLU B 425 -12.55 20.82 35.02
CA GLU B 425 -11.64 20.21 35.97
C GLU B 425 -11.49 21.05 37.23
N ALA B 426 -11.49 22.37 37.08
CA ALA B 426 -11.43 23.24 38.26
C ALA B 426 -12.65 23.06 39.14
N ALA B 427 -13.84 22.98 38.53
CA ALA B 427 -15.04 22.75 39.32
C ALA B 427 -15.01 21.38 39.99
N LEU B 428 -14.52 20.36 39.27
CA LEU B 428 -14.41 19.03 39.87
C LEU B 428 -13.46 19.02 41.05
N GLN B 429 -12.33 19.72 40.93
CA GLN B 429 -11.40 19.84 42.05
C GLN B 429 -12.02 20.55 43.22
N CYS B 430 -12.82 21.60 42.95
CA CYS B 430 -13.51 22.30 44.04
C CYS B 430 -14.50 21.38 44.75
N ILE B 431 -15.20 20.54 44.00
CA ILE B 431 -16.10 19.58 44.62
C ILE B 431 -15.31 18.57 45.45
N ARG B 432 -14.18 18.09 44.91
CA ARG B 432 -13.40 17.08 45.60
C ARG B 432 -12.79 17.61 46.90
N GLU B 433 -12.38 18.88 46.91
CA GLU B 433 -11.83 19.44 48.14
C GLU B 433 -12.85 19.46 49.27
N LYS B 434 -14.15 19.45 48.94
CA LYS B 434 -15.21 19.44 49.92
C LYS B 434 -15.81 18.04 50.11
N MET B 435 -14.99 17.00 50.01
CA MET B 435 -15.47 15.64 50.13
C MET B 435 -15.53 15.14 51.57
N ASP B 436 -15.02 15.92 52.53
CA ASP B 436 -14.97 15.46 53.92
C ASP B 436 -16.38 15.37 54.51
N VAL B 437 -17.25 16.32 54.19
CA VAL B 437 -18.53 16.41 54.88
C VAL B 437 -19.58 15.52 54.22
N ILE B 438 -19.61 15.48 52.89
CA ILE B 438 -20.66 14.75 52.19
C ILE B 438 -20.45 13.25 52.36
N ASP B 439 -21.56 12.52 52.49
CA ASP B 439 -21.53 11.08 52.71
C ASP B 439 -21.49 10.36 51.37
N LEU B 440 -21.66 9.04 51.39
CA LEU B 440 -21.66 8.24 50.18
C LEU B 440 -22.93 7.44 49.96
N GLU B 441 -23.64 7.07 51.04
CA GLU B 441 -24.89 6.33 50.88
C GLU B 441 -25.97 7.22 50.27
N ASP B 442 -26.13 8.43 50.80
CA ASP B 442 -27.08 9.39 50.25
C ASP B 442 -26.42 10.75 50.10
N ASP B 443 -27.20 11.76 49.73
CA ASP B 443 -26.69 13.12 49.56
C ASP B 443 -27.75 14.08 50.09
N SER B 444 -27.60 15.35 49.74
CA SER B 444 -28.48 16.42 50.22
C SER B 444 -28.51 16.47 51.74
N ILE B 445 -27.31 16.39 52.34
CA ILE B 445 -27.20 16.46 53.80
C ILE B 445 -27.67 17.81 54.30
N ASP B 446 -27.34 18.88 53.58
CA ASP B 446 -27.77 20.22 53.95
C ASP B 446 -27.68 21.12 52.72
N ALA B 447 -28.68 21.98 52.55
CA ALA B 447 -28.64 22.95 51.47
C ALA B 447 -27.49 23.94 51.65
N GLU B 448 -27.27 24.39 52.89
CA GLU B 448 -26.17 25.32 53.15
C GLU B 448 -24.82 24.67 52.88
N ILE B 449 -24.64 23.42 53.31
CA ILE B 449 -23.40 22.71 53.00
C ILE B 449 -23.27 22.51 51.49
N LEU B 450 -24.36 22.14 50.83
CA LEU B 450 -24.36 22.06 49.37
C LEU B 450 -24.24 23.44 48.72
N ASN B 451 -24.50 24.51 49.45
CA ASN B 451 -24.21 25.85 48.97
C ASN B 451 -22.75 26.17 49.27
N SER B 452 -22.39 27.44 49.15
CA SER B 452 -21.00 27.91 49.30
C SER B 452 -20.17 27.16 48.26
N MET B 453 -19.16 26.37 48.66
CA MET B 453 -18.26 25.64 47.77
C MET B 453 -17.89 26.46 46.53
N ALA B 454 -17.60 27.73 46.74
CA ALA B 454 -17.23 28.60 45.63
C ALA B 454 -15.85 28.24 45.11
N VAL B 455 -15.71 28.26 43.79
CA VAL B 455 -14.44 27.93 43.14
C VAL B 455 -13.50 29.12 43.26
N THR B 456 -12.40 28.94 44.00
CA THR B 456 -11.43 30.00 44.22
C THR B 456 -10.27 29.86 43.24
N ASN B 457 -9.25 30.71 43.43
CA ASN B 457 -8.09 30.68 42.55
C ASN B 457 -7.27 29.41 42.74
N GLU B 458 -7.26 28.86 43.96
CA GLU B 458 -6.49 27.66 44.23
C GLU B 458 -6.98 26.48 43.39
N HIS B 459 -8.30 26.34 43.25
CA HIS B 459 -8.84 25.28 42.40
C HIS B 459 -8.39 25.45 40.96
N PHE B 460 -8.39 26.69 40.46
CA PHE B 460 -7.95 26.92 39.09
C PHE B 460 -6.48 26.57 38.91
N HIS B 461 -5.64 26.93 39.89
CA HIS B 461 -4.22 26.57 39.80
C HIS B 461 -4.03 25.06 39.81
N THR B 462 -4.76 24.36 40.68
CA THR B 462 -4.68 22.91 40.72
C THR B 462 -5.09 22.29 39.39
N ALA B 463 -6.21 22.77 38.83
CA ALA B 463 -6.67 22.23 37.56
C ALA B 463 -5.70 22.52 36.43
N LEU B 464 -5.10 23.72 36.43
CA LEU B 464 -4.11 24.05 35.42
C LEU B 464 -2.90 23.14 35.54
N GLY B 465 -2.46 22.83 36.76
CA GLY B 465 -1.39 21.89 36.94
C GLY B 465 -1.77 20.45 36.65
N ASN B 466 -3.07 20.13 36.61
CA ASN B 466 -3.54 18.77 36.41
C ASN B 466 -3.99 18.49 34.98
N SER B 467 -3.74 19.41 34.05
CA SER B 467 -4.20 19.28 32.67
C SER B 467 -3.08 19.56 31.70
N ASN B 468 -3.28 19.16 30.45
CA ASN B 468 -2.29 19.30 29.39
C ASN B 468 -2.90 19.97 28.17
N PRO B 469 -2.10 20.70 27.39
CA PRO B 469 -2.63 21.36 26.19
C PRO B 469 -2.80 20.40 25.02
N SER B 470 -3.17 20.93 23.86
CA SER B 470 -3.32 20.13 22.66
C SER B 470 -2.78 20.78 21.40
N ALA B 471 -2.16 21.95 21.51
CA ALA B 471 -1.69 22.70 20.35
C ALA B 471 -0.29 23.25 20.58
N LEU B 472 0.58 22.43 21.17
CA LEU B 472 1.96 22.87 21.38
C LEU B 472 2.76 22.85 20.08
N ARG B 473 2.49 21.90 19.20
CA ARG B 473 3.23 21.77 17.95
C ARG B 473 2.75 22.73 16.86
N GLU B 474 1.60 23.38 17.05
CA GLU B 474 1.06 24.26 16.03
C GLU B 474 1.91 25.51 15.89
N THR B 475 2.06 25.97 14.64
CA THR B 475 2.81 27.20 14.37
C THR B 475 1.97 28.39 14.80
N VAL B 476 2.42 29.08 15.84
CA VAL B 476 1.66 30.19 16.42
C VAL B 476 2.06 31.45 15.67
N VAL B 477 1.26 31.82 14.68
CA VAL B 477 1.43 33.09 14.00
C VAL B 477 1.02 34.19 14.98
N GLU B 478 2.01 34.86 15.57
CA GLU B 478 1.79 35.70 16.74
C GLU B 478 2.13 37.15 16.41
N VAL B 479 1.91 38.02 17.39
CA VAL B 479 2.38 39.40 17.36
C VAL B 479 3.14 39.64 18.66
N PRO B 480 4.45 39.44 18.69
CA PRO B 480 5.19 39.47 19.96
C PRO B 480 5.08 40.81 20.66
N ASN B 481 5.10 40.76 21.99
CA ASN B 481 4.98 41.95 22.81
C ASN B 481 6.33 42.56 23.20
N VAL B 482 7.44 41.97 22.74
CA VAL B 482 8.75 42.49 23.09
C VAL B 482 9.02 43.74 22.26
N SER B 483 9.15 44.86 22.93
CA SER B 483 9.37 46.14 22.27
C SER B 483 10.87 46.40 22.11
N TRP B 484 11.23 47.62 21.74
CA TRP B 484 12.64 47.97 21.56
C TRP B 484 13.42 47.77 22.85
N ASN B 485 12.78 48.01 23.99
CA ASN B 485 13.47 47.97 25.27
C ASN B 485 13.79 46.54 25.67
N ASP B 486 14.52 46.40 26.78
CA ASP B 486 15.01 45.11 27.28
C ASP B 486 15.91 44.42 26.26
N ILE B 487 16.61 45.21 25.44
CA ILE B 487 17.63 44.71 24.53
C ILE B 487 18.97 45.41 24.77
N GLY B 488 18.96 46.74 24.84
CA GLY B 488 20.13 47.49 25.24
C GLY B 488 21.13 47.72 24.14
N GLY B 489 21.55 48.97 23.95
CA GLY B 489 22.55 49.30 22.96
C GLY B 489 22.10 48.96 21.56
N LEU B 490 23.08 48.68 20.70
CA LEU B 490 22.85 48.26 19.32
C LEU B 490 21.97 49.26 18.58
N GLU B 491 22.32 50.53 18.70
CA GLU B 491 21.52 51.58 18.05
C GLU B 491 21.70 51.53 16.53
N ASN B 492 22.93 51.31 16.05
CA ASN B 492 23.15 51.25 14.61
C ASN B 492 22.41 50.08 13.98
N VAL B 493 22.47 48.91 14.61
CA VAL B 493 21.76 47.75 14.09
C VAL B 493 20.25 48.00 14.11
N LYS B 494 19.76 48.62 15.17
CA LYS B 494 18.34 48.91 15.26
C LYS B 494 17.89 49.84 14.14
N ARG B 495 18.65 50.91 13.89
CA ARG B 495 18.24 51.86 12.87
C ARG B 495 18.35 51.26 11.47
N GLU B 496 19.40 50.46 11.23
CA GLU B 496 19.52 49.80 9.93
C GLU B 496 18.38 48.82 9.71
N LEU B 497 18.02 48.06 10.75
CA LEU B 497 16.91 47.12 10.64
C LEU B 497 15.60 47.86 10.39
N GLN B 498 15.41 49.00 11.05
CA GLN B 498 14.21 49.80 10.82
C GLN B 498 14.15 50.26 9.37
N GLU B 499 15.23 50.83 8.87
CA GLU B 499 15.25 51.29 7.48
C GLU B 499 15.06 50.15 6.51
N THR B 500 15.47 48.94 6.88
CA THR B 500 15.31 47.79 5.98
C THR B 500 13.89 47.23 6.00
N VAL B 501 13.22 47.26 7.15
CA VAL B 501 11.96 46.55 7.34
C VAL B 501 10.76 47.49 7.35
N GLN B 502 10.74 48.46 8.26
CA GLN B 502 9.50 49.20 8.52
C GLN B 502 9.13 50.09 7.33
N TYR B 503 10.12 50.79 6.77
CA TYR B 503 9.80 51.76 5.71
C TYR B 503 9.17 51.13 4.48
N PRO B 504 9.67 50.01 3.93
CA PRO B 504 8.96 49.39 2.80
C PRO B 504 7.56 48.90 3.15
N VAL B 505 7.27 48.66 4.42
CA VAL B 505 5.94 48.22 4.82
C VAL B 505 5.03 49.41 5.16
N GLU B 506 5.53 50.35 5.96
CA GLU B 506 4.71 51.48 6.38
C GLU B 506 4.53 52.51 5.27
N HIS B 507 5.53 52.70 4.42
CA HIS B 507 5.48 53.70 3.35
C HIS B 507 5.88 53.06 2.03
N PRO B 508 5.04 52.18 1.49
CA PRO B 508 5.40 51.51 0.22
C PRO B 508 5.31 52.40 -0.99
N GLU B 509 4.54 53.49 -0.93
CA GLU B 509 4.34 54.33 -2.12
C GLU B 509 5.55 55.19 -2.43
N LYS B 510 6.30 55.59 -1.40
CA LYS B 510 7.44 56.49 -1.63
C LYS B 510 8.58 55.79 -2.36
N PHE B 511 8.76 54.49 -2.12
CA PHE B 511 9.78 53.74 -2.85
C PHE B 511 9.49 53.69 -4.35
N GLU B 512 8.22 53.81 -4.74
CA GLU B 512 7.89 53.83 -6.16
C GLU B 512 8.41 55.09 -6.83
N LYS B 513 8.53 56.19 -6.08
CA LYS B 513 9.02 57.44 -6.66
C LYS B 513 10.42 57.26 -7.23
N PHE B 514 11.30 56.60 -6.46
CA PHE B 514 12.61 56.24 -6.98
C PHE B 514 12.58 54.93 -7.77
N GLY B 515 11.52 54.13 -7.61
CA GLY B 515 11.37 52.91 -8.36
C GLY B 515 12.34 51.80 -7.99
N MET B 516 12.96 51.87 -6.82
CA MET B 516 13.94 50.86 -6.38
C MET B 516 13.27 50.00 -5.31
N SER B 517 12.87 48.80 -5.70
CA SER B 517 12.19 47.91 -4.76
C SER B 517 13.18 47.37 -3.74
N PRO B 518 12.92 47.53 -2.44
CA PRO B 518 13.83 47.00 -1.43
C PRO B 518 13.84 45.48 -1.44
N SER B 519 14.96 44.93 -0.96
CA SER B 519 15.10 43.49 -0.85
C SER B 519 14.18 42.95 0.26
N LYS B 520 14.10 41.63 0.35
CA LYS B 520 13.20 40.96 1.27
C LYS B 520 13.94 39.83 1.99
N GLY B 521 15.11 40.15 2.53
CA GLY B 521 15.86 39.17 3.33
C GLY B 521 16.99 39.80 4.11
N VAL B 522 17.23 39.30 5.31
CA VAL B 522 18.34 39.77 6.15
C VAL B 522 18.98 38.54 6.80
N LEU B 523 20.30 38.59 6.96
CA LEU B 523 21.03 37.54 7.67
C LEU B 523 21.66 38.14 8.92
N PHE B 524 21.59 37.41 10.03
CA PHE B 524 22.12 37.83 11.32
C PHE B 524 23.24 36.88 11.69
N TYR B 525 24.49 37.37 11.70
CA TYR B 525 25.61 36.54 12.10
C TYR B 525 26.38 37.20 13.22
N GLY B 526 26.90 36.39 14.14
CA GLY B 526 27.62 36.88 15.29
C GLY B 526 27.91 35.80 16.30
N PRO B 527 28.39 36.20 17.48
CA PRO B 527 28.68 35.23 18.52
C PRO B 527 27.40 34.57 19.01
N PRO B 528 27.48 33.35 19.53
CA PRO B 528 26.26 32.63 19.91
C PRO B 528 25.61 33.23 21.15
N GLY B 529 24.53 33.97 20.92
CA GLY B 529 23.73 34.58 21.96
C GLY B 529 24.10 36.03 22.17
N CYS B 530 23.39 36.92 21.48
CA CYS B 530 23.56 38.35 21.70
C CYS B 530 22.27 39.13 21.54
N GLY B 531 21.14 38.46 21.32
CA GLY B 531 19.90 39.15 21.03
C GLY B 531 19.56 39.11 19.56
N LYS B 532 19.97 38.04 18.88
CA LYS B 532 19.68 37.91 17.46
C LYS B 532 18.18 37.74 17.23
N THR B 533 17.55 36.83 17.97
CA THR B 533 16.09 36.68 17.85
C THR B 533 15.37 37.84 18.50
N LEU B 534 15.98 38.47 19.51
CA LEU B 534 15.34 39.58 20.19
C LEU B 534 15.11 40.75 19.24
N LEU B 535 16.10 41.06 18.40
CA LEU B 535 15.95 42.17 17.46
C LEU B 535 14.84 41.88 16.44
N ALA B 536 14.78 40.65 15.94
CA ALA B 536 13.73 40.30 14.99
C ALA B 536 12.35 40.39 15.64
N LYS B 537 12.20 39.88 16.86
CA LYS B 537 10.93 39.95 17.54
C LYS B 537 10.54 41.40 17.83
N ALA B 538 11.52 42.22 18.22
CA ALA B 538 11.24 43.63 18.50
C ALA B 538 10.80 44.37 17.24
N ILE B 539 11.47 44.14 16.11
CA ILE B 539 11.08 44.84 14.90
C ILE B 539 9.73 44.35 14.40
N ALA B 540 9.44 43.05 14.58
CA ALA B 540 8.10 42.55 14.23
C ALA B 540 7.03 43.20 15.10
N ASN B 541 7.31 43.36 16.39
CA ASN B 541 6.37 44.04 17.28
C ASN B 541 6.16 45.49 16.87
N GLU B 542 7.24 46.20 16.57
CA GLU B 542 7.13 47.62 16.24
C GLU B 542 6.40 47.81 14.92
N CYS B 543 6.63 46.94 13.94
CA CYS B 543 5.87 46.99 12.70
C CYS B 543 4.49 46.38 12.84
N GLN B 544 4.19 45.73 13.96
CA GLN B 544 2.92 45.06 14.22
C GLN B 544 2.63 43.98 13.19
N ALA B 545 3.65 43.43 12.55
CA ALA B 545 3.49 42.38 11.56
C ALA B 545 3.56 41.01 12.21
N ASN B 546 2.84 40.06 11.64
CA ASN B 546 2.79 38.71 12.19
C ASN B 546 4.17 38.07 12.15
N PHE B 547 4.54 37.45 13.27
CA PHE B 547 5.85 36.84 13.45
C PHE B 547 5.71 35.32 13.45
N ILE B 548 6.61 34.65 12.74
CA ILE B 548 6.65 33.19 12.70
C ILE B 548 8.08 32.75 12.98
N SER B 549 8.26 31.96 14.03
CA SER B 549 9.58 31.45 14.40
C SER B 549 9.69 29.99 13.97
N VAL B 550 10.63 29.71 13.07
CA VAL B 550 10.88 28.36 12.58
C VAL B 550 12.35 28.04 12.79
N LYS B 551 12.61 26.85 13.32
CA LYS B 551 13.97 26.40 13.59
C LYS B 551 14.34 25.24 12.69
N GLY B 552 15.64 25.05 12.52
CA GLY B 552 16.17 23.98 11.70
C GLY B 552 15.79 22.59 12.15
N PRO B 553 15.97 22.29 13.45
CA PRO B 553 15.55 20.97 13.95
C PRO B 553 14.09 20.65 13.71
N GLU B 554 13.20 21.64 13.81
CA GLU B 554 11.78 21.39 13.56
C GLU B 554 11.54 20.94 12.12
N LEU B 555 12.17 21.63 11.17
CA LEU B 555 12.03 21.25 9.76
C LEU B 555 12.64 19.88 9.52
N LEU B 556 13.80 19.61 10.12
CA LEU B 556 14.47 18.33 9.89
C LEU B 556 13.64 17.16 10.42
N THR B 557 13.02 17.33 11.59
CA THR B 557 12.20 16.24 12.11
C THR B 557 10.86 16.13 11.39
N MET B 558 10.26 17.27 11.01
CA MET B 558 9.00 17.21 10.29
C MET B 558 9.17 16.68 8.87
N TRP B 559 10.39 16.73 8.32
CA TRP B 559 10.62 16.08 7.03
C TRP B 559 10.31 14.60 7.11
N PHE B 560 10.88 13.91 8.10
CA PHE B 560 10.58 12.49 8.28
C PHE B 560 9.19 12.27 8.86
N GLY B 561 8.66 13.27 9.57
CA GLY B 561 7.31 13.14 10.10
C GLY B 561 6.25 13.13 9.02
N GLU B 562 6.38 14.00 8.01
CA GLU B 562 5.31 14.19 7.04
C GLU B 562 5.80 14.29 5.60
N SER B 563 6.98 13.76 5.30
CA SER B 563 7.50 13.69 3.92
C SER B 563 7.59 15.08 3.28
N GLU B 564 8.20 16.02 4.01
CA GLU B 564 8.49 17.37 3.52
C GLU B 564 7.24 18.16 3.16
N ALA B 565 6.07 17.77 3.65
CA ALA B 565 4.88 18.56 3.41
C ALA B 565 4.71 19.62 4.49
N ASN B 566 5.78 20.35 4.77
CA ASN B 566 5.77 21.45 5.71
C ASN B 566 6.43 22.70 5.16
N VAL B 567 7.52 22.57 4.40
CA VAL B 567 8.31 23.74 4.01
C VAL B 567 7.51 24.64 3.08
N ARG B 568 6.79 24.05 2.12
CA ARG B 568 5.87 24.85 1.32
C ARG B 568 4.74 25.40 2.19
N GLU B 569 4.26 24.61 3.15
CA GLU B 569 3.16 25.05 4.00
C GLU B 569 3.56 26.19 4.90
N ILE B 570 4.81 26.21 5.40
CA ILE B 570 5.25 27.32 6.23
C ILE B 570 5.24 28.62 5.44
N PHE B 571 5.75 28.58 4.21
CA PHE B 571 5.74 29.78 3.38
C PHE B 571 4.32 30.18 3.01
N ASP B 572 3.44 29.20 2.79
CA ASP B 572 2.05 29.52 2.50
C ASP B 572 1.38 30.24 3.66
N LYS B 573 1.60 29.73 4.88
CA LYS B 573 1.02 30.36 6.05
C LYS B 573 1.65 31.70 6.37
N ALA B 574 2.91 31.91 5.97
CA ALA B 574 3.52 33.23 6.10
C ALA B 574 2.97 34.21 5.07
N ARG B 575 2.68 33.72 3.85
CA ARG B 575 2.19 34.57 2.80
C ARG B 575 0.72 34.94 3.00
N GLN B 576 -0.06 34.07 3.62
CA GLN B 576 -1.47 34.33 3.88
C GLN B 576 -1.69 35.21 5.11
N SER B 577 -0.65 35.90 5.59
CA SER B 577 -0.79 36.76 6.76
C SER B 577 0.02 38.05 6.60
N ALA B 578 0.15 38.54 5.37
CA ALA B 578 0.98 39.72 5.13
C ALA B 578 0.42 40.92 5.88
N PRO B 579 1.28 41.78 6.46
CA PRO B 579 2.75 41.72 6.46
C PRO B 579 3.27 40.68 7.44
N CYS B 580 4.45 40.11 7.21
CA CYS B 580 4.97 39.05 8.05
C CYS B 580 6.49 39.11 8.08
N VAL B 581 7.05 38.83 9.25
CA VAL B 581 8.50 38.77 9.44
C VAL B 581 8.82 37.31 9.77
N LEU B 582 9.05 36.50 8.76
CA LEU B 582 9.42 35.11 8.96
C LEU B 582 10.85 35.05 9.51
N PHE B 583 11.08 34.17 10.46
CA PHE B 583 12.38 34.07 11.12
C PHE B 583 12.87 32.64 11.07
N PHE B 584 14.07 32.45 10.56
CA PHE B 584 14.74 31.16 10.55
C PHE B 584 15.84 31.18 11.61
N ASP B 585 15.80 30.20 12.50
CA ASP B 585 16.77 30.11 13.59
C ASP B 585 17.64 28.87 13.40
N GLU B 586 18.94 29.03 13.68
CA GLU B 586 19.90 27.94 13.59
C GLU B 586 19.96 27.36 12.17
N LEU B 587 20.34 28.22 11.22
CA LEU B 587 20.64 27.74 9.87
C LEU B 587 21.88 26.86 9.83
N ASP B 588 22.68 26.85 10.90
CA ASP B 588 23.93 26.09 10.91
C ASP B 588 23.69 24.60 10.72
N SER B 589 22.49 24.10 11.06
CA SER B 589 22.23 22.67 10.90
C SER B 589 22.10 22.29 9.43
N ILE B 590 21.48 23.13 8.62
CA ILE B 590 21.14 22.80 7.25
C ILE B 590 21.94 23.63 6.24
N ALA B 591 22.15 24.90 6.52
CA ALA B 591 22.71 25.83 5.55
C ALA B 591 24.23 25.73 5.42
N THR B 592 24.83 24.63 5.88
CA THR B 592 26.26 24.45 5.69
C THR B 592 26.59 24.28 4.22
N GLN B 593 27.81 24.65 3.85
CA GLN B 593 28.23 24.60 2.46
C GLN B 593 28.28 23.16 1.97
N ARG B 594 28.07 22.99 0.66
CA ARG B 594 27.96 21.66 0.07
C ARG B 594 29.34 20.99 -0.01
N GLY B 595 29.73 20.30 1.06
CA GLY B 595 31.02 19.64 1.07
C GLY B 595 31.06 18.44 0.15
N GLY B 596 32.27 18.14 -0.34
CA GLY B 596 32.44 17.00 -1.23
C GLY B 596 32.43 15.65 -0.55
N GLY B 597 32.70 15.62 0.75
CA GLY B 597 32.69 14.39 1.52
C GLY B 597 31.35 14.05 2.15
N SER B 598 30.31 14.83 1.86
CA SER B 598 29.01 14.56 2.43
C SER B 598 28.42 13.26 1.89
N GLY B 599 27.60 12.61 2.71
CA GLY B 599 26.98 11.37 2.30
C GLY B 599 26.00 10.90 3.35
N GLY B 600 25.24 9.88 2.98
CA GLY B 600 24.27 9.27 3.87
C GLY B 600 22.90 9.89 3.78
N ASP B 601 21.94 9.19 4.39
CA ASP B 601 20.55 9.65 4.35
C ASP B 601 20.36 10.97 5.08
N GLY B 602 21.06 11.17 6.20
CA GLY B 602 20.94 12.44 6.91
C GLY B 602 21.44 13.62 6.10
N GLY B 603 22.60 13.46 5.47
CA GLY B 603 23.12 14.53 4.62
C GLY B 603 22.24 14.76 3.41
N GLY B 604 21.70 13.68 2.83
CA GLY B 604 20.77 13.84 1.73
C GLY B 604 19.53 14.60 2.13
N ALA B 605 18.98 14.30 3.31
CA ALA B 605 17.80 15.02 3.79
C ALA B 605 18.13 16.48 4.04
N ALA B 606 19.30 16.76 4.63
CA ALA B 606 19.68 18.15 4.88
C ALA B 606 19.81 18.93 3.58
N ASP B 607 20.46 18.34 2.58
CA ASP B 607 20.61 19.02 1.29
C ASP B 607 19.26 19.16 0.58
N ARG B 608 18.38 18.18 0.71
CA ARG B 608 17.05 18.29 0.12
C ARG B 608 16.27 19.44 0.76
N VAL B 609 16.36 19.57 2.09
CA VAL B 609 15.68 20.68 2.76
C VAL B 609 16.27 22.01 2.33
N LEU B 610 17.60 22.08 2.21
CA LEU B 610 18.23 23.33 1.77
C LEU B 610 17.78 23.70 0.36
N ASN B 611 17.73 22.73 -0.55
CA ASN B 611 17.30 23.01 -1.91
C ASN B 611 15.82 23.41 -1.96
N GLN B 612 14.98 22.75 -1.15
CA GLN B 612 13.56 23.12 -1.11
C GLN B 612 13.38 24.55 -0.60
N LEU B 613 14.14 24.91 0.44
CA LEU B 613 14.10 26.28 0.95
C LEU B 613 14.55 27.27 -0.11
N LEU B 614 15.62 26.94 -0.84
CA LEU B 614 16.09 27.83 -1.89
C LEU B 614 15.05 27.99 -2.99
N THR B 615 14.39 26.90 -3.37
CA THR B 615 13.37 26.97 -4.40
C THR B 615 12.20 27.84 -3.94
N GLU B 616 11.76 27.69 -2.70
CA GLU B 616 10.62 28.47 -2.22
C GLU B 616 10.97 29.94 -2.06
N MET B 617 12.18 30.26 -1.62
CA MET B 617 12.57 31.65 -1.44
C MET B 617 12.72 32.39 -2.75
N ASP B 618 12.83 31.69 -3.88
CA ASP B 618 12.88 32.34 -5.17
C ASP B 618 11.51 32.74 -5.69
N GLY B 619 10.44 32.32 -5.02
CA GLY B 619 9.10 32.71 -5.40
C GLY B 619 8.42 33.55 -4.34
N MET B 620 8.77 33.31 -3.06
CA MET B 620 8.19 34.11 -1.99
C MET B 620 8.84 35.49 -1.89
N ASN B 621 10.06 35.65 -2.38
CA ASN B 621 10.73 36.94 -2.40
C ASN B 621 10.51 37.68 -3.72
N ALA B 622 9.76 37.08 -4.66
CA ALA B 622 9.46 37.77 -5.90
C ALA B 622 8.56 38.97 -5.67
N LYS B 623 7.55 38.82 -4.81
CA LYS B 623 6.57 39.86 -4.57
C LYS B 623 5.92 39.62 -3.21
N LYS B 624 4.79 40.29 -2.97
CA LYS B 624 3.91 40.09 -1.83
C LYS B 624 4.49 40.69 -0.54
N THR B 625 5.75 41.13 -0.59
CA THR B 625 6.39 41.83 0.53
C THR B 625 6.28 41.04 1.84
N VAL B 626 6.74 39.79 1.81
CA VAL B 626 6.83 38.96 3.00
C VAL B 626 8.29 38.89 3.41
N PHE B 627 8.61 39.50 4.55
CA PHE B 627 10.00 39.67 4.94
C PHE B 627 10.56 38.37 5.52
N ILE B 628 11.83 38.11 5.23
CA ILE B 628 12.50 36.89 5.69
C ILE B 628 13.81 37.30 6.37
N ILE B 629 14.01 36.81 7.60
CA ILE B 629 15.21 37.07 8.37
C ILE B 629 15.74 35.74 8.89
N GLY B 630 16.99 35.46 8.60
CA GLY B 630 17.61 34.24 9.08
C GLY B 630 18.75 34.55 10.05
N ALA B 631 19.07 33.63 10.94
CA ALA B 631 20.15 33.86 11.88
C ALA B 631 21.05 32.63 11.93
N THR B 632 22.37 32.86 11.90
CA THR B 632 23.33 31.77 11.95
C THR B 632 24.40 32.09 12.98
N ASN B 633 24.94 31.03 13.60
CA ASN B 633 25.94 31.18 14.65
C ASN B 633 27.36 31.29 14.11
N ARG B 634 27.64 30.73 12.94
CA ARG B 634 28.95 30.84 12.32
C ARG B 634 28.79 31.10 10.83
N PRO B 635 29.26 32.24 10.34
CA PRO B 635 28.88 32.69 8.99
C PRO B 635 29.69 32.06 7.86
N ASP B 636 30.94 31.68 8.12
CA ASP B 636 31.78 31.16 7.05
C ASP B 636 31.33 29.77 6.61
N ILE B 637 30.78 28.96 7.53
CA ILE B 637 30.30 27.63 7.17
C ILE B 637 28.98 27.68 6.41
N ILE B 638 28.30 28.83 6.38
CA ILE B 638 27.02 28.94 5.70
C ILE B 638 27.21 28.80 4.20
N ASP B 639 26.28 28.10 3.55
CA ASP B 639 26.32 27.94 2.11
C ASP B 639 26.34 29.29 1.42
N SER B 640 27.12 29.39 0.35
CA SER B 640 27.25 30.64 -0.38
C SER B 640 26.09 30.88 -1.34
N ALA B 641 25.20 29.90 -1.51
CA ALA B 641 24.02 30.12 -2.35
C ALA B 641 23.06 31.12 -1.71
N LEU B 642 22.98 31.13 -0.38
CA LEU B 642 22.06 31.99 0.34
C LEU B 642 22.52 33.44 0.41
N LEU B 643 23.55 33.81 -0.33
CA LEU B 643 24.03 35.20 -0.33
C LEU B 643 24.00 35.82 -1.73
N ARG B 644 23.44 35.13 -2.70
CA ARG B 644 23.27 35.69 -4.03
C ARG B 644 22.21 36.78 -4.00
N PRO B 645 22.16 37.65 -5.03
CA PRO B 645 21.15 38.72 -5.04
C PRO B 645 19.75 38.17 -4.85
N GLY B 646 18.97 38.89 -4.05
CA GLY B 646 17.72 38.35 -3.55
C GLY B 646 17.94 37.48 -2.35
N ARG B 647 16.91 36.71 -2.00
CA ARG B 647 17.00 35.73 -0.93
C ARG B 647 17.42 36.37 0.38
N LEU B 648 18.69 36.20 0.75
CA LEU B 648 19.25 36.69 2.00
C LEU B 648 20.47 37.56 1.74
N ASP B 649 20.34 38.50 0.81
CA ASP B 649 21.48 39.31 0.39
C ASP B 649 22.00 40.19 1.52
N GLN B 650 21.10 40.87 2.24
CA GLN B 650 21.53 41.78 3.29
C GLN B 650 22.22 41.02 4.41
N LEU B 651 23.35 41.55 4.88
CA LEU B 651 24.14 40.92 5.93
C LEU B 651 24.26 41.89 7.11
N ILE B 652 24.06 41.40 8.32
CA ILE B 652 24.18 42.20 9.54
C ILE B 652 24.92 41.39 10.58
N TYR B 653 25.89 42.03 11.24
CA TYR B 653 26.70 41.41 12.27
C TYR B 653 26.27 41.94 13.64
N ILE B 654 26.01 41.02 14.56
CA ILE B 654 25.57 41.38 15.91
C ILE B 654 26.80 41.33 16.82
N PRO B 655 27.27 42.45 17.34
CA PRO B 655 28.52 42.45 18.10
C PRO B 655 28.32 41.99 19.54
N LEU B 656 29.44 41.73 20.20
CA LEU B 656 29.42 41.46 21.63
C LEU B 656 29.19 42.77 22.38
N PRO B 657 28.27 42.81 23.34
CA PRO B 657 27.99 44.08 24.03
C PRO B 657 29.19 44.56 24.83
N ASP B 658 29.29 45.88 24.97
CA ASP B 658 30.36 46.55 25.68
C ASP B 658 29.84 47.15 27.00
N GLU B 659 30.69 47.93 27.66
CA GLU B 659 30.42 48.39 29.02
C GLU B 659 29.06 49.08 29.12
N ASP B 660 28.78 50.02 28.22
CA ASP B 660 27.47 50.68 28.23
C ASP B 660 26.36 49.69 27.92
N SER B 661 26.57 48.84 26.91
CA SER B 661 25.58 47.83 26.58
C SER B 661 25.42 46.81 27.70
N ARG B 662 26.53 46.45 28.36
CA ARG B 662 26.44 45.53 29.49
C ARG B 662 25.65 46.15 30.65
N LEU B 663 25.85 47.44 30.90
CA LEU B 663 25.04 48.13 31.90
C LEU B 663 23.56 48.10 31.51
N ASN B 664 23.27 48.34 30.23
CA ASN B 664 21.89 48.34 29.76
C ASN B 664 21.24 46.97 29.96
N ILE B 665 21.95 45.91 29.58
CA ILE B 665 21.37 44.57 29.69
C ILE B 665 21.24 44.16 31.16
N PHE B 666 22.18 44.56 32.01
CA PHE B 666 22.04 44.28 33.44
C PHE B 666 20.82 44.96 34.01
N LYS B 667 20.60 46.23 33.64
CA LYS B 667 19.41 46.93 34.11
C LYS B 667 18.14 46.25 33.58
N ALA B 668 18.15 45.82 32.33
CA ALA B 668 16.98 45.14 31.77
C ALA B 668 16.70 43.83 32.51
N ALA B 669 17.76 43.09 32.85
CA ALA B 669 17.57 41.81 33.53
C ALA B 669 17.06 42.01 34.95
N LEU B 670 17.58 43.02 35.67
CA LEU B 670 17.18 43.24 37.05
C LEU B 670 15.99 44.18 37.20
N ARG B 671 15.42 44.64 36.09
CA ARG B 671 14.23 45.49 36.16
C ARG B 671 13.07 44.80 36.89
N LYS B 672 12.93 43.49 36.71
CA LYS B 672 11.80 42.75 37.26
C LYS B 672 12.05 42.24 38.67
N SER B 673 13.19 42.55 39.27
CA SER B 673 13.53 42.05 40.59
C SER B 673 14.01 43.17 41.48
N PRO B 674 13.76 43.07 42.78
CA PRO B 674 14.32 44.05 43.72
C PRO B 674 15.84 43.98 43.75
N ILE B 675 16.46 45.13 43.98
CA ILE B 675 17.92 45.24 44.03
C ILE B 675 18.31 46.11 45.21
N ALA B 676 19.35 45.70 45.92
CA ALA B 676 19.88 46.51 47.01
C ALA B 676 20.52 47.78 46.47
N LYS B 677 20.41 48.86 47.24
CA LYS B 677 20.88 50.17 46.79
C LYS B 677 22.39 50.30 46.79
N ASP B 678 23.12 49.38 47.45
CA ASP B 678 24.56 49.43 47.50
C ASP B 678 25.23 48.60 46.40
N VAL B 679 24.45 47.98 45.53
CA VAL B 679 24.98 47.19 44.43
C VAL B 679 25.24 48.13 43.27
N ASP B 680 26.50 48.53 43.08
CA ASP B 680 26.89 49.43 42.00
C ASP B 680 26.88 48.65 40.70
N ILE B 681 25.81 48.80 39.91
CA ILE B 681 25.70 48.08 38.66
C ILE B 681 26.78 48.52 37.67
N GLY B 682 27.21 49.78 37.75
CA GLY B 682 28.34 50.21 36.95
C GLY B 682 29.62 49.47 37.31
N ALA B 683 29.80 49.19 38.61
CA ALA B 683 30.93 48.37 39.03
C ALA B 683 30.83 46.96 38.47
N LEU B 684 29.62 46.43 38.32
CA LEU B 684 29.45 45.14 37.67
C LEU B 684 29.78 45.23 36.18
N ALA B 685 29.38 46.33 35.53
CA ALA B 685 29.70 46.51 34.12
C ALA B 685 31.21 46.55 33.90
N LYS B 686 31.92 47.30 34.74
CA LYS B 686 33.37 47.31 34.66
C LYS B 686 33.97 45.98 35.08
N TYR B 687 33.28 45.25 35.95
CA TYR B 687 33.76 43.93 36.38
C TYR B 687 33.83 42.98 35.20
N THR B 688 32.79 42.96 34.37
CA THR B 688 32.73 42.08 33.22
C THR B 688 33.37 42.73 32.00
N GLN B 689 33.78 41.89 31.05
CA GLN B 689 34.35 42.39 29.80
C GLN B 689 34.04 41.38 28.70
N GLY B 690 33.34 41.84 27.66
CA GLY B 690 33.07 41.01 26.50
C GLY B 690 32.33 39.72 26.79
N PHE B 691 31.37 39.75 27.70
CA PHE B 691 30.60 38.55 27.98
C PHE B 691 29.59 38.29 26.87
N SER B 692 29.01 37.09 26.88
CA SER B 692 28.21 36.59 25.77
C SER B 692 26.72 36.86 25.94
N GLY B 693 26.34 37.94 26.60
CA GLY B 693 24.94 38.32 26.66
C GLY B 693 24.09 37.42 27.52
N ALA B 694 24.04 36.13 27.19
CA ALA B 694 23.27 35.19 27.99
C ALA B 694 23.94 34.88 29.32
N ASP B 695 25.27 34.96 29.37
CA ASP B 695 25.98 34.73 30.62
C ASP B 695 25.60 35.76 31.67
N ILE B 696 25.26 36.98 31.25
CA ILE B 696 24.80 37.99 32.20
C ILE B 696 23.46 37.57 32.82
N THR B 697 22.54 37.06 32.00
CA THR B 697 21.29 36.55 32.54
C THR B 697 21.52 35.37 33.48
N GLU B 698 22.47 34.50 33.14
CA GLU B 698 22.79 33.40 34.04
C GLU B 698 23.38 33.90 35.36
N ILE B 699 24.19 34.96 35.31
CA ILE B 699 24.72 35.55 36.53
C ILE B 699 23.58 36.08 37.40
N CYS B 700 22.63 36.77 36.77
CA CYS B 700 21.47 37.26 37.53
C CYS B 700 20.69 36.12 38.15
N GLN B 701 20.50 35.02 37.40
CA GLN B 701 19.78 33.88 37.93
C GLN B 701 20.51 33.24 39.11
N ARG B 702 21.84 33.13 39.01
CA ARG B 702 22.60 32.57 40.13
C ARG B 702 22.52 33.47 41.36
N ALA B 703 22.57 34.78 41.16
CA ALA B 703 22.38 35.70 42.28
C ALA B 703 21.01 35.51 42.92
N CYS B 704 19.98 35.34 42.08
CA CYS B 704 18.63 35.10 42.59
C CYS B 704 18.58 33.81 43.39
N LYS B 705 19.23 32.75 42.90
CA LYS B 705 19.21 31.48 43.61
C LYS B 705 19.91 31.58 44.96
N TYR B 706 21.06 32.28 45.01
CA TYR B 706 21.73 32.47 46.30
C TYR B 706 20.86 33.28 47.25
N ALA B 707 20.21 34.34 46.75
CA ALA B 707 19.34 35.14 47.60
C ALA B 707 18.17 34.32 48.12
N ILE B 708 17.58 33.49 47.27
CA ILE B 708 16.47 32.63 47.69
C ILE B 708 16.93 31.65 48.75
N ARG B 709 18.11 31.05 48.56
CA ARG B 709 18.62 30.13 49.57
C ARG B 709 18.82 30.83 50.91
N GLU B 710 19.41 32.02 50.88
CA GLU B 710 19.63 32.76 52.12
C GLU B 710 18.30 33.10 52.80
N ASN B 711 17.32 33.58 52.02
CA ASN B 711 16.04 33.96 52.59
C ASN B 711 15.31 32.77 53.17
N ILE B 712 15.29 31.65 52.46
CA ILE B 712 14.57 30.48 52.97
C ILE B 712 15.27 29.91 54.20
N GLU B 713 16.60 29.95 54.22
CA GLU B 713 17.31 29.51 55.41
C GLU B 713 16.98 30.38 56.60
N LYS B 714 16.95 31.70 56.40
CA LYS B 714 16.60 32.61 57.49
C LYS B 714 15.19 32.34 58.00
N ASP B 715 14.23 32.17 57.07
CA ASP B 715 12.85 31.93 57.48
C ASP B 715 12.71 30.60 58.22
N ILE B 716 13.37 29.55 57.74
CA ILE B 716 13.30 28.25 58.40
C ILE B 716 13.91 28.33 59.80
N GLU B 717 15.05 29.01 59.92
CA GLU B 717 15.67 29.17 61.23
C GLU B 717 14.77 29.93 62.19
N LYS B 718 14.14 31.00 61.72
CA LYS B 718 13.24 31.76 62.58
C LYS B 718 12.04 30.93 63.01
N GLU B 719 11.46 30.16 62.07
CA GLU B 719 10.33 29.31 62.41
C GLU B 719 10.72 28.25 63.43
N LYS B 720 11.89 27.64 63.24
CA LYS B 720 12.36 26.65 64.21
C LYS B 720 12.59 27.27 65.58
N ARG B 721 13.17 28.48 65.61
CA ARG B 721 13.39 29.15 66.89
C ARG B 721 12.07 29.45 67.59
N ARG B 722 11.08 29.93 66.83
CA ARG B 722 9.79 30.23 67.43
C ARG B 722 9.08 28.96 67.92
N SER B 723 9.20 27.86 67.17
CA SER B 723 8.60 26.61 67.61
C SER B 723 9.29 26.06 68.86
N GLU B 724 10.61 26.22 68.95
CA GLU B 724 11.34 25.73 70.12
C GLU B 724 10.95 26.48 71.39
N ASN B 725 10.57 27.75 71.26
CA ASN B 725 10.16 28.57 72.40
C ASN B 725 8.80 29.15 72.09
N PRO B 726 7.73 28.39 72.32
CA PRO B 726 6.38 28.89 72.00
C PRO B 726 6.01 30.16 72.74
N GLU B 727 6.53 30.35 73.96
CA GLU B 727 6.18 31.54 74.74
C GLU B 727 6.71 32.83 74.10
N ALA B 728 7.67 32.73 73.18
CA ALA B 728 8.17 33.90 72.47
C ALA B 728 7.12 34.36 71.47
N MET B 729 6.39 35.41 71.83
CA MET B 729 5.32 35.91 70.97
C MET B 729 5.90 36.55 69.72
N GLU B 730 5.00 36.98 68.82
CA GLU B 730 5.40 37.58 67.57
C GLU B 730 6.16 38.88 67.79
N GLU B 731 7.46 38.88 67.49
CA GLU B 731 8.29 40.06 67.64
C GLU B 731 8.10 40.99 66.44
N ASP B 732 8.84 42.09 66.43
CA ASP B 732 8.78 43.03 65.31
C ASP B 732 9.46 42.49 64.06
N GLY B 733 10.16 41.36 64.16
CA GLY B 733 10.82 40.78 63.01
C GLY B 733 9.86 40.27 61.95
N VAL B 734 9.82 40.94 60.80
CA VAL B 734 8.98 40.55 59.68
C VAL B 734 9.87 40.46 58.45
N ASP B 735 9.44 39.66 57.48
CA ASP B 735 10.19 39.50 56.24
C ASP B 735 10.25 40.82 55.50
N GLU B 736 11.46 41.29 55.22
CA GLU B 736 11.66 42.58 54.56
C GLU B 736 11.57 42.40 53.04
N VAL B 737 11.99 43.43 52.31
CA VAL B 737 11.95 43.37 50.85
C VAL B 737 12.87 42.28 50.31
N SER B 738 13.93 41.96 51.06
CA SER B 738 14.89 40.92 50.68
C SER B 738 15.54 41.24 49.33
N GLU B 739 16.11 42.44 49.25
CA GLU B 739 16.80 42.86 48.04
C GLU B 739 18.08 42.06 47.85
N ILE B 740 18.44 41.84 46.59
CA ILE B 740 19.67 41.14 46.26
C ILE B 740 20.85 42.04 46.64
N LYS B 741 21.53 41.68 47.72
CA LYS B 741 22.63 42.50 48.22
C LYS B 741 23.95 42.07 47.58
N ALA B 742 25.01 42.84 47.89
CA ALA B 742 26.31 42.63 47.25
C ALA B 742 26.90 41.27 47.54
N ALA B 743 26.53 40.63 48.65
CA ALA B 743 27.06 39.32 48.97
C ALA B 743 26.64 38.29 47.92
N HIS B 744 25.39 38.36 47.46
CA HIS B 744 24.92 37.43 46.44
C HIS B 744 25.71 37.58 45.15
N PHE B 745 25.95 38.81 44.72
CA PHE B 745 26.71 39.03 43.49
C PHE B 745 28.16 38.60 43.66
N GLU B 746 28.74 38.86 44.83
CA GLU B 746 30.11 38.42 45.07
C GLU B 746 30.22 36.90 45.05
N GLU B 747 29.21 36.19 45.57
CA GLU B 747 29.22 34.74 45.54
C GLU B 747 28.91 34.18 44.16
N SER B 748 28.17 34.91 43.33
CA SER B 748 27.81 34.43 42.00
C SER B 748 28.90 34.69 40.97
N MET B 749 29.42 35.92 40.91
CA MET B 749 30.39 36.27 39.88
C MET B 749 31.66 35.42 39.98
N LYS B 750 32.00 34.98 41.19
CA LYS B 750 33.18 34.11 41.34
C LYS B 750 32.96 32.73 40.73
N TYR B 751 31.71 32.37 40.40
CA TYR B 751 31.40 31.14 39.71
C TYR B 751 31.15 31.35 38.22
N ALA B 752 31.49 32.54 37.69
CA ALA B 752 31.21 32.84 36.30
C ALA B 752 32.03 31.96 35.38
N ARG B 753 31.41 31.55 34.27
CA ARG B 753 32.05 30.72 33.26
C ARG B 753 31.62 31.23 31.90
N ARG B 754 32.54 31.90 31.19
CA ARG B 754 32.22 32.48 29.89
C ARG B 754 31.94 31.40 28.87
N SER B 755 31.12 31.76 27.88
CA SER B 755 30.67 30.81 26.86
C SER B 755 31.47 30.90 25.56
N VAL B 756 32.04 32.06 25.25
CA VAL B 756 32.78 32.26 24.00
C VAL B 756 34.23 32.55 24.34
N SER B 757 35.13 31.72 23.82
CA SER B 757 36.56 31.97 23.95
C SER B 757 37.00 33.00 22.93
N ASP B 758 38.24 33.50 23.10
CA ASP B 758 38.75 34.52 22.21
C ASP B 758 38.95 33.99 20.79
N ALA B 759 39.13 32.66 20.65
CA ALA B 759 39.29 32.09 19.31
C ALA B 759 38.03 32.28 18.47
N ASP B 760 36.85 32.06 19.06
CA ASP B 760 35.60 32.19 18.31
C ASP B 760 35.35 33.64 17.90
N ILE B 761 35.55 34.58 18.82
CA ILE B 761 35.35 35.98 18.49
C ILE B 761 36.38 36.45 17.47
N ARG B 762 37.61 35.92 17.54
CA ARG B 762 38.61 36.25 16.54
C ARG B 762 38.21 35.71 15.17
N LYS B 763 37.66 34.50 15.12
CA LYS B 763 37.16 33.96 13.85
C LYS B 763 36.05 34.83 13.28
N TYR B 764 35.11 35.24 14.14
CA TYR B 764 34.01 36.09 13.68
C TYR B 764 34.52 37.43 13.19
N GLN B 765 35.46 38.05 13.90
CA GLN B 765 36.01 39.32 13.47
C GLN B 765 36.79 39.17 12.17
N ALA B 766 37.50 38.05 12.01
CA ALA B 766 38.21 37.80 10.76
C ALA B 766 37.23 37.71 9.59
N PHE B 767 36.13 36.98 9.77
CA PHE B 767 35.13 36.91 8.71
C PHE B 767 34.52 38.28 8.43
N ALA B 768 34.22 39.03 9.48
CA ALA B 768 33.62 40.36 9.30
C ALA B 768 34.54 41.27 8.52
N GLN B 769 35.84 41.26 8.85
CA GLN B 769 36.78 42.09 8.11
C GLN B 769 37.00 41.57 6.70
N THR B 770 36.86 40.26 6.50
CA THR B 770 36.93 39.70 5.14
C THR B 770 35.79 40.26 4.29
N LEU B 771 34.57 40.27 4.84
CA LEU B 771 33.46 40.89 4.12
C LEU B 771 33.64 42.39 4.03
N GLN B 772 34.12 43.03 5.10
CA GLN B 772 34.26 44.48 5.15
C GLN B 772 35.55 44.90 4.44
N GLN B 773 35.51 44.80 3.11
CA GLN B 773 36.59 45.32 2.28
C GLN B 773 36.56 46.84 2.18
N SER B 774 35.51 47.48 2.71
CA SER B 774 35.39 48.93 2.70
C SER B 774 36.17 49.62 3.81
N ARG B 775 37.05 48.88 4.50
CA ARG B 775 37.84 49.48 5.57
C ARG B 775 38.74 50.60 5.04
N GLY B 776 39.15 50.51 3.77
CA GLY B 776 39.93 51.57 3.16
C GLY B 776 39.13 52.79 2.76
N PHE B 777 37.81 52.72 2.83
CA PHE B 777 36.96 53.85 2.48
C PHE B 777 36.75 54.82 3.64
N GLY B 778 37.29 54.52 4.81
CA GLY B 778 37.15 55.41 5.95
C GLY B 778 37.84 56.75 5.78
N LYS C 18 -1.49 22.17 50.19
CA LYS C 18 -2.09 21.08 49.44
C LYS C 18 -2.28 19.84 50.30
N LYS C 19 -3.26 19.01 49.94
CA LYS C 19 -3.54 17.78 50.66
C LYS C 19 -3.85 16.68 49.65
N ASP C 20 -3.51 15.45 50.02
CA ASP C 20 -3.70 14.31 49.13
C ASP C 20 -5.16 13.88 49.06
N PHE C 21 -6.00 14.73 48.44
CA PHE C 21 -7.41 14.39 48.28
C PHE C 21 -7.66 13.34 47.21
N SER C 22 -6.66 13.06 46.36
CA SER C 22 -6.84 12.13 45.24
C SER C 22 -7.22 10.73 45.68
N THR C 23 -6.96 10.37 46.93
CA THR C 23 -7.36 9.08 47.46
C THR C 23 -8.42 9.20 48.56
N ALA C 24 -8.88 10.40 48.87
CA ALA C 24 -9.84 10.61 49.95
C ALA C 24 -11.25 10.18 49.58
N ILE C 25 -11.53 9.97 48.29
CA ILE C 25 -12.89 9.63 47.87
C ILE C 25 -13.28 8.23 48.35
N LEU C 26 -12.34 7.28 48.30
CA LEU C 26 -12.64 5.89 48.61
C LEU C 26 -12.91 5.64 50.10
N GLU C 27 -12.67 6.62 50.96
CA GLU C 27 -12.82 6.41 52.40
C GLU C 27 -14.29 6.22 52.77
N ARG C 28 -14.51 5.53 53.88
CA ARG C 28 -15.84 5.27 54.41
C ARG C 28 -16.09 6.24 55.57
N LYS C 29 -17.19 6.98 55.49
CA LYS C 29 -17.51 7.94 56.54
C LYS C 29 -18.03 7.22 57.78
N LYS C 30 -17.55 7.67 58.94
CA LYS C 30 -17.95 7.05 60.20
C LYS C 30 -19.39 7.41 60.55
N SER C 31 -20.07 6.47 61.21
CA SER C 31 -21.46 6.66 61.63
C SER C 31 -21.83 5.60 62.66
N PRO C 32 -22.59 5.97 63.70
CA PRO C 32 -23.07 4.95 64.65
C PRO C 32 -23.95 3.89 64.02
N ASN C 33 -24.60 4.20 62.90
CA ASN C 33 -25.43 3.23 62.19
C ASN C 33 -24.61 2.12 61.55
N ARG C 34 -23.30 2.30 61.42
CA ARG C 34 -22.42 1.33 60.77
C ARG C 34 -21.49 0.72 61.82
N LEU C 35 -21.45 -0.60 61.88
CA LEU C 35 -20.69 -1.32 62.89
C LEU C 35 -19.84 -2.40 62.24
N VAL C 36 -18.86 -2.88 63.01
CA VAL C 36 -17.88 -3.86 62.54
C VAL C 36 -18.43 -5.26 62.78
N VAL C 37 -18.28 -6.12 61.77
CA VAL C 37 -18.78 -7.49 61.84
C VAL C 37 -17.95 -8.29 62.84
N ASP C 38 -18.63 -9.00 63.74
CA ASP C 38 -17.99 -9.87 64.72
C ASP C 38 -18.78 -11.16 64.84
N GLU C 39 -18.11 -12.20 65.33
CA GLU C 39 -18.75 -13.50 65.51
C GLU C 39 -19.84 -13.42 66.57
N ALA C 40 -20.85 -14.26 66.42
CA ALA C 40 -22.07 -14.19 67.22
C ALA C 40 -22.02 -15.20 68.36
N ILE C 41 -22.38 -14.74 69.56
CA ILE C 41 -22.67 -15.66 70.65
C ILE C 41 -23.97 -16.40 70.38
N ASN C 42 -24.98 -15.69 69.88
CA ASN C 42 -26.27 -16.27 69.55
C ASN C 42 -26.19 -16.86 68.13
N ASP C 43 -26.20 -18.17 68.04
CA ASP C 43 -26.10 -18.87 66.76
C ASP C 43 -27.51 -19.14 66.23
N ASP C 44 -28.03 -18.19 65.47
CA ASP C 44 -29.35 -18.34 64.85
C ASP C 44 -29.30 -17.78 63.45
N ASN C 45 -30.23 -18.25 62.61
CA ASN C 45 -30.24 -17.88 61.20
C ASN C 45 -30.70 -16.45 60.96
N SER C 46 -31.48 -15.87 61.88
CA SER C 46 -32.01 -14.53 61.66
C SER C 46 -31.96 -13.69 62.95
N VAL C 47 -30.95 -13.90 63.78
CA VAL C 47 -30.78 -13.16 65.02
C VAL C 47 -29.38 -12.56 65.05
N VAL C 48 -29.31 -11.25 65.29
CA VAL C 48 -28.05 -10.54 65.45
C VAL C 48 -28.13 -9.78 66.77
N SER C 49 -26.96 -9.45 67.32
CA SER C 49 -26.86 -8.83 68.63
C SER C 49 -25.99 -7.59 68.57
N LEU C 50 -26.43 -6.54 69.25
CA LEU C 50 -25.67 -5.31 69.44
C LEU C 50 -25.26 -5.19 70.90
N HIS C 51 -24.65 -4.05 71.24
CA HIS C 51 -24.46 -3.79 72.66
C HIS C 51 -25.65 -2.99 73.19
N PRO C 52 -26.10 -3.27 74.42
CA PRO C 52 -27.28 -2.56 74.94
C PRO C 52 -27.13 -1.06 74.96
N ALA C 53 -25.93 -0.54 75.22
CA ALA C 53 -25.71 0.90 75.11
C ALA C 53 -25.71 1.34 73.65
N THR C 54 -25.19 0.49 72.75
CA THR C 54 -25.09 0.87 71.35
C THR C 54 -26.46 0.99 70.70
N MET C 55 -27.33 0.01 70.93
CA MET C 55 -28.66 0.03 70.30
C MET C 55 -29.51 1.18 70.80
N GLU C 56 -29.13 1.82 71.91
CA GLU C 56 -29.84 2.99 72.39
C GLU C 56 -29.69 4.16 71.44
N LYS C 57 -28.49 4.33 70.87
CA LYS C 57 -28.24 5.46 69.97
C LYS C 57 -29.11 5.38 68.73
N LEU C 58 -29.28 4.19 68.17
CA LEU C 58 -30.04 4.01 66.94
C LEU C 58 -31.54 3.84 67.19
N GLN C 59 -32.01 4.13 68.40
CA GLN C 59 -33.43 3.99 68.76
C GLN C 59 -33.94 2.58 68.48
N LEU C 60 -33.12 1.59 68.83
CA LEU C 60 -33.45 0.19 68.64
C LEU C 60 -33.63 -0.50 69.99
N PHE C 61 -34.49 -1.51 70.00
CA PHE C 61 -34.81 -2.26 71.20
C PHE C 61 -34.70 -3.76 70.91
N ARG C 62 -34.52 -4.54 71.97
CA ARG C 62 -34.51 -5.99 71.83
C ARG C 62 -35.84 -6.47 71.29
N GLY C 63 -35.78 -7.36 70.29
CA GLY C 63 -36.97 -7.86 69.63
C GLY C 63 -37.34 -7.14 68.36
N ASP C 64 -36.67 -6.04 68.04
CA ASP C 64 -36.96 -5.32 66.81
C ASP C 64 -36.45 -6.11 65.60
N THR C 65 -37.05 -5.83 64.44
CA THR C 65 -36.66 -6.46 63.19
C THR C 65 -35.96 -5.43 62.30
N ILE C 66 -34.77 -5.76 61.84
CA ILE C 66 -33.93 -4.82 61.11
C ILE C 66 -33.43 -5.47 59.82
N LEU C 67 -33.02 -4.61 58.90
CA LEU C 67 -32.40 -5.00 57.64
C LEU C 67 -30.92 -4.61 57.72
N ILE C 68 -30.05 -5.60 57.65
CA ILE C 68 -28.61 -5.38 57.66
C ILE C 68 -28.09 -5.49 56.24
N LYS C 69 -27.38 -4.46 55.79
CA LYS C 69 -26.82 -4.41 54.45
C LYS C 69 -25.30 -4.47 54.54
N GLY C 70 -24.70 -5.38 53.79
CA GLY C 70 -23.26 -5.53 53.82
C GLY C 70 -22.58 -5.22 52.49
N LYS C 71 -21.56 -5.99 52.15
CA LYS C 71 -20.83 -5.76 50.92
C LYS C 71 -21.65 -6.17 49.70
N LYS C 72 -21.31 -5.57 48.56
CA LYS C 72 -21.95 -5.86 47.27
C LYS C 72 -23.46 -5.61 47.33
N ARG C 73 -23.87 -4.62 48.12
CA ARG C 73 -25.25 -4.16 48.23
C ARG C 73 -26.20 -5.22 48.79
N LYS C 74 -25.69 -6.38 49.19
CA LYS C 74 -26.54 -7.45 49.68
C LYS C 74 -27.12 -7.09 51.04
N ASP C 75 -28.36 -7.53 51.28
CA ASP C 75 -29.07 -7.22 52.51
C ASP C 75 -29.82 -8.45 52.99
N THR C 76 -29.98 -8.55 54.31
CA THR C 76 -30.74 -9.62 54.94
C THR C 76 -31.54 -9.03 56.09
N VAL C 77 -32.45 -9.83 56.63
CA VAL C 77 -33.35 -9.39 57.68
C VAL C 77 -33.09 -10.22 58.93
N CYS C 78 -32.91 -9.54 60.06
CA CYS C 78 -32.57 -10.22 61.31
C CYS C 78 -33.23 -9.52 62.49
N ILE C 79 -33.38 -10.27 63.58
CA ILE C 79 -33.92 -9.73 64.83
C ILE C 79 -32.77 -9.21 65.66
N ALA C 80 -32.87 -7.95 66.10
CA ALA C 80 -31.78 -7.25 66.77
C ALA C 80 -31.97 -7.33 68.28
N LEU C 81 -31.26 -8.28 68.90
CA LEU C 81 -31.17 -8.35 70.35
C LEU C 81 -29.89 -7.63 70.79
N ALA C 82 -29.55 -7.72 72.07
CA ALA C 82 -28.36 -7.06 72.56
C ALA C 82 -27.55 -8.03 73.40
N ASP C 83 -26.23 -7.83 73.39
CA ASP C 83 -25.30 -8.62 74.19
C ASP C 83 -24.46 -7.68 75.03
N GLU C 84 -24.48 -7.87 76.35
CA GLU C 84 -23.79 -6.95 77.25
C GLU C 84 -22.28 -7.08 77.13
N THR C 85 -21.77 -8.29 76.89
CA THR C 85 -20.33 -8.49 76.75
C THR C 85 -19.78 -7.98 75.43
N CYS C 86 -20.65 -7.61 74.49
CA CYS C 86 -20.18 -7.08 73.21
C CYS C 86 -19.64 -5.67 73.39
N GLU C 87 -19.01 -5.16 72.34
CA GLU C 87 -18.42 -3.83 72.33
C GLU C 87 -19.30 -2.86 71.55
N GLU C 88 -19.02 -1.57 71.74
CA GLU C 88 -19.78 -0.53 71.05
C GLU C 88 -19.68 -0.63 69.52
N PRO C 89 -18.49 -0.76 68.92
CA PRO C 89 -18.42 -0.80 67.45
C PRO C 89 -18.60 -2.18 66.83
N LYS C 90 -19.10 -3.17 67.58
CA LYS C 90 -19.21 -4.53 67.08
C LYS C 90 -20.67 -4.94 66.93
N ILE C 91 -20.90 -5.87 66.01
CA ILE C 91 -22.20 -6.48 65.80
C ILE C 91 -21.98 -7.96 65.51
N ARG C 92 -22.86 -8.81 66.03
CA ARG C 92 -22.65 -10.25 66.06
C ARG C 92 -23.59 -10.95 65.09
N MET C 93 -23.02 -11.80 64.23
CA MET C 93 -23.80 -12.65 63.33
C MET C 93 -22.99 -13.89 63.02
N ASN C 94 -23.68 -14.96 62.65
CA ASN C 94 -23.06 -16.26 62.45
C ASN C 94 -22.64 -16.43 60.98
N LYS C 95 -22.30 -17.67 60.61
CA LYS C 95 -21.80 -17.94 59.26
C LYS C 95 -22.86 -17.63 58.21
N VAL C 96 -24.12 -18.00 58.46
CA VAL C 96 -25.16 -17.84 57.45
C VAL C 96 -25.35 -16.36 57.12
N VAL C 97 -25.43 -15.51 58.14
CA VAL C 97 -25.65 -14.09 57.91
C VAL C 97 -24.46 -13.47 57.19
N ARG C 98 -23.24 -13.83 57.59
CA ARG C 98 -22.05 -13.29 56.93
C ARG C 98 -22.00 -13.70 55.47
N SER C 99 -22.31 -14.97 55.18
CA SER C 99 -22.31 -15.43 53.79
C SER C 99 -23.38 -14.72 52.98
N ASN C 100 -24.57 -14.52 53.55
CA ASN C 100 -25.62 -13.82 52.83
C ASN C 100 -25.25 -12.36 52.57
N LEU C 101 -24.59 -11.72 53.53
CA LEU C 101 -24.20 -10.32 53.38
C LEU C 101 -22.89 -10.14 52.63
N ARG C 102 -22.22 -11.23 52.25
CA ARG C 102 -20.97 -11.22 51.51
C ARG C 102 -19.83 -10.53 52.26
N VAL C 103 -20.01 -10.28 53.55
CA VAL C 103 -18.97 -9.65 54.35
C VAL C 103 -18.10 -10.73 54.99
N ARG C 104 -16.93 -10.32 55.44
CA ARG C 104 -16.03 -11.17 56.19
C ARG C 104 -15.76 -10.55 57.55
N LEU C 105 -14.93 -11.24 58.35
CA LEU C 105 -14.62 -10.75 59.68
C LEU C 105 -13.89 -9.42 59.60
N GLY C 106 -14.32 -8.46 60.42
CA GLY C 106 -13.72 -7.14 60.44
C GLY C 106 -14.32 -6.14 59.48
N ASP C 107 -15.30 -6.54 58.66
CA ASP C 107 -15.91 -5.63 57.71
C ASP C 107 -16.88 -4.69 58.42
N VAL C 108 -17.48 -3.77 57.65
CA VAL C 108 -18.40 -2.77 58.17
C VAL C 108 -19.74 -2.94 57.47
N ILE C 109 -20.81 -3.02 58.27
CA ILE C 109 -22.15 -3.19 57.72
C ILE C 109 -23.01 -1.98 58.07
N SER C 110 -24.24 -1.95 57.57
CA SER C 110 -25.18 -0.87 57.85
C SER C 110 -26.51 -1.47 58.30
N VAL C 111 -27.23 -0.70 59.13
CA VAL C 111 -28.46 -1.15 59.75
C VAL C 111 -29.59 -0.21 59.35
N HIS C 112 -30.75 -0.79 59.02
CA HIS C 112 -31.94 -0.04 58.68
C HIS C 112 -33.13 -0.65 59.41
N GLN C 113 -34.15 0.14 59.68
CA GLN C 113 -35.32 -0.37 60.36
C GLN C 113 -36.35 -0.90 59.35
N CYS C 114 -37.18 -1.84 59.83
CA CYS C 114 -38.21 -2.48 59.01
C CYS C 114 -39.55 -2.37 59.71
N PRO C 115 -40.18 -1.19 59.64
CA PRO C 115 -41.52 -1.05 60.25
C PRO C 115 -42.56 -1.97 59.64
N ASP C 116 -42.45 -2.28 58.35
CA ASP C 116 -43.41 -3.14 57.66
C ASP C 116 -43.04 -4.59 57.94
N VAL C 117 -43.60 -5.14 59.02
CA VAL C 117 -43.33 -6.54 59.35
C VAL C 117 -43.89 -7.47 58.29
N LYS C 118 -45.12 -7.19 57.83
CA LYS C 118 -45.77 -7.85 56.69
C LYS C 118 -45.60 -9.36 56.68
N TYR C 119 -46.22 -10.04 57.65
CA TYR C 119 -46.22 -11.50 57.72
C TYR C 119 -46.47 -12.11 56.34
N GLY C 120 -45.64 -13.09 55.98
CA GLY C 120 -45.71 -13.66 54.65
C GLY C 120 -46.96 -14.48 54.43
N LYS C 121 -47.32 -14.62 53.15
CA LYS C 121 -48.48 -15.40 52.74
C LYS C 121 -48.07 -16.78 52.19
N ARG C 122 -47.23 -16.80 51.15
CA ARG C 122 -46.75 -18.06 50.58
C ARG C 122 -45.30 -17.85 50.17
N VAL C 123 -44.38 -18.44 50.94
CA VAL C 123 -42.95 -18.28 50.70
C VAL C 123 -42.44 -19.48 49.91
N HIS C 124 -41.65 -19.22 48.87
CA HIS C 124 -41.08 -20.27 48.04
C HIS C 124 -39.63 -20.50 48.46
N ILE C 125 -39.35 -21.70 48.96
CA ILE C 125 -38.01 -22.07 49.42
C ILE C 125 -37.67 -23.43 48.85
N LEU C 126 -36.45 -23.57 48.33
CA LEU C 126 -36.01 -24.84 47.78
C LEU C 126 -34.70 -25.25 48.42
N PRO C 127 -34.47 -26.55 48.59
CA PRO C 127 -33.26 -27.01 49.28
C PRO C 127 -32.05 -27.13 48.37
N VAL C 128 -30.87 -27.29 48.96
CA VAL C 128 -29.66 -27.59 48.22
C VAL C 128 -29.61 -29.09 47.99
N ASP C 129 -29.13 -29.49 46.80
CA ASP C 129 -29.22 -30.88 46.40
C ASP C 129 -28.42 -31.80 47.32
N ASP C 130 -27.22 -31.39 47.71
CA ASP C 130 -26.35 -32.26 48.50
C ASP C 130 -26.63 -32.21 50.01
N THR C 131 -27.46 -31.27 50.46
CA THR C 131 -27.73 -31.12 51.88
C THR C 131 -28.96 -31.90 52.34
N VAL C 132 -29.64 -32.61 51.45
CA VAL C 132 -30.87 -33.32 51.78
C VAL C 132 -30.67 -34.83 51.77
N GLU C 133 -29.43 -35.29 51.70
CA GLU C 133 -29.15 -36.73 51.67
C GLU C 133 -29.42 -37.31 53.07
N GLY C 134 -30.58 -37.92 53.25
CA GLY C 134 -30.93 -38.50 54.52
C GLY C 134 -32.38 -38.27 54.91
N VAL C 135 -33.06 -37.37 54.20
CA VAL C 135 -34.46 -37.04 54.46
C VAL C 135 -35.27 -37.44 53.24
N THR C 136 -36.35 -38.20 53.46
CA THR C 136 -37.13 -38.76 52.38
C THR C 136 -38.51 -38.13 52.22
N GLY C 137 -39.14 -37.69 53.30
CA GLY C 137 -40.47 -37.13 53.24
C GLY C 137 -40.46 -35.70 52.72
N ASN C 138 -41.63 -35.08 52.78
CA ASN C 138 -41.77 -33.68 52.39
C ASN C 138 -40.84 -32.83 53.25
N LEU C 139 -39.83 -32.23 52.61
CA LEU C 139 -38.81 -31.51 53.35
C LEU C 139 -39.39 -30.35 54.15
N PHE C 140 -40.45 -29.72 53.64
CA PHE C 140 -41.13 -28.69 54.40
C PHE C 140 -41.61 -29.22 55.74
N ASP C 141 -42.54 -30.16 55.72
CA ASP C 141 -43.07 -30.74 56.96
C ASP C 141 -41.96 -31.40 57.77
N ALA C 142 -40.92 -31.90 57.11
CA ALA C 142 -39.86 -32.63 57.81
C ALA C 142 -39.00 -31.69 58.65
N TYR C 143 -38.58 -30.55 58.08
CA TYR C 143 -37.57 -29.74 58.74
C TYR C 143 -37.97 -28.28 58.93
N LEU C 144 -38.70 -27.71 57.97
CA LEU C 144 -38.97 -26.28 58.02
C LEU C 144 -39.95 -25.94 59.14
N LYS C 145 -41.05 -26.69 59.23
CA LYS C 145 -42.07 -26.35 60.22
C LYS C 145 -41.64 -26.60 61.67
N PRO C 146 -40.77 -27.56 61.97
CA PRO C 146 -40.22 -27.60 63.34
C PRO C 146 -39.42 -26.36 63.72
N TYR C 147 -38.78 -25.70 62.75
CA TYR C 147 -37.87 -24.60 63.04
C TYR C 147 -38.35 -23.25 62.55
N PHE C 148 -38.97 -23.18 61.37
CA PHE C 148 -39.32 -21.90 60.76
C PHE C 148 -40.81 -21.59 60.82
N LEU C 149 -41.67 -22.51 60.40
CA LEU C 149 -43.10 -22.29 60.49
C LEU C 149 -43.52 -22.18 61.95
N GLU C 150 -44.39 -21.21 62.23
CA GLU C 150 -44.91 -20.87 63.56
C GLU C 150 -43.85 -20.26 64.46
N ALA C 151 -42.60 -20.17 64.03
CA ALA C 151 -41.55 -19.52 64.82
C ALA C 151 -41.37 -18.05 64.43
N TYR C 152 -42.03 -17.60 63.37
CA TYR C 152 -41.98 -16.20 62.94
C TYR C 152 -40.55 -15.73 62.67
N ARG C 153 -39.76 -16.59 62.04
CA ARG C 153 -38.42 -16.20 61.65
C ARG C 153 -38.47 -15.28 60.44
N PRO C 154 -37.75 -14.16 60.45
CA PRO C 154 -37.72 -13.28 59.27
C PRO C 154 -36.74 -13.81 58.23
N VAL C 155 -37.18 -13.89 56.98
CA VAL C 155 -36.37 -14.39 55.88
C VAL C 155 -36.41 -13.39 54.73
N ARG C 156 -35.39 -13.47 53.89
CA ARG C 156 -35.21 -12.58 52.76
C ARG C 156 -34.93 -13.39 51.51
N LYS C 157 -35.38 -12.88 50.37
CA LYS C 157 -35.24 -13.61 49.11
C LYS C 157 -33.77 -13.80 48.74
N GLY C 158 -33.43 -14.99 48.29
CA GLY C 158 -32.09 -15.31 47.87
C GLY C 158 -31.10 -15.59 48.98
N ASP C 159 -31.55 -15.68 50.22
CA ASP C 159 -30.67 -15.89 51.36
C ASP C 159 -30.77 -17.33 51.86
N LEU C 160 -29.61 -17.94 52.08
CA LEU C 160 -29.55 -19.30 52.59
C LEU C 160 -29.93 -19.34 54.06
N PHE C 161 -30.26 -20.54 54.53
CA PHE C 161 -30.42 -20.78 55.96
C PHE C 161 -30.22 -22.26 56.23
N LEU C 162 -29.96 -22.58 57.50
CA LEU C 162 -29.65 -23.93 57.93
C LEU C 162 -30.67 -24.40 58.95
N VAL C 163 -31.11 -25.65 58.81
CA VAL C 163 -32.03 -26.29 59.74
C VAL C 163 -31.28 -27.45 60.39
N ARG C 164 -31.20 -27.42 61.72
CA ARG C 164 -30.47 -28.42 62.49
C ARG C 164 -31.44 -29.42 63.12
N GLY C 165 -31.85 -30.39 62.30
CA GLY C 165 -32.72 -31.44 62.77
C GLY C 165 -32.04 -32.52 63.58
N GLY C 166 -30.74 -32.37 63.85
CA GLY C 166 -29.97 -33.36 64.56
C GLY C 166 -28.61 -33.54 63.93
N MET C 167 -28.19 -34.79 63.73
CA MET C 167 -26.97 -35.04 62.98
C MET C 167 -27.11 -34.67 61.51
N ARG C 168 -28.34 -34.53 61.02
CA ARG C 168 -28.60 -34.21 59.62
C ARG C 168 -28.95 -32.72 59.53
N SER C 169 -27.94 -31.90 59.27
CA SER C 169 -28.14 -30.47 59.06
C SER C 169 -28.44 -30.21 57.59
N VAL C 170 -29.56 -29.55 57.31
CA VAL C 170 -30.04 -29.37 55.94
C VAL C 170 -30.09 -27.89 55.63
N GLU C 171 -29.52 -27.50 54.49
CA GLU C 171 -29.46 -26.09 54.09
C GLU C 171 -30.45 -25.83 52.96
N PHE C 172 -31.17 -24.71 53.08
CA PHE C 172 -32.17 -24.30 52.10
C PHE C 172 -31.85 -22.91 51.61
N LYS C 173 -32.42 -22.55 50.45
CA LYS C 173 -32.31 -21.22 49.88
C LYS C 173 -33.69 -20.75 49.47
N VAL C 174 -34.00 -19.50 49.79
CA VAL C 174 -35.30 -18.93 49.42
C VAL C 174 -35.26 -18.48 47.97
N ILE C 175 -36.22 -18.94 47.18
CA ILE C 175 -36.30 -18.62 45.76
C ILE C 175 -37.18 -17.40 45.51
N GLU C 176 -38.31 -17.31 46.22
CA GLU C 176 -39.24 -16.19 46.03
C GLU C 176 -40.05 -16.03 47.31
N THR C 177 -39.77 -14.96 48.04
CA THR C 177 -40.60 -14.61 49.20
C THR C 177 -41.88 -13.90 48.74
N ASP C 178 -42.83 -13.81 49.66
CA ASP C 178 -44.06 -13.07 49.41
C ASP C 178 -44.46 -12.34 50.68
N PRO C 179 -44.27 -11.01 50.79
CA PRO C 179 -43.75 -10.06 49.77
C PRO C 179 -42.34 -10.38 49.27
N ALA C 180 -42.04 -9.94 48.04
CA ALA C 180 -40.86 -10.43 47.33
C ALA C 180 -39.57 -10.06 48.06
N GLU C 181 -39.49 -8.85 48.60
CA GLU C 181 -38.25 -8.39 49.20
C GLU C 181 -37.87 -9.24 50.40
N TYR C 182 -38.78 -9.41 51.35
CA TYR C 182 -38.55 -10.20 52.55
C TYR C 182 -39.85 -10.30 53.34
N CYS C 183 -39.95 -11.33 54.18
CA CYS C 183 -41.17 -11.52 54.95
C CYS C 183 -40.88 -12.42 56.14
N VAL C 184 -41.82 -12.41 57.08
CA VAL C 184 -41.76 -13.28 58.25
C VAL C 184 -42.43 -14.60 57.90
N VAL C 185 -41.87 -15.70 58.40
CA VAL C 185 -42.42 -17.02 58.12
C VAL C 185 -43.56 -17.29 59.08
N ALA C 186 -44.76 -16.83 58.72
CA ALA C 186 -45.95 -17.07 59.51
C ALA C 186 -46.43 -18.50 59.31
N PRO C 187 -47.28 -19.00 60.21
CA PRO C 187 -47.86 -20.34 59.99
C PRO C 187 -48.63 -20.47 58.69
N ASP C 188 -49.11 -19.35 58.13
CA ASP C 188 -49.81 -19.37 56.85
C ASP C 188 -48.88 -19.62 55.67
N THR C 189 -47.56 -19.56 55.88
CA THR C 189 -46.59 -19.70 54.78
C THR C 189 -46.35 -21.18 54.50
N GLU C 190 -47.32 -21.79 53.84
CA GLU C 190 -47.21 -23.18 53.42
C GLU C 190 -46.48 -23.25 52.08
N ILE C 191 -45.61 -24.27 51.94
CA ILE C 191 -44.85 -24.47 50.72
C ILE C 191 -44.57 -25.95 50.56
N PHE C 192 -44.56 -26.41 49.30
CA PHE C 192 -44.22 -27.77 48.97
C PHE C 192 -43.06 -27.78 48.00
N CYS C 193 -42.31 -28.88 48.00
CA CYS C 193 -41.10 -28.99 47.18
C CYS C 193 -41.46 -28.99 45.71
N GLU C 194 -41.14 -27.89 45.02
CA GLU C 194 -41.36 -27.80 43.57
C GLU C 194 -40.16 -28.38 42.83
N GLY C 195 -39.98 -29.67 43.02
CA GLY C 195 -38.83 -30.35 42.43
C GLY C 195 -37.53 -30.01 43.14
N GLU C 196 -36.44 -30.37 42.47
CA GLU C 196 -35.09 -30.09 42.97
C GLU C 196 -34.27 -29.45 41.85
N PRO C 197 -34.51 -28.17 41.54
CA PRO C 197 -33.71 -27.51 40.51
C PRO C 197 -32.54 -26.73 41.09
N VAL C 198 -32.48 -26.63 42.43
CA VAL C 198 -31.48 -25.80 43.10
C VAL C 198 -30.33 -26.71 43.49
N LYS C 199 -29.29 -26.72 42.66
CA LYS C 199 -28.07 -27.44 42.96
C LYS C 199 -27.08 -26.53 43.68
N ARG C 200 -26.07 -27.15 44.28
CA ARG C 200 -25.05 -26.39 45.00
C ARG C 200 -24.12 -25.63 44.05
N GLU C 201 -24.03 -26.05 42.78
CA GLU C 201 -23.20 -25.35 41.81
C GLU C 201 -23.60 -23.89 41.68
N ASP C 202 -24.86 -23.55 41.96
CA ASP C 202 -25.32 -22.17 41.92
C ASP C 202 -24.51 -21.25 42.84
N GLU C 203 -23.68 -21.81 43.72
CA GLU C 203 -22.78 -20.97 44.51
C GLU C 203 -21.88 -20.11 43.64
N GLU C 204 -21.61 -20.55 42.40
CA GLU C 204 -20.80 -19.74 41.50
C GLU C 204 -21.43 -18.37 41.26
N ARG C 205 -22.76 -18.28 41.34
CA ARG C 205 -23.43 -17.00 41.14
C ARG C 205 -23.46 -16.16 42.42
N LEU C 206 -23.15 -16.75 43.57
CA LEU C 206 -23.28 -16.04 44.83
C LEU C 206 -22.25 -14.94 45.01
N ASP C 207 -21.14 -14.97 44.27
CA ASP C 207 -20.06 -14.02 44.43
C ASP C 207 -19.75 -13.31 43.12
N ASP C 208 -19.47 -12.02 43.21
CA ASP C 208 -18.95 -11.23 42.09
C ASP C 208 -17.97 -10.22 42.63
N VAL C 209 -17.10 -9.73 41.75
CA VAL C 209 -15.99 -8.88 42.18
C VAL C 209 -16.51 -7.57 42.77
N GLY C 210 -15.74 -7.03 43.71
CA GLY C 210 -16.09 -5.78 44.36
C GLY C 210 -14.91 -4.83 44.47
N TYR C 211 -15.08 -3.73 45.20
CA TYR C 211 -13.99 -2.77 45.35
C TYR C 211 -12.82 -3.33 46.14
N ASP C 212 -13.03 -4.42 46.90
CA ASP C 212 -11.96 -4.99 47.72
C ASP C 212 -11.23 -6.14 47.04
N ASP C 213 -11.70 -6.60 45.88
CA ASP C 213 -11.06 -7.69 45.17
C ASP C 213 -10.15 -7.21 44.04
N VAL C 214 -9.92 -5.91 43.95
CA VAL C 214 -8.96 -5.33 43.02
C VAL C 214 -7.90 -4.61 43.84
N GLY C 215 -6.67 -5.13 43.80
CA GLY C 215 -5.61 -4.56 44.61
C GLY C 215 -4.47 -4.00 43.80
N GLY C 216 -3.60 -3.23 44.46
CA GLY C 216 -2.45 -2.65 43.78
C GLY C 216 -2.71 -1.27 43.23
N VAL C 217 -3.69 -1.15 42.36
CA VAL C 217 -4.05 0.14 41.75
C VAL C 217 -5.06 0.82 42.66
N ARG C 218 -4.64 1.89 43.31
CA ARG C 218 -5.48 2.64 44.23
C ARG C 218 -5.84 4.02 43.73
N LYS C 219 -4.88 4.77 43.17
CA LYS C 219 -5.20 6.09 42.63
C LYS C 219 -6.14 5.97 41.44
N GLN C 220 -5.87 5.03 40.53
CA GLN C 220 -6.73 4.88 39.35
C GLN C 220 -8.14 4.48 39.76
N MET C 221 -8.27 3.59 40.73
CA MET C 221 -9.60 3.23 41.22
C MET C 221 -10.30 4.43 41.83
N ALA C 222 -9.56 5.28 42.55
CA ALA C 222 -10.16 6.49 43.11
C ALA C 222 -10.66 7.43 42.03
N GLN C 223 -9.86 7.62 40.97
CA GLN C 223 -10.30 8.47 39.87
C GLN C 223 -11.53 7.90 39.19
N ILE C 224 -11.55 6.59 38.93
CA ILE C 224 -12.70 5.96 38.30
C ILE C 224 -13.93 6.13 39.17
N ARG C 225 -13.78 5.96 40.49
CA ARG C 225 -14.90 6.12 41.39
C ARG C 225 -15.44 7.54 41.34
N GLU C 226 -14.56 8.54 41.45
CA GLU C 226 -15.03 9.92 41.43
C GLU C 226 -15.61 10.32 40.09
N LEU C 227 -15.25 9.63 39.01
CA LEU C 227 -15.81 9.95 37.71
C LEU C 227 -17.12 9.22 37.42
N VAL C 228 -17.35 8.06 38.04
CA VAL C 228 -18.53 7.23 37.75
C VAL C 228 -19.56 7.30 38.86
N GLU C 229 -19.18 6.92 40.08
CA GLU C 229 -20.16 6.81 41.16
C GLU C 229 -20.75 8.16 41.54
N LEU C 230 -19.92 9.21 41.58
CA LEU C 230 -20.41 10.52 42.02
C LEU C 230 -21.48 11.09 41.12
N PRO C 231 -21.36 11.09 39.78
CA PRO C 231 -22.47 11.60 38.97
C PRO C 231 -23.65 10.64 38.89
N LEU C 232 -23.39 9.34 38.81
CA LEU C 232 -24.46 8.38 38.63
C LEU C 232 -25.33 8.22 39.87
N ARG C 233 -24.87 8.70 41.03
CA ARG C 233 -25.64 8.60 42.25
C ARG C 233 -25.95 9.94 42.90
N HIS C 234 -25.11 10.95 42.70
CA HIS C 234 -25.31 12.28 43.27
C HIS C 234 -25.20 13.33 42.16
N PRO C 235 -26.21 13.42 41.30
CA PRO C 235 -26.19 14.49 40.29
C PRO C 235 -26.46 15.87 40.87
N GLN C 236 -26.85 15.95 42.14
CA GLN C 236 -27.18 17.24 42.75
C GLN C 236 -25.97 18.16 42.79
N LEU C 237 -24.79 17.60 43.07
CA LEU C 237 -23.59 18.42 43.11
C LEU C 237 -23.32 19.09 41.75
N PHE C 238 -23.42 18.30 40.68
CA PHE C 238 -23.15 18.83 39.36
C PHE C 238 -24.28 19.73 38.86
N LYS C 239 -25.48 19.58 39.41
CA LYS C 239 -26.54 20.55 39.11
C LYS C 239 -26.30 21.87 39.83
N SER C 240 -25.84 21.79 41.07
CA SER C 240 -25.65 23.01 41.87
C SER C 240 -24.46 23.82 41.37
N ILE C 241 -23.32 23.16 41.14
CA ILE C 241 -22.14 23.90 40.72
C ILE C 241 -22.13 24.18 39.23
N GLY C 242 -22.89 23.42 38.44
CA GLY C 242 -23.07 23.72 37.04
C GLY C 242 -21.96 23.25 36.11
N VAL C 243 -21.69 21.95 36.09
CA VAL C 243 -20.75 21.36 35.16
C VAL C 243 -21.31 20.05 34.64
N LYS C 244 -21.13 19.80 33.35
CA LYS C 244 -21.46 18.51 32.78
C LYS C 244 -20.37 17.51 33.13
N PRO C 245 -20.69 16.40 33.80
CA PRO C 245 -19.65 15.42 34.11
C PRO C 245 -19.12 14.77 32.85
N PRO C 246 -17.88 14.27 32.88
CA PRO C 246 -17.36 13.56 31.70
C PRO C 246 -18.17 12.32 31.41
N LYS C 247 -18.29 12.01 30.12
CA LYS C 247 -19.12 10.92 29.63
C LYS C 247 -18.30 9.95 28.79
N GLY C 248 -17.13 9.58 29.28
CA GLY C 248 -16.29 8.62 28.61
C GLY C 248 -14.97 8.43 29.32
N ILE C 249 -14.55 7.18 29.47
CA ILE C 249 -13.28 6.84 30.10
C ILE C 249 -12.53 5.88 29.20
N LEU C 250 -11.22 6.07 29.07
CA LEU C 250 -10.39 5.21 28.25
C LEU C 250 -9.31 4.62 29.15
N LEU C 251 -9.51 3.39 29.61
CA LEU C 251 -8.49 2.70 30.39
C LEU C 251 -7.46 2.09 29.44
N TYR C 252 -6.18 2.37 29.71
CA TYR C 252 -5.14 1.76 28.92
C TYR C 252 -4.01 1.34 29.85
N GLY C 253 -3.34 0.25 29.47
CA GLY C 253 -2.28 -0.31 30.28
C GLY C 253 -1.70 -1.56 29.65
N PRO C 254 -0.81 -2.24 30.38
CA PRO C 254 -0.22 -3.45 29.85
C PRO C 254 -1.27 -4.55 29.71
N PRO C 255 -1.08 -5.47 28.77
CA PRO C 255 -2.07 -6.55 28.61
C PRO C 255 -2.12 -7.44 29.84
N GLY C 256 -3.34 -7.79 30.25
CA GLY C 256 -3.53 -8.59 31.44
C GLY C 256 -3.08 -7.91 32.72
N SER C 257 -3.48 -6.66 32.90
CA SER C 257 -3.08 -5.91 34.09
C SER C 257 -4.25 -5.50 34.96
N GLY C 258 -5.47 -5.86 34.59
CA GLY C 258 -6.63 -5.65 35.44
C GLY C 258 -7.66 -4.66 34.94
N LYS C 259 -7.65 -4.31 33.65
CA LYS C 259 -8.60 -3.32 33.15
C LYS C 259 -10.03 -3.83 33.23
N THR C 260 -10.26 -5.04 32.68
CA THR C 260 -11.61 -5.61 32.71
C THR C 260 -12.06 -5.84 34.15
N LEU C 261 -11.15 -6.28 35.01
CA LEU C 261 -11.51 -6.51 36.41
C LEU C 261 -11.91 -5.21 37.10
N ILE C 262 -11.17 -4.13 36.82
CA ILE C 262 -11.52 -2.83 37.41
C ILE C 262 -12.89 -2.38 36.94
N ALA C 263 -13.15 -2.50 35.63
CA ALA C 263 -14.44 -2.10 35.11
C ALA C 263 -15.57 -2.91 35.72
N ARG C 264 -15.39 -4.22 35.81
CA ARG C 264 -16.44 -5.08 36.37
C ARG C 264 -16.66 -4.78 37.84
N ALA C 265 -15.57 -4.55 38.60
CA ALA C 265 -15.71 -4.23 40.01
C ALA C 265 -16.47 -2.92 40.20
N VAL C 266 -16.15 -1.91 39.40
CA VAL C 266 -16.86 -0.63 39.52
C VAL C 266 -18.33 -0.80 39.18
N ALA C 267 -18.61 -1.54 38.11
CA ALA C 267 -20.00 -1.74 37.71
C ALA C 267 -20.79 -2.46 38.80
N ASN C 268 -20.21 -3.52 39.38
CA ASN C 268 -20.92 -4.28 40.40
C ASN C 268 -21.03 -3.52 41.71
N GLU C 269 -20.05 -2.66 42.01
CA GLU C 269 -20.11 -1.89 43.25
C GLU C 269 -21.10 -0.74 43.17
N THR C 270 -21.22 -0.11 42.00
CA THR C 270 -22.12 1.03 41.86
C THR C 270 -23.56 0.62 41.59
N GLY C 271 -23.81 -0.66 41.32
CA GLY C 271 -25.17 -1.13 41.11
C GLY C 271 -25.82 -0.70 39.81
N ALA C 272 -25.02 -0.35 38.80
CA ALA C 272 -25.56 0.11 37.54
C ALA C 272 -25.80 -1.07 36.60
N PHE C 273 -26.65 -0.84 35.60
CA PHE C 273 -26.96 -1.84 34.59
C PHE C 273 -25.76 -1.98 33.65
N PHE C 274 -24.82 -2.82 34.01
CA PHE C 274 -23.60 -3.00 33.23
C PHE C 274 -23.93 -3.67 31.90
N PHE C 275 -23.22 -3.27 30.85
CA PHE C 275 -23.38 -3.85 29.53
C PHE C 275 -22.01 -4.02 28.90
N CYS C 276 -21.74 -5.22 28.37
CA CYS C 276 -20.43 -5.56 27.85
C CYS C 276 -20.49 -5.74 26.34
N ILE C 277 -19.62 -5.04 25.63
CA ILE C 277 -19.47 -5.17 24.18
C ILE C 277 -18.04 -5.63 23.93
N ASN C 278 -17.86 -6.91 23.65
CA ASN C 278 -16.53 -7.41 23.36
C ASN C 278 -16.08 -6.97 21.97
N GLY C 279 -14.77 -6.88 21.78
CA GLY C 279 -14.21 -6.45 20.53
C GLY C 279 -14.36 -7.47 19.43
N PRO C 280 -13.65 -8.59 19.56
CA PRO C 280 -13.76 -9.65 18.54
C PRO C 280 -15.17 -10.19 18.38
N GLU C 281 -15.97 -10.21 19.45
CA GLU C 281 -17.33 -10.72 19.34
C GLU C 281 -18.15 -9.90 18.35
N ILE C 282 -18.05 -8.57 18.43
CA ILE C 282 -18.73 -7.73 17.46
C ILE C 282 -18.05 -7.82 16.10
N MET C 283 -16.72 -7.87 16.08
CA MET C 283 -16.01 -7.91 14.81
C MET C 283 -16.12 -9.25 14.08
N SER C 284 -16.58 -10.30 14.75
CA SER C 284 -16.65 -11.61 14.13
C SER C 284 -17.97 -11.87 13.41
N LYS C 285 -18.96 -11.01 13.59
CA LYS C 285 -20.26 -11.27 13.00
C LYS C 285 -20.30 -10.82 11.54
N LEU C 286 -21.36 -11.22 10.84
CA LEU C 286 -21.49 -10.95 9.42
C LEU C 286 -21.69 -9.45 9.18
N ALA C 287 -21.54 -9.06 7.91
CA ALA C 287 -21.74 -7.67 7.53
C ALA C 287 -23.19 -7.28 7.72
N GLY C 288 -23.41 -6.07 8.23
CA GLY C 288 -24.75 -5.58 8.50
C GLY C 288 -25.23 -5.98 9.89
N GLU C 289 -24.77 -7.13 10.38
CA GLU C 289 -25.13 -7.57 11.72
C GLU C 289 -24.37 -6.84 12.80
N SER C 290 -23.12 -6.43 12.51
CA SER C 290 -22.32 -5.73 13.52
C SER C 290 -22.92 -4.38 13.88
N GLU C 291 -23.31 -3.60 12.86
CA GLU C 291 -23.95 -2.31 13.12
C GLU C 291 -25.26 -2.50 13.86
N SER C 292 -26.01 -3.55 13.52
CA SER C 292 -27.26 -3.83 14.23
C SER C 292 -26.99 -4.13 15.69
N ASN C 293 -25.96 -4.94 15.99
CA ASN C 293 -25.64 -5.24 17.37
C ASN C 293 -25.23 -3.99 18.14
N LEU C 294 -24.38 -3.15 17.53
CA LEU C 294 -23.95 -1.93 18.21
C LEU C 294 -25.12 -1.00 18.48
N ARG C 295 -26.00 -0.82 17.48
CA ARG C 295 -27.16 0.03 17.66
C ARG C 295 -28.10 -0.52 18.73
N LYS C 296 -28.33 -1.84 18.72
CA LYS C 296 -29.16 -2.45 19.74
C LYS C 296 -28.57 -2.25 21.13
N ALA C 297 -27.25 -2.42 21.26
CA ALA C 297 -26.61 -2.26 22.57
C ALA C 297 -26.75 -0.83 23.07
N PHE C 298 -26.49 0.15 22.20
CA PHE C 298 -26.61 1.54 22.62
C PHE C 298 -28.04 1.90 23.00
N GLU C 299 -29.02 1.44 22.20
CA GLU C 299 -30.41 1.74 22.51
C GLU C 299 -30.83 1.08 23.82
N GLU C 300 -30.40 -0.17 24.05
CA GLU C 300 -30.74 -0.85 25.30
C GLU C 300 -30.12 -0.15 26.49
N ALA C 301 -28.89 0.33 26.34
CA ALA C 301 -28.25 1.07 27.44
C ALA C 301 -28.98 2.38 27.72
N GLU C 302 -29.41 3.08 26.67
CA GLU C 302 -30.17 4.30 26.88
C GLU C 302 -31.61 4.04 27.30
N LYS C 303 -32.07 2.79 27.25
CA LYS C 303 -33.42 2.45 27.67
C LYS C 303 -33.54 2.17 29.16
N ASN C 304 -32.46 1.73 29.81
CA ASN C 304 -32.52 1.36 31.20
C ASN C 304 -31.55 2.20 32.04
N ALA C 305 -31.60 3.52 31.86
CA ALA C 305 -30.70 4.40 32.58
C ALA C 305 -30.88 4.23 34.09
N PRO C 306 -29.80 4.31 34.87
CA PRO C 306 -28.40 4.56 34.48
C PRO C 306 -27.76 3.33 33.86
N SER C 307 -26.73 3.48 33.02
CA SER C 307 -26.14 2.34 32.34
C SER C 307 -24.66 2.61 32.10
N ILE C 308 -23.95 1.53 31.78
CA ILE C 308 -22.54 1.59 31.40
C ILE C 308 -22.36 0.70 30.19
N ILE C 309 -21.54 1.14 29.23
CA ILE C 309 -21.27 0.39 28.02
C ILE C 309 -19.76 0.16 27.98
N PHE C 310 -19.31 -0.97 28.50
CA PHE C 310 -17.89 -1.26 28.54
C PHE C 310 -17.46 -1.86 27.21
N ILE C 311 -17.15 -0.98 26.24
CA ILE C 311 -16.55 -1.44 25.00
C ILE C 311 -15.18 -2.00 25.31
N ASP C 312 -14.95 -3.26 24.96
CA ASP C 312 -13.72 -3.96 25.29
C ASP C 312 -12.86 -4.12 24.05
N GLU C 313 -11.58 -3.78 24.18
CA GLU C 313 -10.61 -3.89 23.09
C GLU C 313 -11.05 -3.07 21.87
N ILE C 314 -11.09 -1.76 22.08
CA ILE C 314 -11.40 -0.84 20.99
C ILE C 314 -10.36 -0.94 19.88
N ASP C 315 -9.18 -1.46 20.18
CA ASP C 315 -8.15 -1.63 19.16
C ASP C 315 -8.62 -2.55 18.05
N SER C 316 -9.41 -3.57 18.39
CA SER C 316 -9.84 -4.54 17.39
C SER C 316 -10.91 -3.97 16.48
N ILE C 317 -11.87 -3.21 17.04
CA ILE C 317 -13.00 -2.73 16.26
C ILE C 317 -12.78 -1.32 15.69
N ALA C 318 -11.93 -0.51 16.31
CA ALA C 318 -11.65 0.85 15.85
C ALA C 318 -10.15 1.07 15.79
N PRO C 319 -9.47 0.42 14.85
CA PRO C 319 -8.01 0.57 14.76
C PRO C 319 -7.62 1.92 14.21
N LYS C 320 -6.37 2.28 14.44
CA LYS C 320 -5.84 3.52 13.88
C LYS C 320 -5.83 3.44 12.37
N ARG C 321 -6.37 4.46 11.72
CA ARG C 321 -6.61 4.42 10.27
C ARG C 321 -5.44 5.09 9.54
N GLU C 322 -4.31 4.39 9.54
CA GLU C 322 -3.20 4.84 8.71
C GLU C 322 -3.48 4.55 7.23
N LYS C 323 -4.00 3.36 6.93
CA LYS C 323 -4.49 3.01 5.61
C LYS C 323 -5.32 1.74 5.70
N THR C 324 -6.59 1.82 5.30
CA THR C 324 -7.46 0.65 5.30
C THR C 324 -8.54 0.84 4.24
N ASN C 325 -8.98 -0.28 3.66
CA ASN C 325 -9.99 -0.25 2.61
C ASN C 325 -11.22 -1.08 2.93
N GLY C 326 -11.16 -1.95 3.93
CA GLY C 326 -12.28 -2.79 4.30
C GLY C 326 -13.56 -2.01 4.54
N GLU C 327 -14.57 -2.25 3.70
CA GLU C 327 -15.82 -1.50 3.82
C GLU C 327 -16.49 -1.75 5.16
N VAL C 328 -16.48 -2.99 5.64
CA VAL C 328 -17.11 -3.29 6.92
C VAL C 328 -16.38 -2.57 8.05
N GLU C 329 -15.05 -2.48 7.96
CA GLU C 329 -14.28 -1.79 8.99
C GLU C 329 -14.64 -0.30 9.03
N ARG C 330 -14.67 0.36 7.87
CA ARG C 330 -15.04 1.76 7.85
C ARG C 330 -16.47 1.96 8.34
N ARG C 331 -17.38 1.07 7.94
CA ARG C 331 -18.77 1.19 8.38
C ARG C 331 -18.89 1.06 9.88
N ILE C 332 -18.19 0.09 10.49
CA ILE C 332 -18.31 -0.10 11.92
C ILE C 332 -17.66 1.06 12.68
N VAL C 333 -16.53 1.57 12.19
CA VAL C 333 -15.89 2.71 12.84
C VAL C 333 -16.82 3.92 12.80
N SER C 334 -17.40 4.18 11.63
CA SER C 334 -18.29 5.33 11.50
C SER C 334 -19.55 5.16 12.32
N GLN C 335 -20.07 3.93 12.41
CA GLN C 335 -21.23 3.68 13.26
C GLN C 335 -20.92 3.95 14.72
N LEU C 336 -19.74 3.51 15.18
CA LEU C 336 -19.35 3.78 16.56
C LEU C 336 -19.21 5.28 16.80
N LEU C 337 -18.59 5.99 15.87
CA LEU C 337 -18.43 7.43 16.03
C LEU C 337 -19.79 8.14 16.07
N THR C 338 -20.70 7.75 15.18
CA THR C 338 -22.01 8.38 15.14
C THR C 338 -22.79 8.12 16.42
N LEU C 339 -22.77 6.88 16.91
CA LEU C 339 -23.47 6.58 18.15
C LEU C 339 -22.85 7.32 19.33
N MET C 340 -21.51 7.38 19.39
CA MET C 340 -20.87 8.09 20.49
C MET C 340 -21.20 9.57 20.48
N ASP C 341 -21.21 10.19 19.29
CA ASP C 341 -21.53 11.61 19.21
C ASP C 341 -23.02 11.90 19.40
N GLY C 342 -23.89 10.94 19.07
CA GLY C 342 -25.31 11.09 19.34
C GLY C 342 -25.72 10.75 20.75
N LEU C 343 -24.82 10.15 21.52
CA LEU C 343 -25.03 9.88 22.93
C LEU C 343 -25.11 11.14 23.78
N LYS C 344 -24.76 12.31 23.21
CA LYS C 344 -24.68 13.55 23.97
C LYS C 344 -26.01 13.99 24.58
N SER C 345 -27.08 13.22 24.38
CA SER C 345 -28.33 13.41 25.11
C SER C 345 -28.28 12.82 26.51
N ARG C 346 -27.06 12.59 27.02
CA ARG C 346 -26.77 11.99 28.32
C ARG C 346 -27.71 10.85 28.67
N ALA C 347 -28.62 11.09 29.61
CA ALA C 347 -29.47 10.04 30.20
C ALA C 347 -28.61 8.98 30.89
N HIS C 348 -27.50 9.42 31.50
CA HIS C 348 -26.67 8.58 32.37
C HIS C 348 -26.16 7.34 31.63
N VAL C 349 -25.38 7.58 30.58
CA VAL C 349 -24.79 6.50 29.78
C VAL C 349 -23.29 6.77 29.71
N ILE C 350 -22.54 6.17 30.63
CA ILE C 350 -21.09 6.34 30.70
C ILE C 350 -20.44 5.23 29.88
N VAL C 351 -19.56 5.60 28.96
CA VAL C 351 -18.91 4.65 28.07
C VAL C 351 -17.47 4.48 28.51
N MET C 352 -17.10 3.24 28.86
CA MET C 352 -15.74 2.91 29.21
C MET C 352 -15.14 2.01 28.14
N GLY C 353 -13.92 2.33 27.72
CA GLY C 353 -13.21 1.51 26.76
C GLY C 353 -11.89 1.05 27.34
N ALA C 354 -11.39 -0.05 26.81
CA ALA C 354 -10.13 -0.63 27.27
C ALA C 354 -9.21 -0.85 26.09
N THR C 355 -7.94 -0.53 26.26
CA THR C 355 -6.96 -0.73 25.19
C THR C 355 -5.59 -0.93 25.81
N ASN C 356 -4.64 -1.32 24.97
CA ASN C 356 -3.28 -1.58 25.43
C ASN C 356 -2.33 -0.40 25.20
N ARG C 357 -2.63 0.47 24.25
CA ARG C 357 -1.85 1.68 24.03
C ARG C 357 -2.70 2.73 23.34
N PRO C 358 -2.71 3.97 23.83
CA PRO C 358 -3.55 5.00 23.20
C PRO C 358 -3.16 5.36 21.79
N ASN C 359 -1.92 5.05 21.36
CA ASN C 359 -1.48 5.43 20.03
C ASN C 359 -2.00 4.49 18.94
N SER C 360 -2.53 3.33 19.31
CA SER C 360 -3.05 2.39 18.32
C SER C 360 -4.54 2.57 18.06
N ILE C 361 -5.22 3.40 18.86
CA ILE C 361 -6.65 3.63 18.64
C ILE C 361 -6.84 4.63 17.50
N ASP C 362 -8.07 4.70 17.00
CA ASP C 362 -8.39 5.66 15.96
C ASP C 362 -8.28 7.07 16.53
N PRO C 363 -7.46 7.95 15.94
CA PRO C 363 -7.29 9.29 16.51
C PRO C 363 -8.57 10.09 16.58
N ALA C 364 -9.58 9.75 15.77
CA ALA C 364 -10.85 10.47 15.82
C ALA C 364 -11.64 10.20 17.08
N LEU C 365 -11.23 9.23 17.90
CA LEU C 365 -11.94 8.88 19.12
C LEU C 365 -11.37 9.55 20.35
N ARG C 366 -10.73 10.71 20.20
CA ARG C 366 -10.14 11.42 21.32
C ARG C 366 -10.56 12.89 21.40
N ARG C 367 -11.43 13.34 20.52
CA ARG C 367 -11.81 14.75 20.49
C ARG C 367 -12.77 15.06 21.64
N PHE C 368 -13.35 16.26 21.63
CA PHE C 368 -14.24 16.65 22.72
C PHE C 368 -15.45 15.72 22.77
N GLY C 369 -15.92 15.45 23.98
CA GLY C 369 -16.88 14.39 24.13
C GLY C 369 -16.18 13.06 23.93
N ARG C 370 -16.97 12.03 23.65
CA ARG C 370 -16.45 10.69 23.37
C ARG C 370 -15.54 10.22 24.50
N PHE C 371 -14.28 9.95 24.18
CA PHE C 371 -13.29 9.48 25.16
C PHE C 371 -12.32 10.61 25.44
N ASP C 372 -12.43 11.22 26.62
CA ASP C 372 -11.57 12.33 27.00
C ASP C 372 -10.71 12.06 28.22
N ARG C 373 -11.16 11.23 29.16
CA ARG C 373 -10.40 10.92 30.36
C ARG C 373 -9.59 9.65 30.09
N GLU C 374 -8.31 9.82 29.76
CA GLU C 374 -7.41 8.69 29.55
C GLU C 374 -6.80 8.31 30.90
N ILE C 375 -7.12 7.13 31.39
CA ILE C 375 -6.60 6.64 32.66
C ILE C 375 -5.63 5.51 32.38
N ASP C 376 -4.43 5.63 32.92
CA ASP C 376 -3.34 4.70 32.63
C ASP C 376 -3.16 3.73 33.78
N ILE C 377 -3.59 2.50 33.57
CA ILE C 377 -3.24 1.41 34.49
C ILE C 377 -1.77 1.07 34.27
N GLY C 378 -1.03 0.88 35.37
CA GLY C 378 0.38 0.57 35.31
C GLY C 378 0.69 -0.76 35.96
N VAL C 379 1.97 -1.11 35.90
CA VAL C 379 2.45 -2.30 36.58
C VAL C 379 2.57 -2.00 38.08
N PRO C 380 1.94 -2.79 38.94
CA PRO C 380 1.95 -2.45 40.37
C PRO C 380 3.35 -2.53 40.97
N ASP C 381 3.55 -1.74 42.02
CA ASP C 381 4.83 -1.68 42.72
C ASP C 381 4.88 -2.74 43.82
N GLU C 382 5.86 -2.65 44.70
CA GLU C 382 6.12 -3.70 45.68
C GLU C 382 4.92 -3.92 46.59
N ILE C 383 4.38 -2.83 47.16
CA ILE C 383 3.19 -2.97 47.99
C ILE C 383 2.01 -3.46 47.15
N GLY C 384 1.94 -3.01 45.90
CA GLY C 384 0.89 -3.50 45.02
C GLY C 384 1.00 -4.99 44.75
N ARG C 385 2.20 -5.47 44.47
CA ARG C 385 2.38 -6.90 44.23
C ARG C 385 2.10 -7.70 45.49
N LEU C 386 2.49 -7.19 46.65
CA LEU C 386 2.16 -7.86 47.90
C LEU C 386 0.64 -7.96 48.08
N GLU C 387 -0.08 -6.89 47.79
CA GLU C 387 -1.53 -6.91 47.94
C GLU C 387 -2.18 -7.87 46.95
N VAL C 388 -1.68 -7.90 45.71
CA VAL C 388 -2.23 -8.82 44.72
C VAL C 388 -2.01 -10.27 45.15
N LEU C 389 -0.81 -10.57 45.65
CA LEU C 389 -0.54 -11.92 46.13
C LEU C 389 -1.44 -12.28 47.31
N ARG C 390 -1.65 -11.34 48.23
CA ARG C 390 -2.53 -11.61 49.36
C ARG C 390 -3.97 -11.82 48.92
N ILE C 391 -4.39 -11.14 47.86
CA ILE C 391 -5.73 -11.35 47.34
C ILE C 391 -5.84 -12.73 46.69
N HIS C 392 -4.81 -13.13 45.94
CA HIS C 392 -4.89 -14.40 45.20
C HIS C 392 -4.77 -15.61 46.13
N THR C 393 -3.93 -15.51 47.17
CA THR C 393 -3.67 -16.64 48.05
C THR C 393 -4.70 -16.78 49.16
N LYS C 394 -5.90 -16.22 49.00
CA LYS C 394 -6.91 -16.30 50.05
C LYS C 394 -7.49 -17.70 50.16
N ASN C 395 -7.80 -18.32 49.02
CA ASN C 395 -8.52 -19.59 49.01
C ASN C 395 -7.61 -20.80 48.84
N MET C 396 -6.29 -20.60 48.84
CA MET C 396 -5.36 -21.71 48.73
C MET C 396 -4.92 -22.17 50.12
N LYS C 397 -4.81 -23.49 50.30
CA LYS C 397 -4.41 -24.04 51.58
C LYS C 397 -2.91 -23.80 51.78
N LEU C 398 -2.57 -22.65 52.35
CA LEU C 398 -1.19 -22.20 52.46
C LEU C 398 -0.68 -22.48 53.87
N ALA C 399 0.49 -23.12 53.95
CA ALA C 399 1.09 -23.41 55.23
C ALA C 399 1.54 -22.12 55.93
N GLU C 400 1.64 -22.19 57.25
CA GLU C 400 1.97 -21.00 58.04
C GLU C 400 3.36 -20.46 57.74
N ASP C 401 4.24 -21.27 57.15
CA ASP C 401 5.60 -20.84 56.86
C ASP C 401 5.69 -20.35 55.42
N VAL C 402 5.02 -19.22 55.18
CA VAL C 402 5.06 -18.54 53.90
C VAL C 402 5.39 -17.07 54.15
N ASP C 403 6.33 -16.53 53.38
CA ASP C 403 6.80 -15.15 53.52
C ASP C 403 6.53 -14.43 52.20
N LEU C 404 5.37 -13.79 52.10
CA LEU C 404 5.01 -13.09 50.88
C LEU C 404 5.80 -11.80 50.69
N GLU C 405 6.42 -11.26 51.75
CA GLU C 405 7.16 -10.03 51.62
C GLU C 405 8.36 -10.20 50.70
N ARG C 406 9.19 -11.22 50.96
CA ARG C 406 10.38 -11.43 50.16
C ARG C 406 10.03 -11.91 48.76
N ILE C 407 8.93 -12.66 48.61
CA ILE C 407 8.46 -13.04 47.29
C ILE C 407 8.06 -11.81 46.49
N SER C 408 7.31 -10.91 47.11
CA SER C 408 6.89 -9.68 46.44
C SER C 408 8.09 -8.84 46.03
N LYS C 409 9.08 -8.72 46.92
CA LYS C 409 10.30 -8.01 46.55
C LYS C 409 11.04 -8.73 45.43
N ASP C 410 10.92 -10.06 45.36
CA ASP C 410 11.63 -10.82 44.34
C ASP C 410 11.00 -10.60 42.96
N THR C 411 9.68 -10.65 42.88
CA THR C 411 8.99 -10.54 41.60
C THR C 411 8.98 -9.09 41.14
N HIS C 412 9.64 -8.82 40.01
CA HIS C 412 9.77 -7.47 39.49
C HIS C 412 9.32 -7.45 38.04
N GLY C 413 8.46 -6.49 37.70
CA GLY C 413 7.90 -6.43 36.37
C GLY C 413 6.78 -7.41 36.10
N TYR C 414 6.02 -7.78 37.12
CA TYR C 414 4.93 -8.74 37.00
C TYR C 414 3.60 -7.98 37.00
N VAL C 415 2.81 -8.16 35.95
CA VAL C 415 1.44 -7.69 35.93
C VAL C 415 0.58 -8.66 36.74
N GLY C 416 -0.66 -8.28 37.03
CA GLY C 416 -1.48 -9.10 37.92
C GLY C 416 -1.72 -10.50 37.39
N ALA C 417 -1.94 -10.63 36.09
CA ALA C 417 -2.18 -11.95 35.51
C ALA C 417 -0.98 -12.87 35.72
N ASP C 418 0.23 -12.32 35.66
CA ASP C 418 1.42 -13.13 35.91
C ASP C 418 1.49 -13.59 37.36
N LEU C 419 1.03 -12.77 38.31
CA LEU C 419 0.98 -13.22 39.70
C LEU C 419 -0.05 -14.33 39.89
N ALA C 420 -1.20 -14.21 39.22
CA ALA C 420 -2.16 -15.31 39.27
C ALA C 420 -1.54 -16.59 38.70
N ALA C 421 -0.81 -16.46 37.59
CA ALA C 421 -0.13 -17.61 37.02
C ALA C 421 0.92 -18.18 37.97
N LEU C 422 1.61 -17.31 38.71
CA LEU C 422 2.58 -17.76 39.69
C LEU C 422 1.92 -18.58 40.79
N CYS C 423 0.79 -18.11 41.31
CA CYS C 423 0.07 -18.88 42.33
C CYS C 423 -0.40 -20.21 41.79
N THR C 424 -0.94 -20.21 40.56
CA THR C 424 -1.38 -21.46 39.94
C THR C 424 -0.22 -22.43 39.76
N GLU C 425 0.94 -21.91 39.34
CA GLU C 425 2.10 -22.77 39.13
C GLU C 425 2.64 -23.31 40.46
N ALA C 426 2.56 -22.51 41.52
CA ALA C 426 2.96 -23.03 42.83
C ALA C 426 2.05 -24.16 43.28
N ALA C 427 0.74 -24.01 43.08
CA ALA C 427 -0.18 -25.10 43.41
C ALA C 427 0.09 -26.33 42.56
N LEU C 428 0.38 -26.13 41.27
CA LEU C 428 0.67 -27.25 40.38
C LEU C 428 1.95 -27.97 40.79
N GLN C 429 2.98 -27.21 41.20
CA GLN C 429 4.18 -27.83 41.71
C GLN C 429 3.90 -28.63 42.97
N CYS C 430 3.06 -28.10 43.86
CA CYS C 430 2.71 -28.82 45.07
C CYS C 430 1.99 -30.13 44.76
N ILE C 431 1.06 -30.11 43.81
CA ILE C 431 0.36 -31.36 43.49
C ILE C 431 1.29 -32.33 42.76
N ARG C 432 2.24 -31.83 41.97
CA ARG C 432 3.16 -32.73 41.28
C ARG C 432 4.13 -33.39 42.25
N GLU C 433 4.57 -32.67 43.29
CA GLU C 433 5.50 -33.27 44.23
C GLU C 433 4.88 -34.37 45.08
N LYS C 434 3.56 -34.53 45.05
CA LYS C 434 2.88 -35.61 45.76
C LYS C 434 2.71 -36.85 44.89
N MET C 435 3.52 -37.03 43.86
CA MET C 435 3.40 -38.16 42.95
C MET C 435 4.13 -39.41 43.42
N ASP C 436 4.81 -39.35 44.56
CA ASP C 436 5.46 -40.53 45.10
C ASP C 436 4.53 -41.33 46.01
N VAL C 437 3.85 -40.65 46.94
CA VAL C 437 2.89 -41.33 47.79
C VAL C 437 1.66 -41.74 46.99
N ILE C 438 1.22 -40.89 46.07
CA ILE C 438 0.02 -41.16 45.28
C ILE C 438 0.42 -41.83 43.98
N ASP C 439 -0.21 -42.97 43.69
CA ASP C 439 0.00 -43.70 42.45
C ASP C 439 -1.31 -43.70 41.67
N LEU C 440 -1.25 -43.28 40.41
CA LEU C 440 -2.44 -43.19 39.57
C LEU C 440 -2.79 -44.55 38.96
N GLU C 441 -2.95 -45.56 39.81
CA GLU C 441 -3.30 -46.91 39.34
C GLU C 441 -4.81 -47.07 39.23
N ASP C 442 -5.54 -46.79 40.31
CA ASP C 442 -6.98 -46.90 40.31
C ASP C 442 -7.61 -45.60 39.80
N ASP C 443 -8.93 -45.63 39.65
CA ASP C 443 -9.70 -44.45 39.24
C ASP C 443 -10.19 -43.64 40.41
N SER C 444 -9.67 -43.90 41.62
CA SER C 444 -10.03 -43.14 42.80
C SER C 444 -8.77 -42.80 43.59
N ILE C 445 -8.84 -41.71 44.34
CA ILE C 445 -7.74 -41.23 45.15
C ILE C 445 -8.26 -40.94 46.56
N ASP C 446 -7.50 -41.38 47.56
CA ASP C 446 -7.92 -41.22 48.94
C ASP C 446 -8.10 -39.74 49.29
N ALA C 447 -9.19 -39.43 49.98
CA ALA C 447 -9.48 -38.05 50.34
C ALA C 447 -8.54 -37.52 51.42
N GLU C 448 -8.06 -38.40 52.31
CA GLU C 448 -7.19 -37.95 53.39
C GLU C 448 -5.89 -37.40 52.85
N ILE C 449 -5.30 -38.06 51.85
CA ILE C 449 -4.01 -37.63 51.32
C ILE C 449 -4.13 -36.24 50.70
N LEU C 450 -5.18 -35.99 49.92
CA LEU C 450 -5.35 -34.68 49.32
C LEU C 450 -5.75 -33.64 50.36
N ASN C 451 -6.45 -34.05 51.42
CA ASN C 451 -6.74 -33.14 52.51
C ASN C 451 -5.52 -32.83 53.37
N SER C 452 -4.44 -33.61 53.23
CA SER C 452 -3.21 -33.39 53.97
C SER C 452 -2.12 -32.79 53.09
N MET C 453 -2.48 -31.91 52.17
CA MET C 453 -1.55 -31.26 51.25
C MET C 453 -1.46 -29.79 51.59
N ALA C 454 -0.24 -29.28 51.78
CA ALA C 454 -0.01 -27.89 52.11
C ALA C 454 1.06 -27.31 51.20
N VAL C 455 0.96 -26.02 50.94
CA VAL C 455 1.89 -25.32 50.07
C VAL C 455 2.88 -24.54 50.94
N THR C 456 4.17 -24.69 50.62
CA THR C 456 5.23 -24.03 51.35
C THR C 456 6.04 -23.14 50.42
N ASN C 457 6.85 -22.26 51.01
CA ASN C 457 7.55 -21.24 50.24
C ASN C 457 8.56 -21.84 49.26
N GLU C 458 9.04 -23.06 49.50
CA GLU C 458 9.92 -23.70 48.53
C GLU C 458 9.19 -23.97 47.23
N HIS C 459 7.92 -24.37 47.31
CA HIS C 459 7.11 -24.51 46.11
C HIS C 459 6.97 -23.17 45.39
N PHE C 460 6.81 -22.09 46.15
CA PHE C 460 6.72 -20.76 45.54
C PHE C 460 8.00 -20.40 44.82
N HIS C 461 9.15 -20.71 45.41
CA HIS C 461 10.42 -20.41 44.74
C HIS C 461 10.61 -21.27 43.50
N THR C 462 10.21 -22.54 43.57
CA THR C 462 10.26 -23.39 42.38
C THR C 462 9.39 -22.84 41.26
N ALA C 463 8.19 -22.37 41.61
CA ALA C 463 7.31 -21.78 40.61
C ALA C 463 7.89 -20.48 40.06
N LEU C 464 8.51 -19.67 40.92
CA LEU C 464 9.08 -18.41 40.49
C LEU C 464 10.23 -18.64 39.52
N GLY C 465 11.06 -19.66 39.78
CA GLY C 465 12.11 -20.00 38.85
C GLY C 465 11.61 -20.59 37.54
N ASN C 466 10.38 -21.10 37.53
CA ASN C 466 9.78 -21.68 36.34
C ASN C 466 8.83 -20.72 35.63
N SER C 467 8.79 -19.46 36.06
CA SER C 467 7.91 -18.46 35.45
C SER C 467 8.70 -17.19 35.17
N ASN C 468 8.31 -16.49 34.12
CA ASN C 468 8.97 -15.27 33.69
C ASN C 468 7.93 -14.17 33.45
N PRO C 469 8.30 -12.92 33.70
CA PRO C 469 7.33 -11.83 33.54
C PRO C 469 6.96 -11.62 32.08
N SER C 470 5.77 -11.05 31.88
CA SER C 470 5.27 -10.74 30.54
C SER C 470 5.43 -9.28 30.16
N ALA C 471 5.63 -8.40 31.14
CA ALA C 471 5.77 -6.96 30.89
C ALA C 471 7.04 -6.44 31.53
N LEU C 472 8.14 -7.17 31.33
CA LEU C 472 9.43 -6.75 31.87
C LEU C 472 10.03 -5.59 31.09
N ARG C 473 9.67 -5.43 29.83
CA ARG C 473 10.21 -4.39 28.97
C ARG C 473 9.46 -3.06 29.09
N GLU C 474 8.44 -2.99 29.94
CA GLU C 474 7.66 -1.78 30.08
C GLU C 474 8.48 -0.66 30.74
N THR C 475 7.95 0.56 30.64
CA THR C 475 8.63 1.71 31.18
C THR C 475 8.65 1.68 32.70
N VAL C 476 9.56 2.45 33.28
CA VAL C 476 9.78 2.49 34.72
C VAL C 476 9.31 3.84 35.25
N VAL C 477 8.35 3.82 36.16
CA VAL C 477 7.92 5.00 36.89
C VAL C 477 7.87 4.63 38.36
N GLU C 478 8.67 5.31 39.18
CA GLU C 478 8.83 4.93 40.58
C GLU C 478 9.49 6.07 41.31
N VAL C 479 9.69 5.89 42.61
CA VAL C 479 10.45 6.80 43.46
C VAL C 479 11.60 6.01 44.07
N PRO C 480 12.81 6.17 43.55
CA PRO C 480 13.92 5.32 44.00
C PRO C 480 14.23 5.54 45.48
N ASN C 481 14.74 4.48 46.11
CA ASN C 481 15.00 4.46 47.55
C ASN C 481 16.37 5.01 47.92
N VAL C 482 17.19 5.41 46.96
CA VAL C 482 18.52 5.90 47.26
C VAL C 482 18.42 7.28 47.91
N SER C 483 19.06 7.43 49.07
CA SER C 483 19.07 8.68 49.81
C SER C 483 20.47 9.29 49.77
N TRP C 484 20.62 10.44 50.43
CA TRP C 484 21.92 11.10 50.45
C TRP C 484 23.00 10.25 51.09
N ASN C 485 22.62 9.39 52.03
CA ASN C 485 23.60 8.58 52.75
C ASN C 485 24.16 7.44 51.91
N ASP C 486 23.59 7.19 50.73
CA ASP C 486 24.13 6.16 49.84
C ASP C 486 25.34 6.65 49.05
N ILE C 487 25.62 7.95 49.07
CA ILE C 487 26.76 8.54 48.38
C ILE C 487 27.53 9.40 49.36
N GLY C 488 28.80 9.63 49.05
CA GLY C 488 29.66 10.42 49.92
C GLY C 488 30.70 11.16 49.14
N GLY C 489 31.08 12.33 49.66
CA GLY C 489 32.13 13.14 49.10
C GLY C 489 31.66 14.25 48.18
N LEU C 490 30.45 14.15 47.64
CA LEU C 490 29.93 15.16 46.73
C LEU C 490 29.04 16.15 47.47
N GLU C 491 29.61 16.78 48.50
CA GLU C 491 28.83 17.69 49.34
C GLU C 491 28.44 18.95 48.58
N ASN C 492 29.39 19.59 47.91
CA ASN C 492 29.09 20.80 47.16
C ASN C 492 28.09 20.53 46.04
N VAL C 493 28.25 19.41 45.34
CA VAL C 493 27.28 19.05 44.31
C VAL C 493 25.93 18.75 44.91
N LYS C 494 25.90 18.15 46.12
CA LYS C 494 24.64 17.96 46.81
C LYS C 494 23.94 19.29 47.04
N ARG C 495 24.67 20.29 47.55
CA ARG C 495 24.07 21.60 47.80
C ARG C 495 23.56 22.21 46.50
N GLU C 496 24.37 22.15 45.44
CA GLU C 496 23.99 22.77 44.18
C GLU C 496 22.76 22.10 43.57
N LEU C 497 22.72 20.77 43.60
CA LEU C 497 21.58 20.06 43.04
C LEU C 497 20.32 20.30 43.87
N GLN C 498 20.46 20.38 45.19
CA GLN C 498 19.31 20.70 46.03
C GLN C 498 18.75 22.08 45.67
N GLU C 499 19.61 23.08 45.60
CA GLU C 499 19.12 24.43 45.31
C GLU C 499 18.72 24.60 43.85
N THR C 500 19.07 23.66 42.98
CA THR C 500 18.65 23.76 41.58
C THR C 500 17.36 22.99 41.29
N VAL C 501 17.10 21.88 41.99
CA VAL C 501 15.97 21.00 41.68
C VAL C 501 14.87 21.14 42.73
N GLN C 502 15.20 20.94 44.00
CA GLN C 502 14.17 20.88 45.04
C GLN C 502 13.45 22.21 45.22
N TYR C 503 14.22 23.31 45.30
CA TYR C 503 13.60 24.60 45.56
C TYR C 503 12.64 25.07 44.47
N PRO C 504 12.94 24.96 43.17
CA PRO C 504 12.00 25.47 42.15
C PRO C 504 10.64 24.78 42.16
N VAL C 505 10.52 23.58 42.71
CA VAL C 505 9.25 22.85 42.74
C VAL C 505 8.55 22.98 44.09
N GLU C 506 9.28 22.79 45.18
CA GLU C 506 8.67 22.83 46.51
C GLU C 506 8.41 24.24 47.00
N HIS C 507 9.07 25.25 46.43
CA HIS C 507 8.85 26.65 46.81
C HIS C 507 8.76 27.49 45.55
N PRO C 508 7.71 27.30 44.75
CA PRO C 508 7.68 27.96 43.43
C PRO C 508 7.40 29.45 43.50
N GLU C 509 6.41 29.87 44.30
CA GLU C 509 5.94 31.26 44.26
C GLU C 509 7.01 32.26 44.67
N LYS C 510 8.09 31.81 45.32
CA LYS C 510 9.18 32.73 45.64
C LYS C 510 9.85 33.24 44.37
N PHE C 511 10.02 32.37 43.37
CA PHE C 511 10.75 32.77 42.17
C PHE C 511 10.01 33.84 41.39
N GLU C 512 8.70 33.69 41.22
CA GLU C 512 7.91 34.77 40.63
C GLU C 512 7.96 36.01 41.51
N LYS C 513 8.13 35.82 42.82
CA LYS C 513 8.39 36.94 43.71
C LYS C 513 9.66 37.68 43.29
N PHE C 514 10.71 36.93 42.94
CA PHE C 514 11.92 37.53 42.42
C PHE C 514 11.91 37.72 40.90
N GLY C 515 10.91 37.17 40.21
CA GLY C 515 10.78 37.39 38.78
C GLY C 515 11.42 36.36 37.87
N MET C 516 12.74 36.25 37.93
CA MET C 516 13.45 35.39 37.00
C MET C 516 13.09 33.92 37.22
N SER C 517 12.88 33.21 36.11
CA SER C 517 12.51 31.80 36.15
C SER C 517 13.76 30.93 36.30
N PRO C 518 13.62 29.74 36.90
CA PRO C 518 14.75 28.84 37.05
C PRO C 518 15.06 28.11 35.75
N SER C 519 16.13 27.31 35.79
CA SER C 519 16.59 26.55 34.65
C SER C 519 16.18 25.09 34.80
N LYS C 520 15.76 24.47 33.70
CA LYS C 520 15.26 23.10 33.68
C LYS C 520 16.20 22.26 32.83
N GLY C 521 17.09 21.52 33.50
CA GLY C 521 17.99 20.62 32.79
C GLY C 521 19.41 20.74 33.30
N VAL C 522 20.02 19.61 33.63
CA VAL C 522 21.38 19.60 34.15
C VAL C 522 22.17 18.51 33.43
N LEU C 523 23.37 18.85 32.95
CA LEU C 523 24.24 17.92 32.26
C LEU C 523 25.40 17.55 33.16
N PHE C 524 25.45 16.30 33.60
CA PHE C 524 26.57 15.77 34.35
C PHE C 524 27.66 15.30 33.39
N TYR C 525 28.90 15.72 33.64
CA TYR C 525 30.03 15.14 32.93
C TYR C 525 31.12 14.79 33.92
N GLY C 526 31.78 13.65 33.68
CA GLY C 526 32.82 13.16 34.56
C GLY C 526 33.40 11.85 34.08
N PRO C 527 34.39 11.34 34.79
CA PRO C 527 34.99 10.06 34.41
C PRO C 527 34.00 8.94 34.57
N PRO C 528 34.13 7.85 33.80
CA PRO C 528 33.18 6.75 33.91
C PRO C 528 33.17 6.15 35.31
N GLY C 529 31.96 5.92 35.83
CA GLY C 529 31.80 5.33 37.14
C GLY C 529 32.32 6.21 38.26
N CYS C 530 31.67 7.35 38.49
CA CYS C 530 32.10 8.23 39.58
C CYS C 530 30.93 8.73 40.43
N GLY C 531 29.73 8.20 40.24
CA GLY C 531 28.61 8.56 41.09
C GLY C 531 27.60 9.50 40.46
N LYS C 532 27.26 9.26 39.19
CA LYS C 532 26.31 10.13 38.50
C LYS C 532 24.88 9.63 38.64
N THR C 533 24.63 8.36 38.29
CA THR C 533 23.27 7.83 38.37
C THR C 533 22.74 7.84 39.80
N LEU C 534 23.59 7.51 40.77
CA LEU C 534 23.18 7.55 42.16
C LEU C 534 22.74 8.95 42.56
N LEU C 535 23.37 9.97 41.98
CA LEU C 535 23.01 11.34 42.32
C LEU C 535 21.61 11.68 41.81
N ALA C 536 21.29 11.26 40.58
CA ALA C 536 19.95 11.47 40.06
C ALA C 536 18.92 10.70 40.88
N LYS C 537 19.24 9.46 41.27
CA LYS C 537 18.32 8.70 42.10
C LYS C 537 18.08 9.42 43.44
N ALA C 538 19.16 9.93 44.05
CA ALA C 538 19.03 10.59 45.33
C ALA C 538 18.21 11.86 45.22
N ILE C 539 18.42 12.64 44.16
CA ILE C 539 17.66 13.88 44.03
C ILE C 539 16.19 13.58 43.72
N ALA C 540 15.91 12.52 42.96
CA ALA C 540 14.53 12.13 42.73
C ALA C 540 13.86 11.69 44.02
N ASN C 541 14.61 10.96 44.87
CA ASN C 541 14.07 10.55 46.15
C ASN C 541 13.80 11.74 47.06
N GLU C 542 14.71 12.71 47.08
CA GLU C 542 14.52 13.90 47.89
C GLU C 542 13.31 14.71 47.41
N CYS C 543 13.18 14.88 46.10
CA CYS C 543 12.03 15.60 45.56
C CYS C 543 10.75 14.80 45.61
N GLN C 544 10.82 13.49 45.85
CA GLN C 544 9.66 12.60 45.84
C GLN C 544 8.89 12.71 44.52
N ALA C 545 9.62 12.72 43.42
CA ALA C 545 9.04 12.77 42.09
C ALA C 545 9.38 11.51 41.31
N ASN C 546 8.48 11.14 40.39
CA ASN C 546 8.68 9.93 39.60
C ASN C 546 9.98 10.03 38.80
N PHE C 547 10.72 8.92 38.76
CA PHE C 547 12.02 8.87 38.11
C PHE C 547 11.91 7.98 36.88
N ILE C 548 11.91 8.58 35.70
CA ILE C 548 11.87 7.87 34.44
C ILE C 548 13.29 7.86 33.87
N SER C 549 13.85 6.67 33.66
CA SER C 549 15.21 6.52 33.16
C SER C 549 15.16 5.96 31.75
N VAL C 550 15.75 6.68 30.81
CA VAL C 550 15.86 6.24 29.42
C VAL C 550 17.32 6.35 29.02
N LYS C 551 17.91 5.22 28.62
CA LYS C 551 19.31 5.20 28.27
C LYS C 551 19.49 5.66 26.82
N GLY C 552 20.71 5.50 26.31
CA GLY C 552 21.01 5.85 24.94
C GLY C 552 20.57 4.79 23.93
N PRO C 553 21.08 3.57 24.07
CA PRO C 553 20.73 2.52 23.10
C PRO C 553 19.24 2.22 23.03
N GLU C 554 18.48 2.46 24.10
CA GLU C 554 17.05 2.23 24.05
C GLU C 554 16.38 3.10 23.00
N LEU C 555 16.78 4.37 22.90
CA LEU C 555 16.22 5.24 21.87
C LEU C 555 16.54 4.72 20.47
N LEU C 556 17.77 4.27 20.25
CA LEU C 556 18.15 3.79 18.93
C LEU C 556 17.41 2.51 18.57
N THR C 557 17.23 1.60 19.52
CA THR C 557 16.53 0.36 19.20
C THR C 557 15.02 0.58 19.07
N MET C 558 14.47 1.59 19.76
CA MET C 558 13.07 1.93 19.58
C MET C 558 12.83 2.72 18.29
N TRP C 559 13.85 3.41 17.77
CA TRP C 559 13.74 4.08 16.49
C TRP C 559 13.42 3.10 15.37
N PHE C 560 13.77 1.82 15.55
CA PHE C 560 13.37 0.76 14.62
C PHE C 560 12.29 -0.13 15.21
N GLY C 561 11.72 0.26 16.35
CA GLY C 561 10.55 -0.38 16.91
C GLY C 561 9.35 0.52 16.77
N GLU C 562 9.00 1.24 17.85
CA GLU C 562 7.94 2.24 17.75
C GLU C 562 8.33 3.40 16.84
N SER C 563 9.63 3.60 16.61
CA SER C 563 10.16 4.53 15.61
C SER C 563 9.90 5.99 15.96
N GLU C 564 9.38 6.75 14.98
CA GLU C 564 9.42 8.21 15.05
C GLU C 564 8.71 8.74 16.29
N ALA C 565 7.53 8.21 16.59
CA ALA C 565 6.74 8.71 17.72
C ALA C 565 7.33 8.32 19.07
N ASN C 566 8.23 7.33 19.11
CA ASN C 566 8.62 6.73 20.38
C ASN C 566 9.13 7.77 21.36
N VAL C 567 10.10 8.59 20.94
CA VAL C 567 10.65 9.60 21.84
C VAL C 567 9.53 10.51 22.36
N ARG C 568 8.64 10.94 21.46
CA ARG C 568 7.49 11.75 21.88
C ARG C 568 6.75 11.07 23.01
N GLU C 569 6.43 9.77 22.84
CA GLU C 569 5.71 9.05 23.87
C GLU C 569 6.38 9.20 25.23
N ILE C 570 7.72 9.09 25.27
CA ILE C 570 8.43 9.18 26.53
C ILE C 570 8.11 10.51 27.20
N PHE C 571 8.25 11.61 26.46
CA PHE C 571 7.97 12.90 27.05
C PHE C 571 6.50 13.00 27.47
N ASP C 572 5.60 12.38 26.70
CA ASP C 572 4.21 12.35 27.11
C ASP C 572 4.07 11.65 28.46
N LYS C 573 4.74 10.51 28.64
CA LYS C 573 4.69 9.83 29.93
C LYS C 573 5.43 10.63 30.98
N ALA C 574 6.33 11.53 30.57
CA ALA C 574 6.92 12.48 31.51
C ALA C 574 5.92 13.58 31.84
N ARG C 575 5.10 13.96 30.86
CA ARG C 575 4.15 15.05 31.09
C ARG C 575 2.97 14.59 31.95
N GLN C 576 2.47 13.37 31.70
CA GLN C 576 1.33 12.88 32.44
C GLN C 576 1.68 12.45 33.85
N SER C 577 2.97 12.24 34.14
CA SER C 577 3.41 11.80 35.46
C SER C 577 4.15 12.91 36.21
N ALA C 578 3.74 14.15 36.02
CA ALA C 578 4.39 15.25 36.71
C ALA C 578 4.12 15.18 38.20
N PRO C 579 5.09 15.55 39.05
CA PRO C 579 6.46 16.00 38.72
C PRO C 579 7.35 14.82 38.38
N CYS C 580 8.44 15.02 37.64
CA CYS C 580 9.29 13.92 37.23
C CYS C 580 10.71 14.42 37.04
N VAL C 581 11.65 13.48 37.10
CA VAL C 581 13.07 13.75 36.84
C VAL C 581 13.49 12.79 35.73
N LEU C 582 13.33 13.21 34.49
CA LEU C 582 13.73 12.38 33.36
C LEU C 582 15.25 12.32 33.31
N PHE C 583 15.78 11.13 33.05
CA PHE C 583 17.22 10.91 33.07
C PHE C 583 17.66 10.30 31.74
N PHE C 584 18.72 10.85 31.16
CA PHE C 584 19.27 10.39 29.89
C PHE C 584 20.74 10.04 30.11
N ASP C 585 21.04 8.77 30.28
CA ASP C 585 22.42 8.33 30.36
C ASP C 585 22.91 7.94 28.96
N GLU C 586 24.24 7.88 28.84
CA GLU C 586 24.89 7.45 27.60
C GLU C 586 24.49 8.34 26.41
N LEU C 587 24.43 9.65 26.65
CA LEU C 587 24.13 10.59 25.57
C LEU C 587 25.22 10.59 24.51
N ASP C 588 26.44 10.14 24.85
CA ASP C 588 27.53 10.14 23.88
C ASP C 588 27.20 9.32 22.65
N SER C 589 26.35 8.30 22.79
CA SER C 589 26.01 7.46 21.65
C SER C 589 25.14 8.20 20.64
N ILE C 590 24.34 9.16 21.09
CA ILE C 590 23.41 9.85 20.21
C ILE C 590 23.74 11.33 20.03
N ALA C 591 24.46 11.96 20.95
CA ALA C 591 24.73 13.40 20.88
C ALA C 591 26.03 13.73 20.17
N THR C 592 26.46 12.89 19.22
CA THR C 592 27.65 13.22 18.45
C THR C 592 27.44 14.52 17.69
N GLN C 593 28.49 15.32 17.62
CA GLN C 593 28.37 16.67 17.07
C GLN C 593 27.96 16.63 15.61
N ARG C 594 27.10 17.58 15.23
CA ARG C 594 26.59 17.68 13.85
C ARG C 594 27.60 18.42 12.99
N GLY C 595 28.74 17.76 12.76
CA GLY C 595 29.82 18.33 11.98
C GLY C 595 29.66 18.06 10.50
N GLY C 596 30.78 18.23 9.78
CA GLY C 596 30.78 17.99 8.35
C GLY C 596 30.50 16.53 8.00
N GLY C 597 30.98 15.61 8.82
CA GLY C 597 30.74 14.19 8.63
C GLY C 597 29.44 13.67 9.21
N SER C 598 28.60 14.55 9.74
CA SER C 598 27.35 14.14 10.35
C SER C 598 26.33 13.76 9.27
N GLY C 599 25.23 13.17 9.72
CA GLY C 599 24.19 12.72 8.82
C GLY C 599 24.13 11.20 8.75
N GLY C 600 24.46 10.66 7.58
CA GLY C 600 24.55 9.23 7.41
C GLY C 600 23.20 8.56 7.25
N ASP C 601 23.25 7.24 7.02
CA ASP C 601 22.07 6.42 6.86
C ASP C 601 21.55 5.99 8.23
N GLY C 602 20.65 4.99 8.25
CA GLY C 602 20.02 4.53 9.48
C GLY C 602 20.95 4.24 10.64
N GLY C 603 22.23 4.01 10.34
CA GLY C 603 23.23 3.94 11.40
C GLY C 603 23.61 5.27 12.00
N GLY C 604 23.34 6.36 11.28
CA GLY C 604 23.57 7.70 11.78
C GLY C 604 22.35 8.30 12.45
N ALA C 605 22.03 7.81 13.64
CA ALA C 605 20.85 8.29 14.36
C ALA C 605 20.98 9.74 14.81
N ALA C 606 22.20 10.30 14.76
CA ALA C 606 22.39 11.69 15.19
C ALA C 606 21.64 12.67 14.33
N ASP C 607 21.18 12.26 13.15
CA ASP C 607 20.36 13.10 12.29
C ASP C 607 18.89 13.09 12.69
N ARG C 608 18.38 11.94 13.12
CA ARG C 608 16.96 11.79 13.42
C ARG C 608 16.65 11.99 14.90
N VAL C 609 17.25 11.15 15.76
CA VAL C 609 16.86 11.16 17.16
C VAL C 609 17.31 12.42 17.86
N LEU C 610 18.45 12.99 17.45
CA LEU C 610 18.91 14.23 18.07
C LEU C 610 17.97 15.38 17.76
N ASN C 611 17.56 15.51 16.50
CA ASN C 611 16.62 16.57 16.15
C ASN C 611 15.26 16.35 16.81
N GLN C 612 14.80 15.10 16.86
CA GLN C 612 13.54 14.82 17.54
C GLN C 612 13.61 15.16 19.02
N LEU C 613 14.74 14.82 19.65
CA LEU C 613 14.93 15.12 21.06
C LEU C 613 14.96 16.62 21.30
N LEU C 614 15.63 17.37 20.42
CA LEU C 614 15.65 18.82 20.57
C LEU C 614 14.25 19.40 20.42
N THR C 615 13.49 18.93 19.42
CA THR C 615 12.13 19.44 19.22
C THR C 615 11.26 19.16 20.44
N GLU C 616 11.34 17.94 20.98
CA GLU C 616 10.54 17.61 22.16
C GLU C 616 10.99 18.42 23.38
N MET C 617 12.30 18.60 23.55
CA MET C 617 12.81 19.29 24.73
C MET C 617 12.49 20.77 24.71
N ASP C 618 12.36 21.36 23.52
CA ASP C 618 12.00 22.77 23.43
C ASP C 618 10.55 23.03 23.86
N GLY C 619 9.74 22.00 24.01
CA GLY C 619 8.37 22.17 24.44
C GLY C 619 8.16 22.01 25.93
N MET C 620 9.16 21.46 26.62
CA MET C 620 9.05 21.23 28.05
C MET C 620 9.26 22.49 28.89
N ASN C 621 9.70 23.59 28.27
CA ASN C 621 9.89 24.82 29.03
C ASN C 621 8.57 25.34 29.59
N ALA C 622 7.47 25.09 28.88
CA ALA C 622 6.17 25.55 29.36
C ALA C 622 5.77 24.84 30.65
N LYS C 623 6.02 23.53 30.74
CA LYS C 623 5.64 22.78 31.93
C LYS C 623 6.46 23.24 33.12
N LYS C 624 5.80 23.38 34.27
CA LYS C 624 6.43 24.02 35.42
C LYS C 624 7.49 23.11 36.05
N THR C 625 7.15 21.82 36.28
CA THR C 625 8.10 20.90 36.92
C THR C 625 8.09 19.56 36.18
N VAL C 626 8.89 19.48 35.12
CA VAL C 626 9.34 18.20 34.57
C VAL C 626 10.83 18.35 34.31
N PHE C 627 11.65 17.95 35.27
CA PHE C 627 13.08 18.23 35.17
C PHE C 627 13.75 17.24 34.23
N ILE C 628 14.78 17.72 33.55
CA ILE C 628 15.53 16.93 32.58
C ILE C 628 16.99 16.90 33.01
N ILE C 629 17.54 15.71 33.16
CA ILE C 629 18.92 15.51 33.56
C ILE C 629 19.57 14.57 32.56
N GLY C 630 20.72 14.96 32.03
CA GLY C 630 21.49 14.10 31.17
C GLY C 630 22.86 13.87 31.77
N ALA C 631 23.47 12.75 31.37
CA ALA C 631 24.81 12.42 31.82
C ALA C 631 25.63 11.97 30.62
N THR C 632 26.93 12.27 30.67
CA THR C 632 27.79 11.86 29.56
C THR C 632 29.23 11.73 30.04
N ASN C 633 29.93 10.73 29.52
CA ASN C 633 31.35 10.55 29.80
C ASN C 633 32.25 11.22 28.77
N ARG C 634 31.67 11.77 27.69
CA ARG C 634 32.43 12.35 26.59
C ARG C 634 31.93 13.77 26.36
N PRO C 635 32.33 14.73 27.21
CA PRO C 635 31.87 16.11 27.03
C PRO C 635 32.36 16.75 25.75
N ASP C 636 33.42 16.24 25.14
CA ASP C 636 33.95 16.84 23.92
C ASP C 636 33.06 16.54 22.72
N ILE C 637 32.57 15.31 22.61
CA ILE C 637 31.79 14.90 21.44
C ILE C 637 30.35 15.36 21.48
N ILE C 638 29.90 15.91 22.61
CA ILE C 638 28.51 16.34 22.74
C ILE C 638 28.25 17.53 21.81
N ASP C 639 27.14 17.46 21.08
CA ASP C 639 26.78 18.53 20.15
C ASP C 639 26.51 19.82 20.92
N SER C 640 26.70 20.94 20.23
CA SER C 640 26.56 22.24 20.86
C SER C 640 25.11 22.69 20.99
N ALA C 641 24.16 22.02 20.34
CA ALA C 641 22.76 22.41 20.47
C ALA C 641 22.17 21.99 21.80
N LEU C 642 22.82 21.09 22.53
CA LEU C 642 22.38 20.66 23.84
C LEU C 642 22.93 21.53 24.97
N LEU C 643 23.59 22.64 24.65
CA LEU C 643 24.14 23.52 25.66
C LEU C 643 23.59 24.94 25.60
N ARG C 644 22.81 25.27 24.58
CA ARG C 644 22.11 26.54 24.57
C ARG C 644 21.05 26.56 25.67
N PRO C 645 20.77 27.72 26.26
CA PRO C 645 19.75 27.78 27.31
C PRO C 645 18.41 27.30 26.80
N GLY C 646 17.69 26.57 27.65
CA GLY C 646 16.46 25.90 27.30
C GLY C 646 16.61 24.40 27.11
N ARG C 647 17.82 23.95 26.79
CA ARG C 647 18.12 22.53 26.63
C ARG C 647 19.41 22.24 27.41
N LEU C 648 19.28 21.66 28.59
CA LEU C 648 20.42 21.30 29.44
C LEU C 648 21.33 22.51 29.65
N ASP C 649 20.75 23.53 30.29
CA ASP C 649 21.48 24.79 30.47
C ASP C 649 22.70 24.61 31.37
N GLN C 650 22.51 24.04 32.55
CA GLN C 650 23.60 23.95 33.51
C GLN C 650 24.47 22.72 33.23
N LEU C 651 25.75 22.86 33.55
CA LEU C 651 26.70 21.76 33.44
C LEU C 651 27.38 21.56 34.78
N ILE C 652 27.42 20.32 35.25
CA ILE C 652 28.02 19.98 36.52
C ILE C 652 29.10 18.92 36.30
N TYR C 653 30.27 19.15 36.87
CA TYR C 653 31.38 18.21 36.77
C TYR C 653 31.37 17.32 38.00
N ILE C 654 31.28 16.01 37.78
CA ILE C 654 31.29 15.03 38.87
C ILE C 654 32.70 14.45 38.96
N PRO C 655 33.48 14.80 39.97
CA PRO C 655 34.89 14.43 40.00
C PRO C 655 35.10 13.03 40.54
N LEU C 656 36.32 12.52 40.34
CA LEU C 656 36.72 11.27 40.95
C LEU C 656 36.79 11.44 42.46
N PRO C 657 36.26 10.52 43.25
CA PRO C 657 36.31 10.66 44.71
C PRO C 657 37.75 10.74 45.20
N ASP C 658 37.98 11.61 46.18
CA ASP C 658 39.29 11.86 46.75
C ASP C 658 39.41 11.14 48.10
N GLU C 659 40.49 11.43 48.83
CA GLU C 659 40.83 10.66 50.03
C GLU C 659 39.67 10.58 51.01
N ASP C 660 39.11 11.74 51.38
CA ASP C 660 37.94 11.72 52.24
C ASP C 660 36.74 11.09 51.53
N SER C 661 36.56 11.42 50.24
CA SER C 661 35.47 10.84 49.47
C SER C 661 35.65 9.34 49.32
N ARG C 662 36.87 8.87 49.09
CA ARG C 662 37.11 7.44 48.98
C ARG C 662 36.89 6.74 50.32
N LEU C 663 37.28 7.38 51.42
CA LEU C 663 36.96 6.86 52.74
C LEU C 663 35.45 6.68 52.90
N ASN C 664 34.69 7.72 52.56
CA ASN C 664 33.24 7.65 52.70
C ASN C 664 32.63 6.60 51.79
N ILE C 665 33.16 6.46 50.56
CA ILE C 665 32.59 5.50 49.63
C ILE C 665 32.91 4.07 50.06
N PHE C 666 34.10 3.83 50.62
CA PHE C 666 34.40 2.50 51.16
C PHE C 666 33.50 2.18 52.34
N LYS C 667 33.27 3.17 53.22
CA LYS C 667 32.35 2.95 54.32
C LYS C 667 30.95 2.63 53.82
N ALA C 668 30.48 3.35 52.80
CA ALA C 668 29.15 3.09 52.26
C ALA C 668 29.06 1.71 51.62
N ALA C 669 30.10 1.30 50.88
CA ALA C 669 30.09 0.00 50.22
C ALA C 669 30.09 -1.14 51.25
N LEU C 670 30.90 -1.02 52.29
CA LEU C 670 30.96 -2.08 53.30
C LEU C 670 29.92 -1.93 54.41
N ARG C 671 29.07 -0.91 54.34
CA ARG C 671 27.99 -0.76 55.30
C ARG C 671 27.08 -1.98 55.36
N LYS C 672 26.95 -2.72 54.26
CA LYS C 672 26.00 -3.83 54.18
C LYS C 672 26.56 -5.16 54.66
N SER C 673 27.86 -5.24 54.96
CA SER C 673 28.47 -6.51 55.30
C SER C 673 29.37 -6.35 56.52
N PRO C 674 29.56 -7.42 57.29
CA PRO C 674 30.50 -7.37 58.41
C PRO C 674 31.93 -7.23 57.92
N ILE C 675 32.76 -6.59 58.76
CA ILE C 675 34.15 -6.31 58.44
C ILE C 675 35.02 -6.77 59.60
N ALA C 676 36.16 -7.37 59.27
CA ALA C 676 37.09 -7.82 60.28
C ALA C 676 37.70 -6.64 61.03
N LYS C 677 38.23 -6.93 62.22
CA LYS C 677 38.78 -5.88 63.08
C LYS C 677 40.18 -5.45 62.69
N ASP C 678 40.83 -6.17 61.77
CA ASP C 678 42.21 -5.88 61.39
C ASP C 678 42.32 -5.01 60.14
N VAL C 679 41.20 -4.51 59.63
CA VAL C 679 41.18 -3.73 58.40
C VAL C 679 41.04 -2.26 58.74
N ASP C 680 41.97 -1.44 58.24
CA ASP C 680 41.93 0.00 58.44
C ASP C 680 41.47 0.65 57.14
N ILE C 681 40.38 1.40 57.22
CA ILE C 681 39.81 2.01 56.02
C ILE C 681 40.73 3.09 55.47
N GLY C 682 41.41 3.82 56.36
CA GLY C 682 42.31 4.87 55.89
C GLY C 682 43.47 4.34 55.07
N ALA C 683 44.03 3.20 55.47
CA ALA C 683 45.11 2.60 54.71
C ALA C 683 44.64 2.18 53.33
N LEU C 684 43.43 1.62 53.24
CA LEU C 684 42.87 1.26 51.94
C LEU C 684 42.62 2.50 51.10
N ALA C 685 42.12 3.57 51.71
CA ALA C 685 41.85 4.80 50.97
C ALA C 685 43.14 5.39 50.39
N LYS C 686 44.21 5.41 51.19
CA LYS C 686 45.48 5.89 50.67
C LYS C 686 46.05 4.94 49.63
N TYR C 687 45.83 3.64 49.79
CA TYR C 687 46.22 2.68 48.77
C TYR C 687 45.48 2.94 47.46
N THR C 688 44.18 3.17 47.53
CA THR C 688 43.31 3.21 46.37
C THR C 688 43.14 4.61 45.80
N GLN C 689 44.14 5.48 45.95
CA GLN C 689 44.05 6.81 45.36
C GLN C 689 44.02 6.70 43.84
N GLY C 690 43.12 7.46 43.22
CA GLY C 690 42.92 7.40 41.79
C GLY C 690 41.96 6.35 41.32
N PHE C 691 41.32 5.62 42.23
CA PHE C 691 40.35 4.60 41.87
C PHE C 691 38.94 5.21 41.88
N SER C 692 38.17 4.89 40.84
CA SER C 692 36.81 5.39 40.73
C SER C 692 35.90 4.67 41.73
N GLY C 693 34.62 5.05 41.74
CA GLY C 693 33.67 4.39 42.61
C GLY C 693 33.43 2.95 42.22
N ALA C 694 33.30 2.68 40.93
CA ALA C 694 33.08 1.32 40.47
C ALA C 694 34.21 0.39 40.89
N ASP C 695 35.45 0.91 40.91
CA ASP C 695 36.57 0.06 41.33
C ASP C 695 36.56 -0.23 42.82
N ILE C 696 36.11 0.73 43.65
CA ILE C 696 35.96 0.45 45.07
C ILE C 696 34.88 -0.62 45.28
N THR C 697 33.76 -0.49 44.56
CA THR C 697 32.72 -1.51 44.65
C THR C 697 33.24 -2.87 44.19
N GLU C 698 34.05 -2.88 43.13
CA GLU C 698 34.63 -4.13 42.65
C GLU C 698 35.56 -4.75 43.68
N ILE C 699 36.36 -3.93 44.35
CA ILE C 699 37.26 -4.43 45.38
C ILE C 699 36.46 -5.07 46.51
N CYS C 700 35.41 -4.39 46.96
CA CYS C 700 34.57 -4.96 48.02
C CYS C 700 33.92 -6.27 47.56
N GLN C 701 33.43 -6.30 46.32
CA GLN C 701 32.78 -7.50 45.79
C GLN C 701 33.75 -8.67 45.70
N ARG C 702 34.98 -8.42 45.24
CA ARG C 702 35.94 -9.50 45.12
C ARG C 702 36.43 -9.98 46.47
N ALA C 703 36.55 -9.07 47.45
CA ALA C 703 36.85 -9.50 48.81
C ALA C 703 35.74 -10.39 49.35
N CYS C 704 34.48 -10.03 49.08
CA CYS C 704 33.37 -10.89 49.48
C CYS C 704 33.44 -12.24 48.80
N LYS C 705 33.83 -12.27 47.52
CA LYS C 705 33.93 -13.54 46.81
C LYS C 705 35.01 -14.44 47.43
N TYR C 706 36.15 -13.86 47.77
CA TYR C 706 37.20 -14.63 48.43
C TYR C 706 36.74 -15.13 49.80
N ALA C 707 36.02 -14.30 50.54
CA ALA C 707 35.48 -14.73 51.83
C ALA C 707 34.50 -15.88 51.67
N ILE C 708 33.67 -15.83 50.62
CA ILE C 708 32.72 -16.92 50.36
C ILE C 708 33.47 -18.19 50.01
N ARG C 709 34.56 -18.08 49.24
CA ARG C 709 35.36 -19.27 48.94
C ARG C 709 35.95 -19.86 50.22
N GLU C 710 36.43 -19.00 51.11
CA GLU C 710 36.93 -19.49 52.40
C GLU C 710 35.83 -20.18 53.20
N ASN C 711 34.63 -19.60 53.19
CA ASN C 711 33.53 -20.18 53.95
C ASN C 711 33.12 -21.54 53.40
N ILE C 712 33.06 -21.67 52.07
CA ILE C 712 32.70 -22.97 51.50
C ILE C 712 33.80 -23.99 51.74
N GLU C 713 35.07 -23.56 51.74
CA GLU C 713 36.15 -24.47 52.09
C GLU C 713 36.03 -24.92 53.55
N LYS C 714 35.64 -24.01 54.44
CA LYS C 714 35.43 -24.38 55.84
C LYS C 714 34.28 -25.37 55.98
N ASP C 715 33.21 -25.16 55.22
CA ASP C 715 32.10 -26.11 55.24
C ASP C 715 32.53 -27.48 54.73
N ILE C 716 33.34 -27.51 53.67
CA ILE C 716 33.87 -28.78 53.16
C ILE C 716 34.73 -29.46 54.22
N GLU C 717 35.57 -28.68 54.91
CA GLU C 717 36.41 -29.24 55.97
C GLU C 717 35.57 -29.83 57.08
N LYS C 718 34.52 -29.11 57.51
CA LYS C 718 33.66 -29.62 58.56
C LYS C 718 32.95 -30.91 58.13
N GLU C 719 32.45 -30.93 56.90
CA GLU C 719 31.76 -32.12 56.39
C GLU C 719 32.71 -33.31 56.33
N LYS C 720 33.94 -33.10 55.83
CA LYS C 720 34.87 -34.20 55.71
C LYS C 720 35.36 -34.67 57.07
N ARG C 721 35.51 -33.77 58.03
CA ARG C 721 35.90 -34.19 59.38
C ARG C 721 34.78 -34.97 60.04
N ARG C 722 33.52 -34.57 59.82
CA ARG C 722 32.39 -35.33 60.36
C ARG C 722 32.28 -36.70 59.72
N SER C 723 32.50 -36.79 58.41
CA SER C 723 32.36 -38.06 57.71
C SER C 723 33.50 -39.02 58.03
N GLU C 724 34.74 -38.51 58.02
CA GLU C 724 35.89 -39.35 58.31
C GLU C 724 35.95 -39.79 59.77
N ASN C 725 35.26 -39.08 60.66
CA ASN C 725 35.19 -39.44 62.08
C ASN C 725 33.72 -39.45 62.49
N PRO C 726 32.98 -40.48 62.08
CA PRO C 726 31.54 -40.51 62.40
C PRO C 726 31.25 -40.54 63.89
N GLU C 727 32.12 -41.17 64.69
CA GLU C 727 31.86 -41.30 66.11
C GLU C 727 32.00 -39.98 66.87
N ALA C 728 32.55 -38.94 66.24
CA ALA C 728 32.70 -37.66 66.90
C ALA C 728 31.34 -37.02 67.16
N MET C 729 31.22 -36.36 68.31
CA MET C 729 29.96 -35.70 68.65
C MET C 729 29.76 -34.46 67.79
N GLU C 730 28.53 -33.96 67.80
CA GLU C 730 28.19 -32.78 67.01
C GLU C 730 28.80 -31.54 67.65
N GLU C 731 29.98 -31.14 67.17
CA GLU C 731 30.70 -30.01 67.73
C GLU C 731 30.12 -28.69 67.23
N ASP C 732 30.74 -27.58 67.63
CA ASP C 732 30.26 -26.25 67.28
C ASP C 732 30.80 -25.85 65.90
N GLY C 733 30.18 -26.42 64.88
CA GLY C 733 30.51 -26.08 63.51
C GLY C 733 29.53 -25.11 62.90
N VAL C 734 28.78 -24.42 63.76
CA VAL C 734 27.74 -23.51 63.28
C VAL C 734 28.38 -22.35 62.52
N ASP C 735 27.73 -21.96 61.42
CA ASP C 735 28.21 -20.87 60.59
C ASP C 735 28.25 -19.57 61.38
N GLU C 736 29.44 -19.00 61.55
CA GLU C 736 29.63 -17.79 62.33
C GLU C 736 29.26 -16.56 61.49
N VAL C 737 29.60 -15.38 62.00
CA VAL C 737 29.36 -14.14 61.26
C VAL C 737 30.16 -14.14 59.97
N SER C 738 31.36 -14.70 60.00
CA SER C 738 32.23 -14.82 58.83
C SER C 738 32.56 -13.45 58.25
N GLU C 739 33.21 -12.63 59.06
CA GLU C 739 33.69 -11.35 58.59
C GLU C 739 34.77 -11.52 57.54
N ILE C 740 34.79 -10.63 56.56
CA ILE C 740 35.78 -10.68 55.48
C ILE C 740 37.14 -10.35 56.09
N LYS C 741 38.01 -11.35 56.17
CA LYS C 741 39.29 -11.19 56.84
C LYS C 741 40.21 -10.26 56.03
N ALA C 742 41.17 -9.68 56.74
CA ALA C 742 42.10 -8.75 56.10
C ALA C 742 42.93 -9.42 55.01
N ALA C 743 43.17 -10.73 55.14
CA ALA C 743 43.89 -11.45 54.10
C ALA C 743 43.13 -11.42 52.78
N HIS C 744 41.79 -11.50 52.85
CA HIS C 744 40.99 -11.43 51.64
C HIS C 744 41.16 -10.09 50.94
N PHE C 745 41.15 -8.99 51.70
CA PHE C 745 41.37 -7.68 51.11
C PHE C 745 42.79 -7.54 50.55
N GLU C 746 43.78 -8.09 51.26
CA GLU C 746 45.15 -8.04 50.76
C GLU C 746 45.28 -8.78 49.44
N GLU C 747 44.62 -9.94 49.33
CA GLU C 747 44.64 -10.68 48.07
C GLU C 747 43.87 -9.94 46.97
N SER C 748 42.76 -9.29 47.32
CA SER C 748 41.98 -8.60 46.31
C SER C 748 42.67 -7.35 45.80
N MET C 749 43.49 -6.70 46.63
CA MET C 749 44.17 -5.49 46.20
C MET C 749 45.17 -5.77 45.08
N LYS C 750 45.72 -6.97 45.02
CA LYS C 750 46.72 -7.30 44.01
C LYS C 750 46.14 -7.54 42.62
N TYR C 751 44.86 -7.26 42.38
CA TYR C 751 44.29 -7.37 41.05
C TYR C 751 43.37 -6.21 40.70
N ALA C 752 43.25 -5.20 41.56
CA ALA C 752 42.34 -4.09 41.29
C ALA C 752 42.80 -3.30 40.07
N ARG C 753 41.84 -2.90 39.25
CA ARG C 753 42.09 -2.11 38.07
C ARG C 753 41.59 -0.68 38.27
N ARG C 754 42.21 0.27 37.55
CA ARG C 754 41.76 1.65 37.54
C ARG C 754 41.03 1.89 36.22
N SER C 755 39.73 2.14 36.30
CA SER C 755 38.91 2.24 35.09
C SER C 755 39.32 3.42 34.23
N VAL C 756 39.64 4.56 34.84
CA VAL C 756 39.98 5.77 34.11
C VAL C 756 41.48 6.02 34.24
N SER C 757 42.15 6.16 33.10
CA SER C 757 43.56 6.49 33.09
C SER C 757 43.77 7.98 33.36
N ASP C 758 44.98 8.33 33.77
CA ASP C 758 45.28 9.71 34.12
C ASP C 758 45.15 10.64 32.93
N ALA C 759 45.35 10.13 31.70
CA ALA C 759 45.19 10.96 30.52
C ALA C 759 43.76 11.46 30.39
N ASP C 760 42.78 10.58 30.63
CA ASP C 760 41.39 11.01 30.57
C ASP C 760 41.05 11.98 31.69
N ILE C 761 41.67 11.80 32.87
CA ILE C 761 41.48 12.77 33.95
C ILE C 761 41.99 14.14 33.52
N ARG C 762 43.16 14.18 32.89
CA ARG C 762 43.68 15.46 32.41
C ARG C 762 42.81 16.05 31.31
N LYS C 763 42.24 15.20 30.45
CA LYS C 763 41.35 15.69 29.41
C LYS C 763 40.10 16.34 30.01
N TYR C 764 39.51 15.68 31.00
CA TYR C 764 38.33 16.26 31.66
C TYR C 764 38.70 17.54 32.41
N GLN C 765 39.87 17.57 33.04
CA GLN C 765 40.31 18.78 33.70
C GLN C 765 40.51 19.92 32.71
N ALA C 766 41.05 19.61 31.53
CA ALA C 766 41.21 20.63 30.50
C ALA C 766 39.87 21.14 30.01
N PHE C 767 38.90 20.23 29.84
CA PHE C 767 37.56 20.67 29.46
C PHE C 767 36.96 21.58 30.52
N ALA C 768 37.12 21.22 31.79
CA ALA C 768 36.61 22.07 32.87
C ALA C 768 37.28 23.44 32.85
N GLN C 769 38.61 23.46 32.68
CA GLN C 769 39.33 24.73 32.64
C GLN C 769 38.88 25.58 31.46
N THR C 770 38.60 24.94 30.32
CA THR C 770 38.03 25.67 29.19
C THR C 770 36.67 26.25 29.55
N LEU C 771 35.86 25.50 30.30
CA LEU C 771 34.58 26.02 30.74
C LEU C 771 34.75 27.23 31.66
N GLN C 772 35.69 27.16 32.59
CA GLN C 772 35.89 28.24 33.57
C GLN C 772 36.98 29.18 33.09
N GLN C 773 36.65 29.94 32.05
CA GLN C 773 37.56 30.97 31.55
C GLN C 773 37.62 32.19 32.45
N SER C 774 36.75 32.28 33.46
CA SER C 774 36.71 33.42 34.37
C SER C 774 37.40 33.12 35.70
N ARG C 775 38.49 32.34 35.66
CA ARG C 775 39.23 32.00 36.88
C ARG C 775 39.91 33.20 37.51
N GLY C 776 40.01 34.34 36.81
CA GLY C 776 40.56 35.53 37.42
C GLY C 776 39.71 36.05 38.56
N PHE C 777 38.39 35.92 38.46
CA PHE C 777 37.47 36.34 39.51
C PHE C 777 37.11 35.20 40.47
N GLY C 778 37.68 34.02 40.29
CA GLY C 778 37.40 32.90 41.16
C GLY C 778 37.95 33.08 42.56
N LYS D 18 12.32 -32.51 49.26
CA LYS D 18 11.88 -33.01 47.96
C LYS D 18 13.04 -33.12 46.98
N LYS D 19 12.92 -34.04 46.03
CA LYS D 19 13.93 -34.23 45.00
C LYS D 19 13.47 -33.57 43.71
N ASP D 20 14.21 -33.81 42.62
CA ASP D 20 13.90 -33.23 41.32
C ASP D 20 12.77 -34.02 40.68
N PHE D 21 11.54 -33.58 40.92
CA PHE D 21 10.36 -34.22 40.32
C PHE D 21 10.03 -33.62 38.96
N SER D 22 11.03 -33.53 38.08
CA SER D 22 10.80 -33.00 36.74
C SER D 22 10.09 -34.03 35.86
N THR D 23 10.41 -35.31 36.04
CA THR D 23 9.82 -36.40 35.28
C THR D 23 9.20 -37.41 36.22
N ALA D 24 8.52 -36.93 37.27
CA ALA D 24 7.94 -37.83 38.26
C ALA D 24 6.74 -38.57 37.70
N ILE D 25 5.92 -37.91 36.88
CA ILE D 25 4.71 -38.53 36.37
C ILE D 25 5.04 -39.69 35.44
N LEU D 26 6.17 -39.63 34.74
CA LEU D 26 6.54 -40.67 33.80
C LEU D 26 7.20 -41.87 34.46
N GLU D 27 7.39 -41.85 35.78
CA GLU D 27 8.00 -42.98 36.47
C GLU D 27 7.09 -44.20 36.42
N ARG D 28 7.69 -45.36 36.11
CA ARG D 28 6.95 -46.62 36.10
C ARG D 28 6.94 -47.18 37.51
N LYS D 29 6.04 -46.64 38.33
CA LYS D 29 5.96 -47.01 39.73
C LYS D 29 5.53 -48.46 39.88
N LYS D 30 6.17 -49.16 40.82
CA LYS D 30 5.87 -50.57 41.05
C LYS D 30 4.50 -50.73 41.71
N SER D 31 3.92 -51.91 41.51
CA SER D 31 2.63 -52.26 42.11
C SER D 31 2.52 -53.77 42.12
N PRO D 32 1.99 -54.37 43.18
CA PRO D 32 1.82 -55.84 43.19
C PRO D 32 0.92 -56.34 42.08
N ASN D 33 -0.09 -55.57 41.70
CA ASN D 33 -0.97 -55.98 40.61
C ASN D 33 -0.26 -55.95 39.27
N ARG D 34 0.63 -54.99 39.05
CA ARG D 34 1.33 -54.87 37.79
C ARG D 34 2.36 -55.97 37.62
N LEU D 35 2.48 -56.48 36.39
CA LEU D 35 3.38 -57.59 36.10
C LEU D 35 4.03 -57.36 34.74
N VAL D 36 5.14 -58.06 34.51
CA VAL D 36 5.94 -57.91 33.30
C VAL D 36 5.56 -58.97 32.30
N VAL D 37 5.33 -58.57 31.04
CA VAL D 37 4.90 -59.50 30.00
C VAL D 37 5.99 -60.52 29.71
N ASP D 38 5.59 -61.78 29.53
CA ASP D 38 6.50 -62.83 29.14
C ASP D 38 5.73 -63.88 28.35
N GLU D 39 6.47 -64.73 27.63
CA GLU D 39 5.87 -65.78 26.83
C GLU D 39 5.30 -66.88 27.71
N ALA D 40 4.20 -67.49 27.26
CA ALA D 40 3.54 -68.57 27.98
C ALA D 40 3.72 -69.89 27.24
N ILE D 41 3.86 -70.96 28.03
CA ILE D 41 3.97 -72.30 27.45
C ILE D 41 2.65 -72.74 26.85
N ASN D 42 1.54 -72.44 27.54
CA ASN D 42 0.23 -72.85 27.06
C ASN D 42 -0.11 -72.17 25.75
N ASP D 43 -0.71 -72.93 24.83
CA ASP D 43 -1.07 -72.43 23.51
C ASP D 43 -2.49 -71.89 23.44
N ASP D 44 -3.24 -71.93 24.53
CA ASP D 44 -4.58 -71.38 24.54
C ASP D 44 -4.53 -69.86 24.42
N ASN D 45 -5.38 -69.31 23.56
CA ASN D 45 -5.41 -67.87 23.33
C ASN D 45 -6.24 -67.12 24.35
N SER D 46 -6.99 -67.83 25.20
CA SER D 46 -7.78 -67.20 26.26
C SER D 46 -7.31 -67.61 27.65
N VAL D 47 -6.10 -68.17 27.74
CA VAL D 47 -5.54 -68.63 29.01
C VAL D 47 -4.13 -68.07 29.15
N VAL D 48 -3.85 -67.49 30.32
CA VAL D 48 -2.51 -67.00 30.64
C VAL D 48 -1.96 -67.84 31.79
N SER D 49 -0.70 -67.58 32.12
CA SER D 49 0.00 -68.34 33.17
C SER D 49 0.59 -67.39 34.19
N LEU D 50 0.62 -67.84 35.44
CA LEU D 50 1.17 -67.06 36.55
C LEU D 50 1.92 -67.99 37.48
N HIS D 51 2.75 -67.39 38.33
CA HIS D 51 3.41 -68.19 39.36
C HIS D 51 2.41 -68.52 40.47
N PRO D 52 2.42 -69.75 41.00
CA PRO D 52 1.46 -70.09 42.06
C PRO D 52 1.53 -69.17 43.27
N ALA D 53 2.73 -68.80 43.70
CA ALA D 53 2.86 -67.84 44.80
C ALA D 53 2.31 -66.49 44.41
N THR D 54 2.55 -66.07 43.16
CA THR D 54 2.06 -64.77 42.70
C THR D 54 0.54 -64.73 42.70
N MET D 55 -0.11 -65.77 42.17
CA MET D 55 -1.57 -65.79 42.15
C MET D 55 -2.16 -65.98 43.53
N GLU D 56 -1.46 -66.71 44.42
CA GLU D 56 -1.90 -66.80 45.80
C GLU D 56 -1.84 -65.44 46.49
N LYS D 57 -0.79 -64.67 46.23
CA LYS D 57 -0.68 -63.33 46.79
C LYS D 57 -1.69 -62.36 46.21
N LEU D 58 -2.25 -62.66 45.04
CA LEU D 58 -3.23 -61.79 44.40
C LEU D 58 -4.66 -62.28 44.60
N GLN D 59 -4.88 -63.20 45.57
CA GLN D 59 -6.21 -63.74 45.85
C GLN D 59 -6.82 -64.39 44.62
N LEU D 60 -5.99 -65.09 43.85
CA LEU D 60 -6.41 -65.78 42.64
C LEU D 60 -6.01 -67.25 42.73
N PHE D 61 -6.68 -68.08 41.95
CA PHE D 61 -6.44 -69.52 41.94
C PHE D 61 -6.48 -70.03 40.50
N ARG D 62 -6.07 -71.28 40.33
CA ARG D 62 -6.10 -71.90 39.01
C ARG D 62 -7.54 -71.99 38.49
N GLY D 63 -7.72 -71.67 37.22
CA GLY D 63 -9.04 -71.67 36.61
C GLY D 63 -9.77 -70.35 36.68
N ASP D 64 -9.25 -69.37 37.42
CA ASP D 64 -9.89 -68.07 37.50
C ASP D 64 -9.75 -67.34 36.17
N THR D 65 -10.72 -66.48 35.87
CA THR D 65 -10.72 -65.66 34.67
C THR D 65 -10.63 -64.20 35.09
N ILE D 66 -9.61 -63.50 34.60
CA ILE D 66 -9.32 -62.13 35.01
C ILE D 66 -9.17 -61.26 33.77
N LEU D 67 -9.54 -59.99 33.91
CA LEU D 67 -9.30 -59.01 32.87
C LEU D 67 -7.88 -58.47 32.99
N ILE D 68 -7.22 -58.29 31.85
CA ILE D 68 -5.87 -57.75 31.81
C ILE D 68 -5.89 -56.50 30.95
N LYS D 69 -5.38 -55.40 31.51
CA LYS D 69 -5.39 -54.11 30.85
C LYS D 69 -4.12 -53.95 30.03
N GLY D 70 -4.26 -53.87 28.71
CA GLY D 70 -3.15 -53.65 27.82
C GLY D 70 -2.96 -52.18 27.51
N LYS D 71 -2.14 -51.92 26.49
CA LYS D 71 -1.88 -50.55 26.07
C LYS D 71 -3.09 -49.95 25.36
N LYS D 72 -3.12 -48.62 25.34
CA LYS D 72 -4.17 -47.86 24.64
C LYS D 72 -5.55 -48.20 25.15
N ARG D 73 -5.69 -48.35 26.47
CA ARG D 73 -6.97 -48.57 27.13
C ARG D 73 -7.62 -49.88 26.72
N LYS D 74 -6.92 -50.68 25.93
CA LYS D 74 -7.44 -51.97 25.49
C LYS D 74 -7.20 -53.01 26.58
N ASP D 75 -8.16 -53.93 26.73
CA ASP D 75 -8.08 -54.96 27.74
C ASP D 75 -8.73 -56.23 27.23
N THR D 76 -8.23 -57.37 27.72
CA THR D 76 -8.70 -58.68 27.28
C THR D 76 -8.85 -59.59 28.49
N VAL D 77 -9.87 -60.45 28.44
CA VAL D 77 -10.18 -61.37 29.54
C VAL D 77 -9.51 -62.70 29.25
N CYS D 78 -8.69 -63.16 30.19
CA CYS D 78 -7.94 -64.41 30.01
C CYS D 78 -7.97 -65.21 31.30
N ILE D 79 -7.78 -66.52 31.14
CA ILE D 79 -7.77 -67.45 32.27
C ILE D 79 -6.36 -67.55 32.82
N ALA D 80 -6.22 -67.34 34.13
CA ALA D 80 -4.91 -67.32 34.79
C ALA D 80 -4.66 -68.68 35.44
N LEU D 81 -3.85 -69.50 34.78
CA LEU D 81 -3.39 -70.76 35.35
C LEU D 81 -2.10 -70.51 36.14
N ALA D 82 -1.54 -71.59 36.69
CA ALA D 82 -0.34 -71.47 37.51
C ALA D 82 0.67 -72.55 37.13
N ASP D 83 1.93 -72.15 37.07
CA ASP D 83 3.03 -73.08 36.86
C ASP D 83 4.30 -72.47 37.44
N GLU D 84 5.27 -73.34 37.76
CA GLU D 84 6.50 -72.90 38.38
C GLU D 84 7.49 -72.29 37.38
N THR D 85 7.27 -72.45 36.09
CA THR D 85 8.16 -71.87 35.09
C THR D 85 8.03 -70.35 34.99
N CYS D 86 6.99 -69.76 35.58
CA CYS D 86 6.79 -68.33 35.55
C CYS D 86 7.34 -67.70 36.82
N GLU D 87 8.15 -66.66 36.67
CA GLU D 87 8.74 -65.99 37.80
C GLU D 87 7.70 -65.10 38.50
N GLU D 88 8.05 -64.66 39.71
CA GLU D 88 7.12 -63.86 40.50
C GLU D 88 6.72 -62.54 39.83
N PRO D 89 7.65 -61.71 39.31
CA PRO D 89 7.23 -60.44 38.73
C PRO D 89 6.79 -60.55 37.28
N LYS D 90 6.52 -61.77 36.82
CA LYS D 90 6.21 -62.02 35.42
C LYS D 90 4.79 -62.57 35.27
N ILE D 91 4.19 -62.26 34.12
CA ILE D 91 2.92 -62.85 33.71
C ILE D 91 3.12 -63.43 32.31
N ARG D 92 2.78 -64.70 32.16
CA ARG D 92 3.00 -65.42 30.90
C ARG D 92 1.73 -65.41 30.07
N MET D 93 1.86 -65.02 28.81
CA MET D 93 0.73 -64.94 27.89
C MET D 93 1.19 -65.35 26.49
N ASN D 94 0.23 -65.78 25.68
CA ASN D 94 0.51 -66.16 24.31
C ASN D 94 0.71 -64.91 23.44
N LYS D 95 1.28 -65.13 22.25
CA LYS D 95 1.47 -64.02 21.33
C LYS D 95 0.15 -63.41 20.89
N VAL D 96 -0.90 -64.23 20.76
CA VAL D 96 -2.22 -63.71 20.44
C VAL D 96 -2.73 -62.83 21.56
N VAL D 97 -2.44 -63.21 22.80
CA VAL D 97 -2.82 -62.38 23.94
C VAL D 97 -2.10 -61.03 23.88
N ARG D 98 -0.82 -61.04 23.53
CA ARG D 98 -0.08 -59.79 23.39
C ARG D 98 -0.66 -58.93 22.27
N SER D 99 -1.03 -59.56 21.15
CA SER D 99 -1.65 -58.83 20.06
C SER D 99 -2.97 -58.19 20.49
N ASN D 100 -3.77 -58.94 21.26
CA ASN D 100 -5.04 -58.40 21.74
C ASN D 100 -4.82 -57.30 22.78
N LEU D 101 -3.70 -57.33 23.50
CA LEU D 101 -3.40 -56.34 24.53
C LEU D 101 -2.55 -55.19 24.02
N ARG D 102 -2.20 -55.18 22.73
CA ARG D 102 -1.38 -54.12 22.13
C ARG D 102 -0.04 -53.97 22.85
N VAL D 103 0.54 -55.09 23.26
CA VAL D 103 1.78 -55.08 24.03
C VAL D 103 2.79 -56.02 23.39
N ARG D 104 4.06 -55.67 23.54
CA ARG D 104 5.18 -56.54 23.17
C ARG D 104 5.78 -57.14 24.44
N LEU D 105 6.89 -57.84 24.29
CA LEU D 105 7.59 -58.40 25.44
C LEU D 105 8.22 -57.29 26.28
N GLY D 106 8.24 -57.50 27.59
CA GLY D 106 8.84 -56.57 28.51
C GLY D 106 7.94 -55.43 28.96
N ASP D 107 6.68 -55.40 28.52
CA ASP D 107 5.76 -54.35 28.93
C ASP D 107 5.16 -54.67 30.29
N VAL D 108 4.55 -53.66 30.91
CA VAL D 108 3.95 -53.77 32.23
C VAL D 108 2.44 -53.57 32.08
N ILE D 109 1.67 -54.54 32.57
CA ILE D 109 0.22 -54.52 32.47
C ILE D 109 -0.37 -54.82 33.86
N SER D 110 -1.68 -54.63 33.97
CA SER D 110 -2.39 -54.79 35.23
C SER D 110 -3.52 -55.81 35.07
N VAL D 111 -3.92 -56.39 36.18
CA VAL D 111 -4.93 -57.44 36.21
C VAL D 111 -6.03 -57.07 37.20
N HIS D 112 -7.27 -57.39 36.83
CA HIS D 112 -8.43 -57.19 37.69
C HIS D 112 -9.29 -58.44 37.66
N GLN D 113 -10.02 -58.69 38.74
CA GLN D 113 -10.90 -59.84 38.78
C GLN D 113 -12.18 -59.57 37.99
N CYS D 114 -12.85 -60.67 37.60
CA CYS D 114 -14.05 -60.60 36.78
C CYS D 114 -15.16 -61.39 37.47
N PRO D 115 -15.78 -60.82 38.51
CA PRO D 115 -16.90 -61.52 39.15
C PRO D 115 -18.08 -61.73 38.23
N ASP D 116 -18.33 -60.82 37.29
CA ASP D 116 -19.46 -60.91 36.37
C ASP D 116 -19.03 -61.73 35.15
N VAL D 117 -19.13 -63.06 35.30
CA VAL D 117 -18.79 -63.95 34.20
C VAL D 117 -19.76 -63.77 33.04
N LYS D 118 -21.07 -63.65 33.35
CA LYS D 118 -22.13 -63.36 32.39
C LYS D 118 -22.01 -64.14 31.09
N TYR D 119 -22.19 -65.46 31.17
CA TYR D 119 -22.19 -66.34 30.00
C TYR D 119 -22.95 -65.72 28.83
N GLY D 120 -22.28 -65.65 27.68
CA GLY D 120 -22.89 -65.02 26.52
C GLY D 120 -24.06 -65.83 25.98
N LYS D 121 -25.05 -65.11 25.44
CA LYS D 121 -26.19 -65.77 24.82
C LYS D 121 -25.97 -66.02 23.34
N ARG D 122 -25.14 -65.21 22.68
CA ARG D 122 -24.84 -65.40 21.26
C ARG D 122 -23.53 -64.68 20.96
N VAL D 123 -22.55 -65.43 20.46
CA VAL D 123 -21.23 -64.90 20.14
C VAL D 123 -20.96 -65.16 18.66
N HIS D 124 -20.61 -64.11 17.93
CA HIS D 124 -20.35 -64.19 16.49
C HIS D 124 -18.87 -63.97 16.25
N ILE D 125 -18.23 -64.92 15.57
CA ILE D 125 -16.81 -64.86 15.26
C ILE D 125 -16.63 -65.14 13.78
N LEU D 126 -15.83 -64.32 13.09
CA LEU D 126 -15.64 -64.48 11.66
C LEU D 126 -14.15 -64.41 11.33
N PRO D 127 -13.70 -65.15 10.33
CA PRO D 127 -12.26 -65.26 10.05
C PRO D 127 -11.71 -64.03 9.31
N VAL D 128 -10.38 -63.95 9.30
CA VAL D 128 -9.69 -62.89 8.57
C VAL D 128 -9.58 -63.27 7.09
N ASP D 129 -9.33 -62.26 6.25
CA ASP D 129 -9.33 -62.47 4.82
C ASP D 129 -8.22 -63.42 4.37
N ASP D 130 -7.04 -63.29 4.97
CA ASP D 130 -5.88 -64.08 4.54
C ASP D 130 -5.79 -65.44 5.22
N THR D 131 -6.85 -65.88 5.89
CA THR D 131 -6.84 -67.18 6.56
C THR D 131 -8.02 -68.07 6.20
N VAL D 132 -8.90 -67.64 5.30
CA VAL D 132 -10.08 -68.43 4.96
C VAL D 132 -9.78 -69.60 4.04
N GLU D 133 -8.60 -69.64 3.43
CA GLU D 133 -8.28 -70.72 2.50
C GLU D 133 -8.15 -72.05 3.22
N GLY D 134 -8.60 -73.11 2.56
CA GLY D 134 -8.51 -74.46 3.09
C GLY D 134 -9.79 -74.98 3.72
N VAL D 135 -10.82 -74.16 3.84
CA VAL D 135 -12.07 -74.54 4.48
C VAL D 135 -13.19 -74.49 3.44
N THR D 136 -13.95 -75.57 3.34
CA THR D 136 -15.07 -75.67 2.39
C THR D 136 -16.42 -75.46 3.06
N GLY D 137 -16.65 -76.11 4.19
CA GLY D 137 -17.91 -75.98 4.90
C GLY D 137 -17.94 -74.75 5.79
N ASN D 138 -19.01 -74.68 6.59
CA ASN D 138 -19.16 -73.57 7.52
C ASN D 138 -18.02 -73.54 8.51
N LEU D 139 -17.40 -72.36 8.68
CA LEU D 139 -16.21 -72.25 9.50
C LEU D 139 -16.52 -72.34 10.99
N PHE D 140 -17.70 -71.89 11.40
CA PHE D 140 -18.07 -72.01 12.82
C PHE D 140 -18.15 -73.47 13.23
N ASP D 141 -18.76 -74.31 12.40
CA ASP D 141 -18.87 -75.73 12.71
C ASP D 141 -17.55 -76.46 12.50
N ALA D 142 -16.78 -76.07 11.47
CA ALA D 142 -15.53 -76.76 11.17
C ALA D 142 -14.41 -76.34 12.13
N TYR D 143 -14.36 -75.07 12.51
CA TYR D 143 -13.27 -74.55 13.34
C TYR D 143 -13.73 -74.04 14.69
N LEU D 144 -14.71 -73.13 14.71
CA LEU D 144 -15.07 -72.45 15.96
C LEU D 144 -15.73 -73.40 16.95
N LYS D 145 -16.72 -74.17 16.50
CA LYS D 145 -17.47 -75.01 17.42
C LYS D 145 -16.67 -76.19 17.99
N PRO D 146 -15.70 -76.79 17.28
CA PRO D 146 -14.90 -77.83 17.95
C PRO D 146 -14.15 -77.35 19.18
N TYR D 147 -13.72 -76.09 19.21
CA TYR D 147 -12.94 -75.56 20.33
C TYR D 147 -13.72 -74.59 21.21
N PHE D 148 -14.97 -74.27 20.86
CA PHE D 148 -15.76 -73.33 21.64
C PHE D 148 -17.02 -73.93 22.24
N LEU D 149 -17.65 -74.89 21.58
CA LEU D 149 -18.85 -75.51 22.12
C LEU D 149 -18.49 -76.31 23.37
N GLU D 150 -19.17 -76.00 24.47
CA GLU D 150 -18.96 -76.63 25.78
C GLU D 150 -17.55 -76.44 26.32
N ALA D 151 -16.78 -75.52 25.74
CA ALA D 151 -15.43 -75.24 26.21
C ALA D 151 -15.36 -74.06 27.17
N TYR D 152 -16.37 -73.19 27.16
CA TYR D 152 -16.46 -72.04 28.06
C TYR D 152 -15.22 -71.15 27.95
N ARG D 153 -14.82 -70.86 26.72
CA ARG D 153 -13.69 -69.97 26.49
C ARG D 153 -14.16 -68.52 26.53
N PRO D 154 -13.65 -67.70 27.44
CA PRO D 154 -14.01 -66.28 27.44
C PRO D 154 -13.51 -65.58 26.18
N VAL D 155 -14.31 -64.64 25.68
CA VAL D 155 -13.99 -63.87 24.49
C VAL D 155 -14.32 -62.41 24.75
N ARG D 156 -13.63 -61.54 24.01
CA ARG D 156 -13.80 -60.10 24.07
C ARG D 156 -14.09 -59.59 22.67
N LYS D 157 -15.04 -58.66 22.57
CA LYS D 157 -15.48 -58.18 21.28
C LYS D 157 -14.37 -57.40 20.57
N GLY D 158 -14.21 -57.68 19.27
CA GLY D 158 -13.22 -57.00 18.46
C GLY D 158 -11.81 -57.53 18.56
N ASP D 159 -11.57 -58.55 19.37
CA ASP D 159 -10.23 -59.10 19.54
C ASP D 159 -9.97 -60.22 18.55
N LEU D 160 -8.71 -60.61 18.44
CA LEU D 160 -8.28 -61.66 17.54
C LEU D 160 -8.19 -63.00 18.29
N PHE D 161 -8.22 -64.08 17.52
CA PHE D 161 -8.18 -65.42 18.08
C PHE D 161 -7.57 -66.35 17.03
N LEU D 162 -7.07 -67.49 17.50
CA LEU D 162 -6.47 -68.49 16.62
C LEU D 162 -7.17 -69.83 16.84
N VAL D 163 -7.52 -70.51 15.75
CA VAL D 163 -8.20 -71.80 15.81
C VAL D 163 -7.45 -72.78 14.91
N ARG D 164 -7.27 -74.00 15.41
CA ARG D 164 -6.59 -75.04 14.65
C ARG D 164 -7.50 -76.22 14.37
N GLY D 165 -8.73 -75.94 13.96
CA GLY D 165 -9.70 -76.97 13.65
C GLY D 165 -9.50 -77.68 12.34
N GLY D 166 -8.47 -77.33 11.58
CA GLY D 166 -8.18 -77.97 10.31
C GLY D 166 -6.70 -78.06 10.05
N MET D 167 -6.30 -77.88 8.79
CA MET D 167 -4.91 -78.01 8.41
C MET D 167 -4.09 -76.76 8.69
N ARG D 168 -4.72 -75.62 8.93
CA ARG D 168 -4.03 -74.36 9.12
C ARG D 168 -4.58 -73.64 10.35
N SER D 169 -3.70 -72.92 11.04
CA SER D 169 -4.09 -72.11 12.19
C SER D 169 -4.79 -70.85 11.67
N VAL D 170 -6.10 -70.95 11.50
CA VAL D 170 -6.89 -69.86 10.95
C VAL D 170 -7.12 -68.80 12.01
N GLU D 171 -6.92 -67.54 11.64
CA GLU D 171 -7.15 -66.43 12.54
C GLU D 171 -8.59 -65.93 12.40
N PHE D 172 -9.19 -65.59 13.53
CA PHE D 172 -10.56 -65.12 13.60
C PHE D 172 -10.63 -63.82 14.39
N LYS D 173 -11.76 -63.13 14.25
CA LYS D 173 -12.04 -61.89 14.96
C LYS D 173 -13.48 -61.94 15.46
N VAL D 174 -13.69 -61.45 16.68
CA VAL D 174 -15.02 -61.47 17.29
C VAL D 174 -15.79 -60.25 16.79
N ILE D 175 -16.89 -60.50 16.09
CA ILE D 175 -17.70 -59.44 15.48
C ILE D 175 -18.69 -58.91 16.49
N GLU D 176 -19.58 -59.77 16.97
CA GLU D 176 -20.68 -59.37 17.84
C GLU D 176 -20.77 -60.30 19.04
N THR D 177 -21.02 -59.72 20.22
CA THR D 177 -21.23 -60.47 21.44
C THR D 177 -22.39 -59.86 22.22
N ASP D 178 -23.02 -60.70 23.05
CA ASP D 178 -24.08 -60.25 23.94
C ASP D 178 -23.92 -60.95 25.29
N PRO D 179 -23.46 -60.24 26.33
CA PRO D 179 -23.10 -58.81 26.41
C PRO D 179 -21.94 -58.41 25.51
N ALA D 180 -21.90 -57.13 25.12
CA ALA D 180 -20.97 -56.70 24.08
C ALA D 180 -19.53 -56.62 24.59
N GLU D 181 -19.33 -56.28 25.86
CA GLU D 181 -17.98 -56.03 26.36
C GLU D 181 -17.15 -57.31 26.32
N TYR D 182 -17.56 -58.34 27.07
CA TYR D 182 -16.83 -59.60 27.10
C TYR D 182 -17.73 -60.65 27.73
N CYS D 183 -17.62 -61.88 27.25
CA CYS D 183 -18.48 -62.94 27.76
C CYS D 183 -17.84 -64.29 27.51
N VAL D 184 -18.28 -65.28 28.29
CA VAL D 184 -17.82 -66.66 28.15
C VAL D 184 -18.78 -67.37 27.21
N VAL D 185 -18.22 -68.08 26.22
CA VAL D 185 -19.02 -68.66 25.15
C VAL D 185 -19.80 -69.87 25.67
N ALA D 186 -21.08 -69.67 25.93
CA ALA D 186 -21.97 -70.74 26.35
C ALA D 186 -22.43 -71.55 25.15
N PRO D 187 -22.86 -72.79 25.37
CA PRO D 187 -23.41 -73.57 24.25
C PRO D 187 -24.64 -72.96 23.61
N ASP D 188 -25.34 -72.06 24.31
CA ASP D 188 -26.51 -71.40 23.75
C ASP D 188 -26.16 -70.40 22.65
N THR D 189 -24.88 -70.08 22.47
CA THR D 189 -24.46 -69.13 21.45
C THR D 189 -24.57 -69.74 20.05
N GLU D 190 -25.79 -69.95 19.57
CA GLU D 190 -26.01 -70.51 18.25
C GLU D 190 -25.76 -69.43 17.19
N ILE D 191 -24.90 -69.73 16.23
CA ILE D 191 -24.50 -68.76 15.21
C ILE D 191 -23.90 -69.53 14.05
N PHE D 192 -23.93 -68.92 12.86
CA PHE D 192 -23.24 -69.44 11.69
C PHE D 192 -22.50 -68.30 11.00
N CYS D 193 -21.45 -68.66 10.27
CA CYS D 193 -20.59 -67.66 9.64
C CYS D 193 -21.35 -66.92 8.56
N GLU D 194 -21.67 -65.65 8.83
CA GLU D 194 -22.44 -64.85 7.88
C GLU D 194 -21.59 -64.46 6.67
N GLY D 195 -20.37 -64.02 6.92
CA GLY D 195 -19.53 -63.54 5.83
C GLY D 195 -18.09 -63.37 6.25
N GLU D 196 -17.35 -62.61 5.43
CA GLU D 196 -15.92 -62.37 5.63
C GLU D 196 -15.68 -60.87 5.62
N PRO D 197 -15.95 -60.19 6.74
CA PRO D 197 -15.71 -58.74 6.82
C PRO D 197 -14.37 -58.34 7.41
N VAL D 198 -13.56 -59.30 7.86
CA VAL D 198 -12.29 -59.02 8.52
C VAL D 198 -11.17 -59.08 7.50
N LYS D 199 -10.31 -58.06 7.50
CA LYS D 199 -9.20 -57.97 6.57
C LYS D 199 -7.94 -57.61 7.35
N ARG D 200 -6.78 -57.96 6.76
CA ARG D 200 -5.51 -57.63 7.37
C ARG D 200 -5.29 -56.11 7.47
N GLU D 201 -5.87 -55.34 6.54
CA GLU D 201 -5.75 -53.90 6.57
C GLU D 201 -6.35 -53.28 7.82
N ASP D 202 -7.02 -54.07 8.66
CA ASP D 202 -7.56 -53.61 9.92
C ASP D 202 -6.55 -53.68 11.07
N GLU D 203 -5.30 -54.06 10.78
CA GLU D 203 -4.27 -54.11 11.82
C GLU D 203 -3.87 -52.73 12.32
N GLU D 204 -4.34 -51.65 11.68
CA GLU D 204 -3.92 -50.31 12.06
C GLU D 204 -4.29 -49.98 13.50
N ARG D 205 -5.41 -50.52 14.00
CA ARG D 205 -5.83 -50.20 15.36
C ARG D 205 -4.98 -50.91 16.40
N LEU D 206 -4.28 -51.97 16.02
CA LEU D 206 -3.37 -52.66 16.95
C LEU D 206 -2.11 -51.80 17.11
N ASP D 207 -2.01 -51.12 18.25
CA ASP D 207 -0.87 -50.25 18.56
C ASP D 207 -0.70 -49.17 17.49
N ASP D 208 -1.73 -48.35 17.34
CA ASP D 208 -1.71 -47.27 16.36
C ASP D 208 -0.62 -46.26 16.67
N VAL D 209 -0.77 -45.52 17.77
CA VAL D 209 0.22 -44.55 18.25
C VAL D 209 0.10 -44.46 19.77
N GLY D 210 1.21 -44.68 20.48
CA GLY D 210 1.20 -44.70 21.92
C GLY D 210 2.27 -43.80 22.51
N TYR D 211 2.36 -43.84 23.84
CA TYR D 211 3.36 -43.02 24.53
C TYR D 211 4.78 -43.43 24.17
N ASP D 212 5.04 -44.74 24.11
CA ASP D 212 6.40 -45.22 23.86
C ASP D 212 6.86 -44.98 22.43
N ASP D 213 5.95 -44.62 21.52
CA ASP D 213 6.35 -44.35 20.15
C ASP D 213 7.17 -43.06 20.04
N VAL D 214 6.89 -42.08 20.89
CA VAL D 214 7.58 -40.80 20.84
C VAL D 214 8.82 -40.87 21.70
N GLY D 215 9.97 -40.52 21.13
CA GLY D 215 11.23 -40.61 21.83
C GLY D 215 12.05 -39.34 21.67
N GLY D 216 12.83 -39.05 22.71
CA GLY D 216 13.67 -37.87 22.73
C GLY D 216 13.02 -36.62 23.30
N VAL D 217 11.75 -36.68 23.67
CA VAL D 217 11.03 -35.53 24.19
C VAL D 217 10.48 -35.85 25.58
N ARG D 218 11.22 -36.63 26.35
CA ARG D 218 10.73 -37.09 27.66
C ARG D 218 10.31 -35.93 28.55
N LYS D 219 11.09 -34.85 28.57
CA LYS D 219 10.74 -33.72 29.43
C LYS D 219 9.47 -33.03 28.96
N GLN D 220 9.36 -32.75 27.67
CA GLN D 220 8.17 -32.10 27.13
C GLN D 220 6.95 -32.99 27.25
N MET D 221 7.13 -34.30 27.02
CA MET D 221 6.02 -35.23 27.21
C MET D 221 5.57 -35.25 28.66
N ALA D 222 6.52 -35.19 29.60
CA ALA D 222 6.16 -35.13 31.01
C ALA D 222 5.37 -33.85 31.32
N GLN D 223 5.80 -32.72 30.79
CA GLN D 223 5.06 -31.47 31.02
C GLN D 223 3.65 -31.55 30.45
N ILE D 224 3.51 -32.09 29.24
CA ILE D 224 2.19 -32.20 28.62
C ILE D 224 1.30 -33.13 29.43
N ARG D 225 1.85 -34.25 29.89
CA ARG D 225 1.06 -35.16 30.72
C ARG D 225 0.62 -34.49 32.00
N GLU D 226 1.52 -33.76 32.66
CA GLU D 226 1.15 -33.04 33.87
C GLU D 226 0.04 -32.03 33.61
N LEU D 227 0.11 -31.33 32.48
CA LEU D 227 -0.91 -30.32 32.19
C LEU D 227 -2.24 -30.92 31.76
N VAL D 228 -2.24 -32.11 31.15
CA VAL D 228 -3.45 -32.63 30.53
C VAL D 228 -4.09 -33.76 31.33
N GLU D 229 -3.32 -34.80 31.64
CA GLU D 229 -3.93 -36.03 32.15
C GLU D 229 -4.59 -35.81 33.51
N LEU D 230 -3.93 -35.07 34.40
CA LEU D 230 -4.47 -34.90 35.75
C LEU D 230 -5.82 -34.20 35.75
N PRO D 231 -6.02 -33.06 35.07
CA PRO D 231 -7.36 -32.47 35.06
C PRO D 231 -8.44 -33.38 34.50
N LEU D 232 -8.13 -34.13 33.44
CA LEU D 232 -9.15 -34.95 32.80
C LEU D 232 -9.41 -36.23 33.59
N ARG D 233 -8.37 -36.86 34.13
CA ARG D 233 -8.56 -38.16 34.78
C ARG D 233 -9.19 -38.00 36.17
N HIS D 234 -8.64 -37.12 37.00
CA HIS D 234 -9.11 -36.92 38.37
C HIS D 234 -9.36 -35.45 38.62
N PRO D 235 -10.56 -34.95 38.32
CA PRO D 235 -10.87 -33.54 38.64
C PRO D 235 -11.01 -33.26 40.12
N GLN D 236 -10.88 -34.27 40.98
CA GLN D 236 -10.99 -34.07 42.42
C GLN D 236 -9.69 -33.62 43.07
N LEU D 237 -8.60 -33.49 42.31
CA LEU D 237 -7.32 -33.14 42.89
C LEU D 237 -7.14 -31.62 42.99
N PHE D 238 -7.34 -30.92 41.87
CA PHE D 238 -7.19 -29.47 41.86
C PHE D 238 -8.29 -28.76 42.64
N LYS D 239 -9.37 -29.46 43.00
CA LYS D 239 -10.47 -28.84 43.72
C LYS D 239 -10.15 -28.66 45.19
N SER D 240 -9.29 -29.51 45.76
CA SER D 240 -9.04 -29.52 47.19
C SER D 240 -7.88 -28.60 47.60
N ILE D 241 -7.29 -27.88 46.67
CA ILE D 241 -6.21 -26.95 46.99
C ILE D 241 -6.50 -25.52 46.58
N GLY D 242 -7.36 -25.29 45.59
CA GLY D 242 -7.75 -23.94 45.22
C GLY D 242 -7.07 -23.42 43.97
N VAL D 243 -6.94 -24.26 42.95
CA VAL D 243 -6.32 -23.87 41.69
C VAL D 243 -7.16 -24.40 40.54
N LYS D 244 -7.24 -23.61 39.47
CA LYS D 244 -7.92 -24.01 38.25
C LYS D 244 -6.88 -24.30 37.18
N PRO D 245 -6.81 -25.53 36.66
CA PRO D 245 -5.73 -25.87 35.73
C PRO D 245 -5.87 -25.10 34.44
N PRO D 246 -4.76 -24.83 33.75
CA PRO D 246 -4.84 -24.15 32.46
C PRO D 246 -5.37 -25.08 31.37
N LYS D 247 -5.95 -24.47 30.34
CA LYS D 247 -6.45 -25.22 29.20
C LYS D 247 -6.06 -24.57 27.89
N GLY D 248 -4.81 -24.13 27.77
CA GLY D 248 -4.26 -23.72 26.50
C GLY D 248 -2.81 -24.16 26.39
N ILE D 249 -2.49 -24.95 25.38
CA ILE D 249 -1.13 -25.48 25.20
C ILE D 249 -0.72 -25.19 23.77
N LEU D 250 0.37 -24.45 23.60
CA LEU D 250 0.84 -24.03 22.29
C LEU D 250 2.21 -24.63 22.01
N LEU D 251 2.22 -25.81 21.41
CA LEU D 251 3.46 -26.45 21.00
C LEU D 251 4.05 -25.73 19.80
N TYR D 252 5.38 -25.72 19.71
CA TYR D 252 6.02 -25.24 18.50
C TYR D 252 7.43 -25.80 18.42
N GLY D 253 7.91 -25.91 17.19
CA GLY D 253 9.23 -26.42 16.91
C GLY D 253 9.51 -26.41 15.43
N PRO D 254 10.70 -26.82 15.03
CA PRO D 254 10.99 -26.90 13.60
C PRO D 254 10.06 -27.89 12.93
N PRO D 255 9.69 -27.65 11.68
CA PRO D 255 8.73 -28.53 11.00
C PRO D 255 9.25 -29.96 10.93
N GLY D 256 8.35 -30.91 11.13
CA GLY D 256 8.73 -32.30 11.15
C GLY D 256 9.45 -32.74 12.41
N SER D 257 9.10 -32.16 13.56
CA SER D 257 9.75 -32.51 14.82
C SER D 257 8.90 -33.39 15.71
N GLY D 258 7.67 -33.69 15.32
CA GLY D 258 6.84 -34.59 16.07
C GLY D 258 5.71 -33.96 16.89
N LYS D 259 5.40 -32.68 16.65
CA LYS D 259 4.38 -32.01 17.44
C LYS D 259 3.02 -32.68 17.28
N THR D 260 2.59 -32.87 16.03
CA THR D 260 1.35 -33.60 15.78
C THR D 260 1.43 -35.00 16.37
N LEU D 261 2.60 -35.63 16.29
CA LEU D 261 2.76 -36.96 16.87
C LEU D 261 2.59 -36.93 18.39
N ILE D 262 3.16 -35.93 19.05
CA ILE D 262 3.04 -35.84 20.50
C ILE D 262 1.58 -35.66 20.90
N ALA D 263 0.88 -34.74 20.22
CA ALA D 263 -0.51 -34.49 20.56
C ALA D 263 -1.36 -35.73 20.29
N ARG D 264 -1.15 -36.39 19.15
CA ARG D 264 -1.93 -37.56 18.82
C ARG D 264 -1.67 -38.70 19.79
N ALA D 265 -0.42 -38.86 20.22
CA ALA D 265 -0.10 -39.91 21.18
C ALA D 265 -0.79 -39.65 22.51
N VAL D 266 -0.70 -38.41 23.01
CA VAL D 266 -1.30 -38.13 24.32
C VAL D 266 -2.82 -38.26 24.24
N ALA D 267 -3.41 -37.85 23.11
CA ALA D 267 -4.86 -37.95 22.97
C ALA D 267 -5.31 -39.41 22.88
N ASN D 268 -4.65 -40.20 22.03
CA ASN D 268 -5.04 -41.60 21.88
C ASN D 268 -4.67 -42.44 23.09
N GLU D 269 -3.82 -41.94 23.98
CA GLU D 269 -3.59 -42.63 25.24
C GLU D 269 -4.64 -42.25 26.28
N THR D 270 -4.98 -40.96 26.37
CA THR D 270 -5.93 -40.52 27.39
C THR D 270 -7.35 -40.99 27.08
N GLY D 271 -7.63 -41.40 25.86
CA GLY D 271 -8.94 -41.89 25.51
C GLY D 271 -10.00 -40.82 25.30
N ALA D 272 -9.61 -39.54 25.31
CA ALA D 272 -10.57 -38.47 25.14
C ALA D 272 -11.00 -38.35 23.68
N PHE D 273 -12.04 -37.56 23.46
CA PHE D 273 -12.61 -37.36 22.13
C PHE D 273 -11.73 -36.37 21.38
N PHE D 274 -10.58 -36.87 20.91
CA PHE D 274 -9.70 -36.06 20.08
C PHE D 274 -10.43 -35.61 18.82
N PHE D 275 -10.21 -34.35 18.44
CA PHE D 275 -10.96 -33.77 17.32
C PHE D 275 -10.02 -32.81 16.59
N CYS D 276 -9.35 -33.31 15.56
CA CYS D 276 -8.38 -32.52 14.83
C CYS D 276 -9.09 -31.47 13.98
N ILE D 277 -8.49 -30.28 13.91
CA ILE D 277 -8.98 -29.18 13.09
C ILE D 277 -7.77 -28.59 12.38
N ASN D 278 -7.53 -29.01 11.15
CA ASN D 278 -6.39 -28.49 10.41
C ASN D 278 -6.60 -27.02 10.08
N GLY D 279 -5.50 -26.27 10.05
CA GLY D 279 -5.54 -24.86 9.78
C GLY D 279 -5.86 -24.55 8.33
N PRO D 280 -4.96 -24.92 7.43
CA PRO D 280 -5.24 -24.69 5.99
C PRO D 280 -6.50 -25.35 5.50
N GLU D 281 -6.86 -26.52 6.05
CA GLU D 281 -8.10 -27.17 5.63
C GLU D 281 -9.31 -26.29 5.94
N ILE D 282 -9.34 -25.67 7.12
CA ILE D 282 -10.40 -24.71 7.44
C ILE D 282 -10.28 -23.48 6.55
N MET D 283 -9.05 -23.07 6.23
CA MET D 283 -8.88 -21.96 5.30
C MET D 283 -9.40 -22.29 3.90
N SER D 284 -9.54 -23.56 3.57
CA SER D 284 -10.05 -23.94 2.25
C SER D 284 -11.55 -23.69 2.12
N LYS D 285 -12.28 -23.80 3.22
CA LYS D 285 -13.73 -23.69 3.17
C LYS D 285 -14.15 -22.26 2.80
N LEU D 286 -15.36 -22.16 2.27
CA LEU D 286 -15.88 -20.87 1.82
C LEU D 286 -16.09 -19.93 3.00
N ALA D 287 -16.04 -18.63 2.71
CA ALA D 287 -16.27 -17.63 3.74
C ALA D 287 -17.64 -17.81 4.38
N GLY D 288 -17.68 -17.71 5.71
CA GLY D 288 -18.91 -17.95 6.43
C GLY D 288 -19.08 -19.40 6.82
N GLU D 289 -18.58 -20.30 5.98
CA GLU D 289 -18.59 -21.72 6.30
C GLU D 289 -17.51 -22.07 7.32
N SER D 290 -16.38 -21.35 7.31
CA SER D 290 -15.31 -21.62 8.27
C SER D 290 -15.77 -21.33 9.70
N GLU D 291 -16.49 -20.22 9.90
CA GLU D 291 -17.01 -19.91 11.23
C GLU D 291 -17.99 -20.98 11.68
N SER D 292 -18.84 -21.45 10.76
CA SER D 292 -19.78 -22.51 11.10
C SER D 292 -19.04 -23.79 11.50
N ASN D 293 -17.99 -24.14 10.75
CA ASN D 293 -17.21 -25.32 11.10
C ASN D 293 -16.57 -25.18 12.48
N LEU D 294 -15.98 -24.02 12.77
CA LEU D 294 -15.35 -23.81 14.06
C LEU D 294 -16.36 -23.93 15.19
N ARG D 295 -17.51 -23.25 15.06
CA ARG D 295 -18.49 -23.28 16.14
C ARG D 295 -19.10 -24.67 16.31
N LYS D 296 -19.38 -25.37 15.20
CA LYS D 296 -19.94 -26.71 15.33
C LYS D 296 -18.93 -27.66 15.94
N ALA D 297 -17.64 -27.51 15.60
CA ALA D 297 -16.61 -28.35 16.19
C ALA D 297 -16.50 -28.12 17.69
N PHE D 298 -16.49 -26.84 18.10
CA PHE D 298 -16.42 -26.55 19.53
C PHE D 298 -17.65 -27.09 20.27
N GLU D 299 -18.83 -26.93 19.67
CA GLU D 299 -20.05 -27.43 20.32
C GLU D 299 -20.03 -28.95 20.43
N GLU D 300 -19.58 -29.65 19.37
CA GLU D 300 -19.48 -31.10 19.43
C GLU D 300 -18.48 -31.55 20.48
N ALA D 301 -17.34 -30.86 20.58
CA ALA D 301 -16.35 -31.22 21.58
C ALA D 301 -16.90 -31.00 22.99
N GLU D 302 -17.62 -29.90 23.20
CA GLU D 302 -18.13 -29.60 24.54
C GLU D 302 -19.26 -30.55 24.92
N LYS D 303 -20.08 -30.96 23.95
CA LYS D 303 -21.17 -31.89 24.24
C LYS D 303 -20.64 -33.26 24.64
N ASN D 304 -19.45 -33.62 24.18
CA ASN D 304 -18.84 -34.92 24.46
C ASN D 304 -17.65 -34.77 25.40
N ALA D 305 -17.78 -33.91 26.40
CA ALA D 305 -16.69 -33.67 27.34
C ALA D 305 -16.38 -34.95 28.14
N PRO D 306 -15.11 -35.19 28.47
CA PRO D 306 -13.91 -34.37 28.19
C PRO D 306 -13.47 -34.46 26.74
N SER D 307 -12.77 -33.45 26.21
CA SER D 307 -12.38 -33.47 24.81
C SER D 307 -11.12 -32.65 24.61
N ILE D 308 -10.41 -32.97 23.53
CA ILE D 308 -9.20 -32.27 23.12
C ILE D 308 -9.41 -31.76 21.71
N ILE D 309 -9.05 -30.51 21.48
CA ILE D 309 -9.22 -29.85 20.18
C ILE D 309 -7.81 -29.48 19.70
N PHE D 310 -7.29 -30.24 18.75
CA PHE D 310 -5.99 -29.94 18.17
C PHE D 310 -6.16 -29.02 16.98
N ILE D 311 -5.30 -28.02 16.88
CA ILE D 311 -5.35 -27.04 15.80
C ILE D 311 -3.96 -27.02 15.17
N ASP D 312 -3.82 -27.68 14.03
CA ASP D 312 -2.53 -27.73 13.36
C ASP D 312 -2.30 -26.46 12.54
N GLU D 313 -1.05 -25.99 12.55
CA GLU D 313 -0.63 -24.82 11.79
C GLU D 313 -1.54 -23.63 12.04
N ILE D 314 -1.83 -23.37 13.32
CA ILE D 314 -2.63 -22.23 13.71
C ILE D 314 -1.99 -20.91 13.30
N ASP D 315 -0.72 -20.94 12.87
CA ASP D 315 -0.10 -19.72 12.36
C ASP D 315 -0.77 -19.26 11.08
N SER D 316 -1.30 -20.19 10.28
CA SER D 316 -2.02 -19.81 9.07
C SER D 316 -3.42 -19.29 9.38
N ILE D 317 -4.10 -19.89 10.35
CA ILE D 317 -5.45 -19.43 10.70
C ILE D 317 -5.40 -18.02 11.26
N ALA D 318 -4.47 -17.75 12.16
CA ALA D 318 -4.39 -16.47 12.87
C ALA D 318 -3.01 -15.88 12.71
N PRO D 319 -2.70 -15.31 11.54
CA PRO D 319 -1.40 -14.66 11.37
C PRO D 319 -1.29 -13.37 12.16
N LYS D 320 -0.16 -12.67 12.05
CA LYS D 320 0.02 -11.44 12.79
C LYS D 320 -0.90 -10.36 12.25
N ARG D 321 -1.52 -9.61 13.18
CA ARG D 321 -2.53 -8.63 12.80
C ARG D 321 -1.93 -7.49 11.97
N GLU D 322 -0.73 -7.04 12.33
CA GLU D 322 -0.16 -5.85 11.71
C GLU D 322 0.14 -6.05 10.22
N LYS D 323 0.43 -7.27 9.79
CA LYS D 323 0.85 -7.52 8.42
C LYS D 323 -0.19 -8.31 7.62
N THR D 324 -1.42 -8.37 8.08
CA THR D 324 -2.49 -9.06 7.38
C THR D 324 -3.55 -8.07 6.93
N ASN D 325 -4.19 -8.38 5.80
CA ASN D 325 -5.23 -7.52 5.23
C ASN D 325 -6.31 -8.39 4.62
N GLY D 326 -7.55 -8.04 4.89
CA GLY D 326 -8.68 -8.79 4.35
C GLY D 326 -9.91 -8.55 5.21
N GLU D 327 -10.96 -9.29 4.85
CA GLU D 327 -12.23 -9.23 5.58
C GLU D 327 -12.61 -10.56 6.20
N VAL D 328 -12.51 -11.66 5.43
CA VAL D 328 -12.89 -12.96 5.99
C VAL D 328 -11.80 -13.50 6.89
N GLU D 329 -10.54 -13.12 6.66
CA GLU D 329 -9.45 -13.60 7.51
C GLU D 329 -9.54 -13.00 8.91
N ARG D 330 -9.73 -11.67 8.98
CA ARG D 330 -9.94 -11.04 10.27
C ARG D 330 -11.22 -11.54 10.93
N ARG D 331 -12.24 -11.83 10.12
CA ARG D 331 -13.47 -12.38 10.67
C ARG D 331 -13.22 -13.73 11.34
N ILE D 332 -12.46 -14.61 10.69
CA ILE D 332 -12.21 -15.92 11.28
C ILE D 332 -11.28 -15.81 12.48
N VAL D 333 -10.32 -14.89 12.46
CA VAL D 333 -9.46 -14.68 13.62
C VAL D 333 -10.30 -14.23 14.82
N SER D 334 -11.20 -13.27 14.59
CA SER D 334 -12.05 -12.79 15.67
C SER D 334 -13.00 -13.88 16.15
N GLN D 335 -13.49 -14.71 15.23
CA GLN D 335 -14.35 -15.83 15.63
C GLN D 335 -13.60 -16.80 16.54
N LEU D 336 -12.36 -17.12 16.17
CA LEU D 336 -11.56 -18.01 17.02
C LEU D 336 -11.31 -17.37 18.39
N LEU D 337 -10.99 -16.08 18.41
CA LEU D 337 -10.72 -15.40 19.68
C LEU D 337 -11.96 -15.41 20.57
N THR D 338 -13.13 -15.11 20.02
CA THR D 338 -14.34 -15.08 20.83
C THR D 338 -14.86 -16.47 21.17
N LEU D 339 -14.47 -17.50 20.42
CA LEU D 339 -14.78 -18.86 20.82
C LEU D 339 -13.89 -19.34 21.96
N MET D 340 -12.61 -18.92 21.96
CA MET D 340 -11.69 -19.38 22.99
C MET D 340 -12.13 -18.94 24.37
N ASP D 341 -12.57 -17.68 24.51
CA ASP D 341 -12.99 -17.18 25.82
C ASP D 341 -14.31 -17.75 26.28
N GLY D 342 -15.06 -18.41 25.39
CA GLY D 342 -16.32 -19.01 25.76
C GLY D 342 -16.25 -20.37 26.40
N LEU D 343 -15.04 -20.93 26.53
CA LEU D 343 -14.83 -22.24 27.13
C LEU D 343 -14.55 -22.18 28.62
N LYS D 344 -14.63 -20.99 29.23
CA LYS D 344 -14.37 -20.83 30.64
C LYS D 344 -15.51 -21.35 31.52
N SER D 345 -16.49 -22.04 30.94
CA SER D 345 -17.53 -22.70 31.71
C SER D 345 -17.03 -23.93 32.44
N ARG D 346 -15.72 -24.17 32.45
CA ARG D 346 -15.06 -25.30 33.09
C ARG D 346 -15.43 -26.63 32.45
N ALA D 347 -15.98 -26.61 31.24
CA ALA D 347 -16.13 -27.83 30.48
C ALA D 347 -14.75 -28.36 30.10
N HIS D 348 -14.55 -29.67 30.25
CA HIS D 348 -13.23 -30.26 30.07
C HIS D 348 -12.89 -30.33 28.59
N VAL D 349 -12.60 -29.16 28.02
CA VAL D 349 -12.17 -29.03 26.64
C VAL D 349 -10.79 -28.38 26.66
N ILE D 350 -9.79 -29.09 26.14
CA ILE D 350 -8.41 -28.62 26.15
C ILE D 350 -7.98 -28.39 24.72
N VAL D 351 -7.52 -27.17 24.41
CA VAL D 351 -7.19 -26.78 23.05
C VAL D 351 -5.67 -26.74 22.93
N MET D 352 -5.14 -27.45 21.94
CA MET D 352 -3.69 -27.54 21.69
C MET D 352 -3.41 -27.01 20.29
N GLY D 353 -2.80 -25.84 20.20
CA GLY D 353 -2.46 -25.30 18.90
C GLY D 353 -1.00 -25.51 18.58
N ALA D 354 -0.70 -26.22 17.49
CA ALA D 354 0.67 -26.59 17.17
C ALA D 354 1.17 -25.74 16.00
N THR D 355 1.88 -24.67 16.31
CA THR D 355 2.44 -23.78 15.30
C THR D 355 3.91 -24.11 15.07
N ASN D 356 4.58 -23.28 14.27
CA ASN D 356 5.99 -23.45 13.97
C ASN D 356 6.86 -22.29 14.43
N ARG D 357 6.32 -21.07 14.44
CA ARG D 357 7.06 -19.89 14.89
C ARG D 357 6.31 -19.24 16.04
N PRO D 358 6.87 -19.22 17.25
CA PRO D 358 6.14 -18.65 18.39
C PRO D 358 5.86 -17.16 18.25
N ASN D 359 6.72 -16.41 17.58
CA ASN D 359 6.53 -14.96 17.47
C ASN D 359 5.68 -14.55 16.27
N SER D 360 5.34 -15.48 15.39
CA SER D 360 4.49 -15.16 14.25
C SER D 360 3.01 -15.20 14.60
N ILE D 361 2.64 -15.77 15.74
CA ILE D 361 1.24 -15.83 16.14
C ILE D 361 0.74 -14.42 16.48
N ASP D 362 -0.54 -14.20 16.24
CA ASP D 362 -1.18 -12.93 16.60
C ASP D 362 -1.00 -12.68 18.09
N PRO D 363 -0.43 -11.54 18.51
CA PRO D 363 -0.17 -11.32 19.94
C PRO D 363 -1.42 -11.34 20.81
N ALA D 364 -2.60 -11.17 20.23
CA ALA D 364 -3.82 -11.23 21.03
C ALA D 364 -4.14 -12.65 21.51
N LEU D 365 -3.42 -13.66 21.02
CA LEU D 365 -3.66 -15.05 21.38
C LEU D 365 -2.79 -15.52 22.53
N ARG D 366 -2.39 -14.61 23.42
CA ARG D 366 -1.53 -15.01 24.55
C ARG D 366 -1.88 -14.34 25.86
N ARG D 367 -3.05 -13.72 25.99
CA ARG D 367 -3.43 -13.13 27.26
C ARG D 367 -4.03 -14.21 28.16
N PHE D 368 -4.56 -13.81 29.32
CA PHE D 368 -5.10 -14.76 30.28
C PHE D 368 -6.31 -15.48 29.69
N GLY D 369 -6.34 -16.81 29.87
CA GLY D 369 -7.44 -17.63 29.44
C GLY D 369 -7.22 -18.32 28.09
N ARG D 370 -6.50 -17.68 27.19
CA ARG D 370 -6.19 -18.24 25.88
C ARG D 370 -4.89 -19.03 25.96
N PHE D 371 -4.30 -19.34 24.80
CA PHE D 371 -3.05 -20.09 24.75
C PHE D 371 -1.95 -19.39 25.54
N ASP D 372 -1.55 -20.01 26.64
CA ASP D 372 -0.56 -19.42 27.54
C ASP D 372 0.68 -20.29 27.73
N ARG D 373 0.51 -21.57 28.02
CA ARG D 373 1.63 -22.45 28.28
C ARG D 373 2.29 -22.82 26.96
N GLU D 374 3.46 -22.25 26.69
CA GLU D 374 4.16 -22.46 25.43
C GLU D 374 5.27 -23.49 25.66
N ILE D 375 5.06 -24.70 25.14
CA ILE D 375 6.02 -25.78 25.25
C ILE D 375 6.74 -25.90 23.91
N ASP D 376 8.07 -25.95 23.96
CA ASP D 376 8.88 -25.99 22.74
C ASP D 376 9.40 -27.39 22.51
N ILE D 377 9.24 -27.88 21.29
CA ILE D 377 9.80 -29.18 20.90
C ILE D 377 11.00 -28.94 20.00
N GLY D 378 12.18 -28.88 20.61
CA GLY D 378 13.39 -28.54 19.87
C GLY D 378 13.99 -29.73 19.16
N VAL D 379 15.16 -29.50 18.60
CA VAL D 379 15.90 -30.57 17.92
C VAL D 379 16.29 -31.63 18.93
N PRO D 380 15.97 -32.91 18.70
CA PRO D 380 16.30 -33.93 19.70
C PRO D 380 17.81 -34.05 19.89
N ASP D 381 18.21 -34.32 21.12
CA ASP D 381 19.60 -34.50 21.47
C ASP D 381 20.09 -35.86 20.99
N GLU D 382 21.38 -36.13 21.17
CA GLU D 382 21.95 -37.39 20.68
C GLU D 382 21.28 -38.58 21.33
N ILE D 383 21.09 -38.53 22.65
CA ILE D 383 20.38 -39.59 23.35
C ILE D 383 18.93 -39.68 22.93
N GLY D 384 18.41 -38.68 22.23
CA GLY D 384 17.08 -38.76 21.66
C GLY D 384 17.10 -39.25 20.23
N ARG D 385 18.14 -38.89 19.48
CA ARG D 385 18.29 -39.42 18.12
C ARG D 385 18.46 -40.93 18.15
N LEU D 386 19.25 -41.44 19.09
CA LEU D 386 19.37 -42.88 19.23
C LEU D 386 18.02 -43.51 19.52
N GLU D 387 17.21 -42.88 20.38
CA GLU D 387 15.93 -43.45 20.75
C GLU D 387 14.96 -43.45 19.57
N VAL D 388 14.91 -42.36 18.80
CA VAL D 388 13.99 -42.33 17.67
C VAL D 388 14.44 -43.30 16.59
N LEU D 389 15.74 -43.46 16.38
CA LEU D 389 16.21 -44.46 15.43
C LEU D 389 15.82 -45.87 15.88
N ARG D 390 15.97 -46.16 17.17
CA ARG D 390 15.55 -47.45 17.69
C ARG D 390 14.04 -47.64 17.59
N ILE D 391 13.27 -46.57 17.68
CA ILE D 391 11.82 -46.68 17.51
C ILE D 391 11.48 -46.99 16.05
N HIS D 392 12.15 -46.34 15.12
CA HIS D 392 11.82 -46.50 13.71
C HIS D 392 12.28 -47.86 13.17
N THR D 393 13.41 -48.37 13.65
CA THR D 393 13.95 -49.61 13.12
C THR D 393 13.42 -50.85 13.83
N LYS D 394 12.23 -50.77 14.43
CA LYS D 394 11.64 -51.91 15.12
C LYS D 394 10.95 -52.88 14.18
N ASN D 395 10.71 -52.51 12.93
CA ASN D 395 10.01 -53.38 11.98
C ASN D 395 10.89 -53.91 10.87
N MET D 396 11.91 -53.16 10.44
CA MET D 396 12.77 -53.62 9.37
C MET D 396 13.58 -54.84 9.80
N LYS D 397 13.78 -55.77 8.87
CA LYS D 397 14.55 -56.98 9.14
C LYS D 397 16.04 -56.63 9.21
N LEU D 398 16.38 -55.91 10.28
CA LEU D 398 17.74 -55.42 10.47
C LEU D 398 18.67 -56.57 10.87
N ALA D 399 19.93 -56.47 10.44
CA ALA D 399 20.92 -57.49 10.76
C ALA D 399 21.44 -57.27 12.17
N GLU D 400 22.52 -57.96 12.52
CA GLU D 400 23.04 -57.97 13.89
C GLU D 400 24.31 -57.16 14.07
N ASP D 401 24.97 -56.74 12.99
CA ASP D 401 26.26 -56.08 13.07
C ASP D 401 26.16 -54.56 13.04
N VAL D 402 24.96 -54.01 13.10
CA VAL D 402 24.78 -52.56 13.00
C VAL D 402 24.88 -51.92 14.38
N ASP D 403 25.60 -50.81 14.46
CA ASP D 403 25.73 -50.04 15.70
C ASP D 403 25.13 -48.66 15.46
N LEU D 404 23.88 -48.47 15.91
CA LEU D 404 23.19 -47.21 15.70
C LEU D 404 23.80 -46.06 16.50
N GLU D 405 24.69 -46.35 17.45
CA GLU D 405 25.34 -45.29 18.21
C GLU D 405 26.19 -44.41 17.31
N ARG D 406 26.94 -45.03 16.39
CA ARG D 406 27.75 -44.27 15.44
C ARG D 406 26.88 -43.38 14.57
N ILE D 407 25.76 -43.91 14.09
CA ILE D 407 24.86 -43.12 13.25
C ILE D 407 24.27 -41.97 14.04
N SER D 408 23.90 -42.21 15.30
CA SER D 408 23.36 -41.16 16.14
C SER D 408 24.39 -40.06 16.37
N LYS D 409 25.65 -40.45 16.58
CA LYS D 409 26.70 -39.45 16.78
C LYS D 409 26.97 -38.67 15.50
N ASP D 410 26.88 -39.33 14.34
CA ASP D 410 27.19 -38.67 13.08
C ASP D 410 26.06 -37.76 12.61
N THR D 411 24.82 -38.25 12.66
CA THR D 411 23.67 -37.45 12.23
C THR D 411 23.45 -36.31 13.22
N HIS D 412 23.79 -35.10 12.81
CA HIS D 412 23.62 -33.93 13.66
C HIS D 412 22.79 -32.89 12.94
N GLY D 413 21.86 -32.27 13.66
CA GLY D 413 20.93 -31.35 13.06
C GLY D 413 19.71 -32.00 12.45
N TYR D 414 19.55 -33.31 12.60
CA TYR D 414 18.40 -34.03 12.06
C TYR D 414 17.23 -33.91 13.02
N VAL D 415 16.03 -33.82 12.45
CA VAL D 415 14.80 -33.91 13.21
C VAL D 415 14.17 -35.27 12.95
N GLY D 416 13.11 -35.60 13.69
CA GLY D 416 12.57 -36.95 13.65
C GLY D 416 12.17 -37.40 12.26
N ALA D 417 11.53 -36.52 11.50
CA ALA D 417 11.13 -36.88 10.14
C ALA D 417 12.36 -37.18 9.28
N ASP D 418 13.44 -36.42 9.46
CA ASP D 418 14.66 -36.67 8.70
C ASP D 418 15.23 -38.05 9.03
N LEU D 419 15.18 -38.45 10.30
CA LEU D 419 15.69 -39.77 10.65
C LEU D 419 14.79 -40.89 10.13
N ALA D 420 13.47 -40.65 10.09
CA ALA D 420 12.59 -41.61 9.42
C ALA D 420 12.96 -41.74 7.95
N ALA D 421 13.21 -40.62 7.28
CA ALA D 421 13.65 -40.67 5.88
C ALA D 421 14.97 -41.38 5.74
N LEU D 422 15.88 -41.20 6.70
CA LEU D 422 17.16 -41.90 6.67
C LEU D 422 16.98 -43.40 6.75
N CYS D 423 16.11 -43.87 7.66
CA CYS D 423 15.85 -45.30 7.74
C CYS D 423 15.21 -45.83 6.47
N THR D 424 14.26 -45.07 5.91
CA THR D 424 13.64 -45.49 4.66
C THR D 424 14.65 -45.59 3.53
N GLU D 425 15.54 -44.60 3.41
CA GLU D 425 16.54 -44.62 2.36
C GLU D 425 17.55 -45.74 2.57
N ALA D 426 17.89 -46.05 3.83
CA ALA D 426 18.78 -47.18 4.07
C ALA D 426 18.15 -48.49 3.63
N ALA D 427 16.87 -48.69 3.96
CA ALA D 427 16.19 -49.91 3.51
C ALA D 427 16.10 -49.97 1.99
N LEU D 428 15.80 -48.83 1.35
CA LEU D 428 15.71 -48.80 -0.10
C LEU D 428 17.06 -49.06 -0.75
N GLN D 429 18.14 -48.54 -0.18
CA GLN D 429 19.47 -48.81 -0.69
C GLN D 429 19.83 -50.28 -0.54
N CYS D 430 19.44 -50.90 0.57
CA CYS D 430 19.65 -52.33 0.73
C CYS D 430 18.89 -53.12 -0.32
N ILE D 431 17.67 -52.68 -0.64
CA ILE D 431 16.90 -53.34 -1.70
C ILE D 431 17.61 -53.18 -3.05
N ARG D 432 18.08 -51.96 -3.34
CA ARG D 432 18.66 -51.68 -4.65
C ARG D 432 19.99 -52.41 -4.85
N GLU D 433 20.80 -52.51 -3.80
CA GLU D 433 22.08 -53.20 -3.95
C GLU D 433 21.92 -54.69 -4.23
N LYS D 434 20.72 -55.24 -4.02
CA LYS D 434 20.41 -56.62 -4.40
C LYS D 434 19.59 -56.70 -5.68
N MET D 435 19.58 -55.64 -6.49
CA MET D 435 18.90 -55.67 -7.78
C MET D 435 19.69 -56.43 -8.84
N ASP D 436 20.97 -56.72 -8.58
CA ASP D 436 21.82 -57.40 -9.56
C ASP D 436 21.46 -58.87 -9.73
N VAL D 437 20.58 -59.42 -8.90
CA VAL D 437 20.14 -60.80 -9.04
C VAL D 437 18.70 -60.89 -9.52
N ILE D 438 17.81 -60.06 -8.98
CA ILE D 438 16.41 -60.09 -9.35
C ILE D 438 16.22 -59.46 -10.73
N ASP D 439 15.42 -60.10 -11.57
CA ASP D 439 15.09 -59.59 -12.89
C ASP D 439 13.73 -58.91 -12.84
N LEU D 440 13.69 -57.64 -13.28
CA LEU D 440 12.46 -56.87 -13.20
C LEU D 440 11.39 -57.41 -14.14
N GLU D 441 11.80 -58.02 -15.26
CA GLU D 441 10.83 -58.51 -16.23
C GLU D 441 9.97 -59.63 -15.66
N ASP D 442 10.58 -60.53 -14.89
CA ASP D 442 9.83 -61.63 -14.30
C ASP D 442 8.77 -61.12 -13.35
N ASP D 443 7.57 -61.71 -13.43
CA ASP D 443 6.46 -61.26 -12.61
C ASP D 443 6.61 -61.59 -11.14
N SER D 444 7.43 -62.60 -10.81
CA SER D 444 7.63 -63.00 -9.42
C SER D 444 9.11 -63.11 -9.13
N ILE D 445 9.48 -62.83 -7.89
CA ILE D 445 10.86 -62.88 -7.44
C ILE D 445 11.09 -64.21 -6.72
N ASP D 446 12.32 -64.71 -6.82
CA ASP D 446 12.67 -65.94 -6.13
C ASP D 446 12.56 -65.75 -4.62
N ALA D 447 11.98 -66.75 -3.94
CA ALA D 447 11.82 -66.67 -2.49
C ALA D 447 13.16 -66.63 -1.78
N GLU D 448 14.20 -67.20 -2.39
CA GLU D 448 15.54 -67.13 -1.80
C GLU D 448 16.03 -65.69 -1.71
N ILE D 449 15.70 -64.88 -2.72
CA ILE D 449 16.09 -63.47 -2.70
C ILE D 449 15.43 -62.75 -1.52
N LEU D 450 14.14 -63.02 -1.30
CA LEU D 450 13.45 -62.42 -0.16
C LEU D 450 14.03 -62.90 1.16
N ASN D 451 14.38 -64.19 1.23
CA ASN D 451 14.97 -64.73 2.45
C ASN D 451 16.31 -64.08 2.76
N SER D 452 17.13 -63.86 1.73
CA SER D 452 18.48 -63.33 1.93
C SER D 452 18.50 -61.84 2.29
N MET D 453 17.36 -61.17 2.24
CA MET D 453 17.33 -59.72 2.46
C MET D 453 17.70 -59.40 3.90
N ALA D 454 18.70 -58.55 4.07
CA ALA D 454 19.14 -58.10 5.38
C ALA D 454 19.90 -56.79 5.21
N VAL D 455 19.62 -55.84 6.11
CA VAL D 455 20.19 -54.50 6.03
C VAL D 455 21.42 -54.42 6.94
N THR D 456 22.51 -53.88 6.41
CA THR D 456 23.76 -53.76 7.14
C THR D 456 24.13 -52.29 7.28
N ASN D 457 25.01 -52.00 8.24
CA ASN D 457 25.34 -50.63 8.59
C ASN D 457 26.04 -49.88 7.46
N GLU D 458 26.66 -50.59 6.52
CA GLU D 458 27.25 -49.92 5.36
C GLU D 458 26.15 -49.24 4.53
N HIS D 459 25.01 -49.90 4.40
CA HIS D 459 23.86 -49.27 3.74
C HIS D 459 23.40 -48.03 4.51
N PHE D 460 23.45 -48.11 5.83
CA PHE D 460 23.11 -46.94 6.65
C PHE D 460 24.07 -45.80 6.38
N HIS D 461 25.37 -46.11 6.24
CA HIS D 461 26.34 -45.06 5.94
C HIS D 461 26.08 -44.46 4.56
N THR D 462 25.73 -45.30 3.59
CA THR D 462 25.39 -44.78 2.26
C THR D 462 24.19 -43.84 2.33
N ALA D 463 23.14 -44.25 3.04
CA ALA D 463 21.95 -43.41 3.17
C ALA D 463 22.28 -42.11 3.90
N LEU D 464 23.13 -42.19 4.93
CA LEU D 464 23.54 -40.99 5.64
C LEU D 464 24.27 -40.04 4.71
N GLY D 465 25.15 -40.57 3.86
CA GLY D 465 25.83 -39.73 2.89
C GLY D 465 24.92 -39.19 1.80
N ASN D 466 23.77 -39.84 1.58
CA ASN D 466 22.86 -39.38 0.54
C ASN D 466 21.86 -38.34 1.03
N SER D 467 21.37 -38.47 2.26
CA SER D 467 20.32 -37.59 2.75
C SER D 467 20.92 -36.23 3.17
N ASN D 468 20.04 -35.32 3.59
CA ASN D 468 20.44 -33.97 3.98
C ASN D 468 19.72 -33.55 5.25
N PRO D 469 20.36 -32.76 6.10
CA PRO D 469 19.70 -32.26 7.31
C PRO D 469 18.71 -31.15 6.98
N SER D 470 17.95 -30.76 8.00
CA SER D 470 16.97 -29.70 7.84
C SER D 470 16.88 -28.75 9.03
N ALA D 471 17.72 -28.89 10.05
CA ALA D 471 17.64 -28.07 11.25
C ALA D 471 19.03 -27.63 11.69
N LEU D 472 19.85 -27.20 10.74
CA LEU D 472 21.17 -26.66 11.08
C LEU D 472 21.09 -25.25 11.64
N ARG D 473 20.12 -24.46 11.19
CA ARG D 473 20.07 -23.04 11.58
C ARG D 473 19.67 -22.87 13.03
N GLU D 474 18.88 -23.78 13.58
CA GLU D 474 18.40 -23.64 14.94
C GLU D 474 19.54 -23.69 15.94
N THR D 475 19.52 -22.78 16.91
CA THR D 475 20.48 -22.80 18.00
C THR D 475 20.11 -23.92 18.97
N VAL D 476 21.02 -24.86 19.17
CA VAL D 476 20.74 -26.05 19.95
C VAL D 476 21.12 -25.79 21.40
N VAL D 477 20.14 -25.88 22.30
CA VAL D 477 20.37 -25.73 23.72
C VAL D 477 20.73 -27.10 24.27
N GLU D 478 22.03 -27.35 24.44
CA GLU D 478 22.51 -28.65 24.86
C GLU D 478 23.52 -28.48 25.97
N VAL D 479 23.76 -29.56 26.71
CA VAL D 479 24.74 -29.59 27.79
C VAL D 479 26.06 -30.11 27.21
N PRO D 480 27.11 -29.31 27.19
CA PRO D 480 28.39 -29.80 26.67
C PRO D 480 28.98 -30.86 27.59
N ASN D 481 29.78 -31.74 26.98
CA ASN D 481 30.33 -32.90 27.67
C ASN D 481 31.86 -32.85 27.75
N VAL D 482 32.41 -31.69 28.07
CA VAL D 482 33.85 -31.51 28.20
C VAL D 482 34.14 -31.04 29.62
N SER D 483 34.85 -31.85 30.40
CA SER D 483 35.14 -31.53 31.79
C SER D 483 36.43 -30.71 31.87
N TRP D 484 36.90 -30.46 33.09
CA TRP D 484 38.10 -29.65 33.28
C TRP D 484 39.33 -30.31 32.67
N ASN D 485 39.42 -31.64 32.79
CA ASN D 485 40.67 -32.33 32.47
C ASN D 485 41.11 -32.16 31.03
N ASP D 486 40.19 -31.80 30.14
CA ASP D 486 40.58 -31.54 28.75
C ASP D 486 41.38 -30.25 28.62
N ILE D 487 41.09 -29.25 29.46
CA ILE D 487 41.73 -27.95 29.33
C ILE D 487 43.23 -28.06 29.62
N GLY D 488 43.58 -28.67 30.75
CA GLY D 488 44.98 -28.87 31.07
C GLY D 488 45.58 -27.88 32.05
N GLY D 489 46.55 -27.10 31.59
CA GLY D 489 47.36 -26.25 32.44
C GLY D 489 46.86 -24.85 32.70
N LEU D 490 45.71 -24.46 32.16
CA LEU D 490 45.16 -23.13 32.41
C LEU D 490 44.54 -23.10 33.81
N GLU D 491 45.41 -23.20 34.81
CA GLU D 491 44.94 -23.37 36.19
C GLU D 491 44.40 -22.06 36.77
N ASN D 492 45.06 -20.93 36.52
CA ASN D 492 44.60 -19.66 37.07
C ASN D 492 43.25 -19.27 36.50
N VAL D 493 43.05 -19.47 35.20
CA VAL D 493 41.75 -19.17 34.59
C VAL D 493 40.68 -20.09 35.17
N LYS D 494 41.03 -21.34 35.45
CA LYS D 494 40.08 -22.23 36.12
C LYS D 494 39.72 -21.70 37.50
N ARG D 495 40.72 -21.26 38.27
CA ARG D 495 40.47 -20.76 39.61
C ARG D 495 39.61 -19.52 39.60
N GLU D 496 39.79 -18.66 38.59
CA GLU D 496 38.93 -17.47 38.49
C GLU D 496 37.52 -17.83 38.05
N LEU D 497 37.40 -18.69 37.03
CA LEU D 497 36.09 -19.01 36.48
C LEU D 497 35.22 -19.77 37.47
N GLN D 498 35.82 -20.68 38.25
CA GLN D 498 35.01 -21.43 39.21
C GLN D 498 34.37 -20.49 40.22
N GLU D 499 35.17 -19.61 40.82
CA GLU D 499 34.63 -18.68 41.81
C GLU D 499 33.80 -17.56 41.18
N THR D 500 33.87 -17.39 39.86
CA THR D 500 32.99 -16.41 39.22
C THR D 500 31.63 -17.00 38.90
N VAL D 501 31.58 -18.25 38.44
CA VAL D 501 30.36 -18.84 37.88
C VAL D 501 29.71 -19.82 38.84
N GLN D 502 30.45 -20.79 39.35
CA GLN D 502 29.83 -21.85 40.14
C GLN D 502 29.23 -21.31 41.43
N TYR D 503 29.93 -20.39 42.10
CA TYR D 503 29.48 -19.93 43.41
C TYR D 503 28.13 -19.21 43.36
N PRO D 504 27.88 -18.24 42.47
CA PRO D 504 26.55 -17.62 42.45
C PRO D 504 25.42 -18.57 42.10
N VAL D 505 25.71 -19.70 41.46
CA VAL D 505 24.68 -20.67 41.12
C VAL D 505 24.50 -21.70 42.21
N GLU D 506 25.60 -22.33 42.65
CA GLU D 506 25.50 -23.41 43.61
C GLU D 506 25.24 -22.92 45.03
N HIS D 507 25.75 -21.73 45.39
CA HIS D 507 25.59 -21.19 46.74
C HIS D 507 25.14 -19.73 46.67
N PRO D 508 23.89 -19.48 46.28
CA PRO D 508 23.40 -18.09 46.30
C PRO D 508 23.10 -17.58 47.69
N GLU D 509 22.73 -18.47 48.62
CA GLU D 509 22.40 -18.03 49.97
C GLU D 509 23.59 -17.43 50.70
N LYS D 510 24.81 -17.89 50.39
CA LYS D 510 26.00 -17.28 50.97
C LYS D 510 26.16 -15.85 50.49
N PHE D 511 25.96 -15.60 49.20
CA PHE D 511 25.97 -14.23 48.70
C PHE D 511 24.88 -13.40 49.35
N GLU D 512 23.72 -14.00 49.58
CA GLU D 512 22.63 -13.27 50.24
C GLU D 512 23.02 -12.88 51.66
N LYS D 513 23.62 -13.80 52.41
CA LYS D 513 23.99 -13.50 53.78
C LYS D 513 25.15 -12.52 53.86
N PHE D 514 26.01 -12.49 52.84
CA PHE D 514 27.04 -11.47 52.80
C PHE D 514 26.45 -10.12 52.40
N GLY D 515 25.47 -10.12 51.50
CA GLY D 515 24.69 -8.93 51.21
C GLY D 515 25.02 -8.20 49.93
N MET D 516 25.96 -8.69 49.12
CA MET D 516 26.32 -8.06 47.85
C MET D 516 26.08 -9.03 46.71
N SER D 517 25.30 -8.60 45.72
CA SER D 517 25.02 -9.45 44.58
C SER D 517 26.23 -9.50 43.65
N PRO D 518 26.41 -10.60 42.92
CA PRO D 518 27.52 -10.71 41.98
C PRO D 518 27.19 -10.08 40.63
N SER D 519 28.26 -9.78 39.89
CA SER D 519 28.14 -9.25 38.54
C SER D 519 28.44 -10.37 37.55
N LYS D 520 27.47 -10.67 36.69
CA LYS D 520 27.58 -11.78 35.75
C LYS D 520 27.94 -11.27 34.37
N GLY D 521 28.84 -11.99 33.70
CA GLY D 521 29.34 -11.57 32.41
C GLY D 521 30.85 -11.49 32.42
N VAL D 522 31.50 -12.19 31.51
CA VAL D 522 32.96 -12.26 31.48
C VAL D 522 33.42 -12.12 30.03
N LEU D 523 34.48 -11.34 29.82
CA LEU D 523 35.05 -11.15 28.49
C LEU D 523 36.37 -11.92 28.41
N PHE D 524 36.44 -12.87 27.48
CA PHE D 524 37.64 -13.64 27.20
C PHE D 524 38.34 -13.01 26.01
N TYR D 525 39.59 -12.60 26.20
CA TYR D 525 40.43 -12.09 25.13
C TYR D 525 41.75 -12.84 25.15
N GLY D 526 42.24 -13.21 23.97
CA GLY D 526 43.47 -13.94 23.85
C GLY D 526 43.87 -14.11 22.40
N PRO D 527 45.09 -14.59 22.17
CA PRO D 527 45.52 -14.85 20.81
C PRO D 527 44.65 -15.90 20.17
N PRO D 528 44.44 -15.84 18.85
CA PRO D 528 43.52 -16.77 18.19
C PRO D 528 43.93 -18.22 18.43
N GLY D 529 42.92 -19.06 18.71
CA GLY D 529 43.16 -20.46 18.95
C GLY D 529 43.92 -20.78 20.21
N CYS D 530 43.65 -20.07 21.30
CA CYS D 530 44.32 -20.34 22.57
C CYS D 530 43.46 -21.08 23.58
N GLY D 531 42.23 -21.45 23.21
CA GLY D 531 41.39 -22.20 24.11
C GLY D 531 40.31 -21.39 24.80
N LYS D 532 39.65 -20.51 24.05
CA LYS D 532 38.54 -19.74 24.61
C LYS D 532 37.23 -20.54 24.58
N THR D 533 36.88 -21.07 23.40
CA THR D 533 35.66 -21.86 23.28
C THR D 533 35.72 -23.10 24.17
N LEU D 534 36.88 -23.75 24.22
CA LEU D 534 37.03 -24.92 25.08
C LEU D 534 36.83 -24.55 26.54
N LEU D 535 37.37 -23.41 26.97
CA LEU D 535 37.20 -22.97 28.35
C LEU D 535 35.73 -22.70 28.66
N ALA D 536 35.04 -22.01 27.75
CA ALA D 536 33.63 -21.71 27.98
C ALA D 536 32.80 -22.99 28.06
N LYS D 537 33.04 -23.93 27.14
CA LYS D 537 32.30 -25.18 27.19
C LYS D 537 32.63 -25.99 28.44
N ALA D 538 33.89 -25.97 28.87
CA ALA D 538 34.25 -26.70 30.08
C ALA D 538 33.56 -26.12 31.31
N ILE D 539 33.54 -24.79 31.45
CA ILE D 539 32.88 -24.21 32.61
C ILE D 539 31.37 -24.40 32.52
N ALA D 540 30.83 -24.45 31.30
CA ALA D 540 29.41 -24.77 31.16
C ALA D 540 29.11 -26.18 31.62
N ASN D 541 29.99 -27.13 31.28
CA ASN D 541 29.75 -28.52 31.63
C ASN D 541 29.94 -28.78 33.12
N GLU D 542 30.97 -28.17 33.72
CA GLU D 542 31.26 -28.44 35.12
C GLU D 542 30.16 -27.93 36.03
N CYS D 543 29.47 -26.86 35.64
CA CYS D 543 28.32 -26.37 36.39
C CYS D 543 27.05 -27.13 36.07
N GLN D 544 27.05 -27.98 35.04
CA GLN D 544 25.87 -28.72 34.59
C GLN D 544 24.72 -27.77 34.27
N ALA D 545 24.99 -26.88 33.31
CA ALA D 545 24.01 -25.92 32.85
C ALA D 545 24.04 -25.88 31.33
N ASN D 546 22.92 -25.46 30.75
CA ASN D 546 22.78 -25.46 29.31
C ASN D 546 23.77 -24.48 28.69
N PHE D 547 24.16 -24.76 27.45
CA PHE D 547 25.12 -23.94 26.71
C PHE D 547 24.50 -23.52 25.39
N ILE D 548 24.51 -22.22 25.12
CA ILE D 548 24.00 -21.67 23.87
C ILE D 548 25.13 -20.89 23.22
N SER D 549 25.44 -21.22 21.98
CA SER D 549 26.54 -20.60 21.25
C SER D 549 26.00 -19.73 20.12
N VAL D 550 26.47 -18.49 20.06
CA VAL D 550 26.11 -17.57 19.00
C VAL D 550 27.39 -17.04 18.38
N LYS D 551 27.32 -16.67 17.10
CA LYS D 551 28.46 -16.15 16.36
C LYS D 551 28.14 -14.79 15.77
N GLY D 552 29.13 -13.91 15.77
CA GLY D 552 28.96 -12.57 15.26
C GLY D 552 28.56 -12.50 13.80
N PRO D 553 29.26 -13.22 12.93
CA PRO D 553 28.81 -13.31 11.53
C PRO D 553 27.40 -13.84 11.39
N GLU D 554 27.02 -14.84 12.19
CA GLU D 554 25.65 -15.35 12.14
C GLU D 554 24.67 -14.31 12.65
N LEU D 555 25.04 -13.55 13.68
CA LEU D 555 24.17 -12.47 14.15
C LEU D 555 23.93 -11.45 13.06
N LEU D 556 24.98 -11.05 12.36
CA LEU D 556 24.82 -10.07 11.28
C LEU D 556 23.98 -10.64 10.14
N THR D 557 24.21 -11.91 9.79
CA THR D 557 23.45 -12.55 8.72
C THR D 557 21.97 -12.61 9.07
N MET D 558 21.65 -12.98 10.31
CA MET D 558 20.25 -13.06 10.71
C MET D 558 19.63 -11.67 10.89
N TRP D 559 20.44 -10.67 11.21
CA TRP D 559 19.95 -9.30 11.16
C TRP D 559 19.56 -8.93 9.74
N PHE D 560 20.36 -9.35 8.76
CA PHE D 560 20.02 -9.12 7.36
C PHE D 560 18.73 -9.85 6.98
N GLY D 561 18.62 -11.13 7.32
CA GLY D 561 17.50 -11.94 6.90
C GLY D 561 16.36 -12.07 7.89
N GLU D 562 16.67 -12.45 9.13
CA GLU D 562 15.66 -12.66 10.15
C GLU D 562 15.31 -11.38 10.91
N SER D 563 15.75 -10.23 10.40
CA SER D 563 15.45 -8.92 10.97
C SER D 563 16.13 -8.72 12.32
N GLU D 564 15.66 -7.72 13.08
CA GLU D 564 16.30 -7.37 14.33
C GLU D 564 15.85 -8.27 15.48
N ALA D 565 14.76 -9.00 15.29
CA ALA D 565 14.18 -9.80 16.36
C ALA D 565 15.07 -10.98 16.77
N ASN D 566 16.10 -11.26 15.98
CA ASN D 566 16.93 -12.44 16.22
C ASN D 566 17.59 -12.41 17.60
N VAL D 567 18.14 -11.27 17.99
CA VAL D 567 18.82 -11.18 19.28
C VAL D 567 17.83 -11.33 20.42
N ARG D 568 16.64 -10.74 20.27
CA ARG D 568 15.59 -10.91 21.27
C ARG D 568 15.20 -12.37 21.41
N GLU D 569 15.07 -13.08 20.28
CA GLU D 569 14.75 -14.50 20.33
C GLU D 569 15.84 -15.28 21.05
N ILE D 570 17.11 -14.97 20.76
CA ILE D 570 18.21 -15.68 21.40
C ILE D 570 18.19 -15.47 22.90
N PHE D 571 18.01 -14.22 23.33
CA PHE D 571 18.01 -13.95 24.77
C PHE D 571 16.79 -14.53 25.46
N ASP D 572 15.64 -14.53 24.80
CA ASP D 572 14.46 -15.15 25.39
C ASP D 572 14.61 -16.65 25.52
N LYS D 573 15.21 -17.31 24.52
CA LYS D 573 15.51 -18.72 24.64
C LYS D 573 16.48 -18.99 25.77
N ALA D 574 17.51 -18.14 25.92
CA ALA D 574 18.45 -18.30 27.02
C ALA D 574 17.75 -18.18 28.36
N ARG D 575 16.84 -17.20 28.49
CA ARG D 575 16.09 -17.07 29.74
C ARG D 575 15.22 -18.29 29.99
N GLN D 576 14.55 -18.80 28.96
CA GLN D 576 13.67 -19.95 29.13
C GLN D 576 14.43 -21.24 29.42
N SER D 577 15.70 -21.32 29.05
CA SER D 577 16.51 -22.50 29.33
C SER D 577 17.45 -22.28 30.51
N ALA D 578 17.03 -21.46 31.48
CA ALA D 578 17.88 -21.17 32.62
C ALA D 578 18.05 -22.41 33.49
N PRO D 579 19.23 -22.58 34.12
CA PRO D 579 20.43 -21.73 34.03
C PRO D 579 21.20 -22.00 32.74
N CYS D 580 21.92 -21.01 32.21
CA CYS D 580 22.59 -21.15 30.93
C CYS D 580 23.89 -20.36 30.94
N VAL D 581 24.74 -20.65 29.97
CA VAL D 581 25.98 -19.92 29.77
C VAL D 581 25.97 -19.46 28.31
N LEU D 582 25.42 -18.28 28.07
CA LEU D 582 25.39 -17.72 26.73
C LEU D 582 26.80 -17.36 26.29
N PHE D 583 27.13 -17.64 25.04
CA PHE D 583 28.47 -17.43 24.53
C PHE D 583 28.40 -16.71 23.20
N PHE D 584 29.06 -15.54 23.11
CA PHE D 584 29.17 -14.79 21.87
C PHE D 584 30.61 -14.86 21.39
N ASP D 585 30.81 -15.37 20.18
CA ASP D 585 32.14 -15.47 19.61
C ASP D 585 32.32 -14.43 18.50
N GLU D 586 33.56 -13.98 18.33
CA GLU D 586 33.92 -13.00 17.31
C GLU D 586 33.11 -11.72 17.46
N LEU D 587 33.27 -11.08 18.62
CA LEU D 587 32.59 -9.81 18.87
C LEU D 587 33.10 -8.71 17.94
N ASP D 588 34.34 -8.81 17.48
CA ASP D 588 34.92 -7.75 16.66
C ASP D 588 34.24 -7.60 15.32
N SER D 589 33.45 -8.58 14.89
CA SER D 589 32.71 -8.43 13.63
C SER D 589 31.59 -7.42 13.77
N ILE D 590 30.99 -7.30 14.95
CA ILE D 590 29.84 -6.42 15.14
C ILE D 590 30.04 -5.41 16.26
N ALA D 591 30.89 -5.66 17.25
CA ALA D 591 31.00 -4.81 18.43
C ALA D 591 32.20 -3.86 18.35
N THR D 592 32.51 -3.34 17.17
CA THR D 592 33.59 -2.39 17.03
C THR D 592 33.23 -1.06 17.71
N GLN D 593 34.27 -0.30 18.06
CA GLN D 593 34.07 0.96 18.75
C GLN D 593 33.36 1.97 17.85
N ARG D 594 32.73 2.96 18.49
CA ARG D 594 31.95 3.95 17.76
C ARG D 594 32.85 4.92 17.00
N GLY D 595 33.24 4.54 15.79
CA GLY D 595 34.07 5.42 14.99
C GLY D 595 33.27 6.57 14.40
N GLY D 596 33.85 7.76 14.43
CA GLY D 596 33.19 8.94 13.90
C GLY D 596 33.14 8.98 12.38
N GLY D 597 34.08 8.31 11.72
CA GLY D 597 34.14 8.28 10.27
C GLY D 597 33.30 7.22 9.60
N SER D 598 32.55 6.44 10.37
CA SER D 598 31.73 5.38 9.81
C SER D 598 30.31 5.86 9.57
N GLY D 599 29.58 5.10 8.75
CA GLY D 599 28.20 5.45 8.44
C GLY D 599 27.64 4.47 7.43
N GLY D 600 26.40 4.72 7.04
CA GLY D 600 25.72 3.88 6.07
C GLY D 600 25.14 2.62 6.68
N ASP D 601 24.04 2.13 6.11
CA ASP D 601 23.39 0.94 6.64
C ASP D 601 24.28 -0.30 6.53
N GLY D 602 25.02 -0.42 5.43
CA GLY D 602 25.92 -1.57 5.28
C GLY D 602 26.96 -1.64 6.37
N GLY D 603 27.47 -0.49 6.81
CA GLY D 603 28.37 -0.45 7.95
C GLY D 603 27.64 -0.19 9.25
N GLY D 604 26.37 0.21 9.15
CA GLY D 604 25.55 0.46 10.31
C GLY D 604 24.84 -0.73 10.89
N ALA D 605 24.86 -1.87 10.20
CA ALA D 605 24.26 -3.08 10.75
C ALA D 605 24.95 -3.51 12.04
N ALA D 606 26.28 -3.34 12.11
CA ALA D 606 27.00 -3.62 13.35
C ALA D 606 26.51 -2.73 14.48
N ASP D 607 26.30 -1.44 14.20
CA ASP D 607 25.77 -0.54 15.22
C ASP D 607 24.37 -0.95 15.65
N ARG D 608 23.54 -1.36 14.69
CA ARG D 608 22.19 -1.81 15.01
C ARG D 608 22.23 -3.01 15.97
N VAL D 609 23.00 -4.04 15.61
CA VAL D 609 23.03 -5.23 16.45
C VAL D 609 23.68 -4.92 17.80
N LEU D 610 24.68 -4.04 17.83
CA LEU D 610 25.31 -3.68 19.10
C LEU D 610 24.32 -2.97 20.01
N ASN D 611 23.54 -2.03 19.47
CA ASN D 611 22.54 -1.33 20.28
C ASN D 611 21.48 -2.29 20.80
N GLN D 612 21.00 -3.19 19.93
CA GLN D 612 19.98 -4.14 20.37
C GLN D 612 20.53 -5.08 21.44
N LEU D 613 21.78 -5.53 21.27
CA LEU D 613 22.41 -6.39 22.25
C LEU D 613 22.56 -5.67 23.59
N LEU D 614 22.98 -4.41 23.57
CA LEU D 614 23.09 -3.64 24.81
C LEU D 614 21.72 -3.51 25.48
N THR D 615 20.70 -3.18 24.70
CA THR D 615 19.37 -2.96 25.27
C THR D 615 18.85 -4.22 25.94
N GLU D 616 18.99 -5.38 25.28
CA GLU D 616 18.49 -6.62 25.87
C GLU D 616 19.38 -7.08 27.02
N MET D 617 20.69 -6.85 26.93
CA MET D 617 21.60 -7.31 27.96
C MET D 617 21.38 -6.55 29.26
N ASP D 618 21.09 -5.24 29.16
CA ASP D 618 20.84 -4.47 30.38
C ASP D 618 19.62 -4.98 31.12
N GLY D 619 18.56 -5.33 30.39
CA GLY D 619 17.38 -5.92 31.01
C GLY D 619 17.54 -7.36 31.43
N MET D 620 18.53 -8.07 30.87
CA MET D 620 18.79 -9.45 31.28
C MET D 620 19.25 -9.57 32.72
N ASN D 621 19.63 -8.46 33.36
CA ASN D 621 20.10 -8.51 34.75
C ASN D 621 19.01 -8.90 35.74
N ALA D 622 17.74 -8.94 35.31
CA ALA D 622 16.67 -9.36 36.21
C ALA D 622 16.90 -10.77 36.72
N LYS D 623 16.95 -11.75 35.83
CA LYS D 623 17.23 -13.12 36.24
C LYS D 623 18.68 -13.24 36.68
N LYS D 624 18.92 -14.02 37.74
CA LYS D 624 20.22 -14.10 38.37
C LYS D 624 20.99 -15.36 38.01
N THR D 625 20.53 -16.13 37.02
CA THR D 625 21.18 -17.40 36.70
C THR D 625 21.38 -17.58 35.19
N VAL D 626 21.63 -16.49 34.47
CA VAL D 626 21.89 -16.54 33.03
C VAL D 626 23.14 -15.71 32.78
N PHE D 627 24.30 -16.36 32.71
CA PHE D 627 25.55 -15.66 32.50
C PHE D 627 25.71 -15.30 31.04
N ILE D 628 26.62 -14.37 30.78
CA ILE D 628 27.00 -13.98 29.44
C ILE D 628 28.52 -14.00 29.37
N ILE D 629 29.05 -14.68 28.36
CA ILE D 629 30.49 -14.76 28.16
C ILE D 629 30.77 -14.38 26.72
N GLY D 630 31.65 -13.40 26.53
CA GLY D 630 32.03 -12.96 25.20
C GLY D 630 33.45 -13.37 24.90
N ALA D 631 33.77 -13.50 23.61
CA ALA D 631 35.10 -13.86 23.18
C ALA D 631 35.54 -12.88 22.09
N THR D 632 36.74 -12.32 22.24
CA THR D 632 37.20 -11.31 21.30
C THR D 632 38.70 -11.49 21.05
N ASN D 633 39.15 -10.98 19.90
CA ASN D 633 40.55 -11.01 19.52
C ASN D 633 41.29 -9.73 19.89
N ARG D 634 40.71 -8.57 19.59
CA ARG D 634 41.30 -7.30 19.96
C ARG D 634 40.53 -6.72 21.13
N PRO D 635 41.09 -6.71 22.35
CA PRO D 635 40.33 -6.25 23.52
C PRO D 635 40.15 -4.75 23.59
N ASP D 636 40.77 -3.97 22.69
CA ASP D 636 40.69 -2.51 22.77
C ASP D 636 39.77 -1.89 21.73
N ILE D 637 39.56 -2.54 20.58
CA ILE D 637 38.72 -1.96 19.54
C ILE D 637 37.24 -2.16 19.80
N ILE D 638 36.86 -2.94 20.82
CA ILE D 638 35.46 -3.13 21.11
C ILE D 638 34.86 -1.84 21.67
N ASP D 639 33.52 -1.77 21.65
CA ASP D 639 32.83 -0.63 22.21
C ASP D 639 33.16 -0.48 23.69
N SER D 640 33.42 0.75 24.13
CA SER D 640 33.69 1.00 25.53
C SER D 640 32.45 0.86 26.41
N ALA D 641 31.27 0.76 25.80
CA ALA D 641 30.05 0.58 26.59
C ALA D 641 29.92 -0.84 27.10
N LEU D 642 30.54 -1.81 26.42
CA LEU D 642 30.48 -3.21 26.82
C LEU D 642 31.43 -3.55 27.95
N LEU D 643 31.99 -2.55 28.64
CA LEU D 643 32.77 -2.77 29.85
C LEU D 643 32.14 -2.10 31.06
N ARG D 644 30.90 -1.63 30.94
CA ARG D 644 30.21 -1.02 32.05
C ARG D 644 29.83 -2.07 33.09
N PRO D 645 29.90 -1.75 34.38
CA PRO D 645 29.44 -2.71 35.39
C PRO D 645 27.97 -3.08 35.18
N GLY D 646 27.66 -4.35 35.42
CA GLY D 646 26.36 -4.88 35.10
C GLY D 646 26.42 -5.60 33.77
N ARG D 647 27.15 -5.00 32.82
CA ARG D 647 27.50 -5.64 31.56
C ARG D 647 28.82 -6.40 31.76
N LEU D 648 29.52 -6.72 30.67
CA LEU D 648 30.70 -7.58 30.75
C LEU D 648 31.80 -6.84 31.47
N ASP D 649 31.68 -6.82 32.80
CA ASP D 649 32.65 -6.12 33.64
C ASP D 649 33.97 -6.88 33.70
N GLN D 650 33.93 -8.11 34.21
CA GLN D 650 35.15 -8.87 34.42
C GLN D 650 35.80 -9.22 33.09
N LEU D 651 37.09 -8.94 32.98
CA LEU D 651 37.88 -9.31 31.81
C LEU D 651 38.94 -10.32 32.23
N ILE D 652 38.96 -11.47 31.56
CA ILE D 652 39.91 -12.53 31.84
C ILE D 652 40.77 -12.77 30.62
N TYR D 653 42.08 -12.76 30.80
CA TYR D 653 43.04 -12.97 29.72
C TYR D 653 43.32 -14.45 29.55
N ILE D 654 43.36 -14.90 28.31
CA ILE D 654 43.66 -16.30 27.99
C ILE D 654 45.08 -16.37 27.45
N PRO D 655 46.03 -16.92 28.20
CA PRO D 655 47.43 -16.89 27.77
C PRO D 655 47.74 -18.01 26.79
N LEU D 656 48.92 -17.89 26.18
CA LEU D 656 49.43 -18.97 25.33
C LEU D 656 49.71 -20.20 26.20
N PRO D 657 49.52 -21.40 25.65
CA PRO D 657 49.65 -22.61 26.46
C PRO D 657 51.04 -22.76 27.06
N ASP D 658 51.08 -23.29 28.28
CA ASP D 658 52.34 -23.56 28.96
C ASP D 658 52.91 -24.90 28.49
N GLU D 659 54.10 -25.24 29.00
CA GLU D 659 54.72 -26.51 28.63
C GLU D 659 53.88 -27.70 29.08
N ASP D 660 53.36 -27.65 30.31
CA ASP D 660 52.49 -28.72 30.78
C ASP D 660 51.21 -28.79 29.97
N SER D 661 50.61 -27.63 29.67
CA SER D 661 49.43 -27.61 28.83
C SER D 661 49.74 -28.07 27.41
N ARG D 662 50.93 -27.74 26.90
CA ARG D 662 51.33 -28.25 25.60
C ARG D 662 51.44 -29.77 25.62
N LEU D 663 51.99 -30.33 26.70
CA LEU D 663 52.05 -31.78 26.83
C LEU D 663 50.65 -32.38 26.87
N ASN D 664 49.73 -31.74 27.59
CA ASN D 664 48.37 -32.26 27.69
C ASN D 664 47.68 -32.24 26.33
N ILE D 665 47.80 -31.12 25.60
CA ILE D 665 47.14 -31.03 24.30
C ILE D 665 47.80 -31.95 23.29
N PHE D 666 49.11 -32.22 23.46
CA PHE D 666 49.77 -33.17 22.57
C PHE D 666 49.29 -34.60 22.85
N LYS D 667 49.10 -34.94 24.13
CA LYS D 667 48.54 -36.25 24.45
C LYS D 667 47.12 -36.38 23.90
N ALA D 668 46.33 -35.32 24.02
CA ALA D 668 44.93 -35.38 23.58
C ALA D 668 44.82 -35.39 22.06
N ALA D 669 45.72 -34.69 21.37
CA ALA D 669 45.60 -34.52 19.92
C ALA D 669 45.81 -35.81 19.15
N LEU D 670 46.65 -36.71 19.66
CA LEU D 670 46.87 -38.00 19.03
C LEU D 670 46.31 -39.14 19.88
N ARG D 671 45.23 -38.85 20.62
CA ARG D 671 44.61 -39.88 21.45
C ARG D 671 43.88 -40.91 20.60
N LYS D 672 43.48 -40.54 19.38
CA LYS D 672 42.74 -41.44 18.50
C LYS D 672 43.65 -42.19 17.54
N SER D 673 44.61 -41.51 16.92
CA SER D 673 45.51 -42.16 15.99
C SER D 673 46.61 -42.90 16.76
N PRO D 674 46.84 -44.18 16.43
CA PRO D 674 47.98 -44.90 17.03
C PRO D 674 49.29 -44.23 16.67
N ILE D 675 50.22 -44.26 17.63
CA ILE D 675 51.51 -43.61 17.48
C ILE D 675 52.62 -44.62 17.77
N ALA D 676 53.71 -44.52 17.04
CA ALA D 676 54.86 -45.37 17.28
C ALA D 676 55.55 -44.97 18.58
N LYS D 677 56.35 -45.91 19.10
CA LYS D 677 56.99 -45.68 20.39
C LYS D 677 58.08 -44.62 20.32
N ASP D 678 58.80 -44.53 19.20
CA ASP D 678 59.89 -43.57 19.07
C ASP D 678 59.42 -42.12 19.06
N VAL D 679 58.13 -41.88 18.89
CA VAL D 679 57.59 -40.51 18.92
C VAL D 679 57.62 -40.05 20.37
N ASP D 680 58.56 -39.16 20.70
CA ASP D 680 58.73 -38.66 22.06
C ASP D 680 58.19 -37.23 22.13
N ILE D 681 57.32 -36.99 23.11
CA ILE D 681 56.66 -35.70 23.23
C ILE D 681 57.55 -34.64 23.85
N GLY D 682 58.64 -35.02 24.50
CA GLY D 682 59.49 -34.04 25.17
C GLY D 682 60.13 -33.07 24.21
N ALA D 683 60.72 -33.59 23.13
CA ALA D 683 61.36 -32.72 22.14
C ALA D 683 60.34 -31.81 21.49
N LEU D 684 59.15 -32.33 21.17
CA LEU D 684 58.10 -31.50 20.61
C LEU D 684 57.71 -30.38 21.57
N ALA D 685 57.55 -30.71 22.85
CA ALA D 685 57.19 -29.70 23.83
C ALA D 685 58.27 -28.62 23.94
N LYS D 686 59.54 -29.03 23.92
CA LYS D 686 60.62 -28.05 23.98
C LYS D 686 60.64 -27.16 22.75
N TYR D 687 60.34 -27.73 21.58
CA TYR D 687 60.42 -26.98 20.33
C TYR D 687 59.19 -26.15 20.02
N THR D 688 58.07 -26.35 20.74
CA THR D 688 56.80 -25.74 20.38
C THR D 688 56.49 -24.49 21.21
N GLN D 689 57.51 -23.75 21.62
CA GLN D 689 57.25 -22.50 22.33
C GLN D 689 56.75 -21.44 21.35
N GLY D 690 55.68 -20.74 21.74
CA GLY D 690 55.09 -19.74 20.89
C GLY D 690 54.06 -20.24 19.89
N PHE D 691 53.71 -21.51 19.94
CA PHE D 691 52.70 -22.08 19.06
C PHE D 691 51.38 -22.22 19.81
N SER D 692 50.31 -21.68 19.24
CA SER D 692 48.99 -21.81 19.84
C SER D 692 48.48 -23.24 19.68
N GLY D 693 47.39 -23.54 20.39
CA GLY D 693 46.80 -24.87 20.29
C GLY D 693 46.31 -25.20 18.90
N ALA D 694 45.83 -24.19 18.17
CA ALA D 694 45.39 -24.42 16.79
C ALA D 694 46.53 -24.92 15.92
N ASP D 695 47.72 -24.33 16.06
CA ASP D 695 48.85 -24.79 15.28
C ASP D 695 49.34 -26.17 15.73
N ILE D 696 49.17 -26.51 17.01
CA ILE D 696 49.49 -27.86 17.47
C ILE D 696 48.57 -28.86 16.79
N THR D 697 47.28 -28.55 16.73
CA THR D 697 46.34 -29.43 16.04
C THR D 697 46.67 -29.52 14.55
N GLU D 698 47.06 -28.39 13.94
CA GLU D 698 47.43 -28.41 12.53
C GLU D 698 48.66 -29.28 12.29
N ILE D 699 49.65 -29.21 13.17
CA ILE D 699 50.86 -30.02 13.03
C ILE D 699 50.52 -31.50 13.17
N CYS D 700 49.68 -31.85 14.14
CA CYS D 700 49.27 -33.24 14.29
C CYS D 700 48.52 -33.72 13.05
N GLN D 701 47.65 -32.87 12.49
CA GLN D 701 46.93 -33.24 11.27
C GLN D 701 47.88 -33.42 10.10
N ARG D 702 48.87 -32.56 9.98
CA ARG D 702 49.84 -32.68 8.89
C ARG D 702 50.65 -33.96 9.02
N ALA D 703 51.06 -34.30 10.25
CA ALA D 703 51.78 -35.55 10.47
C ALA D 703 50.92 -36.75 10.11
N CYS D 704 49.64 -36.72 10.50
CA CYS D 704 48.75 -37.81 10.15
C CYS D 704 48.57 -37.93 8.64
N LYS D 705 48.47 -36.79 7.94
CA LYS D 705 48.32 -36.83 6.50
C LYS D 705 49.57 -37.37 5.82
N TYR D 706 50.76 -37.01 6.33
CA TYR D 706 51.99 -37.57 5.78
C TYR D 706 52.07 -39.07 6.02
N ALA D 707 51.64 -39.53 7.19
CA ALA D 707 51.60 -40.96 7.46
C ALA D 707 50.65 -41.67 6.50
N ILE D 708 49.49 -41.05 6.23
CA ILE D 708 48.54 -41.63 5.28
C ILE D 708 49.16 -41.71 3.88
N ARG D 709 49.86 -40.65 3.48
CA ARG D 709 50.51 -40.66 2.17
C ARG D 709 51.55 -41.77 2.08
N GLU D 710 52.37 -41.93 3.13
CA GLU D 710 53.36 -43.00 3.13
C GLU D 710 52.69 -44.37 3.06
N ASN D 711 51.62 -44.57 3.84
CA ASN D 711 50.95 -45.86 3.85
C ASN D 711 50.32 -46.18 2.50
N ILE D 712 49.67 -45.19 1.87
CA ILE D 712 49.03 -45.45 0.59
C ILE D 712 50.08 -45.67 -0.50
N GLU D 713 51.23 -44.99 -0.42
CA GLU D 713 52.30 -45.27 -1.37
C GLU D 713 52.86 -46.67 -1.19
N LYS D 714 52.98 -47.13 0.06
CA LYS D 714 53.41 -48.50 0.31
C LYS D 714 52.39 -49.49 -0.26
N ASP D 715 51.10 -49.19 -0.09
CA ASP D 715 50.07 -50.05 -0.67
C ASP D 715 50.15 -50.08 -2.19
N ILE D 716 50.41 -48.92 -2.81
CA ILE D 716 50.60 -48.88 -4.26
C ILE D 716 51.79 -49.74 -4.67
N GLU D 717 52.88 -49.65 -3.92
CA GLU D 717 54.06 -50.46 -4.23
C GLU D 717 53.76 -51.95 -4.13
N LYS D 718 53.06 -52.36 -3.06
CA LYS D 718 52.78 -53.79 -2.90
C LYS D 718 51.80 -54.28 -3.95
N GLU D 719 50.84 -53.44 -4.35
CA GLU D 719 49.91 -53.83 -5.41
C GLU D 719 50.62 -53.94 -6.75
N LYS D 720 51.58 -53.04 -7.02
CA LYS D 720 52.37 -53.16 -8.23
C LYS D 720 53.21 -54.43 -8.21
N ARG D 721 53.79 -54.75 -7.06
CA ARG D 721 54.60 -55.97 -6.95
C ARG D 721 53.75 -57.22 -7.16
N ARG D 722 52.53 -57.23 -6.62
CA ARG D 722 51.66 -58.39 -6.79
C ARG D 722 51.12 -58.48 -8.21
N SER D 723 50.89 -57.34 -8.87
CA SER D 723 50.39 -57.37 -10.24
C SER D 723 51.40 -58.02 -11.18
N GLU D 724 52.69 -57.71 -11.00
CA GLU D 724 53.74 -58.32 -11.78
C GLU D 724 53.95 -59.75 -11.29
N ASN D 725 53.67 -60.74 -12.15
CA ASN D 725 53.86 -62.15 -11.81
C ASN D 725 53.04 -62.49 -10.58
N PRO D 726 51.70 -62.61 -10.70
CA PRO D 726 50.84 -62.80 -9.52
C PRO D 726 51.18 -64.03 -8.68
N GLU D 727 52.20 -64.79 -9.08
CA GLU D 727 52.67 -65.91 -8.27
C GLU D 727 53.15 -65.47 -6.90
N ALA D 728 53.46 -64.19 -6.72
CA ALA D 728 53.84 -63.67 -5.40
C ALA D 728 52.62 -63.63 -4.49
N MET D 729 52.42 -64.69 -3.72
CA MET D 729 51.20 -64.86 -2.94
C MET D 729 51.28 -64.04 -1.65
N GLU D 730 50.36 -64.32 -0.73
CA GLU D 730 50.26 -63.59 0.54
C GLU D 730 51.43 -64.01 1.43
N GLU D 731 52.55 -63.32 1.26
CA GLU D 731 53.76 -63.62 2.01
C GLU D 731 53.69 -62.97 3.39
N ASP D 732 54.82 -62.93 4.09
CA ASP D 732 54.89 -62.38 5.44
C ASP D 732 54.65 -60.88 5.51
N GLY D 733 54.60 -60.20 4.37
CA GLY D 733 54.37 -58.77 4.36
C GLY D 733 52.93 -58.40 4.72
N VAL D 734 52.49 -58.81 5.91
CA VAL D 734 51.13 -58.53 6.35
C VAL D 734 50.96 -57.04 6.60
N ASP D 735 49.83 -56.50 6.17
CA ASP D 735 49.54 -55.08 6.36
C ASP D 735 49.41 -54.78 7.85
N GLU D 736 50.32 -53.96 8.37
CA GLU D 736 50.32 -53.60 9.77
C GLU D 736 49.41 -52.40 10.01
N VAL D 737 49.38 -51.93 11.26
CA VAL D 737 48.56 -50.78 11.61
C VAL D 737 49.04 -49.52 10.90
N SER D 738 50.33 -49.48 10.54
CA SER D 738 50.95 -48.32 9.88
C SER D 738 50.80 -47.07 10.74
N GLU D 739 51.42 -47.12 11.92
CA GLU D 739 51.36 -46.02 12.87
C GLU D 739 52.17 -44.82 12.36
N ILE D 740 52.10 -43.73 13.12
CA ILE D 740 52.74 -42.48 12.73
C ILE D 740 54.22 -42.54 13.11
N LYS D 741 55.07 -41.99 12.24
CA LYS D 741 56.51 -41.98 12.44
C LYS D 741 56.98 -40.61 12.90
N ALA D 742 57.97 -40.59 13.79
CA ALA D 742 58.51 -39.33 14.29
C ALA D 742 59.12 -38.48 13.19
N ALA D 743 59.57 -39.09 12.09
CA ALA D 743 60.05 -38.32 10.96
C ALA D 743 58.94 -37.45 10.37
N HIS D 744 57.71 -37.97 10.36
CA HIS D 744 56.58 -37.15 9.94
C HIS D 744 56.41 -35.95 10.86
N PHE D 745 56.56 -36.15 12.17
CA PHE D 745 56.47 -35.04 13.11
C PHE D 745 57.56 -34.01 12.87
N GLU D 746 58.79 -34.47 12.57
CA GLU D 746 59.87 -33.55 12.30
C GLU D 746 59.61 -32.75 11.02
N GLU D 747 59.17 -33.41 9.96
CA GLU D 747 58.94 -32.70 8.70
C GLU D 747 57.73 -31.78 8.79
N SER D 748 56.78 -32.10 9.68
CA SER D 748 55.70 -31.15 9.93
C SER D 748 56.19 -29.98 10.77
N MET D 749 57.10 -30.23 11.71
CA MET D 749 57.65 -29.17 12.55
C MET D 749 58.43 -28.17 11.71
N LYS D 750 59.23 -28.64 10.76
CA LYS D 750 59.96 -27.73 9.89
C LYS D 750 59.04 -26.92 9.00
N TYR D 751 57.83 -27.42 8.74
CA TYR D 751 56.82 -26.68 8.01
C TYR D 751 55.96 -25.80 8.91
N ALA D 752 56.12 -25.89 10.23
CA ALA D 752 55.26 -25.16 11.15
C ALA D 752 55.55 -23.67 11.09
N ARG D 753 54.47 -22.88 11.15
CA ARG D 753 54.56 -21.42 11.24
C ARG D 753 53.65 -20.98 12.36
N ARG D 754 54.22 -20.40 13.42
CA ARG D 754 53.43 -19.96 14.55
C ARG D 754 52.42 -18.91 14.10
N SER D 755 51.15 -19.11 14.48
CA SER D 755 50.09 -18.23 14.00
C SER D 755 50.26 -16.81 14.54
N VAL D 756 50.64 -16.68 15.80
CA VAL D 756 50.78 -15.37 16.43
C VAL D 756 52.22 -14.92 16.30
N SER D 757 52.41 -13.60 16.29
CA SER D 757 53.72 -12.98 16.28
C SER D 757 54.02 -12.38 17.64
N ASP D 758 55.29 -12.03 17.86
CA ASP D 758 55.67 -11.41 19.12
C ASP D 758 54.98 -10.07 19.31
N ALA D 759 54.63 -9.39 18.22
CA ALA D 759 53.92 -8.12 18.33
C ALA D 759 52.56 -8.30 19.00
N ASP D 760 51.82 -9.33 18.61
CA ASP D 760 50.49 -9.53 19.19
C ASP D 760 50.56 -9.99 20.64
N ILE D 761 51.47 -10.91 20.95
CA ILE D 761 51.60 -11.36 22.33
C ILE D 761 52.09 -10.21 23.22
N ARG D 762 52.95 -9.33 22.69
CA ARG D 762 53.37 -8.19 23.48
C ARG D 762 52.26 -7.15 23.60
N LYS D 763 51.37 -7.07 22.60
CA LYS D 763 50.18 -6.22 22.74
C LYS D 763 49.29 -6.72 23.88
N TYR D 764 49.09 -8.04 23.94
CA TYR D 764 48.29 -8.62 25.05
C TYR D 764 49.01 -8.34 26.36
N GLN D 765 50.33 -8.52 26.38
CA GLN D 765 51.09 -8.28 27.60
C GLN D 765 50.98 -6.82 28.04
N ALA D 766 51.00 -5.89 27.10
CA ALA D 766 50.82 -4.49 27.44
C ALA D 766 49.41 -4.22 27.97
N PHE D 767 48.41 -4.90 27.41
CA PHE D 767 47.07 -4.79 27.95
C PHE D 767 47.02 -5.33 29.39
N ALA D 768 47.74 -6.41 29.65
CA ALA D 768 47.83 -6.94 31.01
C ALA D 768 48.53 -5.96 31.93
N GLN D 769 49.57 -5.29 31.43
CA GLN D 769 50.25 -4.25 32.20
C GLN D 769 49.28 -3.12 32.54
N THR D 770 48.43 -2.74 31.58
CA THR D 770 47.35 -1.81 31.87
C THR D 770 46.44 -2.37 32.95
N LEU D 771 46.16 -3.66 32.91
CA LEU D 771 45.46 -4.31 34.01
C LEU D 771 46.32 -4.31 35.26
N GLN D 772 47.64 -4.43 35.11
CA GLN D 772 48.54 -4.43 36.26
C GLN D 772 48.66 -3.02 36.82
N GLN D 773 47.59 -2.55 37.46
CA GLN D 773 47.60 -1.32 38.22
C GLN D 773 47.72 -1.57 39.71
N SER D 774 48.05 -2.80 40.10
CA SER D 774 48.22 -3.19 41.49
C SER D 774 49.67 -3.44 41.86
N ARG D 775 50.61 -2.88 41.09
CA ARG D 775 52.03 -3.14 41.30
C ARG D 775 52.56 -2.51 42.58
N GLY D 776 51.90 -1.50 43.12
CA GLY D 776 52.40 -0.81 44.29
C GLY D 776 51.79 -1.27 45.60
N PHE D 777 51.21 -2.47 45.61
CA PHE D 777 50.52 -3.00 46.78
C PHE D 777 51.14 -4.31 47.23
N GLY D 778 52.47 -4.36 47.29
CA GLY D 778 53.17 -5.55 47.73
C GLY D 778 53.48 -5.55 49.21
N LYS E 18 32.05 -54.34 -4.68
CA LYS E 18 31.07 -53.31 -5.00
C LYS E 18 30.64 -53.38 -6.46
N LYS E 19 29.66 -52.57 -6.82
CA LYS E 19 29.14 -52.53 -8.18
C LYS E 19 28.54 -51.16 -8.45
N ASP E 20 28.51 -50.78 -9.73
CA ASP E 20 27.95 -49.49 -10.14
C ASP E 20 26.42 -49.60 -10.12
N PHE E 21 25.87 -49.56 -8.90
CA PHE E 21 24.44 -49.68 -8.71
C PHE E 21 23.67 -48.41 -9.08
N SER E 22 24.36 -47.32 -9.36
CA SER E 22 23.67 -46.08 -9.71
C SER E 22 22.88 -46.23 -11.00
N THR E 23 23.46 -46.91 -11.99
CA THR E 23 22.80 -47.15 -13.27
C THR E 23 22.67 -48.64 -13.59
N ALA E 24 22.79 -49.51 -12.58
CA ALA E 24 22.70 -50.94 -12.81
C ALA E 24 21.27 -51.39 -13.10
N ILE E 25 20.26 -50.61 -12.71
CA ILE E 25 18.88 -50.98 -12.95
C ILE E 25 18.52 -50.91 -14.44
N LEU E 26 19.33 -50.20 -15.23
CA LEU E 26 19.10 -50.07 -16.66
C LEU E 26 19.75 -51.17 -17.48
N GLU E 27 20.46 -52.10 -16.82
CA GLU E 27 21.18 -53.13 -17.54
C GLU E 27 20.23 -54.14 -18.17
N ARG E 28 20.67 -54.75 -19.26
CA ARG E 28 19.92 -55.80 -19.94
C ARG E 28 20.18 -57.12 -19.20
N LYS E 29 19.23 -57.51 -18.36
CA LYS E 29 19.40 -58.70 -17.53
C LYS E 29 19.46 -59.95 -18.40
N LYS E 30 20.24 -60.93 -17.94
CA LYS E 30 20.42 -62.18 -18.67
C LYS E 30 19.29 -63.14 -18.32
N SER E 31 18.37 -63.33 -19.27
CA SER E 31 17.25 -64.26 -19.11
C SER E 31 17.11 -65.08 -20.38
N PRO E 32 16.63 -66.32 -20.29
CA PRO E 32 16.46 -67.14 -21.49
C PRO E 32 15.45 -66.58 -22.48
N ASN E 33 14.50 -65.76 -22.03
CA ASN E 33 13.48 -65.23 -22.93
C ASN E 33 14.01 -64.14 -23.84
N ARG E 34 15.10 -63.46 -23.46
CA ARG E 34 15.59 -62.33 -24.22
C ARG E 34 16.39 -62.79 -25.44
N LEU E 35 16.21 -62.09 -26.55
CA LEU E 35 16.95 -62.31 -27.77
C LEU E 35 17.22 -60.98 -28.45
N VAL E 36 18.32 -60.93 -29.19
CA VAL E 36 18.77 -59.71 -29.86
C VAL E 36 18.08 -59.60 -31.21
N VAL E 37 17.59 -58.39 -31.51
CA VAL E 37 16.91 -58.14 -32.78
C VAL E 37 17.94 -58.02 -33.89
N ASP E 38 17.72 -58.75 -34.98
CA ASP E 38 18.63 -58.73 -36.12
C ASP E 38 17.81 -58.67 -37.41
N GLU E 39 18.49 -58.45 -38.52
CA GLU E 39 17.85 -58.37 -39.82
C GLU E 39 17.40 -59.76 -40.28
N ALA E 40 16.36 -59.77 -41.11
CA ALA E 40 15.76 -60.99 -41.60
C ALA E 40 15.91 -61.10 -43.12
N ILE E 41 15.64 -62.30 -43.63
CA ILE E 41 15.71 -62.54 -45.07
C ILE E 41 14.37 -62.96 -45.67
N ASN E 42 13.40 -63.39 -44.87
CA ASN E 42 12.11 -63.83 -45.38
C ASN E 42 11.12 -62.68 -45.41
N ASP E 43 10.34 -62.60 -46.48
CA ASP E 43 9.37 -61.53 -46.67
C ASP E 43 7.99 -61.87 -46.11
N ASP E 44 7.82 -63.04 -45.52
CA ASP E 44 6.53 -63.43 -44.97
C ASP E 44 6.19 -62.56 -43.76
N ASN E 45 4.89 -62.26 -43.62
CA ASN E 45 4.43 -61.40 -42.53
C ASN E 45 4.41 -62.09 -41.18
N SER E 46 4.42 -63.43 -41.15
CA SER E 46 4.32 -64.17 -39.90
C SER E 46 5.47 -65.14 -39.66
N VAL E 47 6.40 -65.29 -40.62
CA VAL E 47 7.50 -66.23 -40.46
C VAL E 47 8.69 -65.51 -39.87
N VAL E 48 9.21 -66.04 -38.76
CA VAL E 48 10.43 -65.54 -38.13
C VAL E 48 11.40 -66.71 -38.00
N SER E 49 12.66 -66.47 -38.36
CA SER E 49 13.67 -67.52 -38.44
C SER E 49 14.52 -67.52 -37.19
N LEU E 50 14.62 -68.68 -36.54
CA LEU E 50 15.40 -68.86 -35.33
C LEU E 50 16.62 -69.73 -35.61
N HIS E 51 17.34 -70.10 -34.56
CA HIS E 51 18.44 -71.04 -34.73
C HIS E 51 18.02 -72.41 -34.21
N PRO E 52 18.47 -73.49 -34.85
CA PRO E 52 18.08 -74.84 -34.38
C PRO E 52 18.43 -75.11 -32.93
N ALA E 53 19.60 -74.64 -32.48
CA ALA E 53 19.97 -74.84 -31.08
C ALA E 53 19.23 -73.86 -30.15
N THR E 54 18.84 -72.70 -30.67
CA THR E 54 18.11 -71.73 -29.85
C THR E 54 16.76 -72.26 -29.43
N MET E 55 16.07 -72.98 -30.32
CA MET E 55 14.75 -73.51 -30.01
C MET E 55 14.79 -74.50 -28.85
N GLU E 56 15.95 -75.10 -28.57
CA GLU E 56 16.04 -76.04 -27.46
C GLU E 56 15.89 -75.36 -26.12
N LYS E 57 16.28 -74.09 -26.01
CA LYS E 57 16.13 -73.36 -24.75
C LYS E 57 14.66 -73.21 -24.38
N LEU E 58 13.81 -72.87 -25.35
CA LEU E 58 12.38 -72.74 -25.12
C LEU E 58 11.60 -73.98 -25.53
N GLN E 59 12.30 -75.08 -25.87
CA GLN E 59 11.67 -76.33 -26.29
C GLN E 59 10.74 -76.11 -27.48
N LEU E 60 11.21 -75.36 -28.46
CA LEU E 60 10.43 -75.02 -29.64
C LEU E 60 10.84 -75.90 -30.82
N PHE E 61 9.98 -75.91 -31.84
CA PHE E 61 10.25 -76.63 -33.08
C PHE E 61 9.74 -75.81 -34.24
N ARG E 62 10.23 -76.13 -35.44
CA ARG E 62 9.78 -75.46 -36.64
C ARG E 62 8.30 -75.71 -36.87
N GLY E 63 7.56 -74.65 -37.18
CA GLY E 63 6.14 -74.73 -37.44
C GLY E 63 5.25 -74.31 -36.29
N ASP E 64 5.82 -74.08 -35.11
CA ASP E 64 5.02 -73.68 -33.96
C ASP E 64 4.67 -72.19 -34.05
N THR E 65 3.82 -71.75 -33.12
CA THR E 65 3.38 -70.35 -33.05
C THR E 65 3.92 -69.73 -31.77
N ILE E 66 4.47 -68.51 -31.89
CA ILE E 66 5.13 -67.85 -30.76
C ILE E 66 4.60 -66.43 -30.62
N LEU E 67 4.75 -65.90 -29.41
CA LEU E 67 4.39 -64.53 -29.07
C LEU E 67 5.66 -63.74 -28.79
N ILE E 68 5.84 -62.63 -29.51
CA ILE E 68 7.02 -61.80 -29.39
C ILE E 68 6.60 -60.43 -28.85
N LYS E 69 7.16 -60.05 -27.71
CA LYS E 69 6.78 -58.82 -27.05
C LYS E 69 7.49 -57.63 -27.68
N GLY E 70 6.82 -56.48 -27.67
CA GLY E 70 7.36 -55.25 -28.19
C GLY E 70 7.58 -54.20 -27.11
N LYS E 71 7.47 -52.94 -27.51
CA LYS E 71 7.65 -51.82 -26.61
C LYS E 71 6.30 -51.23 -26.23
N LYS E 72 6.26 -50.58 -25.06
CA LYS E 72 5.05 -49.94 -24.53
C LYS E 72 3.90 -50.94 -24.42
N ARG E 73 4.21 -52.09 -23.80
CA ARG E 73 3.24 -53.16 -23.54
C ARG E 73 2.59 -53.69 -24.81
N LYS E 74 3.31 -53.64 -25.94
CA LYS E 74 2.83 -54.16 -27.20
C LYS E 74 3.44 -55.53 -27.47
N ASP E 75 2.80 -56.28 -28.36
CA ASP E 75 3.26 -57.63 -28.70
C ASP E 75 2.64 -58.04 -30.03
N THR E 76 3.19 -59.11 -30.59
CA THR E 76 2.71 -59.66 -31.85
C THR E 76 2.85 -61.18 -31.79
N VAL E 77 2.23 -61.85 -32.77
CA VAL E 77 2.24 -63.30 -32.85
C VAL E 77 2.80 -63.71 -34.21
N CYS E 78 3.75 -64.63 -34.20
CA CYS E 78 4.44 -65.05 -35.41
C CYS E 78 4.56 -66.57 -35.45
N ILE E 79 5.11 -67.07 -36.55
CA ILE E 79 5.35 -68.50 -36.77
C ILE E 79 6.84 -68.75 -36.66
N ALA E 80 7.23 -69.67 -35.77
CA ALA E 80 8.64 -69.90 -35.48
C ALA E 80 9.24 -70.83 -36.53
N LEU E 81 10.18 -70.31 -37.31
CA LEU E 81 10.99 -71.08 -38.24
C LEU E 81 12.44 -71.03 -37.78
N ALA E 82 13.30 -71.79 -38.45
CA ALA E 82 14.69 -71.88 -38.04
C ALA E 82 15.58 -72.10 -39.25
N ASP E 83 16.78 -71.53 -39.20
CA ASP E 83 17.80 -71.74 -40.21
C ASP E 83 19.15 -71.79 -39.52
N GLU E 84 20.12 -72.45 -40.18
CA GLU E 84 21.43 -72.65 -39.59
C GLU E 84 22.37 -71.48 -39.79
N THR E 85 21.97 -70.45 -40.54
CA THR E 85 22.81 -69.29 -40.75
C THR E 85 22.64 -68.23 -39.66
N CYS E 86 21.74 -68.45 -38.71
CA CYS E 86 21.46 -67.48 -37.66
C CYS E 86 22.41 -67.70 -36.48
N GLU E 87 22.33 -66.78 -35.51
CA GLU E 87 23.07 -66.87 -34.27
C GLU E 87 22.13 -67.15 -33.10
N GLU E 88 22.71 -67.58 -31.98
CA GLU E 88 21.92 -67.92 -30.81
C GLU E 88 21.13 -66.74 -30.26
N PRO E 89 21.71 -65.55 -30.03
CA PRO E 89 20.92 -64.45 -29.49
C PRO E 89 20.07 -63.71 -30.52
N LYS E 90 20.29 -63.95 -31.80
CA LYS E 90 19.59 -63.23 -32.85
C LYS E 90 18.26 -63.89 -33.18
N ILE E 91 17.33 -63.07 -33.69
CA ILE E 91 15.98 -63.54 -33.99
C ILE E 91 15.57 -63.29 -35.44
N ARG E 92 16.22 -62.37 -36.15
CA ARG E 92 15.93 -62.08 -37.56
C ARG E 92 14.45 -61.69 -37.73
N MET E 93 14.11 -60.55 -37.14
CA MET E 93 12.75 -60.05 -37.19
C MET E 93 12.43 -59.47 -38.56
N ASN E 94 11.22 -59.75 -39.05
CA ASN E 94 10.76 -59.20 -40.32
C ASN E 94 10.56 -57.69 -40.20
N LYS E 95 10.80 -57.00 -41.32
CA LYS E 95 10.80 -55.54 -41.31
C LYS E 95 9.44 -54.99 -40.91
N VAL E 96 8.36 -55.54 -41.47
CA VAL E 96 7.03 -55.08 -41.11
C VAL E 96 6.74 -55.40 -39.65
N VAL E 97 7.08 -56.60 -39.21
CA VAL E 97 6.95 -56.94 -37.79
C VAL E 97 7.93 -56.14 -36.94
N ARG E 98 9.08 -55.77 -37.51
CA ARG E 98 10.02 -54.89 -36.80
C ARG E 98 9.36 -53.56 -36.49
N SER E 99 8.63 -53.00 -37.45
CA SER E 99 7.87 -51.78 -37.19
C SER E 99 6.70 -52.05 -36.25
N ASN E 100 6.13 -53.25 -36.32
CA ASN E 100 5.02 -53.60 -35.41
C ASN E 100 5.49 -53.64 -33.96
N LEU E 101 6.69 -54.15 -33.72
CA LEU E 101 7.23 -54.30 -32.37
C LEU E 101 7.88 -53.03 -31.85
N ARG E 102 7.92 -51.96 -32.65
CA ARG E 102 8.52 -50.68 -32.25
C ARG E 102 9.98 -50.87 -31.84
N VAL E 103 10.68 -51.75 -32.54
CA VAL E 103 12.08 -52.05 -32.26
C VAL E 103 12.88 -51.84 -33.54
N ARG E 104 14.21 -51.81 -33.37
CA ARG E 104 15.14 -51.67 -34.49
C ARG E 104 16.30 -52.63 -34.26
N LEU E 105 17.35 -52.48 -35.07
CA LEU E 105 18.53 -53.32 -34.92
C LEU E 105 19.22 -53.04 -33.59
N GLY E 106 19.67 -54.11 -32.94
CA GLY E 106 20.35 -54.01 -31.67
C GLY E 106 19.45 -54.07 -30.46
N ASP E 107 18.13 -54.07 -30.64
CA ASP E 107 17.21 -54.12 -29.52
C ASP E 107 17.08 -55.56 -29.01
N VAL E 108 16.40 -55.69 -27.87
CA VAL E 108 16.19 -56.98 -27.20
C VAL E 108 14.70 -57.20 -27.04
N ILE E 109 14.23 -58.39 -27.42
CA ILE E 109 12.82 -58.73 -27.34
C ILE E 109 12.68 -60.09 -26.67
N SER E 110 11.52 -60.30 -26.05
CA SER E 110 11.22 -61.52 -25.32
C SER E 110 10.23 -62.37 -26.10
N VAL E 111 10.48 -63.68 -26.15
CA VAL E 111 9.68 -64.62 -26.93
C VAL E 111 9.10 -65.66 -25.98
N HIS E 112 7.79 -65.90 -26.10
CA HIS E 112 7.08 -66.87 -25.29
C HIS E 112 6.28 -67.79 -26.19
N GLN E 113 5.85 -68.92 -25.65
CA GLN E 113 5.10 -69.89 -26.42
C GLN E 113 3.62 -69.49 -26.50
N CYS E 114 2.92 -70.08 -27.46
CA CYS E 114 1.50 -69.81 -27.71
C CYS E 114 0.73 -71.13 -27.73
N PRO E 115 0.44 -71.69 -26.55
CA PRO E 115 -0.35 -72.93 -26.52
C PRO E 115 -1.79 -72.76 -26.98
N ASP E 116 -2.31 -71.54 -27.02
CA ASP E 116 -3.70 -71.28 -27.37
C ASP E 116 -3.77 -70.81 -28.82
N VAL E 117 -3.95 -71.77 -29.74
CA VAL E 117 -4.09 -71.43 -31.15
C VAL E 117 -5.43 -70.72 -31.39
N LYS E 118 -6.52 -71.30 -30.87
CA LYS E 118 -7.85 -70.71 -30.81
C LYS E 118 -8.29 -70.03 -32.11
N TYR E 119 -8.50 -70.82 -33.16
CA TYR E 119 -9.01 -70.32 -34.44
C TYR E 119 -10.20 -69.39 -34.23
N GLY E 120 -10.13 -68.21 -34.82
CA GLY E 120 -11.18 -67.22 -34.68
C GLY E 120 -12.26 -67.35 -35.74
N LYS E 121 -13.50 -67.02 -35.34
CA LYS E 121 -14.62 -67.13 -36.26
C LYS E 121 -14.59 -66.05 -37.33
N ARG E 122 -14.25 -64.82 -36.95
CA ARG E 122 -14.19 -63.72 -37.90
C ARG E 122 -13.13 -62.73 -37.44
N VAL E 123 -12.36 -62.21 -38.40
CA VAL E 123 -11.32 -61.23 -38.16
C VAL E 123 -11.57 -60.02 -39.05
N HIS E 124 -11.59 -58.84 -38.45
CA HIS E 124 -11.79 -57.61 -39.20
C HIS E 124 -10.44 -57.01 -39.59
N ILE E 125 -10.25 -56.76 -40.89
CA ILE E 125 -8.99 -56.25 -41.41
C ILE E 125 -9.31 -55.10 -42.35
N LEU E 126 -8.56 -54.00 -42.23
CA LEU E 126 -8.77 -52.85 -43.10
C LEU E 126 -7.45 -52.31 -43.61
N PRO E 127 -7.40 -51.86 -44.87
CA PRO E 127 -6.13 -51.36 -45.42
C PRO E 127 -5.88 -49.90 -45.09
N VAL E 128 -4.75 -49.38 -45.58
CA VAL E 128 -4.40 -47.96 -45.41
C VAL E 128 -4.87 -47.20 -46.64
N ASP E 129 -5.20 -45.92 -46.45
CA ASP E 129 -5.79 -45.13 -47.52
C ASP E 129 -4.80 -44.83 -48.64
N ASP E 130 -3.50 -44.72 -48.32
CA ASP E 130 -2.52 -44.34 -49.32
C ASP E 130 -2.19 -45.46 -50.30
N THR E 131 -2.25 -46.71 -49.87
CA THR E 131 -1.86 -47.85 -50.70
C THR E 131 -3.03 -48.47 -51.45
N VAL E 132 -4.24 -47.92 -51.31
CA VAL E 132 -5.41 -48.47 -51.98
C VAL E 132 -5.80 -47.64 -53.21
N GLU E 133 -4.85 -46.90 -53.79
CA GLU E 133 -5.12 -46.12 -54.98
C GLU E 133 -5.45 -47.06 -56.14
N GLY E 134 -6.64 -46.90 -56.71
CA GLY E 134 -7.10 -47.75 -57.78
C GLY E 134 -8.06 -48.85 -57.37
N VAL E 135 -8.24 -49.06 -56.06
CA VAL E 135 -9.14 -50.11 -55.60
C VAL E 135 -10.58 -49.67 -55.85
N THR E 136 -11.37 -50.55 -56.46
CA THR E 136 -12.75 -50.24 -56.84
C THR E 136 -13.77 -50.60 -55.77
N GLY E 137 -13.36 -51.25 -54.68
CA GLY E 137 -14.31 -51.64 -53.65
C GLY E 137 -13.74 -52.53 -52.56
N ASN E 138 -14.47 -53.59 -52.24
CA ASN E 138 -14.04 -54.50 -51.18
C ASN E 138 -12.77 -55.24 -51.59
N LEU E 139 -11.84 -55.34 -50.64
CA LEU E 139 -10.55 -55.97 -50.87
C LEU E 139 -10.46 -57.38 -50.26
N PHE E 140 -11.58 -57.92 -49.78
CA PHE E 140 -11.57 -59.21 -49.10
C PHE E 140 -11.12 -60.33 -50.02
N ASP E 141 -11.88 -60.58 -51.09
CA ASP E 141 -11.57 -61.69 -51.98
C ASP E 141 -10.26 -61.45 -52.75
N ALA E 142 -9.99 -60.20 -53.12
CA ALA E 142 -8.82 -59.91 -53.93
C ALA E 142 -7.53 -59.94 -53.11
N TYR E 143 -7.58 -59.53 -51.85
CA TYR E 143 -6.35 -59.39 -51.08
C TYR E 143 -6.34 -60.16 -49.77
N LEU E 144 -7.48 -60.25 -49.08
CA LEU E 144 -7.48 -60.86 -47.76
C LEU E 144 -7.42 -62.38 -47.83
N LYS E 145 -8.32 -62.99 -48.61
CA LYS E 145 -8.42 -64.45 -48.66
C LYS E 145 -7.29 -65.15 -49.42
N PRO E 146 -6.69 -64.59 -50.49
CA PRO E 146 -5.71 -65.38 -51.25
C PRO E 146 -4.52 -65.85 -50.42
N TYR E 147 -4.06 -65.04 -49.46
CA TYR E 147 -2.91 -65.39 -48.64
C TYR E 147 -3.29 -65.84 -47.24
N PHE E 148 -4.59 -65.92 -46.93
CA PHE E 148 -5.02 -66.36 -45.60
C PHE E 148 -6.03 -67.50 -45.63
N LEU E 149 -6.41 -67.99 -46.80
CA LEU E 149 -7.33 -69.12 -46.90
C LEU E 149 -6.56 -70.42 -46.70
N GLU E 150 -6.89 -71.14 -45.63
CA GLU E 150 -6.26 -72.41 -45.24
C GLU E 150 -4.78 -72.26 -44.92
N ALA E 151 -4.26 -71.03 -44.86
CA ALA E 151 -2.86 -70.81 -44.48
C ALA E 151 -2.67 -70.84 -42.97
N TYR E 152 -3.73 -70.61 -42.20
CA TYR E 152 -3.69 -70.64 -40.73
C TYR E 152 -2.64 -69.67 -40.18
N ARG E 153 -2.58 -68.48 -40.77
CA ARG E 153 -1.66 -67.47 -40.29
C ARG E 153 -2.20 -66.81 -39.02
N PRO E 154 -1.35 -66.53 -38.04
CA PRO E 154 -1.80 -65.81 -36.85
C PRO E 154 -1.78 -64.31 -37.06
N VAL E 155 -2.77 -63.63 -36.47
CA VAL E 155 -2.91 -62.19 -36.56
C VAL E 155 -3.21 -61.64 -35.17
N ARG E 156 -2.58 -60.52 -34.85
CA ARG E 156 -2.76 -59.84 -33.57
C ARG E 156 -3.33 -58.45 -33.83
N LYS E 157 -4.19 -57.99 -32.92
CA LYS E 157 -4.88 -56.72 -33.12
C LYS E 157 -3.91 -55.56 -33.16
N GLY E 158 -4.14 -54.64 -34.10
CA GLY E 158 -3.34 -53.44 -34.21
C GLY E 158 -2.04 -53.59 -34.96
N ASP E 159 -1.75 -54.77 -35.52
CA ASP E 159 -0.50 -55.01 -36.22
C ASP E 159 -0.67 -54.74 -37.71
N LEU E 160 0.43 -54.36 -38.35
CA LEU E 160 0.46 -54.08 -39.78
C LEU E 160 1.10 -55.25 -40.53
N PHE E 161 0.51 -55.63 -41.66
CA PHE E 161 1.11 -56.63 -42.53
C PHE E 161 0.91 -56.21 -43.99
N LEU E 162 1.95 -56.40 -44.80
CA LEU E 162 1.93 -55.98 -46.19
C LEU E 162 1.60 -57.16 -47.09
N VAL E 163 0.71 -56.93 -48.06
CA VAL E 163 0.32 -57.94 -49.02
C VAL E 163 0.42 -57.33 -50.42
N ARG E 164 0.46 -58.19 -51.42
CA ARG E 164 0.60 -57.75 -52.81
C ARG E 164 -0.47 -58.41 -53.67
N GLY E 165 -0.96 -57.66 -54.65
CA GLY E 165 -1.88 -58.18 -55.64
C GLY E 165 -1.70 -57.43 -56.94
N GLY E 166 -1.47 -58.17 -58.03
CA GLY E 166 -1.08 -57.52 -59.27
C GLY E 166 0.21 -56.75 -59.05
N MET E 167 0.19 -55.47 -59.42
CA MET E 167 1.30 -54.57 -59.13
C MET E 167 1.05 -53.68 -57.93
N ARG E 168 -0.06 -53.89 -57.21
CA ARG E 168 -0.45 -53.03 -56.10
C ARG E 168 -0.07 -53.68 -54.78
N SER E 169 0.78 -53.01 -54.01
CA SER E 169 1.15 -53.46 -52.67
C SER E 169 0.34 -52.67 -51.65
N VAL E 170 -0.43 -53.38 -50.83
CA VAL E 170 -1.34 -52.76 -49.87
C VAL E 170 -0.97 -53.24 -48.47
N GLU E 171 -0.90 -52.31 -47.53
CA GLU E 171 -0.65 -52.63 -46.13
C GLU E 171 -1.97 -52.65 -45.37
N PHE E 172 -2.20 -53.71 -44.62
CA PHE E 172 -3.44 -53.90 -43.87
C PHE E 172 -3.16 -53.89 -42.38
N LYS E 173 -4.16 -53.46 -41.61
CA LYS E 173 -4.12 -53.46 -40.16
C LYS E 173 -5.34 -54.21 -39.63
N VAL E 174 -5.12 -55.00 -38.58
CA VAL E 174 -6.21 -55.73 -37.95
C VAL E 174 -6.99 -54.79 -37.04
N ILE E 175 -8.29 -54.70 -37.27
CA ILE E 175 -9.16 -53.82 -36.49
C ILE E 175 -9.81 -54.56 -35.33
N GLU E 176 -10.23 -55.81 -35.56
CA GLU E 176 -10.89 -56.59 -34.52
C GLU E 176 -10.52 -58.05 -34.69
N THR E 177 -10.53 -58.78 -33.58
CA THR E 177 -10.21 -60.20 -33.57
C THR E 177 -11.06 -60.90 -32.52
N ASP E 178 -11.16 -62.22 -32.66
CA ASP E 178 -11.89 -63.06 -31.70
C ASP E 178 -10.99 -64.23 -31.30
N PRO E 179 -10.39 -64.19 -30.09
CA PRO E 179 -10.46 -63.13 -29.07
C PRO E 179 -9.78 -61.84 -29.49
N ALA E 180 -10.06 -60.74 -28.78
CA ALA E 180 -9.60 -59.42 -29.22
C ALA E 180 -8.09 -59.29 -29.21
N GLU E 181 -7.38 -60.15 -28.48
CA GLU E 181 -5.92 -60.03 -28.43
C GLU E 181 -5.28 -60.53 -29.72
N TYR E 182 -5.44 -61.82 -30.03
CA TYR E 182 -4.90 -62.38 -31.25
C TYR E 182 -5.58 -63.71 -31.52
N CYS E 183 -5.59 -64.10 -32.80
CA CYS E 183 -6.21 -65.35 -33.21
C CYS E 183 -5.68 -65.75 -34.57
N VAL E 184 -6.05 -66.95 -35.01
CA VAL E 184 -5.61 -67.50 -36.28
C VAL E 184 -6.74 -67.37 -37.29
N VAL E 185 -6.41 -66.88 -38.48
CA VAL E 185 -7.42 -66.61 -39.51
C VAL E 185 -7.98 -67.95 -39.99
N ALA E 186 -9.23 -68.23 -39.66
CA ALA E 186 -9.91 -69.43 -40.12
C ALA E 186 -10.49 -69.21 -41.51
N PRO E 187 -10.73 -70.29 -42.27
CA PRO E 187 -11.35 -70.14 -43.59
C PRO E 187 -12.74 -69.53 -43.54
N ASP E 188 -13.42 -69.57 -42.40
CA ASP E 188 -14.76 -69.04 -42.26
C ASP E 188 -14.77 -67.56 -41.90
N THR E 189 -13.61 -66.91 -41.85
CA THR E 189 -13.51 -65.49 -41.51
C THR E 189 -13.85 -64.64 -42.74
N GLU E 190 -15.14 -64.61 -43.05
CA GLU E 190 -15.64 -63.84 -44.18
C GLU E 190 -16.20 -62.51 -43.68
N ILE E 191 -15.62 -61.41 -44.14
CA ILE E 191 -16.01 -60.07 -43.73
C ILE E 191 -16.13 -59.18 -44.96
N PHE E 192 -16.61 -57.97 -44.73
CA PHE E 192 -16.67 -56.93 -45.74
C PHE E 192 -16.14 -55.63 -45.16
N CYS E 193 -15.52 -54.81 -46.00
CA CYS E 193 -14.94 -53.56 -45.55
C CYS E 193 -16.02 -52.61 -45.02
N GLU E 194 -16.02 -52.38 -43.71
CA GLU E 194 -16.99 -51.52 -43.06
C GLU E 194 -16.27 -50.33 -42.44
N GLY E 195 -16.66 -49.13 -42.83
CA GLY E 195 -16.04 -47.92 -42.31
C GLY E 195 -14.67 -47.67 -42.91
N GLU E 196 -14.02 -46.64 -42.38
CA GLU E 196 -12.68 -46.26 -42.82
C GLU E 196 -11.97 -45.45 -41.74
N PRO E 197 -11.58 -46.06 -40.63
CA PRO E 197 -10.91 -45.29 -39.57
C PRO E 197 -9.41 -45.16 -39.78
N VAL E 198 -8.81 -46.12 -40.48
CA VAL E 198 -7.37 -46.14 -40.66
C VAL E 198 -6.97 -45.09 -41.67
N LYS E 199 -5.97 -44.28 -41.33
CA LYS E 199 -5.48 -43.21 -42.17
C LYS E 199 -3.96 -43.17 -42.12
N ARG E 200 -3.36 -42.60 -43.16
CA ARG E 200 -1.91 -42.46 -43.22
C ARG E 200 -1.38 -41.51 -42.16
N GLU E 201 -2.19 -40.53 -41.72
CA GLU E 201 -1.75 -39.57 -40.72
C GLU E 201 -1.42 -40.22 -39.38
N ASP E 202 -1.88 -41.46 -39.15
CA ASP E 202 -1.51 -42.20 -37.96
C ASP E 202 -0.03 -42.55 -37.92
N GLU E 203 0.68 -42.39 -39.05
CA GLU E 203 2.09 -42.75 -39.11
C GLU E 203 2.91 -42.03 -38.04
N GLU E 204 2.65 -40.75 -37.84
CA GLU E 204 3.38 -39.98 -36.84
C GLU E 204 2.73 -40.03 -35.46
N ARG E 205 1.65 -40.80 -35.30
CA ARG E 205 0.95 -40.90 -34.02
C ARG E 205 0.66 -42.35 -33.66
N LEU E 206 1.51 -43.28 -34.11
CA LEU E 206 1.34 -44.68 -33.74
C LEU E 206 1.55 -44.88 -32.24
N ASP E 207 2.68 -44.40 -31.73
CA ASP E 207 3.01 -44.51 -30.31
C ASP E 207 3.79 -43.27 -29.91
N ASP E 208 3.33 -42.59 -28.86
CA ASP E 208 3.89 -41.29 -28.49
C ASP E 208 5.36 -41.38 -28.10
N VAL E 209 5.66 -42.04 -26.98
CA VAL E 209 7.01 -42.13 -26.45
C VAL E 209 7.23 -43.51 -25.83
N GLY E 210 8.41 -44.07 -26.04
CA GLY E 210 8.81 -45.29 -25.37
C GLY E 210 9.80 -45.02 -24.26
N TYR E 211 10.85 -45.82 -24.17
CA TYR E 211 11.92 -45.59 -23.19
C TYR E 211 13.20 -45.05 -23.81
N ASP E 212 13.51 -45.43 -25.05
CA ASP E 212 14.75 -45.01 -25.69
C ASP E 212 14.67 -43.61 -26.28
N ASP E 213 13.49 -42.99 -26.29
CA ASP E 213 13.32 -41.67 -26.88
C ASP E 213 13.78 -40.54 -25.96
N VAL E 214 14.49 -40.84 -24.90
CA VAL E 214 15.02 -39.84 -23.98
C VAL E 214 16.52 -40.07 -23.82
N GLY E 215 17.28 -38.99 -23.85
CA GLY E 215 18.72 -39.08 -23.71
C GLY E 215 19.26 -37.90 -22.93
N GLY E 216 20.37 -38.13 -22.24
CA GLY E 216 21.05 -37.11 -21.48
C GLY E 216 20.74 -37.08 -20.00
N VAL E 217 19.68 -37.77 -19.57
CA VAL E 217 19.26 -37.77 -18.17
C VAL E 217 19.27 -39.20 -17.65
N ARG E 218 20.24 -40.00 -18.12
CA ARG E 218 20.26 -41.43 -17.80
C ARG E 218 20.26 -41.68 -16.30
N LYS E 219 21.01 -40.90 -15.53
CA LYS E 219 21.04 -41.09 -14.08
C LYS E 219 19.69 -40.73 -13.45
N GLN E 220 19.10 -39.61 -13.86
CA GLN E 220 17.79 -39.24 -13.33
C GLN E 220 16.72 -40.22 -13.78
N MET E 221 16.82 -40.72 -15.02
CA MET E 221 15.89 -41.73 -15.48
C MET E 221 16.02 -43.01 -14.66
N ALA E 222 17.25 -43.39 -14.30
CA ALA E 222 17.45 -44.55 -13.45
C ALA E 222 16.83 -44.32 -12.06
N GLN E 223 17.00 -43.11 -11.52
CA GLN E 223 16.38 -42.80 -10.23
C GLN E 223 14.87 -42.93 -10.29
N ILE E 224 14.26 -42.35 -11.33
CA ILE E 224 12.81 -42.42 -11.46
C ILE E 224 12.36 -43.86 -11.64
N ARG E 225 13.10 -44.64 -12.44
CA ARG E 225 12.75 -46.04 -12.62
C ARG E 225 12.76 -46.78 -11.29
N GLU E 226 13.87 -46.65 -10.53
CA GLU E 226 13.97 -47.31 -9.25
C GLU E 226 12.88 -46.87 -8.27
N LEU E 227 12.47 -45.61 -8.34
CA LEU E 227 11.45 -45.12 -7.42
C LEU E 227 10.05 -45.60 -7.80
N VAL E 228 9.73 -45.68 -9.09
CA VAL E 228 8.37 -45.86 -9.55
C VAL E 228 8.11 -47.29 -10.04
N GLU E 229 8.94 -47.79 -10.95
CA GLU E 229 8.62 -49.06 -11.60
C GLU E 229 8.62 -50.22 -10.62
N LEU E 230 9.57 -50.23 -9.67
CA LEU E 230 9.64 -51.34 -8.72
C LEU E 230 8.41 -51.44 -7.83
N PRO E 231 7.94 -50.36 -7.17
CA PRO E 231 6.69 -50.49 -6.40
C PRO E 231 5.49 -50.87 -7.25
N LEU E 232 5.42 -50.37 -8.49
CA LEU E 232 4.27 -50.66 -9.34
C LEU E 232 4.29 -52.07 -9.93
N ARG E 233 5.41 -52.79 -9.81
CA ARG E 233 5.51 -54.13 -10.35
C ARG E 233 5.89 -55.19 -9.34
N HIS E 234 6.45 -54.82 -8.20
CA HIS E 234 6.87 -55.79 -7.17
C HIS E 234 6.67 -55.18 -5.79
N PRO E 235 5.41 -55.05 -5.35
CA PRO E 235 5.17 -54.61 -3.97
C PRO E 235 5.49 -55.67 -2.93
N GLN E 236 5.66 -56.93 -3.34
CA GLN E 236 5.92 -58.00 -2.38
C GLN E 236 7.26 -57.81 -1.68
N LEU E 237 8.29 -57.39 -2.42
CA LEU E 237 9.60 -57.19 -1.79
C LEU E 237 9.54 -56.08 -0.74
N PHE E 238 8.87 -54.97 -1.07
CA PHE E 238 8.74 -53.88 -0.10
C PHE E 238 7.91 -54.31 1.10
N LYS E 239 6.83 -55.05 0.87
CA LYS E 239 6.02 -55.52 1.99
C LYS E 239 6.81 -56.48 2.88
N SER E 240 7.72 -57.26 2.29
CA SER E 240 8.55 -58.16 3.07
C SER E 240 9.58 -57.39 3.89
N ILE E 241 10.27 -56.44 3.27
CA ILE E 241 11.27 -55.69 4.00
C ILE E 241 10.61 -54.74 5.01
N GLY E 242 9.46 -54.16 4.67
CA GLY E 242 8.64 -53.41 5.60
C GLY E 242 8.46 -51.95 5.23
N VAL E 243 9.47 -51.34 4.61
CA VAL E 243 9.44 -49.90 4.37
C VAL E 243 8.41 -49.57 3.29
N LYS E 244 7.60 -48.53 3.54
CA LYS E 244 6.64 -48.07 2.56
C LYS E 244 7.34 -47.23 1.48
N PRO E 245 7.06 -47.49 0.20
CA PRO E 245 7.73 -46.75 -0.86
C PRO E 245 7.30 -45.30 -0.86
N PRO E 246 8.13 -44.39 -1.36
CA PRO E 246 7.74 -42.98 -1.47
C PRO E 246 6.71 -42.77 -2.56
N LYS E 247 5.97 -41.67 -2.44
CA LYS E 247 4.89 -41.36 -3.37
C LYS E 247 5.18 -40.11 -4.20
N GLY E 248 5.44 -38.97 -3.55
CA GLY E 248 5.52 -37.72 -4.28
C GLY E 248 6.87 -37.38 -4.86
N ILE E 249 7.03 -37.55 -6.18
CA ILE E 249 8.23 -37.12 -6.88
C ILE E 249 8.02 -35.69 -7.36
N LEU E 250 9.08 -34.88 -7.34
CA LEU E 250 9.01 -33.48 -7.75
C LEU E 250 10.14 -33.22 -8.73
N LEU E 251 9.85 -33.32 -10.02
CA LEU E 251 10.84 -32.99 -11.04
C LEU E 251 10.95 -31.48 -11.19
N TYR E 252 12.19 -30.99 -11.24
CA TYR E 252 12.39 -29.55 -11.43
C TYR E 252 13.67 -29.33 -12.22
N GLY E 253 13.70 -28.23 -12.97
CA GLY E 253 14.85 -27.91 -13.78
C GLY E 253 14.59 -26.74 -14.71
N PRO E 254 15.53 -26.46 -15.60
CA PRO E 254 15.34 -25.38 -16.55
C PRO E 254 14.16 -25.66 -17.46
N PRO E 255 13.42 -24.63 -17.87
CA PRO E 255 12.22 -24.85 -18.68
C PRO E 255 12.56 -25.52 -20.01
N GLY E 256 11.69 -26.43 -20.43
CA GLY E 256 11.90 -27.16 -21.66
C GLY E 256 13.11 -28.06 -21.64
N SER E 257 13.36 -28.75 -20.53
CA SER E 257 14.50 -29.66 -20.42
C SER E 257 14.11 -31.12 -20.48
N GLY E 258 12.84 -31.43 -20.69
CA GLY E 258 12.39 -32.79 -20.85
C GLY E 258 11.60 -33.40 -19.70
N LYS E 259 10.98 -32.59 -18.85
CA LYS E 259 10.25 -33.13 -17.70
C LYS E 259 9.03 -33.93 -18.14
N THR E 260 8.13 -33.29 -18.89
CA THR E 260 6.93 -33.97 -19.36
C THR E 260 7.28 -35.20 -20.19
N LEU E 261 8.35 -35.10 -20.98
CA LEU E 261 8.77 -36.25 -21.78
C LEU E 261 9.18 -37.42 -20.89
N ILE E 262 9.93 -37.14 -19.83
CA ILE E 262 10.36 -38.21 -18.92
C ILE E 262 9.16 -38.84 -18.25
N ALA E 263 8.24 -38.01 -17.74
CA ALA E 263 7.06 -38.54 -17.05
C ALA E 263 6.22 -39.41 -17.98
N ARG E 264 5.95 -38.92 -19.19
CA ARG E 264 5.16 -39.69 -20.14
C ARG E 264 5.87 -40.97 -20.53
N ALA E 265 7.19 -40.92 -20.72
CA ALA E 265 7.94 -42.12 -21.07
C ALA E 265 7.80 -43.19 -20.01
N VAL E 266 8.06 -42.83 -18.75
CA VAL E 266 7.99 -43.84 -17.69
C VAL E 266 6.56 -44.34 -17.52
N ALA E 267 5.58 -43.44 -17.63
CA ALA E 267 4.20 -43.86 -17.44
C ALA E 267 3.74 -44.82 -18.55
N ASN E 268 4.10 -44.53 -19.80
CA ASN E 268 3.67 -45.40 -20.88
C ASN E 268 4.44 -46.71 -20.90
N GLU E 269 5.70 -46.71 -20.47
CA GLU E 269 6.46 -47.95 -20.48
C GLU E 269 6.07 -48.86 -19.32
N THR E 270 5.76 -48.29 -18.15
CA THR E 270 5.41 -49.12 -17.00
C THR E 270 4.05 -49.79 -17.16
N GLY E 271 3.22 -49.32 -18.09
CA GLY E 271 1.92 -49.90 -18.31
C GLY E 271 0.85 -49.50 -17.32
N ALA E 272 1.17 -48.62 -16.37
CA ALA E 272 0.20 -48.22 -15.37
C ALA E 272 -0.74 -47.14 -15.92
N PHE E 273 -1.83 -46.93 -15.19
CA PHE E 273 -2.79 -45.90 -15.58
C PHE E 273 -2.16 -44.51 -15.42
N PHE E 274 -2.69 -43.55 -16.18
CA PHE E 274 -2.14 -42.20 -16.22
C PHE E 274 -3.28 -41.19 -16.18
N PHE E 275 -2.98 -40.00 -15.64
CA PHE E 275 -3.95 -38.91 -15.63
C PHE E 275 -3.17 -37.59 -15.73
N CYS E 276 -3.02 -37.10 -16.96
CA CYS E 276 -2.22 -35.90 -17.21
C CYS E 276 -3.02 -34.66 -16.83
N ILE E 277 -2.79 -34.16 -15.63
CA ILE E 277 -3.38 -32.90 -15.18
C ILE E 277 -2.48 -31.77 -15.65
N ASN E 278 -3.06 -30.62 -15.95
CA ASN E 278 -2.31 -29.42 -16.30
C ASN E 278 -2.59 -28.33 -15.28
N GLY E 279 -1.69 -27.36 -15.19
CA GLY E 279 -1.80 -26.30 -14.23
C GLY E 279 -2.84 -25.28 -14.61
N PRO E 280 -2.60 -24.54 -15.70
CA PRO E 280 -3.60 -23.56 -16.17
C PRO E 280 -4.93 -24.18 -16.51
N GLU E 281 -4.95 -25.43 -16.99
CA GLU E 281 -6.21 -26.07 -17.35
C GLU E 281 -7.13 -26.19 -16.14
N ILE E 282 -6.60 -26.63 -15.00
CA ILE E 282 -7.39 -26.65 -13.78
C ILE E 282 -7.64 -25.22 -13.30
N MET E 283 -6.65 -24.35 -13.42
CA MET E 283 -6.86 -22.95 -13.07
C MET E 283 -7.82 -22.24 -14.01
N SER E 284 -8.09 -22.81 -15.19
CA SER E 284 -9.06 -22.22 -16.11
C SER E 284 -10.50 -22.48 -15.71
N LYS E 285 -10.74 -23.47 -14.85
CA LYS E 285 -12.10 -23.81 -14.48
C LYS E 285 -12.68 -22.75 -13.54
N LEU E 286 -14.01 -22.67 -13.53
CA LEU E 286 -14.70 -21.73 -12.67
C LEU E 286 -14.60 -22.18 -11.21
N ALA E 287 -14.87 -21.24 -10.31
CA ALA E 287 -14.81 -21.53 -8.89
C ALA E 287 -15.77 -22.65 -8.53
N GLY E 288 -15.27 -23.62 -7.76
CA GLY E 288 -16.05 -24.79 -7.43
C GLY E 288 -15.76 -25.95 -8.36
N GLU E 289 -15.55 -25.64 -9.64
CA GLU E 289 -15.24 -26.68 -10.61
C GLU E 289 -13.82 -27.20 -10.49
N SER E 290 -12.90 -26.37 -9.98
CA SER E 290 -11.53 -26.82 -9.79
C SER E 290 -11.47 -27.96 -8.79
N GLU E 291 -12.11 -27.80 -7.64
CA GLU E 291 -12.12 -28.84 -6.62
C GLU E 291 -12.81 -30.10 -7.13
N SER E 292 -13.93 -29.94 -7.85
CA SER E 292 -14.64 -31.10 -8.37
C SER E 292 -13.78 -31.87 -9.38
N ASN E 293 -13.07 -31.14 -10.25
CA ASN E 293 -12.22 -31.80 -11.23
C ASN E 293 -11.05 -32.50 -10.55
N LEU E 294 -10.46 -31.88 -9.53
CA LEU E 294 -9.39 -32.53 -8.78
C LEU E 294 -9.89 -33.81 -8.11
N ARG E 295 -11.08 -33.75 -7.50
CA ARG E 295 -11.64 -34.94 -6.87
C ARG E 295 -11.90 -36.03 -7.88
N LYS E 296 -12.43 -35.67 -9.06
CA LYS E 296 -12.67 -36.66 -10.09
C LYS E 296 -11.37 -37.30 -10.57
N ALA E 297 -10.32 -36.48 -10.71
CA ALA E 297 -9.01 -37.02 -11.10
C ALA E 297 -8.49 -38.01 -10.06
N PHE E 298 -8.52 -37.62 -8.79
CA PHE E 298 -8.05 -38.50 -7.73
C PHE E 298 -8.85 -39.80 -7.68
N GLU E 299 -10.17 -39.70 -7.81
CA GLU E 299 -11.01 -40.89 -7.73
C GLU E 299 -10.81 -41.80 -8.93
N GLU E 300 -10.66 -41.23 -10.13
CA GLU E 300 -10.39 -42.05 -11.31
C GLU E 300 -9.04 -42.76 -11.17
N ALA E 301 -8.04 -42.06 -10.64
CA ALA E 301 -6.75 -42.71 -10.42
C ALA E 301 -6.87 -43.83 -9.39
N GLU E 302 -7.60 -43.59 -8.31
CA GLU E 302 -7.67 -44.58 -7.23
C GLU E 302 -8.46 -45.83 -7.65
N LYS E 303 -9.56 -45.65 -8.39
CA LYS E 303 -10.40 -46.78 -8.75
C LYS E 303 -9.74 -47.74 -9.74
N ASN E 304 -8.61 -47.36 -10.33
CA ASN E 304 -7.92 -48.18 -11.31
C ASN E 304 -6.45 -48.31 -10.97
N ALA E 305 -6.16 -48.62 -9.71
CA ALA E 305 -4.79 -48.79 -9.27
C ALA E 305 -4.15 -49.98 -10.00
N PRO E 306 -2.85 -49.89 -10.33
CA PRO E 306 -1.92 -48.78 -10.06
C PRO E 306 -2.14 -47.58 -10.99
N SER E 307 -1.97 -46.36 -10.48
CA SER E 307 -2.17 -45.16 -11.27
C SER E 307 -1.04 -44.18 -10.99
N ILE E 308 -0.83 -43.29 -11.95
CA ILE E 308 0.14 -42.22 -11.83
C ILE E 308 -0.57 -40.90 -12.12
N ILE E 309 -0.44 -39.93 -11.22
CA ILE E 309 -0.98 -38.60 -11.41
C ILE E 309 0.17 -37.66 -11.68
N PHE E 310 0.16 -37.03 -12.85
CA PHE E 310 1.15 -36.05 -13.23
C PHE E 310 0.52 -34.67 -13.22
N ILE E 311 1.23 -33.70 -12.64
CA ILE E 311 0.72 -32.35 -12.49
C ILE E 311 1.73 -31.42 -13.14
N ASP E 312 1.56 -31.15 -14.43
CA ASP E 312 2.47 -30.25 -15.12
C ASP E 312 2.29 -28.83 -14.60
N GLU E 313 3.39 -28.12 -14.46
CA GLU E 313 3.39 -26.76 -13.93
C GLU E 313 2.65 -26.68 -12.61
N ILE E 314 3.02 -27.58 -11.68
CA ILE E 314 2.43 -27.60 -10.35
C ILE E 314 2.62 -26.26 -9.65
N ASP E 315 3.68 -25.53 -10.01
CA ASP E 315 3.89 -24.21 -9.44
C ASP E 315 2.80 -23.22 -9.82
N SER E 316 2.12 -23.44 -10.96
CA SER E 316 1.09 -22.51 -11.39
C SER E 316 -0.14 -22.55 -10.49
N ILE E 317 -0.48 -23.72 -9.95
CA ILE E 317 -1.64 -23.87 -9.08
C ILE E 317 -1.27 -23.86 -7.61
N ALA E 318 0.01 -23.63 -7.28
CA ALA E 318 0.46 -23.58 -5.89
C ALA E 318 1.70 -22.71 -5.79
N PRO E 319 1.54 -21.40 -5.92
CA PRO E 319 2.69 -20.49 -5.83
C PRO E 319 3.04 -20.22 -4.37
N LYS E 320 4.03 -19.33 -4.17
CA LYS E 320 4.45 -18.98 -2.83
C LYS E 320 3.37 -18.16 -2.14
N ARG E 321 3.34 -18.24 -0.80
CA ARG E 321 2.20 -17.75 -0.04
C ARG E 321 2.00 -16.25 -0.21
N GLU E 322 3.09 -15.47 -0.17
CA GLU E 322 2.96 -14.03 -0.26
C GLU E 322 2.49 -13.56 -1.64
N LYS E 323 2.48 -14.45 -2.63
CA LYS E 323 2.07 -14.09 -3.98
C LYS E 323 0.71 -14.69 -4.36
N THR E 324 0.00 -15.27 -3.39
CA THR E 324 -1.29 -15.91 -3.64
C THR E 324 -2.32 -15.48 -2.59
N ASN E 325 -2.40 -14.17 -2.34
CA ASN E 325 -3.34 -13.66 -1.34
C ASN E 325 -4.79 -13.76 -1.79
N GLY E 326 -5.06 -14.10 -3.05
CA GLY E 326 -6.42 -14.26 -3.50
C GLY E 326 -7.13 -15.39 -2.76
N GLU E 327 -8.43 -15.18 -2.53
CA GLU E 327 -9.20 -16.13 -1.72
C GLU E 327 -9.35 -17.47 -2.43
N VAL E 328 -9.75 -17.45 -3.70
CA VAL E 328 -9.92 -18.70 -4.44
C VAL E 328 -8.59 -19.40 -4.65
N GLU E 329 -7.51 -18.65 -4.85
CA GLU E 329 -6.20 -19.25 -4.97
C GLU E 329 -5.79 -19.97 -3.68
N ARG E 330 -6.03 -19.34 -2.53
CA ARG E 330 -5.76 -20.01 -1.26
C ARG E 330 -6.66 -21.22 -1.10
N ARG E 331 -7.91 -21.13 -1.57
CA ARG E 331 -8.83 -22.26 -1.47
C ARG E 331 -8.32 -23.46 -2.25
N ILE E 332 -7.88 -23.24 -3.50
CA ILE E 332 -7.40 -24.36 -4.30
C ILE E 332 -6.08 -24.89 -3.75
N VAL E 333 -5.21 -24.01 -3.25
CA VAL E 333 -3.96 -24.47 -2.66
C VAL E 333 -4.23 -25.35 -1.45
N SER E 334 -5.14 -24.92 -0.58
CA SER E 334 -5.43 -25.70 0.62
C SER E 334 -6.16 -26.99 0.29
N GLN E 335 -7.03 -26.99 -0.72
CA GLN E 335 -7.66 -28.23 -1.15
C GLN E 335 -6.61 -29.20 -1.68
N LEU E 336 -5.64 -28.70 -2.44
CA LEU E 336 -4.55 -29.55 -2.91
C LEU E 336 -3.75 -30.12 -1.74
N LEU E 337 -3.46 -29.29 -0.74
CA LEU E 337 -2.74 -29.75 0.44
C LEU E 337 -3.51 -30.85 1.18
N THR E 338 -4.81 -30.62 1.38
CA THR E 338 -5.62 -31.60 2.10
C THR E 338 -5.72 -32.91 1.35
N LEU E 339 -5.89 -32.86 0.03
CA LEU E 339 -5.90 -34.09 -0.76
C LEU E 339 -4.54 -34.78 -0.71
N MET E 340 -3.46 -34.00 -0.77
CA MET E 340 -2.12 -34.59 -0.76
C MET E 340 -1.84 -35.30 0.56
N ASP E 341 -2.25 -34.70 1.68
CA ASP E 341 -2.12 -35.38 2.96
C ASP E 341 -3.01 -36.61 3.05
N GLY E 342 -3.96 -36.77 2.13
CA GLY E 342 -4.82 -37.92 2.05
C GLY E 342 -4.30 -39.06 1.19
N LEU E 343 -3.00 -39.06 0.88
CA LEU E 343 -2.41 -40.16 0.11
C LEU E 343 -2.34 -41.46 0.89
N LYS E 344 -2.91 -41.52 2.10
CA LYS E 344 -2.96 -42.76 2.85
C LYS E 344 -3.85 -43.80 2.21
N SER E 345 -4.63 -43.42 1.19
CA SER E 345 -5.41 -44.40 0.43
C SER E 345 -4.50 -45.51 -0.10
N ARG E 346 -3.28 -45.17 -0.48
CA ARG E 346 -2.23 -46.14 -0.80
C ARG E 346 -2.62 -47.05 -1.96
N ALA E 347 -3.35 -46.51 -2.93
CA ALA E 347 -3.64 -47.27 -4.14
C ALA E 347 -2.58 -46.99 -5.21
N HIS E 348 -1.31 -47.09 -4.78
CA HIS E 348 -0.15 -46.86 -5.65
C HIS E 348 -0.27 -45.57 -6.44
N VAL E 349 -0.96 -44.58 -5.90
CA VAL E 349 -1.09 -43.28 -6.54
C VAL E 349 0.22 -42.53 -6.34
N ILE E 350 0.93 -42.27 -7.43
CA ILE E 350 2.27 -41.69 -7.37
C ILE E 350 2.25 -40.30 -7.98
N VAL E 351 2.04 -39.28 -7.15
CA VAL E 351 2.01 -37.91 -7.65
C VAL E 351 3.39 -37.52 -8.13
N MET E 352 3.47 -36.93 -9.33
CA MET E 352 4.73 -36.49 -9.94
C MET E 352 4.58 -35.03 -10.34
N GLY E 353 4.85 -34.12 -9.41
CA GLY E 353 4.83 -32.72 -9.73
C GLY E 353 5.98 -32.34 -10.65
N ALA E 354 5.77 -31.31 -11.45
CA ALA E 354 6.79 -30.87 -12.41
C ALA E 354 6.80 -29.35 -12.47
N THR E 355 7.62 -28.73 -11.62
CA THR E 355 7.85 -27.30 -11.66
C THR E 355 9.12 -27.02 -12.44
N ASN E 356 9.56 -25.76 -12.42
CA ASN E 356 10.83 -25.38 -13.01
C ASN E 356 11.78 -24.68 -12.04
N ARG E 357 11.26 -23.95 -11.06
CA ARG E 357 12.08 -23.31 -10.05
C ARG E 357 11.69 -23.87 -8.69
N PRO E 358 12.60 -24.55 -7.98
CA PRO E 358 12.22 -25.16 -6.70
C PRO E 358 11.80 -24.15 -5.64
N ASN E 359 12.27 -22.91 -5.74
CA ASN E 359 11.87 -21.88 -4.77
C ASN E 359 10.45 -21.39 -5.00
N SER E 360 9.90 -21.59 -6.21
CA SER E 360 8.61 -21.01 -6.53
C SER E 360 7.46 -21.76 -5.86
N ILE E 361 7.62 -23.06 -5.62
CA ILE E 361 6.59 -23.84 -4.94
C ILE E 361 6.51 -23.40 -3.49
N ASP E 362 5.28 -23.35 -2.97
CA ASP E 362 5.06 -23.04 -1.57
C ASP E 362 5.75 -24.10 -0.71
N PRO E 363 6.65 -23.72 0.20
CA PRO E 363 7.39 -24.71 0.99
C PRO E 363 6.51 -25.66 1.80
N ALA E 364 5.22 -25.39 1.91
CA ALA E 364 4.32 -26.30 2.60
C ALA E 364 4.11 -27.61 1.84
N LEU E 365 4.56 -27.70 0.60
CA LEU E 365 4.43 -28.91 -0.21
C LEU E 365 5.68 -29.78 -0.17
N ARG E 366 6.62 -29.49 0.72
CA ARG E 366 7.86 -30.26 0.81
C ARG E 366 8.15 -30.66 2.25
N ARG E 367 7.12 -31.07 2.98
CA ARG E 367 7.29 -31.64 4.31
C ARG E 367 7.40 -33.15 4.19
N PHE E 368 7.34 -33.85 5.32
CA PHE E 368 7.31 -35.31 5.27
C PHE E 368 6.01 -35.78 4.65
N GLY E 369 6.09 -36.86 3.89
CA GLY E 369 4.95 -37.18 3.06
C GLY E 369 4.86 -36.17 1.94
N ARG E 370 3.68 -36.13 1.31
CA ARG E 370 3.40 -35.21 0.21
C ARG E 370 4.44 -35.45 -0.87
N PHE E 371 5.29 -34.47 -1.21
CA PHE E 371 6.34 -34.67 -2.21
C PHE E 371 7.63 -34.99 -1.46
N ASP E 372 7.95 -36.27 -1.35
CA ASP E 372 9.08 -36.74 -0.57
C ASP E 372 10.39 -36.77 -1.36
N ARG E 373 10.39 -36.34 -2.61
CA ARG E 373 11.58 -36.38 -3.43
C ARG E 373 11.69 -35.09 -4.24
N GLU E 374 12.91 -34.79 -4.67
CA GLU E 374 13.18 -33.68 -5.57
C GLU E 374 14.23 -34.14 -6.56
N ILE E 375 13.86 -34.23 -7.83
CA ILE E 375 14.76 -34.70 -8.87
C ILE E 375 15.08 -33.55 -9.80
N ASP E 376 16.37 -33.24 -9.94
CA ASP E 376 16.84 -32.11 -10.72
C ASP E 376 17.18 -32.60 -12.12
N ILE E 377 16.33 -32.25 -13.10
CA ILE E 377 16.59 -32.55 -14.50
C ILE E 377 17.36 -31.37 -15.07
N GLY E 378 18.69 -31.47 -15.08
CA GLY E 378 19.54 -30.40 -15.53
C GLY E 378 19.79 -30.42 -17.02
N VAL E 379 20.53 -29.43 -17.47
CA VAL E 379 20.89 -29.32 -18.89
C VAL E 379 21.81 -30.48 -19.26
N PRO E 380 21.56 -31.19 -20.35
CA PRO E 380 22.42 -32.33 -20.70
C PRO E 380 23.83 -31.89 -21.04
N ASP E 381 24.77 -32.79 -20.81
CA ASP E 381 26.18 -32.57 -21.14
C ASP E 381 26.40 -32.83 -22.63
N GLU E 382 27.67 -32.90 -23.03
CA GLU E 382 27.99 -33.06 -24.45
C GLU E 382 27.42 -34.36 -25.01
N ILE E 383 27.60 -35.47 -24.29
CA ILE E 383 27.07 -36.74 -24.75
C ILE E 383 25.55 -36.72 -24.77
N GLY E 384 24.94 -36.04 -23.81
CA GLY E 384 23.48 -35.91 -23.82
C GLY E 384 22.97 -35.14 -25.02
N ARG E 385 23.65 -34.04 -25.36
CA ARG E 385 23.28 -33.27 -26.55
C ARG E 385 23.44 -34.12 -27.80
N LEU E 386 24.53 -34.87 -27.89
CA LEU E 386 24.72 -35.76 -29.03
C LEU E 386 23.60 -36.80 -29.11
N GLU E 387 23.20 -37.35 -27.96
CA GLU E 387 22.16 -38.36 -27.96
C GLU E 387 20.81 -37.80 -28.39
N VAL E 388 20.43 -36.63 -27.88
CA VAL E 388 19.15 -36.07 -28.26
C VAL E 388 19.15 -35.66 -29.72
N LEU E 389 20.29 -35.15 -30.21
CA LEU E 389 20.39 -34.84 -31.64
C LEU E 389 20.27 -36.10 -32.49
N ARG E 390 20.87 -37.20 -32.04
CA ARG E 390 20.73 -38.46 -32.78
C ARG E 390 19.29 -38.96 -32.74
N ILE E 391 18.57 -38.69 -31.65
CA ILE E 391 17.17 -39.07 -31.57
C ILE E 391 16.35 -38.26 -32.57
N HIS E 392 16.60 -36.95 -32.64
CA HIS E 392 15.77 -36.10 -33.49
C HIS E 392 16.12 -36.23 -34.97
N THR E 393 17.40 -36.43 -35.29
CA THR E 393 17.81 -36.48 -36.70
C THR E 393 17.25 -37.67 -37.44
N LYS E 394 16.78 -38.70 -36.75
CA LYS E 394 16.19 -39.83 -37.42
C LYS E 394 14.84 -39.45 -38.05
N ASN E 395 14.36 -40.30 -38.94
CA ASN E 395 13.11 -40.07 -39.67
C ASN E 395 13.16 -38.80 -40.51
N MET E 396 14.35 -38.46 -41.01
CA MET E 396 14.52 -37.33 -41.91
C MET E 396 15.40 -37.75 -43.07
N LYS E 397 15.23 -37.06 -44.21
CA LYS E 397 16.00 -37.37 -45.40
C LYS E 397 17.36 -36.68 -45.36
N LEU E 398 18.11 -36.87 -44.29
CA LEU E 398 19.44 -36.30 -44.18
C LEU E 398 20.42 -37.09 -45.04
N ALA E 399 21.40 -36.38 -45.61
CA ALA E 399 22.38 -37.01 -46.46
C ALA E 399 23.37 -37.83 -45.63
N GLU E 400 24.29 -38.50 -46.31
CA GLU E 400 25.26 -39.37 -45.68
C GLU E 400 26.61 -38.68 -45.45
N ASP E 401 26.62 -37.36 -45.29
CA ASP E 401 27.84 -36.61 -45.02
C ASP E 401 27.65 -35.65 -43.85
N VAL E 402 26.74 -35.98 -42.94
CA VAL E 402 26.51 -35.14 -41.78
C VAL E 402 27.61 -35.34 -40.75
N ASP E 403 27.71 -34.39 -39.82
CA ASP E 403 28.73 -34.44 -38.76
C ASP E 403 28.07 -33.96 -37.47
N LEU E 404 27.55 -34.91 -36.68
CA LEU E 404 26.87 -34.56 -35.44
C LEU E 404 27.83 -34.18 -34.33
N GLU E 405 29.07 -34.69 -34.37
CA GLU E 405 30.02 -34.42 -33.29
C GLU E 405 30.36 -32.95 -33.21
N ARG E 406 30.65 -32.32 -34.35
CA ARG E 406 30.98 -30.90 -34.34
C ARG E 406 29.80 -30.06 -33.91
N ILE E 407 28.59 -30.43 -34.35
CA ILE E 407 27.39 -29.71 -33.94
C ILE E 407 27.22 -29.79 -32.43
N SER E 408 27.41 -30.98 -31.86
CA SER E 408 27.28 -31.14 -30.41
C SER E 408 28.34 -30.33 -29.68
N LYS E 409 29.56 -30.31 -30.22
CA LYS E 409 30.64 -29.54 -29.58
C LYS E 409 30.34 -28.04 -29.59
N ASP E 410 29.77 -27.54 -30.69
CA ASP E 410 29.51 -26.11 -30.79
C ASP E 410 28.40 -25.68 -29.83
N THR E 411 27.32 -26.45 -29.78
CA THR E 411 26.15 -26.06 -29.00
C THR E 411 26.43 -26.17 -27.51
N HIS E 412 26.41 -25.03 -26.81
CA HIS E 412 26.57 -25.00 -25.36
C HIS E 412 25.48 -24.13 -24.77
N GLY E 413 25.04 -24.50 -23.57
CA GLY E 413 23.89 -23.84 -22.97
C GLY E 413 22.57 -24.19 -23.64
N TYR E 414 22.51 -25.32 -24.34
CA TYR E 414 21.33 -25.72 -25.08
C TYR E 414 20.59 -26.82 -24.32
N VAL E 415 19.27 -26.72 -24.31
CA VAL E 415 18.41 -27.73 -23.71
C VAL E 415 17.75 -28.52 -24.83
N GLY E 416 17.01 -29.57 -24.45
CA GLY E 416 16.43 -30.46 -25.45
C GLY E 416 15.49 -29.75 -26.41
N ALA E 417 14.67 -28.83 -25.89
CA ALA E 417 13.76 -28.10 -26.75
C ALA E 417 14.51 -27.26 -27.78
N ASP E 418 15.63 -26.67 -27.38
CA ASP E 418 16.41 -25.86 -28.32
C ASP E 418 16.96 -26.70 -29.46
N LEU E 419 17.42 -27.92 -29.17
CA LEU E 419 17.92 -28.78 -30.24
C LEU E 419 16.78 -29.28 -31.12
N ALA E 420 15.61 -29.54 -30.52
CA ALA E 420 14.44 -29.88 -31.32
C ALA E 420 14.08 -28.76 -32.27
N ALA E 421 14.25 -27.51 -31.83
CA ALA E 421 14.02 -26.37 -32.73
C ALA E 421 15.15 -26.23 -33.74
N LEU E 422 16.38 -26.61 -33.37
CA LEU E 422 17.51 -26.50 -34.27
C LEU E 422 17.37 -27.43 -35.47
N CYS E 423 16.92 -28.66 -35.23
CA CYS E 423 16.71 -29.57 -36.35
C CYS E 423 15.64 -29.03 -37.30
N THR E 424 14.56 -28.48 -36.75
CA THR E 424 13.52 -27.87 -37.59
C THR E 424 14.06 -26.68 -38.36
N GLU E 425 14.90 -25.86 -37.72
CA GLU E 425 15.50 -24.72 -38.40
C GLU E 425 16.40 -25.17 -39.55
N ALA E 426 17.17 -26.24 -39.34
CA ALA E 426 18.00 -26.76 -40.41
C ALA E 426 17.14 -27.26 -41.58
N ALA E 427 16.06 -27.97 -41.28
CA ALA E 427 15.18 -28.43 -42.35
C ALA E 427 14.53 -27.26 -43.07
N LEU E 428 14.17 -26.22 -42.34
CA LEU E 428 13.57 -25.04 -42.96
C LEU E 428 14.57 -24.33 -43.87
N GLN E 429 15.83 -24.25 -43.45
CA GLN E 429 16.86 -23.69 -44.33
C GLN E 429 17.04 -24.56 -45.56
N CYS E 430 16.95 -25.88 -45.39
CA CYS E 430 17.07 -26.78 -46.53
C CYS E 430 15.95 -26.55 -47.54
N ILE E 431 14.72 -26.39 -47.07
CA ILE E 431 13.63 -26.14 -48.00
C ILE E 431 13.69 -24.73 -48.57
N ARG E 432 14.25 -23.77 -47.82
CA ARG E 432 14.38 -22.41 -48.33
C ARG E 432 15.42 -22.33 -49.44
N GLU E 433 16.51 -23.09 -49.32
CA GLU E 433 17.56 -23.05 -50.33
C GLU E 433 17.12 -23.65 -51.65
N LYS E 434 16.07 -24.47 -51.66
CA LYS E 434 15.58 -25.09 -52.88
C LYS E 434 14.45 -24.31 -53.52
N MET E 435 14.14 -23.12 -53.03
CA MET E 435 13.08 -22.29 -53.59
C MET E 435 13.47 -21.59 -54.88
N ASP E 436 14.72 -21.75 -55.33
CA ASP E 436 15.12 -21.15 -56.61
C ASP E 436 14.32 -21.72 -57.77
N VAL E 437 14.07 -23.03 -57.75
CA VAL E 437 13.24 -23.65 -58.77
C VAL E 437 11.76 -23.59 -58.42
N ILE E 438 11.42 -23.56 -57.13
CA ILE E 438 10.02 -23.56 -56.72
C ILE E 438 9.42 -22.18 -56.97
N ASP E 439 8.28 -22.14 -57.64
CA ASP E 439 7.54 -20.91 -57.88
C ASP E 439 6.20 -21.00 -57.16
N LEU E 440 5.88 -19.98 -56.37
CA LEU E 440 4.64 -19.96 -55.60
C LEU E 440 3.45 -19.48 -56.42
N GLU E 441 3.65 -19.07 -57.67
CA GLU E 441 2.53 -18.74 -58.54
C GLU E 441 1.64 -19.94 -58.83
N ASP E 442 2.21 -21.15 -58.77
CA ASP E 442 1.47 -22.37 -59.07
C ASP E 442 1.01 -23.03 -57.77
N ASP E 443 -0.13 -23.73 -57.86
CA ASP E 443 -0.67 -24.48 -56.74
C ASP E 443 -0.20 -25.92 -56.70
N SER E 444 0.67 -26.32 -57.63
CA SER E 444 1.21 -27.67 -57.67
C SER E 444 2.72 -27.62 -57.85
N ILE E 445 3.40 -28.59 -57.27
CA ILE E 445 4.86 -28.70 -57.34
C ILE E 445 5.22 -30.09 -57.84
N ASP E 446 6.24 -30.15 -58.71
CA ASP E 446 6.68 -31.43 -59.24
C ASP E 446 7.20 -32.32 -58.12
N ALA E 447 6.92 -33.62 -58.24
CA ALA E 447 7.36 -34.58 -57.22
C ALA E 447 8.87 -34.71 -57.15
N GLU E 448 9.58 -34.31 -58.21
CA GLU E 448 11.04 -34.36 -58.19
C GLU E 448 11.61 -33.46 -57.10
N ILE E 449 11.05 -32.27 -56.94
CA ILE E 449 11.53 -31.35 -55.91
C ILE E 449 11.32 -31.94 -54.54
N LEU E 450 10.16 -32.56 -54.30
CA LEU E 450 9.90 -33.19 -53.01
C LEU E 450 10.83 -34.36 -52.76
N ASN E 451 11.14 -35.14 -53.80
CA ASN E 451 11.97 -36.32 -53.65
C ASN E 451 13.47 -36.01 -53.65
N SER E 452 13.87 -34.80 -54.04
CA SER E 452 15.27 -34.45 -54.15
C SER E 452 15.82 -33.76 -52.91
N MET E 453 15.03 -33.65 -51.85
CA MET E 453 15.47 -32.90 -50.67
C MET E 453 16.53 -33.68 -49.91
N ALA E 454 17.63 -33.00 -49.59
CA ALA E 454 18.73 -33.60 -48.84
C ALA E 454 19.33 -32.56 -47.92
N VAL E 455 19.78 -32.99 -46.75
CA VAL E 455 20.29 -32.10 -45.71
C VAL E 455 21.78 -32.31 -45.57
N THR E 456 22.53 -31.20 -45.56
CA THR E 456 23.98 -31.21 -45.48
C THR E 456 24.43 -30.46 -44.22
N ASN E 457 25.73 -30.48 -43.95
CA ASN E 457 26.25 -29.88 -42.74
C ASN E 457 26.21 -28.35 -42.78
N GLU E 458 26.37 -27.77 -43.97
CA GLU E 458 26.27 -26.31 -44.08
C GLU E 458 24.89 -25.82 -43.67
N HIS E 459 23.85 -26.64 -43.90
CA HIS E 459 22.52 -26.29 -43.41
C HIS E 459 22.51 -26.20 -41.89
N PHE E 460 23.17 -27.15 -41.22
CA PHE E 460 23.21 -27.10 -39.76
C PHE E 460 24.03 -25.92 -39.27
N HIS E 461 25.09 -25.56 -39.97
CA HIS E 461 25.85 -24.37 -39.59
C HIS E 461 24.99 -23.11 -39.75
N THR E 462 24.22 -23.03 -40.84
CA THR E 462 23.32 -21.90 -41.02
C THR E 462 22.26 -21.84 -39.93
N ALA E 463 21.68 -22.99 -39.58
CA ALA E 463 20.67 -23.02 -38.53
C ALA E 463 21.26 -22.61 -37.20
N LEU E 464 22.45 -23.11 -36.87
CA LEU E 464 23.09 -22.77 -35.60
C LEU E 464 23.43 -21.28 -35.56
N GLY E 465 23.87 -20.71 -36.67
CA GLY E 465 24.13 -19.28 -36.72
C GLY E 465 22.88 -18.43 -36.63
N ASN E 466 21.72 -19.00 -36.95
CA ASN E 466 20.46 -18.29 -36.91
C ASN E 466 19.63 -18.65 -35.67
N SER E 467 20.21 -19.36 -34.71
CA SER E 467 19.50 -19.78 -33.51
C SER E 467 20.23 -19.26 -32.28
N ASN E 468 19.51 -19.26 -31.15
CA ASN E 468 20.04 -18.75 -29.90
C ASN E 468 19.72 -19.69 -28.75
N PRO E 469 20.68 -19.93 -27.86
CA PRO E 469 20.42 -20.81 -26.72
C PRO E 469 19.54 -20.13 -25.68
N SER E 470 18.98 -20.96 -24.79
CA SER E 470 18.03 -20.49 -23.79
C SER E 470 18.56 -20.54 -22.37
N ALA E 471 19.55 -21.39 -22.08
CA ALA E 471 19.97 -21.60 -20.70
C ALA E 471 21.46 -21.38 -20.52
N LEU E 472 22.00 -20.28 -21.06
CA LEU E 472 23.40 -19.94 -20.80
C LEU E 472 23.62 -19.45 -19.38
N ARG E 473 22.56 -19.06 -18.68
CA ARG E 473 22.68 -18.45 -17.36
C ARG E 473 22.79 -19.46 -16.23
N GLU E 474 22.56 -20.74 -16.50
CA GLU E 474 22.54 -21.74 -15.45
C GLU E 474 23.95 -22.04 -14.95
N THR E 475 24.03 -22.48 -13.69
CA THR E 475 25.31 -22.87 -13.09
C THR E 475 25.60 -24.31 -13.50
N VAL E 476 26.14 -24.45 -14.72
CA VAL E 476 26.38 -25.77 -15.29
C VAL E 476 27.39 -26.53 -14.45
N VAL E 477 27.15 -27.84 -14.32
CA VAL E 477 27.98 -28.72 -13.50
C VAL E 477 28.35 -29.93 -14.33
N GLU E 478 29.65 -30.12 -14.54
CA GLU E 478 30.16 -31.32 -15.20
C GLU E 478 31.65 -31.41 -14.92
N VAL E 479 32.18 -32.63 -15.02
CA VAL E 479 33.61 -32.87 -14.80
C VAL E 479 34.40 -32.17 -15.89
N PRO E 480 35.37 -31.32 -15.54
CA PRO E 480 36.15 -30.63 -16.57
C PRO E 480 37.05 -31.57 -17.36
N ASN E 481 37.79 -31.02 -18.32
CA ASN E 481 38.58 -31.83 -19.24
C ASN E 481 40.08 -31.60 -19.12
N VAL E 482 40.52 -30.46 -18.59
CA VAL E 482 41.94 -30.13 -18.58
C VAL E 482 42.70 -31.11 -17.70
N SER E 483 43.83 -31.58 -18.21
CA SER E 483 44.69 -32.53 -17.49
C SER E 483 46.02 -31.87 -17.15
N TRP E 484 46.84 -32.62 -16.42
CA TRP E 484 48.13 -32.11 -15.98
C TRP E 484 49.09 -31.84 -17.14
N ASN E 485 48.81 -32.39 -18.32
CA ASN E 485 49.65 -32.11 -19.48
C ASN E 485 49.64 -30.64 -19.83
N ASP E 486 48.46 -30.01 -19.78
CA ASP E 486 48.37 -28.57 -20.02
C ASP E 486 49.09 -27.78 -18.94
N ILE E 487 49.06 -28.28 -17.71
CA ILE E 487 49.64 -27.55 -16.58
C ILE E 487 51.13 -27.33 -16.81
N GLY E 488 51.56 -26.08 -16.73
CA GLY E 488 52.94 -25.71 -16.98
C GLY E 488 53.86 -25.87 -15.78
N GLY E 489 54.21 -27.11 -15.46
CA GLY E 489 55.12 -27.35 -14.35
C GLY E 489 54.38 -27.35 -13.03
N LEU E 490 54.90 -26.61 -12.05
CA LEU E 490 54.30 -26.50 -10.73
C LEU E 490 54.08 -27.87 -10.09
N GLU E 491 55.13 -28.70 -10.15
CA GLU E 491 55.02 -30.06 -9.65
C GLU E 491 54.83 -30.11 -8.14
N ASN E 492 55.42 -29.17 -7.40
CA ASN E 492 55.22 -29.14 -5.95
C ASN E 492 53.77 -28.86 -5.60
N VAL E 493 53.15 -27.90 -6.29
CA VAL E 493 51.76 -27.58 -6.03
C VAL E 493 50.86 -28.75 -6.39
N LYS E 494 51.16 -29.43 -7.50
CA LYS E 494 50.39 -30.63 -7.86
C LYS E 494 50.53 -31.71 -6.80
N ARG E 495 51.75 -31.94 -6.32
CA ARG E 495 51.98 -32.95 -5.29
C ARG E 495 51.20 -32.64 -4.02
N GLU E 496 51.20 -31.37 -3.60
CA GLU E 496 50.47 -31.01 -2.39
C GLU E 496 48.95 -31.10 -2.61
N LEU E 497 48.47 -30.59 -3.75
CA LEU E 497 47.03 -30.54 -3.99
C LEU E 497 46.46 -31.94 -4.16
N GLN E 498 47.20 -32.85 -4.79
CA GLN E 498 46.70 -34.21 -4.95
C GLN E 498 46.49 -34.87 -3.60
N GLU E 499 47.50 -34.86 -2.74
CA GLU E 499 47.37 -35.46 -1.41
C GLU E 499 46.39 -34.71 -0.53
N THR E 500 46.09 -33.45 -0.83
CA THR E 500 45.12 -32.71 -0.04
C THR E 500 43.68 -32.90 -0.52
N VAL E 501 43.47 -33.28 -1.78
CA VAL E 501 42.11 -33.36 -2.31
C VAL E 501 41.73 -34.78 -2.69
N GLN E 502 42.53 -35.42 -3.55
CA GLN E 502 42.14 -36.73 -4.06
C GLN E 502 42.16 -37.79 -2.96
N TYR E 503 43.19 -37.79 -2.12
CA TYR E 503 43.30 -38.83 -1.09
C TYR E 503 42.17 -38.82 -0.07
N PRO E 504 41.75 -37.67 0.48
CA PRO E 504 40.68 -37.72 1.49
C PRO E 504 39.35 -38.25 0.97
N VAL E 505 39.12 -38.24 -0.33
CA VAL E 505 37.89 -38.78 -0.92
C VAL E 505 38.10 -40.18 -1.49
N GLU E 506 39.19 -40.37 -2.25
CA GLU E 506 39.45 -41.68 -2.84
C GLU E 506 39.75 -42.72 -1.76
N HIS E 507 40.50 -42.35 -0.73
CA HIS E 507 40.94 -43.27 0.31
C HIS E 507 40.59 -42.73 1.68
N PRO E 508 39.31 -42.76 2.05
CA PRO E 508 38.93 -42.32 3.40
C PRO E 508 39.21 -43.34 4.48
N GLU E 509 39.56 -44.58 4.11
CA GLU E 509 39.79 -45.61 5.10
C GLU E 509 40.98 -45.28 6.01
N LYS E 510 42.07 -44.76 5.42
CA LYS E 510 43.21 -44.37 6.24
C LYS E 510 42.84 -43.25 7.21
N PHE E 511 42.08 -42.26 6.73
CA PHE E 511 41.69 -41.15 7.58
C PHE E 511 40.81 -41.61 8.74
N GLU E 512 39.85 -42.51 8.46
CA GLU E 512 39.00 -42.98 9.55
C GLU E 512 39.75 -43.89 10.50
N LYS E 513 40.72 -44.68 10.00
CA LYS E 513 41.54 -45.49 10.89
C LYS E 513 42.38 -44.63 11.81
N PHE E 514 42.98 -43.56 11.28
CA PHE E 514 43.69 -42.62 12.14
C PHE E 514 42.73 -41.77 12.95
N GLY E 515 41.51 -41.57 12.46
CA GLY E 515 40.52 -40.79 13.19
C GLY E 515 40.77 -39.31 13.21
N MET E 516 41.60 -38.80 12.31
CA MET E 516 41.88 -37.37 12.20
C MET E 516 41.21 -36.87 10.93
N SER E 517 40.14 -36.10 11.10
CA SER E 517 39.33 -35.68 9.96
C SER E 517 40.10 -34.67 9.10
N PRO E 518 39.99 -34.76 7.77
CA PRO E 518 40.65 -33.79 6.91
C PRO E 518 39.89 -32.47 6.88
N SER E 519 40.59 -31.44 6.40
CA SER E 519 40.01 -30.11 6.23
C SER E 519 39.52 -29.94 4.79
N LYS E 520 38.58 -29.03 4.62
CA LYS E 520 37.88 -28.84 3.36
C LYS E 520 37.97 -27.39 2.89
N GLY E 521 39.18 -26.83 2.92
CA GLY E 521 39.39 -25.49 2.40
C GLY E 521 40.78 -25.29 1.86
N VAL E 522 40.88 -24.83 0.62
CA VAL E 522 42.15 -24.51 -0.01
C VAL E 522 42.01 -23.16 -0.68
N LEU E 523 42.98 -22.28 -0.48
CA LEU E 523 42.92 -20.93 -1.03
C LEU E 523 44.16 -20.66 -1.87
N PHE E 524 43.96 -20.13 -3.07
CA PHE E 524 45.04 -19.78 -3.97
C PHE E 524 45.25 -18.26 -3.96
N TYR E 525 46.50 -17.85 -3.96
CA TYR E 525 46.82 -16.43 -4.04
C TYR E 525 48.11 -16.26 -4.83
N GLY E 526 48.09 -15.35 -5.81
CA GLY E 526 49.23 -15.12 -6.65
C GLY E 526 48.98 -14.03 -7.67
N PRO E 527 49.99 -13.72 -8.48
CA PRO E 527 49.82 -12.71 -9.51
C PRO E 527 48.82 -13.18 -10.55
N PRO E 528 48.10 -12.25 -11.18
CA PRO E 528 47.06 -12.64 -12.13
C PRO E 528 47.62 -13.43 -13.30
N GLY E 529 46.84 -14.41 -13.76
CA GLY E 529 47.22 -15.21 -14.91
C GLY E 529 48.44 -16.08 -14.66
N CYS E 530 48.30 -17.06 -13.77
CA CYS E 530 49.40 -17.99 -13.52
C CYS E 530 48.94 -19.44 -13.40
N GLY E 531 47.67 -19.74 -13.61
CA GLY E 531 47.22 -21.11 -13.62
C GLY E 531 46.37 -21.51 -12.43
N LYS E 532 45.65 -20.55 -11.85
CA LYS E 532 44.80 -20.86 -10.71
C LYS E 532 43.56 -21.65 -11.16
N THR E 533 42.78 -21.07 -12.06
CA THR E 533 41.61 -21.78 -12.58
C THR E 533 42.01 -23.04 -13.30
N LEU E 534 43.15 -23.00 -14.02
CA LEU E 534 43.64 -24.21 -14.68
C LEU E 534 43.95 -25.30 -13.66
N LEU E 535 44.60 -24.94 -12.55
CA LEU E 535 44.88 -25.92 -11.52
C LEU E 535 43.61 -26.50 -10.91
N ALA E 536 42.63 -25.63 -10.63
CA ALA E 536 41.38 -26.10 -10.05
C ALA E 536 40.65 -27.05 -10.98
N LYS E 537 40.58 -26.71 -12.27
CA LYS E 537 39.91 -27.59 -13.21
C LYS E 537 40.69 -28.88 -13.42
N ALA E 538 42.01 -28.82 -13.39
CA ALA E 538 42.81 -30.03 -13.54
C ALA E 538 42.57 -30.99 -12.38
N ILE E 539 42.57 -30.48 -11.15
CA ILE E 539 42.34 -31.35 -10.01
C ILE E 539 40.90 -31.85 -9.98
N ALA E 540 39.96 -31.04 -10.47
CA ALA E 540 38.59 -31.51 -10.60
C ALA E 540 38.49 -32.65 -11.60
N ASN E 541 39.23 -32.55 -12.71
CA ASN E 541 39.19 -33.58 -13.73
C ASN E 541 39.86 -34.87 -13.27
N GLU E 542 41.01 -34.75 -12.59
CA GLU E 542 41.72 -35.94 -12.15
C GLU E 542 40.91 -36.73 -11.12
N CYS E 543 40.25 -36.03 -10.20
CA CYS E 543 39.44 -36.69 -9.19
C CYS E 543 38.09 -37.13 -9.72
N GLN E 544 37.74 -36.76 -10.96
CA GLN E 544 36.46 -37.12 -11.58
C GLN E 544 35.27 -36.60 -10.76
N ALA E 545 35.47 -35.46 -10.09
CA ALA E 545 34.43 -34.86 -9.26
C ALA E 545 33.79 -33.69 -9.98
N ASN E 546 32.55 -33.39 -9.61
CA ASN E 546 31.83 -32.27 -10.20
C ASN E 546 32.51 -30.96 -9.87
N PHE E 547 32.38 -29.99 -10.76
CA PHE E 547 33.03 -28.70 -10.63
C PHE E 547 31.99 -27.60 -10.78
N ILE E 548 31.95 -26.69 -9.82
CA ILE E 548 30.99 -25.59 -9.83
C ILE E 548 31.75 -24.28 -9.68
N SER E 549 31.80 -23.49 -10.75
CA SER E 549 32.54 -22.23 -10.75
C SER E 549 31.58 -21.09 -10.46
N VAL E 550 31.83 -20.36 -9.37
CA VAL E 550 31.03 -19.20 -9.01
C VAL E 550 31.97 -18.00 -8.90
N LYS E 551 31.63 -16.93 -9.60
CA LYS E 551 32.44 -15.71 -9.59
C LYS E 551 31.88 -14.70 -8.60
N GLY E 552 32.72 -13.73 -8.24
CA GLY E 552 32.30 -12.62 -7.42
C GLY E 552 31.24 -11.76 -8.08
N PRO E 553 31.45 -11.39 -9.34
CA PRO E 553 30.39 -10.68 -10.07
C PRO E 553 29.08 -11.44 -10.14
N GLU E 554 29.13 -12.76 -10.30
CA GLU E 554 27.90 -13.55 -10.36
C GLU E 554 27.10 -13.43 -9.07
N LEU E 555 27.76 -13.61 -7.93
CA LEU E 555 27.06 -13.46 -6.65
C LEU E 555 26.58 -12.04 -6.44
N LEU E 556 27.40 -11.06 -6.82
CA LEU E 556 27.02 -9.66 -6.60
C LEU E 556 25.80 -9.28 -7.43
N THR E 557 25.69 -9.84 -8.63
CA THR E 557 24.51 -9.58 -9.46
C THR E 557 23.29 -10.33 -8.94
N MET E 558 23.48 -11.61 -8.56
CA MET E 558 22.35 -12.39 -8.10
C MET E 558 21.83 -11.92 -6.74
N TRP E 559 22.65 -11.19 -5.98
CA TRP E 559 22.16 -10.59 -4.74
C TRP E 559 21.05 -9.58 -5.01
N PHE E 560 21.01 -9.03 -6.22
CA PHE E 560 19.90 -8.17 -6.64
C PHE E 560 18.95 -8.86 -7.60
N GLY E 561 19.36 -9.97 -8.20
CA GLY E 561 18.47 -10.74 -9.05
C GLY E 561 17.65 -11.75 -8.28
N GLU E 562 18.32 -12.60 -7.50
CA GLU E 562 17.65 -13.61 -6.68
C GLU E 562 17.85 -13.37 -5.18
N SER E 563 18.25 -12.16 -4.78
CA SER E 563 18.41 -11.79 -3.38
C SER E 563 19.45 -12.66 -2.67
N GLU E 564 19.38 -12.70 -1.34
CA GLU E 564 20.37 -13.43 -0.56
C GLU E 564 20.27 -14.94 -0.78
N ALA E 565 19.04 -15.45 -0.91
CA ALA E 565 18.81 -16.89 -0.92
C ALA E 565 19.60 -17.58 -2.03
N ASN E 566 19.86 -16.87 -3.13
CA ASN E 566 20.63 -17.44 -4.23
C ASN E 566 21.94 -18.04 -3.74
N VAL E 567 22.62 -17.34 -2.82
CA VAL E 567 23.88 -17.84 -2.30
C VAL E 567 23.68 -19.21 -1.69
N ARG E 568 22.68 -19.35 -0.82
CA ARG E 568 22.38 -20.65 -0.24
C ARG E 568 22.09 -21.67 -1.33
N GLU E 569 21.36 -21.26 -2.36
CA GLU E 569 21.07 -22.15 -3.48
C GLU E 569 22.35 -22.76 -4.01
N ILE E 570 23.40 -21.96 -4.18
CA ILE E 570 24.66 -22.48 -4.70
C ILE E 570 25.14 -23.61 -3.81
N PHE E 571 25.21 -23.37 -2.50
CA PHE E 571 25.66 -24.41 -1.60
C PHE E 571 24.70 -25.59 -1.61
N ASP E 572 23.40 -25.33 -1.77
CA ASP E 572 22.46 -26.42 -1.94
C ASP E 572 22.79 -27.22 -3.19
N LYS E 573 23.04 -26.53 -4.30
CA LYS E 573 23.48 -27.23 -5.51
C LYS E 573 24.83 -27.89 -5.28
N ALA E 574 25.62 -27.37 -4.33
CA ALA E 574 26.85 -28.03 -3.96
C ALA E 574 26.57 -29.36 -3.26
N ARG E 575 25.58 -29.39 -2.37
CA ARG E 575 25.36 -30.58 -1.56
C ARG E 575 24.45 -31.61 -2.22
N GLN E 576 23.85 -31.28 -3.36
CA GLN E 576 23.07 -32.25 -4.13
C GLN E 576 23.87 -32.90 -5.25
N SER E 577 25.16 -32.58 -5.37
CA SER E 577 25.99 -33.10 -6.45
C SER E 577 27.32 -33.59 -5.91
N ALA E 578 27.29 -34.34 -4.81
CA ALA E 578 28.50 -34.89 -4.25
C ALA E 578 29.07 -35.97 -5.16
N PRO E 579 30.41 -36.05 -5.30
CA PRO E 579 31.43 -35.17 -4.74
C PRO E 579 31.53 -33.86 -5.52
N CYS E 580 31.82 -32.74 -4.88
CA CYS E 580 31.79 -31.44 -5.54
C CYS E 580 33.04 -30.64 -5.22
N VAL E 581 33.44 -29.81 -6.17
CA VAL E 581 34.55 -28.87 -6.02
C VAL E 581 33.98 -27.50 -6.35
N LEU E 582 33.76 -26.70 -5.30
CA LEU E 582 33.17 -25.37 -5.45
C LEU E 582 34.29 -24.35 -5.56
N PHE E 583 34.48 -23.79 -6.74
CA PHE E 583 35.58 -22.86 -7.02
C PHE E 583 35.02 -21.44 -7.00
N PHE E 584 35.38 -20.69 -5.96
CA PHE E 584 34.95 -19.29 -5.81
C PHE E 584 35.98 -18.40 -6.49
N ASP E 585 35.81 -18.24 -7.81
CA ASP E 585 36.71 -17.40 -8.58
C ASP E 585 36.50 -15.93 -8.21
N GLU E 586 37.59 -15.17 -8.23
CA GLU E 586 37.56 -13.72 -8.03
C GLU E 586 36.92 -13.35 -6.70
N LEU E 587 37.56 -13.78 -5.62
CA LEU E 587 37.12 -13.45 -4.27
C LEU E 587 37.52 -12.04 -3.85
N ASP E 588 38.41 -11.38 -4.60
CA ASP E 588 38.88 -10.07 -4.19
C ASP E 588 37.77 -9.02 -4.19
N SER E 589 36.73 -9.23 -4.98
CA SER E 589 35.63 -8.27 -5.02
C SER E 589 34.75 -8.36 -3.78
N ILE E 590 34.69 -9.53 -3.16
CA ILE E 590 33.78 -9.76 -2.04
C ILE E 590 34.52 -9.80 -0.70
N ALA E 591 35.67 -10.47 -0.65
CA ALA E 591 36.38 -10.71 0.60
C ALA E 591 37.18 -9.51 1.08
N THR E 592 36.90 -8.31 0.57
CA THR E 592 37.59 -7.13 1.06
C THR E 592 37.32 -6.93 2.54
N GLN E 593 38.36 -6.51 3.27
CA GLN E 593 38.26 -6.35 4.71
C GLN E 593 37.31 -5.20 5.07
N ARG E 594 36.76 -5.27 6.27
CA ARG E 594 35.73 -4.33 6.73
C ARG E 594 36.36 -2.98 7.02
N GLY E 595 36.56 -2.21 5.95
CA GLY E 595 37.14 -0.88 6.07
C GLY E 595 36.31 0.05 6.92
N GLY E 596 36.94 0.70 7.89
CA GLY E 596 36.21 1.61 8.77
C GLY E 596 35.67 2.83 8.06
N GLY E 597 36.46 3.40 7.14
CA GLY E 597 35.99 4.56 6.39
C GLY E 597 34.93 4.24 5.37
N SER E 598 34.86 2.99 4.91
CA SER E 598 33.84 2.61 3.96
C SER E 598 32.46 2.57 4.61
N GLY E 599 31.46 2.99 3.86
CA GLY E 599 30.10 3.03 4.38
C GLY E 599 29.10 3.05 3.24
N GLY E 600 27.83 3.14 3.62
CA GLY E 600 26.77 3.17 2.64
C GLY E 600 26.64 1.84 1.90
N ASP E 601 25.87 1.88 0.83
CA ASP E 601 25.68 0.69 0.01
C ASP E 601 26.99 0.29 -0.67
N GLY E 602 27.77 1.26 -1.14
CA GLY E 602 29.01 0.95 -1.84
C GLY E 602 30.00 0.19 -0.99
N GLY E 603 30.11 0.54 0.28
CA GLY E 603 31.04 -0.12 1.18
C GLY E 603 30.41 -1.29 1.94
N GLY E 604 29.09 -1.36 1.94
CA GLY E 604 28.38 -2.41 2.64
C GLY E 604 27.82 -3.52 1.78
N ALA E 605 27.95 -3.44 0.46
CA ALA E 605 27.46 -4.51 -0.39
C ALA E 605 28.16 -5.83 -0.08
N ALA E 606 29.48 -5.78 0.14
CA ALA E 606 30.20 -6.98 0.54
C ALA E 606 29.80 -7.44 1.93
N ASP E 607 29.34 -6.53 2.79
CA ASP E 607 29.06 -6.86 4.17
C ASP E 607 27.88 -7.82 4.33
N ARG E 608 27.10 -8.06 3.29
CA ARG E 608 26.03 -9.05 3.33
C ARG E 608 26.45 -10.37 2.71
N VAL E 609 27.03 -10.33 1.51
CA VAL E 609 27.42 -11.57 0.84
C VAL E 609 28.55 -12.27 1.59
N LEU E 610 29.51 -11.51 2.11
CA LEU E 610 30.59 -12.13 2.88
C LEU E 610 30.06 -12.80 4.14
N ASN E 611 29.13 -12.15 4.84
CA ASN E 611 28.57 -12.74 6.04
C ASN E 611 27.76 -13.98 5.74
N GLN E 612 26.99 -13.96 4.65
CA GLN E 612 26.24 -15.14 4.25
C GLN E 612 27.18 -16.29 3.91
N LEU E 613 28.28 -15.99 3.21
CA LEU E 613 29.26 -17.01 2.88
C LEU E 613 29.90 -17.58 4.14
N LEU E 614 30.24 -16.71 5.11
CA LEU E 614 30.84 -17.18 6.35
C LEU E 614 29.88 -18.07 7.12
N THR E 615 28.59 -17.71 7.14
CA THR E 615 27.60 -18.56 7.79
C THR E 615 27.48 -19.91 7.11
N GLU E 616 27.47 -19.91 5.77
CA GLU E 616 27.30 -21.17 5.03
C GLU E 616 28.51 -22.09 5.19
N MET E 617 29.71 -21.53 5.20
CA MET E 617 30.91 -22.37 5.25
C MET E 617 30.98 -23.17 6.53
N ASP E 618 30.62 -22.56 7.66
CA ASP E 618 30.64 -23.28 8.93
C ASP E 618 29.69 -24.47 8.94
N GLY E 619 28.51 -24.33 8.36
CA GLY E 619 27.60 -25.46 8.25
C GLY E 619 27.99 -26.47 7.18
N MET E 620 28.81 -26.06 6.22
CA MET E 620 29.25 -26.98 5.18
C MET E 620 30.16 -28.09 5.70
N ASN E 621 30.70 -27.95 6.91
CA ASN E 621 31.61 -28.95 7.44
C ASN E 621 30.93 -30.28 7.75
N ALA E 622 29.60 -30.32 7.78
CA ALA E 622 28.89 -31.57 8.04
C ALA E 622 29.16 -32.60 6.95
N LYS E 623 29.12 -32.17 5.69
CA LYS E 623 29.37 -33.09 4.59
C LYS E 623 30.85 -33.44 4.51
N LYS E 624 31.14 -34.59 3.89
CA LYS E 624 32.51 -35.06 3.72
C LYS E 624 32.89 -35.25 2.26
N THR E 625 32.13 -34.65 1.34
CA THR E 625 32.38 -34.82 -0.08
C THR E 625 32.34 -33.51 -0.87
N VAL E 626 32.29 -32.37 -0.19
CA VAL E 626 32.27 -31.06 -0.85
C VAL E 626 33.54 -30.32 -0.46
N PHE E 627 34.32 -29.91 -1.44
CA PHE E 627 35.59 -29.23 -1.23
C PHE E 627 35.52 -27.83 -1.79
N ILE E 628 35.82 -26.83 -0.96
CA ILE E 628 35.74 -25.43 -1.34
C ILE E 628 37.14 -24.95 -1.67
N ILE E 629 37.29 -24.33 -2.84
CA ILE E 629 38.56 -23.77 -3.30
C ILE E 629 38.33 -22.30 -3.60
N GLY E 630 39.24 -21.45 -3.14
CA GLY E 630 39.18 -20.04 -3.40
C GLY E 630 40.17 -19.61 -4.47
N ALA E 631 40.19 -18.30 -4.73
CA ALA E 631 41.12 -17.73 -5.71
C ALA E 631 41.18 -16.23 -5.49
N THR E 632 42.40 -15.71 -5.30
CA THR E 632 42.60 -14.29 -5.07
C THR E 632 43.89 -13.84 -5.71
N ASN E 633 43.94 -12.56 -6.07
CA ASN E 633 45.17 -11.92 -6.51
C ASN E 633 45.60 -10.79 -5.59
N ARG E 634 44.84 -10.53 -4.52
CA ARG E 634 45.16 -9.50 -3.53
C ARG E 634 45.10 -10.14 -2.16
N PRO E 635 46.14 -10.89 -1.77
CA PRO E 635 46.09 -11.62 -0.49
C PRO E 635 46.10 -10.71 0.73
N ASP E 636 46.44 -9.44 0.59
CA ASP E 636 46.48 -8.52 1.72
C ASP E 636 45.11 -7.93 2.05
N ILE E 637 44.27 -7.71 1.05
CA ILE E 637 42.95 -7.11 1.28
C ILE E 637 41.91 -8.13 1.73
N ILE E 638 42.25 -9.42 1.71
CA ILE E 638 41.27 -10.45 2.05
C ILE E 638 40.93 -10.36 3.53
N ASP E 639 39.67 -10.67 3.85
CA ASP E 639 39.22 -10.62 5.24
C ASP E 639 39.81 -11.79 6.02
N SER E 640 40.19 -11.52 7.27
CA SER E 640 40.73 -12.57 8.13
C SER E 640 39.69 -13.60 8.52
N ALA E 641 38.39 -13.27 8.41
CA ALA E 641 37.35 -14.21 8.79
C ALA E 641 37.38 -15.48 7.94
N LEU E 642 37.89 -15.38 6.71
CA LEU E 642 38.01 -16.55 5.85
C LEU E 642 39.23 -17.41 6.17
N LEU E 643 40.11 -16.96 7.06
CA LEU E 643 41.29 -17.72 7.42
C LEU E 643 41.13 -18.51 8.71
N ARG E 644 39.93 -18.50 9.30
CA ARG E 644 39.69 -19.30 10.49
C ARG E 644 39.72 -20.79 10.14
N PRO E 645 40.20 -21.65 11.04
CA PRO E 645 40.15 -23.09 10.76
C PRO E 645 38.70 -23.55 10.55
N GLY E 646 38.55 -24.52 9.65
CA GLY E 646 37.26 -24.94 9.16
C GLY E 646 36.84 -24.22 7.90
N ARG E 647 37.22 -22.96 7.76
CA ARG E 647 37.03 -22.19 6.54
C ARG E 647 38.28 -22.34 5.67
N LEU E 648 38.46 -21.46 4.69
CA LEU E 648 39.57 -21.57 3.76
C LEU E 648 40.88 -21.28 4.48
N ASP E 649 41.48 -22.30 5.09
CA ASP E 649 42.64 -22.09 5.94
C ASP E 649 43.94 -22.08 5.14
N GLN E 650 44.23 -23.17 4.43
CA GLN E 650 45.52 -23.32 3.78
C GLN E 650 45.66 -22.32 2.63
N LEU E 651 46.79 -21.61 2.61
CA LEU E 651 47.10 -20.65 1.57
C LEU E 651 48.23 -21.20 0.71
N ILE E 652 47.98 -21.35 -0.58
CA ILE E 652 48.96 -21.86 -1.53
C ILE E 652 49.31 -20.74 -2.49
N TYR E 653 50.60 -20.50 -2.66
CA TYR E 653 51.10 -19.38 -3.45
C TYR E 653 51.54 -19.88 -4.81
N ILE E 654 51.02 -19.25 -5.87
CA ILE E 654 51.36 -19.58 -7.24
C ILE E 654 52.26 -18.47 -7.79
N PRO E 655 53.54 -18.71 -7.96
CA PRO E 655 54.48 -17.64 -8.32
C PRO E 655 54.50 -17.40 -9.83
N LEU E 656 55.29 -16.41 -10.23
CA LEU E 656 55.56 -16.19 -11.65
C LEU E 656 56.51 -17.27 -12.14
N PRO E 657 56.16 -17.99 -13.22
CA PRO E 657 57.00 -19.10 -13.67
C PRO E 657 58.40 -18.64 -14.05
N ASP E 658 59.38 -19.51 -13.76
CA ASP E 658 60.78 -19.24 -14.05
C ASP E 658 61.14 -19.80 -15.42
N GLU E 659 62.45 -19.90 -15.70
CA GLU E 659 62.91 -20.29 -17.03
C GLU E 659 62.35 -21.64 -17.47
N ASP E 660 62.51 -22.66 -16.64
CA ASP E 660 62.06 -24.00 -17.01
C ASP E 660 60.54 -24.08 -17.09
N SER E 661 59.85 -23.43 -16.15
CA SER E 661 58.39 -23.39 -16.21
C SER E 661 57.91 -22.64 -17.45
N ARG E 662 58.62 -21.58 -17.83
CA ARG E 662 58.28 -20.88 -19.07
C ARG E 662 58.50 -21.76 -20.28
N LEU E 663 59.56 -22.59 -20.26
CA LEU E 663 59.76 -23.55 -21.33
C LEU E 663 58.59 -24.52 -21.42
N ASN E 664 58.15 -25.04 -20.27
CA ASN E 664 57.03 -25.97 -20.27
C ASN E 664 55.75 -25.32 -20.77
N ILE E 665 55.50 -24.08 -20.37
CA ILE E 665 54.26 -23.42 -20.80
C ILE E 665 54.33 -23.06 -22.28
N PHE E 666 55.51 -22.73 -22.79
CA PHE E 666 55.66 -22.52 -24.23
C PHE E 666 55.41 -23.81 -25.00
N LYS E 667 55.91 -24.93 -24.47
CA LYS E 667 55.62 -26.22 -25.09
C LYS E 667 54.12 -26.50 -25.09
N ALA E 668 53.45 -26.22 -23.97
CA ALA E 668 52.03 -26.52 -23.84
C ALA E 668 51.14 -25.54 -24.59
N ALA E 669 51.66 -24.38 -24.99
CA ALA E 669 50.83 -23.39 -25.67
C ALA E 669 50.57 -23.73 -27.13
N LEU E 670 51.52 -24.34 -27.81
CA LEU E 670 51.48 -24.54 -29.25
C LEU E 670 51.14 -25.98 -29.63
N ARG E 671 50.23 -26.62 -28.88
CA ARG E 671 49.90 -28.01 -29.16
C ARG E 671 49.19 -28.14 -30.52
N LYS E 672 48.24 -27.26 -30.80
CA LYS E 672 47.46 -27.34 -32.03
C LYS E 672 48.10 -26.57 -33.19
N SER E 673 49.00 -25.64 -32.91
CA SER E 673 49.62 -24.84 -33.95
C SER E 673 50.59 -25.67 -34.78
N PRO E 674 50.94 -25.21 -35.99
CA PRO E 674 51.94 -25.92 -36.79
C PRO E 674 53.28 -26.05 -36.11
N ILE E 675 54.21 -26.76 -36.76
CA ILE E 675 55.45 -27.16 -36.11
C ILE E 675 56.24 -25.96 -35.63
N ALA E 676 56.45 -24.97 -36.51
CA ALA E 676 57.27 -23.80 -36.22
C ALA E 676 58.64 -24.21 -35.68
N LYS E 677 59.21 -25.25 -36.27
CA LYS E 677 60.46 -25.82 -35.78
C LYS E 677 61.67 -24.94 -36.08
N ASP E 678 61.53 -23.93 -36.93
CA ASP E 678 62.65 -23.08 -37.28
C ASP E 678 63.18 -22.27 -36.11
N VAL E 679 62.41 -22.14 -35.03
CA VAL E 679 62.84 -21.46 -33.82
C VAL E 679 62.87 -22.48 -32.69
N ASP E 680 64.03 -22.60 -32.04
CA ASP E 680 64.13 -23.45 -30.86
C ASP E 680 63.40 -22.79 -29.69
N ILE E 681 62.43 -23.50 -29.12
CA ILE E 681 61.65 -22.93 -28.03
C ILE E 681 62.49 -22.66 -26.79
N GLY E 682 63.67 -23.28 -26.71
CA GLY E 682 64.56 -22.99 -25.59
C GLY E 682 64.98 -21.53 -25.55
N ALA E 683 65.23 -20.94 -26.72
CA ALA E 683 65.62 -19.54 -26.77
C ALA E 683 64.48 -18.60 -26.41
N LEU E 684 63.23 -19.05 -26.53
CA LEU E 684 62.10 -18.18 -26.23
C LEU E 684 62.05 -17.82 -24.75
N ALA E 685 62.36 -18.77 -23.87
CA ALA E 685 62.29 -18.52 -22.44
C ALA E 685 63.28 -17.44 -22.01
N LYS E 686 64.42 -17.36 -22.68
CA LYS E 686 65.36 -16.27 -22.40
C LYS E 686 64.73 -14.93 -22.74
N TYR E 687 63.98 -14.86 -23.84
CA TYR E 687 63.34 -13.61 -24.24
C TYR E 687 62.29 -13.18 -23.23
N THR E 688 61.47 -14.11 -22.75
CA THR E 688 60.24 -13.79 -22.02
C THR E 688 60.44 -13.83 -20.51
N GLN E 689 61.60 -13.43 -20.01
CA GLN E 689 61.83 -13.39 -18.58
C GLN E 689 60.87 -12.40 -17.91
N GLY E 690 60.24 -12.84 -16.83
CA GLY E 690 59.30 -12.00 -16.11
C GLY E 690 57.90 -11.96 -16.69
N PHE E 691 57.55 -12.88 -17.58
CA PHE E 691 56.24 -12.91 -18.22
C PHE E 691 55.35 -13.95 -17.55
N SER E 692 54.10 -13.57 -17.30
CA SER E 692 53.12 -14.51 -16.77
C SER E 692 52.66 -15.46 -17.86
N GLY E 693 51.80 -16.41 -17.48
CA GLY E 693 51.26 -17.34 -18.46
C GLY E 693 50.37 -16.67 -19.49
N ALA E 694 49.61 -15.66 -19.05
CA ALA E 694 48.74 -14.95 -19.98
C ALA E 694 49.55 -14.26 -21.08
N ASP E 695 50.70 -13.69 -20.73
CA ASP E 695 51.54 -13.05 -21.74
C ASP E 695 52.08 -14.06 -22.73
N ILE E 696 52.46 -15.25 -22.25
CA ILE E 696 52.97 -16.28 -23.17
C ILE E 696 51.88 -16.72 -24.13
N THR E 697 50.67 -16.96 -23.60
CA THR E 697 49.57 -17.36 -24.47
C THR E 697 49.23 -16.24 -25.46
N GLU E 698 49.28 -14.98 -25.02
CA GLU E 698 49.02 -13.86 -25.91
C GLU E 698 50.07 -13.78 -27.01
N ILE E 699 51.33 -14.06 -26.67
CA ILE E 699 52.39 -14.04 -27.68
C ILE E 699 52.15 -15.14 -28.71
N CYS E 700 51.76 -16.33 -28.25
CA CYS E 700 51.44 -17.41 -29.18
C CYS E 700 50.30 -17.00 -30.10
N GLN E 701 49.24 -16.42 -29.54
CA GLN E 701 48.09 -16.01 -30.33
C GLN E 701 48.47 -14.93 -31.35
N ARG E 702 49.30 -13.97 -30.93
CA ARG E 702 49.70 -12.90 -31.85
C ARG E 702 50.57 -13.44 -32.97
N ALA E 703 51.46 -14.38 -32.67
CA ALA E 703 52.25 -15.00 -33.73
C ALA E 703 51.36 -15.76 -34.71
N CYS E 704 50.37 -16.50 -34.20
CA CYS E 704 49.45 -17.20 -35.08
C CYS E 704 48.66 -16.23 -35.95
N LYS E 705 48.22 -15.11 -35.37
CA LYS E 705 47.45 -14.14 -36.13
C LYS E 705 48.30 -13.48 -37.23
N TYR E 706 49.55 -13.17 -36.92
CA TYR E 706 50.43 -12.63 -37.95
C TYR E 706 50.69 -13.64 -39.06
N ALA E 707 50.84 -14.92 -38.69
CA ALA E 707 50.99 -15.96 -39.70
C ALA E 707 49.75 -16.04 -40.59
N ILE E 708 48.56 -15.93 -39.99
CA ILE E 708 47.32 -15.94 -40.77
C ILE E 708 47.28 -14.74 -41.71
N ARG E 709 47.70 -13.57 -41.23
CA ARG E 709 47.71 -12.39 -42.09
C ARG E 709 48.65 -12.57 -43.27
N GLU E 710 49.84 -13.14 -43.01
CA GLU E 710 50.79 -13.39 -44.09
C GLU E 710 50.24 -14.38 -45.10
N ASN E 711 49.58 -15.44 -44.62
CA ASN E 711 48.97 -16.40 -45.53
C ASN E 711 47.86 -15.77 -46.35
N ILE E 712 47.07 -14.89 -45.72
CA ILE E 712 45.98 -14.22 -46.42
C ILE E 712 46.52 -13.34 -47.53
N GLU E 713 47.58 -12.57 -47.23
CA GLU E 713 48.14 -11.71 -48.27
C GLU E 713 48.79 -12.53 -49.38
N LYS E 714 49.41 -13.67 -49.04
CA LYS E 714 49.94 -14.55 -50.07
C LYS E 714 48.83 -15.09 -50.97
N ASP E 715 47.71 -15.49 -50.37
CA ASP E 715 46.58 -15.99 -51.17
C ASP E 715 46.01 -14.88 -52.05
N ILE E 716 45.94 -13.66 -51.53
CA ILE E 716 45.46 -12.53 -52.34
C ILE E 716 46.41 -12.28 -53.50
N GLU E 717 47.72 -12.37 -53.25
CA GLU E 717 48.69 -12.22 -54.33
C GLU E 717 48.51 -13.30 -55.40
N LYS E 718 48.29 -14.54 -54.96
CA LYS E 718 48.07 -15.64 -55.92
C LYS E 718 46.82 -15.40 -56.75
N GLU E 719 45.73 -14.96 -56.10
CA GLU E 719 44.50 -14.69 -56.82
C GLU E 719 44.68 -13.55 -57.81
N LYS E 720 45.42 -12.51 -57.41
CA LYS E 720 45.72 -11.41 -58.32
C LYS E 720 46.55 -11.89 -59.50
N ARG E 721 47.52 -12.76 -59.26
CA ARG E 721 48.32 -13.32 -60.35
C ARG E 721 47.45 -14.13 -61.31
N ARG E 722 46.51 -14.91 -60.78
CA ARG E 722 45.59 -15.65 -61.63
C ARG E 722 44.72 -14.70 -62.44
N SER E 723 44.23 -13.63 -61.81
CA SER E 723 43.35 -12.69 -62.52
C SER E 723 44.09 -11.97 -63.63
N GLU E 724 45.36 -11.61 -63.39
CA GLU E 724 46.14 -10.89 -64.40
C GLU E 724 46.33 -11.74 -65.66
N ASN E 725 46.61 -13.03 -65.49
CA ASN E 725 46.81 -13.93 -66.61
C ASN E 725 46.11 -15.25 -66.31
N PRO E 726 44.85 -15.40 -66.73
CA PRO E 726 44.17 -16.69 -66.54
C PRO E 726 44.86 -17.84 -67.26
N GLU E 727 45.54 -17.56 -68.38
CA GLU E 727 46.25 -18.59 -69.11
C GLU E 727 47.44 -19.13 -68.33
N ALA E 728 47.96 -18.37 -67.37
CA ALA E 728 49.12 -18.82 -66.60
C ALA E 728 48.80 -20.10 -65.84
N MET E 729 49.73 -21.05 -65.88
CA MET E 729 49.52 -22.34 -65.24
C MET E 729 49.51 -22.19 -63.72
N GLU E 730 48.78 -23.08 -63.06
CA GLU E 730 48.67 -23.04 -61.61
C GLU E 730 50.00 -23.43 -60.97
N GLU E 731 50.40 -22.67 -59.96
CA GLU E 731 51.65 -22.89 -59.24
C GLU E 731 51.34 -23.45 -57.86
N ASP E 732 52.39 -23.61 -57.05
CA ASP E 732 52.29 -24.12 -55.70
C ASP E 732 52.01 -23.02 -54.68
N GLY E 733 51.51 -21.86 -55.13
CA GLY E 733 51.21 -20.75 -54.27
C GLY E 733 49.86 -20.81 -53.57
N VAL E 734 49.16 -21.93 -53.69
CA VAL E 734 47.87 -22.07 -53.02
C VAL E 734 48.06 -22.06 -51.50
N ASP E 735 46.95 -21.88 -50.78
CA ASP E 735 46.96 -21.86 -49.32
C ASP E 735 47.60 -23.12 -48.76
N GLU E 736 48.74 -22.97 -48.09
CA GLU E 736 49.49 -24.07 -47.53
C GLU E 736 49.22 -24.16 -46.03
N VAL E 737 49.96 -25.03 -45.35
CA VAL E 737 49.82 -25.16 -43.90
C VAL E 737 50.23 -23.85 -43.21
N SER E 738 51.18 -23.12 -43.80
CA SER E 738 51.65 -21.84 -43.29
C SER E 738 52.21 -21.98 -41.87
N GLU E 739 53.27 -22.76 -41.76
CA GLU E 739 53.94 -22.95 -40.48
C GLU E 739 54.48 -21.62 -39.97
N ILE E 740 54.41 -21.43 -38.65
CA ILE E 740 54.87 -20.18 -38.05
C ILE E 740 56.37 -20.05 -38.24
N LYS E 741 56.81 -18.90 -38.72
CA LYS E 741 58.22 -18.66 -39.01
C LYS E 741 58.86 -17.78 -37.93
N ALA E 742 60.18 -17.65 -38.03
CA ALA E 742 60.93 -16.87 -37.03
C ALA E 742 60.52 -15.40 -37.06
N ALA E 743 60.31 -14.84 -38.26
CA ALA E 743 59.91 -13.45 -38.36
C ALA E 743 58.59 -13.18 -37.65
N HIS E 744 57.70 -14.18 -37.61
CA HIS E 744 56.44 -14.02 -36.91
C HIS E 744 56.66 -13.71 -35.44
N PHE E 745 57.45 -14.54 -34.75
CA PHE E 745 57.73 -14.30 -33.34
C PHE E 745 58.54 -13.03 -33.15
N GLU E 746 59.50 -12.77 -34.05
CA GLU E 746 60.33 -11.57 -33.92
C GLU E 746 59.48 -10.31 -33.98
N GLU E 747 58.49 -10.27 -34.87
CA GLU E 747 57.61 -9.12 -34.95
C GLU E 747 56.61 -9.11 -33.80
N SER E 748 56.12 -10.29 -33.39
CA SER E 748 55.06 -10.34 -32.39
C SER E 748 55.56 -9.90 -31.02
N MET E 749 56.75 -10.34 -30.63
CA MET E 749 57.23 -10.07 -29.27
C MET E 749 57.79 -8.66 -29.10
N LYS E 750 57.55 -7.77 -30.05
CA LYS E 750 57.99 -6.38 -29.95
C LYS E 750 56.93 -5.45 -29.39
N TYR E 751 55.69 -5.94 -29.22
CA TYR E 751 54.61 -5.13 -28.69
C TYR E 751 54.14 -5.59 -27.32
N ALA E 752 54.67 -6.69 -26.79
CA ALA E 752 54.17 -7.27 -25.56
C ALA E 752 54.52 -6.39 -24.37
N ARG E 753 54.11 -6.83 -23.18
CA ARG E 753 54.32 -6.08 -21.96
C ARG E 753 54.28 -7.04 -20.78
N ARG E 754 54.82 -6.59 -19.65
CA ARG E 754 54.74 -7.36 -18.42
C ARG E 754 53.44 -7.06 -17.70
N SER E 755 52.63 -8.10 -17.49
CA SER E 755 51.34 -7.93 -16.84
C SER E 755 51.48 -7.59 -15.36
N VAL E 756 52.62 -7.91 -14.76
CA VAL E 756 52.87 -7.64 -13.34
C VAL E 756 54.20 -6.91 -13.22
N SER E 757 54.18 -5.76 -12.56
CA SER E 757 55.39 -4.97 -12.36
C SER E 757 56.20 -5.55 -11.20
N ASP E 758 57.44 -5.06 -11.07
CA ASP E 758 58.32 -5.55 -10.01
C ASP E 758 57.77 -5.23 -8.63
N ALA E 759 57.00 -4.15 -8.51
CA ALA E 759 56.42 -3.81 -7.21
C ALA E 759 55.44 -4.87 -6.75
N ASP E 760 54.62 -5.40 -7.66
CA ASP E 760 53.61 -6.38 -7.27
C ASP E 760 54.25 -7.72 -6.90
N ILE E 761 55.25 -8.15 -7.67
CA ILE E 761 55.94 -9.39 -7.31
C ILE E 761 56.71 -9.21 -6.01
N ARG E 762 57.24 -8.00 -5.77
CA ARG E 762 57.86 -7.71 -4.48
C ARG E 762 56.84 -7.83 -3.35
N LYS E 763 55.62 -7.31 -3.57
CA LYS E 763 54.58 -7.41 -2.56
C LYS E 763 54.23 -8.87 -2.27
N TYR E 764 54.08 -9.68 -3.32
CA TYR E 764 53.78 -11.10 -3.12
C TYR E 764 54.92 -11.81 -2.40
N GLN E 765 56.17 -11.47 -2.74
CA GLN E 765 57.31 -12.09 -2.09
C GLN E 765 57.37 -11.72 -0.62
N ALA E 766 57.07 -10.46 -0.29
CA ALA E 766 57.03 -10.04 1.10
C ALA E 766 55.90 -10.72 1.85
N PHE E 767 54.75 -10.89 1.21
CA PHE E 767 53.63 -11.59 1.83
C PHE E 767 53.98 -13.04 2.11
N ALA E 768 54.71 -13.68 1.20
CA ALA E 768 55.21 -15.03 1.46
C ALA E 768 56.27 -15.06 2.55
N GLN E 769 57.16 -14.07 2.58
CA GLN E 769 58.23 -14.04 3.57
C GLN E 769 57.66 -13.88 4.98
N THR E 770 56.68 -12.99 5.16
CA THR E 770 56.08 -12.82 6.48
C THR E 770 55.28 -14.04 6.90
N LEU E 771 54.85 -14.88 5.95
CA LEU E 771 54.18 -16.12 6.28
C LEU E 771 55.14 -17.30 6.41
N GLN E 772 56.41 -17.12 6.08
CA GLN E 772 57.40 -18.19 6.17
C GLN E 772 58.62 -17.75 6.96
N GLN E 773 58.40 -17.15 8.13
CA GLN E 773 59.49 -16.70 8.98
C GLN E 773 59.96 -17.76 9.97
N SER E 774 59.25 -18.89 10.09
CA SER E 774 59.58 -19.91 11.08
C SER E 774 60.18 -21.16 10.45
N ARG E 775 61.03 -20.98 9.43
CA ARG E 775 61.72 -22.10 8.79
C ARG E 775 63.06 -22.43 9.43
N GLY E 776 63.23 -22.08 10.71
CA GLY E 776 64.51 -22.28 11.38
C GLY E 776 64.87 -23.72 11.65
N PHE E 777 63.89 -24.63 11.57
CA PHE E 777 64.17 -26.04 11.83
C PHE E 777 65.02 -26.68 10.73
N GLY E 778 65.04 -26.09 9.54
CA GLY E 778 65.83 -26.62 8.44
C GLY E 778 65.00 -27.08 7.26
N LYS F 18 25.86 -19.94 -52.58
CA LYS F 18 24.41 -19.75 -52.60
C LYS F 18 24.05 -18.27 -52.68
N LYS F 19 22.85 -17.98 -53.16
CA LYS F 19 22.39 -16.61 -53.32
C LYS F 19 21.81 -16.11 -52.00
N ASP F 20 21.24 -14.90 -52.02
CA ASP F 20 20.66 -14.29 -50.82
C ASP F 20 19.29 -14.93 -50.54
N PHE F 21 19.34 -16.16 -50.04
CA PHE F 21 18.12 -16.90 -49.75
C PHE F 21 17.33 -16.32 -48.59
N SER F 22 17.92 -15.43 -47.80
CA SER F 22 17.18 -14.79 -46.72
C SER F 22 16.04 -13.94 -47.25
N THR F 23 16.17 -13.43 -48.48
CA THR F 23 15.12 -12.67 -49.13
C THR F 23 14.82 -13.16 -50.54
N ALA F 24 15.35 -14.32 -50.93
CA ALA F 24 15.13 -14.82 -52.29
C ALA F 24 13.72 -15.33 -52.50
N ILE F 25 12.97 -15.59 -51.43
CA ILE F 25 11.58 -16.04 -51.59
C ILE F 25 10.74 -14.94 -52.22
N LEU F 26 11.06 -13.67 -51.95
CA LEU F 26 10.34 -12.55 -52.54
C LEU F 26 10.58 -12.40 -54.03
N GLU F 27 11.56 -13.10 -54.58
CA GLU F 27 11.89 -12.96 -56.00
C GLU F 27 10.75 -13.48 -56.87
N ARG F 28 10.45 -12.74 -57.93
CA ARG F 28 9.41 -13.12 -58.89
C ARG F 28 10.05 -14.00 -59.97
N LYS F 29 9.77 -15.30 -59.91
CA LYS F 29 10.33 -16.22 -60.87
C LYS F 29 9.77 -15.96 -62.27
N LYS F 30 10.64 -16.07 -63.26
CA LYS F 30 10.24 -15.79 -64.64
C LYS F 30 9.39 -16.93 -65.18
N SER F 31 8.16 -16.62 -65.58
CA SER F 31 7.24 -17.57 -66.19
C SER F 31 6.63 -16.95 -67.44
N PRO F 32 6.23 -17.78 -68.40
CA PRO F 32 5.67 -17.21 -69.64
C PRO F 32 4.41 -16.39 -69.43
N ASN F 33 3.59 -16.74 -68.44
CA ASN F 33 2.34 -16.02 -68.22
C ASN F 33 2.54 -14.65 -67.57
N ARG F 34 3.70 -14.40 -66.98
CA ARG F 34 3.95 -13.11 -66.35
C ARG F 34 4.16 -12.03 -67.40
N LEU F 35 3.38 -10.95 -67.29
CA LEU F 35 3.43 -9.85 -68.24
C LEU F 35 3.30 -8.53 -67.49
N VAL F 36 3.83 -7.47 -68.08
CA VAL F 36 3.92 -6.16 -67.45
C VAL F 36 2.78 -5.28 -67.93
N VAL F 37 2.14 -4.58 -67.00
CA VAL F 37 1.07 -3.65 -67.35
C VAL F 37 1.65 -2.43 -68.02
N ASP F 38 1.07 -2.05 -69.15
CA ASP F 38 1.54 -0.89 -69.92
C ASP F 38 0.34 -0.15 -70.48
N GLU F 39 0.54 1.12 -70.81
CA GLU F 39 -0.53 1.94 -71.35
C GLU F 39 -0.98 1.43 -72.71
N ALA F 40 -2.30 1.46 -72.92
CA ALA F 40 -2.89 0.92 -74.14
C ALA F 40 -2.86 1.92 -75.28
N ILE F 41 -3.16 1.42 -76.47
CA ILE F 41 -3.31 2.27 -77.65
C ILE F 41 -4.78 2.43 -78.05
N ASN F 42 -5.60 1.41 -77.83
CA ASN F 42 -7.02 1.46 -78.19
C ASN F 42 -7.84 2.05 -77.04
N ASP F 43 -8.90 2.77 -77.40
CA ASP F 43 -9.80 3.36 -76.41
C ASP F 43 -10.82 2.35 -75.88
N ASP F 44 -10.90 1.16 -76.46
CA ASP F 44 -11.85 0.15 -76.01
C ASP F 44 -11.56 -0.27 -74.58
N ASN F 45 -12.62 -0.56 -73.83
CA ASN F 45 -12.51 -0.90 -72.42
C ASN F 45 -12.26 -2.39 -72.18
N SER F 46 -12.08 -3.18 -73.24
CA SER F 46 -11.83 -4.60 -73.08
C SER F 46 -10.78 -5.16 -74.02
N VAL F 47 -9.99 -4.32 -74.69
CA VAL F 47 -9.03 -4.76 -75.70
C VAL F 47 -7.63 -4.40 -75.22
N VAL F 48 -6.74 -5.39 -75.24
CA VAL F 48 -5.32 -5.20 -74.98
C VAL F 48 -4.58 -5.27 -76.31
N SER F 49 -3.39 -4.69 -76.33
CA SER F 49 -2.59 -4.56 -77.54
C SER F 49 -1.24 -5.25 -77.34
N LEU F 50 -1.19 -6.55 -77.63
CA LEU F 50 0.04 -7.32 -77.52
C LEU F 50 0.89 -7.12 -78.76
N HIS F 51 1.97 -7.91 -78.86
CA HIS F 51 2.89 -8.02 -79.97
C HIS F 51 2.66 -9.32 -80.72
N PRO F 52 2.89 -9.35 -82.04
CA PRO F 52 2.74 -10.63 -82.77
C PRO F 52 3.60 -11.75 -82.20
N ALA F 53 4.84 -11.45 -81.80
CA ALA F 53 5.65 -12.44 -81.11
C ALA F 53 5.04 -12.80 -79.77
N THR F 54 4.50 -11.81 -79.05
CA THR F 54 3.78 -12.10 -77.81
C THR F 54 2.51 -12.91 -78.10
N MET F 55 1.84 -12.62 -79.21
CA MET F 55 0.68 -13.41 -79.61
C MET F 55 1.05 -14.87 -79.82
N GLU F 56 2.19 -15.11 -80.48
CA GLU F 56 2.65 -16.49 -80.67
C GLU F 56 3.10 -17.11 -79.36
N LYS F 57 3.62 -16.31 -78.43
CA LYS F 57 4.08 -16.84 -77.15
C LYS F 57 2.94 -17.48 -76.38
N LEU F 58 1.78 -16.84 -76.35
CA LEU F 58 0.59 -17.39 -75.73
C LEU F 58 -0.27 -18.18 -76.71
N GLN F 59 0.22 -18.39 -77.94
CA GLN F 59 -0.51 -19.12 -78.97
C GLN F 59 -1.88 -18.49 -79.22
N LEU F 60 -1.91 -17.18 -79.30
CA LEU F 60 -3.14 -16.41 -79.48
C LEU F 60 -3.23 -15.88 -80.90
N PHE F 61 -4.34 -15.19 -81.17
CA PHE F 61 -4.58 -14.55 -82.46
C PHE F 61 -5.34 -13.25 -82.21
N ARG F 62 -5.43 -12.42 -83.26
CA ARG F 62 -6.17 -11.17 -83.14
C ARG F 62 -7.65 -11.45 -82.93
N GLY F 63 -8.25 -10.74 -81.98
CA GLY F 63 -9.64 -10.92 -81.65
C GLY F 63 -9.93 -12.00 -80.64
N ASP F 64 -8.92 -12.67 -80.11
CA ASP F 64 -9.14 -13.73 -79.15
C ASP F 64 -9.54 -13.18 -77.79
N THR F 65 -10.10 -14.06 -76.95
CA THR F 65 -10.55 -13.71 -75.62
C THR F 65 -9.62 -14.34 -74.59
N ILE F 66 -9.17 -13.55 -73.61
CA ILE F 66 -8.20 -13.99 -72.63
C ILE F 66 -8.66 -13.59 -71.23
N LEU F 67 -8.10 -14.26 -70.23
CA LEU F 67 -8.35 -13.97 -68.83
C LEU F 67 -7.05 -13.54 -68.16
N ILE F 68 -7.08 -12.43 -67.44
CA ILE F 68 -5.89 -11.88 -66.80
C ILE F 68 -6.15 -11.74 -65.31
N LYS F 69 -5.22 -12.27 -64.50
CA LYS F 69 -5.28 -12.17 -63.06
C LYS F 69 -4.19 -11.26 -62.55
N GLY F 70 -4.54 -10.40 -61.58
CA GLY F 70 -3.60 -9.46 -61.02
C GLY F 70 -3.44 -9.59 -59.52
N LYS F 71 -3.29 -8.46 -58.83
CA LYS F 71 -3.08 -8.48 -57.39
C LYS F 71 -4.34 -8.91 -56.65
N LYS F 72 -4.13 -9.53 -55.49
CA LYS F 72 -5.20 -10.07 -54.65
C LYS F 72 -6.09 -11.03 -55.45
N ARG F 73 -5.44 -11.85 -56.28
CA ARG F 73 -6.06 -12.96 -57.03
C ARG F 73 -7.29 -12.52 -57.83
N LYS F 74 -7.45 -11.21 -58.07
CA LYS F 74 -8.56 -10.71 -58.85
C LYS F 74 -8.29 -10.87 -60.34
N ASP F 75 -9.33 -11.16 -61.10
CA ASP F 75 -9.20 -11.46 -62.51
C ASP F 75 -10.25 -10.73 -63.33
N THR F 76 -9.95 -10.53 -64.60
CA THR F 76 -10.85 -9.87 -65.54
C THR F 76 -10.65 -10.48 -66.92
N VAL F 77 -11.72 -10.53 -67.70
CA VAL F 77 -11.71 -11.11 -69.04
C VAL F 77 -11.65 -9.99 -70.06
N CYS F 78 -10.71 -10.08 -71.00
CA CYS F 78 -10.47 -9.05 -72.00
C CYS F 78 -10.36 -9.68 -73.38
N ILE F 79 -10.22 -8.81 -74.39
CA ILE F 79 -9.99 -9.21 -75.77
C ILE F 79 -8.56 -8.82 -76.12
N ALA F 80 -8.00 -9.46 -77.14
CA ALA F 80 -6.61 -9.24 -77.52
C ALA F 80 -6.50 -8.85 -78.98
N LEU F 81 -5.65 -7.87 -79.28
CA LEU F 81 -5.25 -7.52 -80.63
C LEU F 81 -3.73 -7.42 -80.68
N ALA F 82 -3.19 -7.32 -81.89
CA ALA F 82 -1.74 -7.39 -82.09
C ALA F 82 -1.23 -6.18 -82.85
N ASP F 83 -0.07 -5.68 -82.44
CA ASP F 83 0.62 -4.61 -83.14
C ASP F 83 2.09 -4.64 -82.75
N GLU F 84 2.92 -3.97 -83.55
CA GLU F 84 4.36 -3.97 -83.35
C GLU F 84 4.83 -2.91 -82.35
N THR F 85 3.91 -2.10 -81.82
CA THR F 85 4.28 -1.03 -80.89
C THR F 85 4.40 -1.52 -79.45
N CYS F 86 4.14 -2.79 -79.19
CA CYS F 86 4.18 -3.34 -77.83
C CYS F 86 5.35 -4.31 -77.69
N GLU F 87 5.99 -4.29 -76.52
CA GLU F 87 7.10 -5.17 -76.25
C GLU F 87 6.61 -6.56 -75.84
N GLU F 88 7.55 -7.49 -75.77
CA GLU F 88 7.21 -8.87 -75.37
C GLU F 88 6.63 -8.95 -73.96
N PRO F 89 7.24 -8.38 -72.91
CA PRO F 89 6.70 -8.56 -71.56
C PRO F 89 5.54 -7.64 -71.23
N LYS F 90 5.15 -6.73 -72.11
CA LYS F 90 4.08 -5.78 -71.86
C LYS F 90 2.85 -6.15 -72.66
N ILE F 91 1.71 -5.58 -72.25
CA ILE F 91 0.43 -5.91 -72.88
C ILE F 91 -0.30 -4.69 -73.43
N ARG F 92 0.04 -3.48 -73.00
CA ARG F 92 -0.61 -2.24 -73.45
C ARG F 92 -2.12 -2.31 -73.19
N MET F 93 -2.46 -2.30 -71.91
CA MET F 93 -3.83 -2.37 -71.45
C MET F 93 -4.23 -1.04 -70.80
N ASN F 94 -5.52 -0.71 -70.91
CA ASN F 94 -6.01 0.61 -70.56
C ASN F 94 -6.16 0.76 -69.05
N LYS F 95 -6.85 1.82 -68.62
CA LYS F 95 -6.98 2.15 -67.21
C LYS F 95 -8.16 1.44 -66.54
N VAL F 96 -9.26 1.25 -67.26
CA VAL F 96 -10.48 0.71 -66.63
C VAL F 96 -10.23 -0.71 -66.11
N VAL F 97 -9.70 -1.58 -66.97
CA VAL F 97 -9.39 -2.93 -66.53
C VAL F 97 -8.22 -2.95 -65.56
N ARG F 98 -7.29 -1.99 -65.68
CA ARG F 98 -6.20 -1.91 -64.71
C ARG F 98 -6.75 -1.68 -63.30
N SER F 99 -7.75 -0.81 -63.17
CA SER F 99 -8.46 -0.69 -61.91
C SER F 99 -9.22 -1.97 -61.58
N ASN F 100 -9.81 -2.60 -62.60
CA ASN F 100 -10.48 -3.88 -62.39
C ASN F 100 -9.49 -4.96 -61.94
N LEU F 101 -8.28 -4.96 -62.51
CA LEU F 101 -7.27 -5.94 -62.15
C LEU F 101 -6.59 -5.62 -60.82
N ARG F 102 -6.98 -4.54 -60.15
CA ARG F 102 -6.40 -4.14 -58.87
C ARG F 102 -4.89 -3.94 -58.98
N VAL F 103 -4.44 -3.39 -60.10
CA VAL F 103 -3.02 -3.17 -60.34
C VAL F 103 -2.82 -1.75 -60.87
N ARG F 104 -1.57 -1.31 -60.84
CA ARG F 104 -1.15 -0.04 -61.42
C ARG F 104 -0.23 -0.32 -62.61
N LEU F 105 0.29 0.75 -63.19
CA LEU F 105 1.21 0.62 -64.32
C LEU F 105 2.51 -0.03 -63.89
N GLY F 106 3.05 -0.88 -64.76
CA GLY F 106 4.31 -1.55 -64.49
C GLY F 106 4.22 -2.77 -63.61
N ASP F 107 3.03 -3.19 -63.22
CA ASP F 107 2.88 -4.36 -62.36
C ASP F 107 2.96 -5.64 -63.19
N VAL F 108 3.00 -6.77 -62.50
CA VAL F 108 3.11 -8.10 -63.12
C VAL F 108 1.80 -8.83 -62.94
N ILE F 109 1.26 -9.36 -64.05
CA ILE F 109 -0.01 -10.05 -64.06
C ILE F 109 0.13 -11.34 -64.86
N SER F 110 -0.84 -12.24 -64.70
CA SER F 110 -0.84 -13.52 -65.38
C SER F 110 -1.95 -13.57 -66.42
N VAL F 111 -1.65 -14.17 -67.57
CA VAL F 111 -2.58 -14.22 -68.70
C VAL F 111 -2.77 -15.67 -69.10
N HIS F 112 -4.04 -16.07 -69.31
CA HIS F 112 -4.40 -17.40 -69.75
C HIS F 112 -5.50 -17.31 -70.79
N GLN F 113 -5.72 -18.41 -71.51
CA GLN F 113 -6.81 -18.47 -72.47
C GLN F 113 -8.11 -18.88 -71.77
N CYS F 114 -9.22 -18.38 -72.30
CA CYS F 114 -10.52 -18.68 -71.70
C CYS F 114 -11.13 -19.91 -72.36
N PRO F 115 -11.32 -21.01 -71.65
CA PRO F 115 -12.03 -22.17 -72.19
C PRO F 115 -13.54 -22.16 -71.94
N ASP F 116 -14.06 -21.12 -71.29
CA ASP F 116 -15.44 -21.05 -70.84
C ASP F 116 -16.05 -19.69 -71.21
N VAL F 117 -15.92 -19.32 -72.48
CA VAL F 117 -16.48 -18.04 -72.95
C VAL F 117 -17.97 -17.98 -72.63
N LYS F 118 -18.71 -19.04 -72.97
CA LYS F 118 -20.04 -19.32 -72.40
C LYS F 118 -20.99 -18.13 -72.58
N TYR F 119 -21.33 -17.89 -73.85
CA TYR F 119 -22.34 -16.89 -74.20
C TYR F 119 -23.54 -16.96 -73.27
N GLY F 120 -23.80 -15.86 -72.56
CA GLY F 120 -24.79 -15.88 -71.51
C GLY F 120 -26.20 -15.64 -72.02
N LYS F 121 -27.17 -16.21 -71.31
CA LYS F 121 -28.57 -16.00 -71.64
C LYS F 121 -29.06 -14.63 -71.19
N ARG F 122 -28.62 -14.17 -70.02
CA ARG F 122 -29.01 -12.86 -69.51
C ARG F 122 -27.90 -12.32 -68.61
N VAL F 123 -27.72 -11.00 -68.66
CA VAL F 123 -26.64 -10.33 -67.94
C VAL F 123 -27.25 -9.21 -67.10
N HIS F 124 -26.88 -9.13 -65.83
CA HIS F 124 -27.37 -8.12 -64.91
C HIS F 124 -26.23 -7.16 -64.59
N ILE F 125 -26.37 -5.90 -65.01
CA ILE F 125 -25.39 -4.86 -64.75
C ILE F 125 -26.13 -3.63 -64.23
N LEU F 126 -25.57 -2.97 -63.22
CA LEU F 126 -26.22 -1.82 -62.62
C LEU F 126 -25.26 -0.65 -62.52
N PRO F 127 -25.77 0.58 -62.63
CA PRO F 127 -24.88 1.75 -62.70
C PRO F 127 -24.43 2.28 -61.35
N VAL F 128 -23.58 3.30 -61.37
CA VAL F 128 -23.10 3.95 -60.16
C VAL F 128 -23.93 5.20 -59.90
N ASP F 129 -23.94 5.65 -58.64
CA ASP F 129 -24.79 6.77 -58.25
C ASP F 129 -24.39 8.07 -58.94
N ASP F 130 -23.09 8.31 -59.09
CA ASP F 130 -22.61 9.56 -59.67
C ASP F 130 -22.67 9.57 -61.19
N THR F 131 -22.99 8.45 -61.82
CA THR F 131 -22.99 8.34 -63.27
C THR F 131 -24.39 8.25 -63.87
N VAL F 132 -25.44 8.34 -63.06
CA VAL F 132 -26.80 8.29 -63.56
C VAL F 132 -27.33 9.69 -63.78
N GLU F 133 -26.42 10.67 -63.81
CA GLU F 133 -26.83 12.05 -64.01
C GLU F 133 -27.37 12.25 -65.41
N GLY F 134 -28.56 12.87 -65.50
CA GLY F 134 -29.18 13.12 -66.78
C GLY F 134 -29.83 11.92 -67.44
N VAL F 135 -29.99 10.81 -66.73
CA VAL F 135 -30.57 9.59 -67.26
C VAL F 135 -31.92 9.38 -66.60
N THR F 136 -32.97 9.25 -67.41
CA THR F 136 -34.33 9.04 -66.91
C THR F 136 -34.91 7.69 -67.30
N GLY F 137 -34.66 7.23 -68.52
CA GLY F 137 -35.17 5.96 -68.97
C GLY F 137 -34.31 4.80 -68.50
N ASN F 138 -34.61 3.62 -69.05
CA ASN F 138 -33.85 2.43 -68.73
C ASN F 138 -32.41 2.58 -69.20
N LEU F 139 -31.46 2.41 -68.27
CA LEU F 139 -30.06 2.63 -68.60
C LEU F 139 -29.52 1.56 -69.54
N PHE F 140 -30.13 0.37 -69.55
CA PHE F 140 -29.68 -0.68 -70.46
C PHE F 140 -29.93 -0.29 -71.91
N ASP F 141 -31.17 0.13 -72.22
CA ASP F 141 -31.49 0.55 -73.58
C ASP F 141 -30.81 1.85 -73.94
N ALA F 142 -30.68 2.78 -72.99
CA ALA F 142 -30.14 4.10 -73.31
C ALA F 142 -28.64 4.04 -73.55
N TYR F 143 -27.89 3.33 -72.70
CA TYR F 143 -26.44 3.34 -72.83
C TYR F 143 -25.82 1.97 -73.02
N LEU F 144 -26.30 0.95 -72.29
CA LEU F 144 -25.69 -0.38 -72.40
C LEU F 144 -25.89 -0.97 -73.78
N LYS F 145 -27.09 -0.83 -74.36
CA LYS F 145 -27.35 -1.42 -75.66
C LYS F 145 -26.46 -0.87 -76.78
N PRO F 146 -26.27 0.45 -76.94
CA PRO F 146 -25.44 0.92 -78.06
C PRO F 146 -23.99 0.47 -77.99
N TYR F 147 -23.49 0.07 -76.82
CA TYR F 147 -22.07 -0.27 -76.69
C TYR F 147 -21.82 -1.70 -76.22
N PHE F 148 -22.62 -2.22 -75.29
CA PHE F 148 -22.41 -3.56 -74.76
C PHE F 148 -23.27 -4.61 -75.45
N LEU F 149 -24.57 -4.37 -75.58
CA LEU F 149 -25.44 -5.33 -76.24
C LEU F 149 -25.11 -5.43 -77.72
N GLU F 150 -25.14 -6.66 -78.24
CA GLU F 150 -24.86 -7.02 -79.63
C GLU F 150 -23.39 -6.85 -80.00
N ALA F 151 -22.56 -6.32 -79.10
CA ALA F 151 -21.12 -6.21 -79.33
C ALA F 151 -20.34 -7.38 -78.74
N TYR F 152 -21.01 -8.27 -77.99
CA TYR F 152 -20.39 -9.44 -77.40
C TYR F 152 -19.19 -9.08 -76.53
N ARG F 153 -19.31 -7.98 -75.78
CA ARG F 153 -18.26 -7.58 -74.87
C ARG F 153 -18.26 -8.48 -73.64
N PRO F 154 -17.14 -9.12 -73.31
CA PRO F 154 -17.12 -9.97 -72.11
C PRO F 154 -17.33 -9.15 -70.84
N VAL F 155 -18.05 -9.74 -69.89
CA VAL F 155 -18.33 -9.11 -68.60
C VAL F 155 -17.96 -10.08 -67.50
N ARG F 156 -17.18 -9.60 -66.53
CA ARG F 156 -16.78 -10.37 -65.37
C ARG F 156 -17.49 -9.82 -64.14
N LYS F 157 -18.17 -10.71 -63.41
CA LYS F 157 -18.96 -10.27 -62.26
C LYS F 157 -18.07 -9.66 -61.19
N GLY F 158 -18.51 -8.53 -60.64
CA GLY F 158 -17.79 -7.85 -59.59
C GLY F 158 -16.81 -6.80 -60.05
N ASP F 159 -16.58 -6.68 -61.36
CA ASP F 159 -15.66 -5.69 -61.90
C ASP F 159 -16.42 -4.47 -62.41
N LEU F 160 -15.66 -3.42 -62.74
CA LEU F 160 -16.21 -2.16 -63.19
C LEU F 160 -16.01 -2.00 -64.70
N PHE F 161 -16.97 -1.36 -65.35
CA PHE F 161 -16.92 -1.09 -66.77
C PHE F 161 -17.37 0.34 -67.03
N LEU F 162 -16.98 0.88 -68.18
CA LEU F 162 -17.37 2.22 -68.60
C LEU F 162 -18.16 2.15 -69.89
N VAL F 163 -19.26 2.89 -69.96
CA VAL F 163 -20.11 2.93 -71.15
C VAL F 163 -20.31 4.40 -71.53
N ARG F 164 -20.46 4.67 -72.82
CA ARG F 164 -20.64 6.02 -73.32
C ARG F 164 -21.91 6.12 -74.14
N GLY F 165 -22.49 7.31 -74.18
CA GLY F 165 -23.61 7.58 -75.04
C GLY F 165 -23.91 9.07 -75.09
N GLY F 166 -24.00 9.63 -76.29
CA GLY F 166 -24.09 11.07 -76.41
C GLY F 166 -22.86 11.72 -75.78
N MET F 167 -23.10 12.66 -74.88
CA MET F 167 -22.03 13.26 -74.11
C MET F 167 -21.91 12.68 -72.70
N ARG F 168 -22.67 11.65 -72.39
CA ARG F 168 -22.74 11.10 -71.03
C ARG F 168 -21.98 9.79 -70.94
N SER F 169 -21.09 9.69 -69.96
CA SER F 169 -20.36 8.46 -69.64
C SER F 169 -20.88 7.92 -68.32
N VAL F 170 -21.26 6.65 -68.32
CA VAL F 170 -21.84 5.99 -67.14
C VAL F 170 -20.96 4.80 -66.77
N GLU F 171 -20.59 4.72 -65.51
CA GLU F 171 -19.86 3.57 -64.99
C GLU F 171 -20.84 2.52 -64.48
N PHE F 172 -20.48 1.26 -64.68
CA PHE F 172 -21.36 0.14 -64.38
C PHE F 172 -20.61 -0.95 -63.63
N LYS F 173 -21.35 -1.72 -62.84
CA LYS F 173 -20.82 -2.86 -62.11
C LYS F 173 -21.73 -4.06 -62.35
N VAL F 174 -21.11 -5.22 -62.57
CA VAL F 174 -21.86 -6.43 -62.89
C VAL F 174 -22.36 -7.06 -61.60
N ILE F 175 -23.66 -7.33 -61.52
CA ILE F 175 -24.29 -7.87 -60.33
C ILE F 175 -24.53 -9.36 -60.45
N GLU F 176 -25.12 -9.80 -61.56
CA GLU F 176 -25.43 -11.21 -61.76
C GLU F 176 -25.21 -11.59 -63.21
N THR F 177 -24.61 -12.75 -63.44
CA THR F 177 -24.35 -13.26 -64.78
C THR F 177 -24.48 -14.78 -64.78
N ASP F 178 -24.69 -15.33 -65.97
CA ASP F 178 -24.71 -16.78 -66.17
C ASP F 178 -23.69 -17.11 -67.25
N PRO F 179 -22.56 -17.77 -66.91
CA PRO F 179 -22.15 -18.27 -65.59
C PRO F 179 -21.85 -17.16 -64.58
N ALA F 180 -21.82 -17.52 -63.29
CA ALA F 180 -21.69 -16.51 -62.25
C ALA F 180 -20.33 -15.82 -62.28
N GLU F 181 -19.28 -16.52 -62.70
CA GLU F 181 -17.94 -15.92 -62.72
C GLU F 181 -17.85 -14.84 -63.78
N TYR F 182 -18.07 -15.21 -65.04
CA TYR F 182 -18.00 -14.27 -66.16
C TYR F 182 -18.78 -14.85 -67.33
N CYS F 183 -19.11 -13.97 -68.28
CA CYS F 183 -19.87 -14.38 -69.45
C CYS F 183 -19.69 -13.32 -70.53
N VAL F 184 -20.51 -13.42 -71.57
CA VAL F 184 -20.49 -12.51 -72.70
C VAL F 184 -21.90 -11.95 -72.90
N VAL F 185 -21.99 -10.66 -73.21
CA VAL F 185 -23.27 -10.00 -73.37
C VAL F 185 -23.85 -10.33 -74.73
N ALA F 186 -24.64 -11.40 -74.79
CA ALA F 186 -25.33 -11.79 -76.01
C ALA F 186 -26.53 -10.89 -76.27
N PRO F 187 -27.01 -10.82 -77.51
CA PRO F 187 -28.24 -10.04 -77.77
C PRO F 187 -29.44 -10.53 -76.99
N ASP F 188 -29.47 -11.81 -76.60
CA ASP F 188 -30.58 -12.32 -75.80
C ASP F 188 -30.59 -11.77 -74.38
N THR F 189 -29.50 -11.14 -73.95
CA THR F 189 -29.37 -10.67 -72.57
C THR F 189 -30.10 -9.34 -72.37
N GLU F 190 -31.43 -9.42 -72.38
CA GLU F 190 -32.26 -8.25 -72.13
C GLU F 190 -32.45 -8.07 -70.62
N ILE F 191 -32.08 -6.88 -70.13
CA ILE F 191 -32.13 -6.57 -68.69
C ILE F 191 -32.60 -5.14 -68.52
N PHE F 192 -33.00 -4.82 -67.30
CA PHE F 192 -33.41 -3.47 -66.92
C PHE F 192 -32.72 -3.09 -65.62
N CYS F 193 -32.69 -1.78 -65.35
CA CYS F 193 -32.02 -1.29 -64.15
C CYS F 193 -32.88 -1.57 -62.91
N GLU F 194 -32.73 -2.77 -62.35
CA GLU F 194 -33.49 -3.17 -61.16
C GLU F 194 -32.80 -2.63 -59.92
N GLY F 195 -33.03 -1.35 -59.65
CA GLY F 195 -32.49 -0.68 -58.49
C GLY F 195 -31.14 -0.05 -58.75
N GLU F 196 -30.69 0.73 -57.78
CA GLU F 196 -29.41 1.44 -57.82
C GLU F 196 -28.66 1.18 -56.53
N PRO F 197 -28.07 0.00 -56.37
CA PRO F 197 -27.33 -0.34 -55.15
C PRO F 197 -25.84 -0.06 -55.20
N VAL F 198 -25.31 0.43 -56.32
CA VAL F 198 -23.88 0.66 -56.50
C VAL F 198 -23.63 2.16 -56.47
N LYS F 199 -22.68 2.59 -55.63
CA LYS F 199 -22.30 3.98 -55.53
C LYS F 199 -20.79 4.08 -55.46
N ARG F 200 -20.28 5.30 -55.63
CA ARG F 200 -18.84 5.52 -55.69
C ARG F 200 -18.16 5.14 -54.38
N GLU F 201 -18.78 5.48 -53.25
CA GLU F 201 -18.17 5.22 -51.95
C GLU F 201 -17.92 3.74 -51.72
N ASP F 202 -18.62 2.86 -52.44
CA ASP F 202 -18.42 1.42 -52.33
C ASP F 202 -17.19 0.94 -53.09
N GLU F 203 -16.30 1.83 -53.53
CA GLU F 203 -15.08 1.42 -54.21
C GLU F 203 -13.94 1.12 -53.26
N GLU F 204 -14.15 1.23 -51.94
CA GLU F 204 -13.09 1.01 -50.98
C GLU F 204 -12.81 -0.46 -50.73
N ARG F 205 -13.71 -1.36 -51.10
CA ARG F 205 -13.58 -2.78 -50.83
C ARG F 205 -12.97 -3.56 -51.99
N LEU F 206 -12.56 -2.88 -53.06
CA LEU F 206 -11.89 -3.57 -54.16
C LEU F 206 -10.58 -4.19 -53.69
N ASP F 207 -9.80 -3.46 -52.92
CA ASP F 207 -8.60 -3.97 -52.27
C ASP F 207 -8.34 -3.12 -51.04
N ASP F 208 -7.80 -3.75 -49.99
CA ASP F 208 -7.53 -3.06 -48.75
C ASP F 208 -6.03 -2.87 -48.51
N VAL F 209 -5.27 -3.96 -48.43
CA VAL F 209 -3.83 -3.92 -48.22
C VAL F 209 -3.20 -5.10 -48.96
N GLY F 210 -2.14 -4.83 -49.71
CA GLY F 210 -1.37 -5.85 -50.37
C GLY F 210 0.07 -5.90 -49.89
N TYR F 211 0.92 -6.55 -50.70
CA TYR F 211 2.35 -6.52 -50.41
C TYR F 211 2.95 -5.17 -50.77
N ASP F 212 2.51 -4.57 -51.87
CA ASP F 212 3.05 -3.29 -52.31
C ASP F 212 2.63 -2.13 -51.43
N ASP F 213 1.62 -2.30 -50.58
CA ASP F 213 1.20 -1.24 -49.67
C ASP F 213 1.89 -1.30 -48.32
N VAL F 214 2.84 -2.23 -48.15
CA VAL F 214 3.69 -2.27 -46.96
C VAL F 214 5.11 -1.99 -47.40
N GLY F 215 5.68 -0.89 -46.89
CA GLY F 215 7.02 -0.51 -47.25
C GLY F 215 7.84 -0.20 -46.01
N GLY F 216 9.16 -0.31 -46.18
CA GLY F 216 10.08 0.00 -45.10
C GLY F 216 10.83 -1.21 -44.61
N VAL F 217 10.13 -2.35 -44.52
CA VAL F 217 10.70 -3.60 -44.04
C VAL F 217 10.58 -4.64 -45.14
N ARG F 218 11.67 -5.33 -45.42
CA ARG F 218 11.70 -6.34 -46.48
C ARG F 218 12.19 -7.69 -46.00
N LYS F 219 13.13 -7.72 -45.06
CA LYS F 219 13.56 -8.99 -44.48
C LYS F 219 12.49 -9.59 -43.59
N GLN F 220 11.86 -8.76 -42.75
CA GLN F 220 10.78 -9.24 -41.89
C GLN F 220 9.62 -9.77 -42.72
N MET F 221 9.28 -9.08 -43.81
CA MET F 221 8.24 -9.57 -44.70
C MET F 221 8.64 -10.91 -45.33
N ALA F 222 9.92 -11.07 -45.67
CA ALA F 222 10.38 -12.34 -46.20
C ALA F 222 10.21 -13.46 -45.18
N GLN F 223 10.58 -13.20 -43.92
CA GLN F 223 10.41 -14.21 -42.88
C GLN F 223 8.94 -14.56 -42.70
N ILE F 224 8.07 -13.55 -42.64
CA ILE F 224 6.65 -13.82 -42.44
C ILE F 224 6.09 -14.61 -43.61
N ARG F 225 6.51 -14.27 -44.84
CA ARG F 225 6.02 -15.01 -46.00
C ARG F 225 6.48 -16.47 -45.94
N GLU F 226 7.77 -16.71 -45.68
CA GLU F 226 8.25 -18.08 -45.64
C GLU F 226 7.67 -18.87 -44.46
N LEU F 227 7.19 -18.20 -43.41
CA LEU F 227 6.60 -18.89 -42.29
C LEU F 227 5.09 -19.08 -42.41
N VAL F 228 4.42 -18.31 -43.27
CA VAL F 228 2.96 -18.37 -43.39
C VAL F 228 2.53 -18.92 -44.74
N GLU F 229 2.96 -18.30 -45.84
CA GLU F 229 2.44 -18.67 -47.15
C GLU F 229 2.81 -20.11 -47.52
N LEU F 230 4.06 -20.49 -47.27
CA LEU F 230 4.49 -21.85 -47.62
C LEU F 230 3.76 -22.93 -46.81
N PRO F 231 3.64 -22.85 -45.48
CA PRO F 231 2.90 -23.89 -44.77
C PRO F 231 1.43 -23.99 -45.16
N LEU F 232 0.78 -22.87 -45.49
CA LEU F 232 -0.64 -22.91 -45.77
C LEU F 232 -0.93 -23.37 -47.19
N ARG F 233 -0.23 -22.78 -48.18
CA ARG F 233 -0.49 -23.12 -49.57
C ARG F 233 0.11 -24.46 -49.97
N HIS F 234 1.09 -24.96 -49.22
CA HIS F 234 1.76 -26.22 -49.55
C HIS F 234 2.11 -26.97 -48.28
N PRO F 235 1.12 -27.60 -47.63
CA PRO F 235 1.42 -28.47 -46.48
C PRO F 235 1.95 -29.82 -46.89
N GLN F 236 1.66 -30.28 -48.11
CA GLN F 236 2.15 -31.58 -48.55
C GLN F 236 3.67 -31.60 -48.65
N LEU F 237 4.28 -30.45 -48.96
CA LEU F 237 5.74 -30.39 -49.00
C LEU F 237 6.34 -30.69 -47.63
N PHE F 238 5.83 -30.05 -46.59
CA PHE F 238 6.33 -30.31 -45.24
C PHE F 238 5.98 -31.73 -44.80
N LYS F 239 4.81 -32.24 -45.19
CA LYS F 239 4.46 -33.61 -44.87
C LYS F 239 5.44 -34.59 -45.50
N SER F 240 5.84 -34.35 -46.75
CA SER F 240 6.82 -35.20 -47.40
C SER F 240 8.19 -35.09 -46.74
N ILE F 241 8.61 -33.86 -46.42
CA ILE F 241 9.92 -33.69 -45.78
C ILE F 241 9.89 -34.24 -44.36
N GLY F 242 8.84 -33.95 -43.60
CA GLY F 242 8.67 -34.48 -42.26
C GLY F 242 8.84 -33.45 -41.16
N VAL F 243 9.35 -32.26 -41.45
CA VAL F 243 9.51 -31.24 -40.42
C VAL F 243 8.14 -30.70 -40.02
N LYS F 244 8.07 -30.15 -38.81
CA LYS F 244 6.83 -29.57 -38.32
C LYS F 244 6.92 -28.04 -38.36
N PRO F 245 6.17 -27.36 -39.20
CA PRO F 245 6.30 -25.90 -39.28
C PRO F 245 5.81 -25.25 -38.00
N PRO F 246 6.33 -24.09 -37.65
CA PRO F 246 5.87 -23.40 -36.44
C PRO F 246 4.44 -22.91 -36.57
N LYS F 247 3.74 -22.87 -35.45
CA LYS F 247 2.37 -22.38 -35.37
C LYS F 247 2.23 -21.29 -34.32
N GLY F 248 3.16 -20.35 -34.31
CA GLY F 248 3.07 -19.19 -33.44
C GLY F 248 4.15 -18.17 -33.75
N ILE F 249 3.76 -16.92 -33.93
CA ILE F 249 4.68 -15.84 -34.22
C ILE F 249 4.38 -14.69 -33.25
N LEU F 250 5.38 -13.85 -33.02
CA LEU F 250 5.24 -12.81 -32.00
C LEU F 250 5.97 -11.57 -32.49
N LEU F 251 5.24 -10.66 -33.12
CA LEU F 251 5.81 -9.41 -33.61
C LEU F 251 5.92 -8.39 -32.48
N TYR F 252 7.00 -7.64 -32.49
CA TYR F 252 7.14 -6.55 -31.53
C TYR F 252 8.02 -5.46 -32.14
N GLY F 253 8.01 -4.30 -31.48
CA GLY F 253 8.78 -3.17 -31.92
C GLY F 253 8.25 -1.90 -31.29
N PRO F 254 8.49 -0.77 -31.95
CA PRO F 254 7.94 0.49 -31.46
C PRO F 254 6.48 0.63 -31.85
N PRO F 255 5.68 1.31 -31.04
CA PRO F 255 4.26 1.47 -31.37
C PRO F 255 4.08 2.25 -32.67
N GLY F 256 3.08 1.84 -33.45
CA GLY F 256 2.82 2.50 -34.72
C GLY F 256 3.93 2.34 -35.74
N SER F 257 4.46 1.12 -35.90
CA SER F 257 5.53 0.87 -36.86
C SER F 257 5.13 -0.13 -37.94
N GLY F 258 3.84 -0.45 -38.06
CA GLY F 258 3.36 -1.29 -39.15
C GLY F 258 3.03 -2.72 -38.80
N LYS F 259 3.01 -3.09 -37.52
CA LYS F 259 2.77 -4.49 -37.14
C LYS F 259 1.40 -4.94 -37.62
N THR F 260 0.35 -4.19 -37.27
CA THR F 260 -0.99 -4.54 -37.72
C THR F 260 -1.09 -4.50 -39.24
N LEU F 261 -0.41 -3.54 -39.87
CA LEU F 261 -0.41 -3.47 -41.33
C LEU F 261 0.26 -4.70 -41.93
N ILE F 262 1.38 -5.15 -41.35
CA ILE F 262 2.07 -6.32 -41.87
C ILE F 262 1.17 -7.56 -41.74
N ALA F 263 0.54 -7.72 -40.59
CA ALA F 263 -0.35 -8.87 -40.40
C ALA F 263 -1.52 -8.84 -41.37
N ARG F 264 -2.15 -7.67 -41.53
CA ARG F 264 -3.29 -7.57 -42.45
C ARG F 264 -2.86 -7.80 -43.88
N ALA F 265 -1.67 -7.33 -44.26
CA ALA F 265 -1.18 -7.57 -45.62
C ALA F 265 -0.96 -9.05 -45.87
N VAL F 266 -0.22 -9.71 -44.97
CA VAL F 266 0.08 -11.13 -45.19
C VAL F 266 -1.16 -11.99 -45.06
N ALA F 267 -2.22 -11.49 -44.41
CA ALA F 267 -3.47 -12.22 -44.38
C ALA F 267 -4.31 -11.99 -45.64
N ASN F 268 -4.41 -10.74 -46.10
CA ASN F 268 -5.21 -10.45 -47.28
C ASN F 268 -4.57 -11.00 -48.55
N GLU F 269 -3.25 -11.18 -48.56
CA GLU F 269 -2.59 -11.69 -49.76
C GLU F 269 -3.07 -13.10 -50.10
N THR F 270 -3.02 -14.00 -49.13
CA THR F 270 -3.47 -15.37 -49.33
C THR F 270 -3.64 -16.02 -47.96
N GLY F 271 -4.76 -16.72 -47.78
CA GLY F 271 -5.11 -17.31 -46.50
C GLY F 271 -6.26 -16.55 -45.86
N ALA F 272 -7.46 -17.09 -45.99
CA ALA F 272 -8.65 -16.36 -45.60
C ALA F 272 -8.93 -16.55 -44.11
N PHE F 273 -10.08 -16.04 -43.69
CA PHE F 273 -10.57 -16.17 -42.31
C PHE F 273 -9.60 -15.57 -41.30
N PHE F 274 -8.94 -14.49 -41.70
CA PHE F 274 -8.16 -13.71 -40.75
C PHE F 274 -9.11 -13.21 -39.66
N PHE F 275 -8.97 -13.76 -38.45
CA PHE F 275 -9.91 -13.50 -37.37
C PHE F 275 -9.22 -12.61 -36.34
N CYS F 276 -9.28 -11.31 -36.57
CA CYS F 276 -8.62 -10.37 -35.67
C CYS F 276 -9.24 -10.42 -34.28
N ILE F 277 -8.39 -10.36 -33.27
CA ILE F 277 -8.80 -10.25 -31.87
C ILE F 277 -8.07 -9.06 -31.27
N ASN F 278 -8.80 -8.14 -30.67
CA ASN F 278 -8.20 -6.96 -30.07
C ASN F 278 -8.01 -7.17 -28.57
N GLY F 279 -6.95 -6.60 -28.02
CA GLY F 279 -6.66 -6.73 -26.62
C GLY F 279 -7.71 -6.08 -25.75
N PRO F 280 -7.86 -4.76 -25.85
CA PRO F 280 -8.90 -4.08 -25.05
C PRO F 280 -10.30 -4.57 -25.32
N GLU F 281 -10.61 -4.97 -26.56
CA GLU F 281 -11.96 -5.45 -26.86
C GLU F 281 -12.31 -6.68 -26.05
N ILE F 282 -11.39 -7.64 -25.97
CA ILE F 282 -11.61 -8.82 -25.14
C ILE F 282 -11.58 -8.45 -23.67
N MET F 283 -10.64 -7.60 -23.26
CA MET F 283 -10.58 -7.20 -21.86
C MET F 283 -11.74 -6.30 -21.44
N SER F 284 -12.53 -5.79 -22.39
CA SER F 284 -13.69 -5.00 -22.07
C SER F 284 -14.96 -5.82 -21.92
N LYS F 285 -14.93 -7.10 -22.24
CA LYS F 285 -16.10 -7.94 -22.12
C LYS F 285 -16.42 -8.21 -20.65
N LEU F 286 -17.69 -8.53 -20.40
CA LEU F 286 -18.15 -8.80 -19.04
C LEU F 286 -17.51 -10.08 -18.51
N ALA F 287 -17.58 -10.24 -17.19
CA ALA F 287 -16.97 -11.39 -16.54
C ALA F 287 -17.57 -12.68 -17.08
N GLY F 288 -16.71 -13.63 -17.42
CA GLY F 288 -17.15 -14.90 -17.96
C GLY F 288 -17.37 -14.87 -19.46
N GLU F 289 -17.62 -13.68 -20.01
CA GLU F 289 -17.83 -13.56 -21.44
C GLU F 289 -16.52 -13.66 -22.22
N SER F 290 -15.40 -13.24 -21.61
CA SER F 290 -14.12 -13.28 -22.30
C SER F 290 -13.71 -14.70 -22.64
N GLU F 291 -13.89 -15.62 -21.70
CA GLU F 291 -13.53 -17.02 -21.95
C GLU F 291 -14.35 -17.61 -23.09
N SER F 292 -15.67 -17.35 -23.07
CA SER F 292 -16.53 -17.85 -24.14
C SER F 292 -16.15 -17.22 -25.48
N ASN F 293 -15.81 -15.93 -25.47
CA ASN F 293 -15.41 -15.27 -26.72
C ASN F 293 -14.14 -15.89 -27.28
N LEU F 294 -13.14 -16.13 -26.43
CA LEU F 294 -11.92 -16.76 -26.91
C LEU F 294 -12.17 -18.17 -27.43
N ARG F 295 -12.99 -18.95 -26.70
CA ARG F 295 -13.26 -20.32 -27.12
C ARG F 295 -13.98 -20.34 -28.47
N LYS F 296 -14.99 -19.48 -28.63
CA LYS F 296 -15.72 -19.46 -29.90
C LYS F 296 -14.83 -18.92 -31.02
N ALA F 297 -13.94 -17.98 -30.72
CA ALA F 297 -13.02 -17.48 -31.74
C ALA F 297 -12.11 -18.59 -32.25
N PHE F 298 -11.50 -19.34 -31.33
CA PHE F 298 -10.63 -20.43 -31.75
C PHE F 298 -11.41 -21.53 -32.46
N GLU F 299 -12.64 -21.83 -32.00
CA GLU F 299 -13.43 -22.85 -32.68
C GLU F 299 -13.79 -22.43 -34.11
N GLU F 300 -14.19 -21.17 -34.29
CA GLU F 300 -14.47 -20.68 -35.64
C GLU F 300 -13.22 -20.67 -36.50
N ALA F 301 -12.06 -20.40 -35.90
CA ALA F 301 -10.81 -20.47 -36.63
C ALA F 301 -10.54 -21.89 -37.13
N GLU F 302 -10.74 -22.88 -36.26
CA GLU F 302 -10.50 -24.26 -36.66
C GLU F 302 -11.57 -24.81 -37.58
N LYS F 303 -12.75 -24.18 -37.63
CA LYS F 303 -13.82 -24.64 -38.51
C LYS F 303 -13.54 -24.36 -39.97
N ASN F 304 -12.53 -23.55 -40.29
CA ASN F 304 -12.19 -23.22 -41.67
C ASN F 304 -10.67 -23.23 -41.81
N ALA F 305 -10.14 -24.31 -42.37
CA ALA F 305 -8.70 -24.31 -42.58
C ALA F 305 -8.37 -23.99 -44.03
N PRO F 306 -7.31 -23.24 -44.31
CA PRO F 306 -6.36 -22.61 -43.38
C PRO F 306 -6.95 -21.37 -42.70
N SER F 307 -6.28 -20.82 -41.70
CA SER F 307 -6.78 -19.65 -40.99
C SER F 307 -5.62 -18.94 -40.33
N ILE F 308 -5.89 -17.71 -39.88
CA ILE F 308 -4.90 -16.90 -39.18
C ILE F 308 -5.61 -16.18 -38.04
N ILE F 309 -4.90 -16.01 -36.93
CA ILE F 309 -5.37 -15.21 -35.82
C ILE F 309 -4.43 -14.01 -35.68
N PHE F 310 -4.85 -13.03 -34.89
CA PHE F 310 -4.00 -11.89 -34.60
C PHE F 310 -4.43 -11.31 -33.27
N ILE F 311 -3.71 -11.65 -32.20
CA ILE F 311 -4.05 -11.23 -30.86
C ILE F 311 -3.33 -9.90 -30.63
N ASP F 312 -3.97 -8.81 -31.07
CA ASP F 312 -3.32 -7.51 -30.99
C ASP F 312 -3.18 -7.05 -29.55
N GLU F 313 -2.08 -6.34 -29.28
CA GLU F 313 -1.77 -5.80 -27.96
C GLU F 313 -1.89 -6.88 -26.88
N ILE F 314 -1.19 -8.00 -27.12
CA ILE F 314 -1.29 -9.15 -26.24
C ILE F 314 -0.73 -8.88 -24.84
N ASP F 315 0.01 -7.78 -24.67
CA ASP F 315 0.50 -7.44 -23.34
C ASP F 315 -0.61 -7.00 -22.40
N SER F 316 -1.81 -6.73 -22.91
CA SER F 316 -2.93 -6.32 -22.08
C SER F 316 -3.77 -7.49 -21.59
N ILE F 317 -3.79 -8.60 -22.34
CA ILE F 317 -4.59 -9.75 -21.94
C ILE F 317 -3.75 -10.87 -21.35
N ALA F 318 -2.45 -10.90 -21.59
CA ALA F 318 -1.54 -11.87 -20.99
C ALA F 318 -0.31 -11.15 -20.45
N PRO F 319 -0.48 -10.32 -19.42
CA PRO F 319 0.65 -9.54 -18.91
C PRO F 319 1.54 -10.35 -17.98
N LYS F 320 2.51 -9.69 -17.37
CA LYS F 320 3.41 -10.35 -16.44
C LYS F 320 2.67 -10.82 -15.20
N ARG F 321 3.22 -11.84 -14.55
CA ARG F 321 2.64 -12.36 -13.32
C ARG F 321 2.60 -11.31 -12.22
N GLU F 322 3.56 -10.39 -12.23
CA GLU F 322 3.61 -9.36 -11.19
C GLU F 322 2.54 -8.30 -11.34
N LYS F 323 1.82 -8.26 -12.45
CA LYS F 323 0.82 -7.23 -12.70
C LYS F 323 -0.56 -7.83 -12.98
N THR F 324 -0.83 -9.02 -12.45
CA THR F 324 -2.15 -9.62 -12.49
C THR F 324 -2.60 -9.90 -11.06
N ASN F 325 -3.68 -9.25 -10.64
CA ASN F 325 -4.20 -9.37 -9.29
C ASN F 325 -5.58 -10.02 -9.24
N GLY F 326 -6.53 -9.49 -10.00
CA GLY F 326 -7.87 -10.06 -9.99
C GLY F 326 -7.88 -11.48 -10.54
N GLU F 327 -8.80 -12.28 -10.01
CA GLU F 327 -8.88 -13.68 -10.44
C GLU F 327 -9.32 -13.80 -11.89
N VAL F 328 -10.05 -12.80 -12.41
CA VAL F 328 -10.46 -12.84 -13.81
C VAL F 328 -9.25 -12.75 -14.73
N GLU F 329 -8.25 -11.96 -14.34
CA GLU F 329 -7.04 -11.84 -15.17
C GLU F 329 -6.29 -13.17 -15.24
N ARG F 330 -6.09 -13.82 -14.09
CA ARG F 330 -5.43 -15.12 -14.11
C ARG F 330 -6.26 -16.16 -14.85
N ARG F 331 -7.59 -16.08 -14.72
CA ARG F 331 -8.46 -17.03 -15.42
C ARG F 331 -8.36 -16.86 -16.94
N ILE F 332 -8.35 -15.62 -17.43
CA ILE F 332 -8.25 -15.42 -18.87
C ILE F 332 -6.86 -15.78 -19.38
N VAL F 333 -5.82 -15.48 -18.60
CA VAL F 333 -4.47 -15.87 -19.00
C VAL F 333 -4.36 -17.38 -19.10
N SER F 334 -4.89 -18.10 -18.11
CA SER F 334 -4.83 -19.55 -18.13
C SER F 334 -5.69 -20.13 -19.24
N GLN F 335 -6.83 -19.50 -19.54
CA GLN F 335 -7.64 -19.96 -20.67
C GLN F 335 -6.88 -19.83 -21.98
N LEU F 336 -6.19 -18.70 -22.17
CA LEU F 336 -5.37 -18.53 -23.38
C LEU F 336 -4.25 -19.56 -23.43
N LEU F 337 -3.58 -19.79 -22.31
CA LEU F 337 -2.51 -20.78 -22.27
C LEU F 337 -3.02 -22.17 -22.61
N THR F 338 -4.17 -22.55 -22.06
CA THR F 338 -4.74 -23.86 -22.36
C THR F 338 -5.13 -23.98 -23.83
N LEU F 339 -5.73 -22.92 -24.38
CA LEU F 339 -6.15 -22.98 -25.78
C LEU F 339 -4.97 -22.99 -26.75
N MET F 340 -3.84 -22.41 -26.35
CA MET F 340 -2.68 -22.37 -27.24
C MET F 340 -2.17 -23.77 -27.56
N ASP F 341 -2.13 -24.66 -26.57
CA ASP F 341 -1.53 -25.97 -26.77
C ASP F 341 -2.37 -26.88 -27.67
N GLY F 342 -3.64 -26.55 -27.88
CA GLY F 342 -4.51 -27.39 -28.69
C GLY F 342 -4.41 -27.18 -30.19
N LEU F 343 -3.53 -26.30 -30.64
CA LEU F 343 -3.41 -25.99 -32.06
C LEU F 343 -2.58 -27.01 -32.83
N LYS F 344 -1.96 -27.97 -32.15
CA LYS F 344 -1.10 -28.94 -32.79
C LYS F 344 -1.86 -30.12 -33.39
N SER F 345 -3.19 -30.02 -33.48
CA SER F 345 -4.02 -31.09 -34.01
C SER F 345 -4.20 -31.01 -35.52
N ARG F 346 -3.27 -30.37 -36.22
CA ARG F 346 -3.28 -30.25 -37.69
C ARG F 346 -4.58 -29.58 -38.16
N ALA F 347 -4.74 -28.32 -37.76
CA ALA F 347 -5.89 -27.52 -38.16
C ALA F 347 -5.52 -26.37 -39.09
N HIS F 348 -4.25 -26.30 -39.52
CA HIS F 348 -3.78 -25.23 -40.40
C HIS F 348 -4.06 -23.85 -39.79
N VAL F 349 -3.88 -23.74 -38.48
CA VAL F 349 -4.16 -22.52 -37.75
C VAL F 349 -2.86 -21.90 -37.29
N ILE F 350 -2.67 -20.61 -37.58
CA ILE F 350 -1.51 -19.87 -37.16
C ILE F 350 -1.97 -18.78 -36.20
N VAL F 351 -1.09 -18.38 -35.29
CA VAL F 351 -1.38 -17.33 -34.32
C VAL F 351 -0.25 -16.34 -34.35
N MET F 352 -0.58 -15.07 -34.54
CA MET F 352 0.41 -13.99 -34.64
C MET F 352 0.10 -12.96 -33.56
N GLY F 353 0.88 -12.94 -32.49
CA GLY F 353 0.69 -11.93 -31.47
C GLY F 353 1.18 -10.58 -31.94
N ALA F 354 1.21 -9.64 -31.01
CA ALA F 354 1.74 -8.32 -31.28
C ALA F 354 1.96 -7.61 -29.96
N THR F 355 3.12 -6.98 -29.82
CA THR F 355 3.45 -6.29 -28.57
C THR F 355 4.49 -5.22 -28.86
N ASN F 356 5.09 -4.67 -27.80
CA ASN F 356 6.14 -3.68 -27.92
C ASN F 356 7.51 -4.17 -27.51
N ARG F 357 7.58 -5.10 -26.56
CA ARG F 357 8.84 -5.67 -26.08
C ARG F 357 8.53 -6.93 -25.30
N PRO F 358 9.25 -8.04 -25.54
CA PRO F 358 8.92 -9.30 -24.86
C PRO F 358 9.06 -9.25 -23.34
N ASN F 359 9.49 -8.14 -22.76
CA ASN F 359 9.46 -8.00 -21.32
C ASN F 359 8.07 -7.71 -20.78
N SER F 360 7.10 -7.46 -21.66
CA SER F 360 5.72 -7.18 -21.26
C SER F 360 4.79 -8.35 -21.49
N ILE F 361 5.33 -9.55 -21.72
CA ILE F 361 4.54 -10.75 -21.96
C ILE F 361 4.86 -11.77 -20.89
N ASP F 362 3.84 -12.47 -20.42
CA ASP F 362 4.05 -13.54 -19.45
C ASP F 362 5.02 -14.56 -20.03
N PRO F 363 6.10 -14.90 -19.33
CA PRO F 363 7.09 -15.82 -19.90
C PRO F 363 6.54 -17.19 -20.23
N ALA F 364 5.46 -17.61 -19.59
CA ALA F 364 4.89 -18.93 -19.87
C ALA F 364 4.45 -19.08 -21.30
N LEU F 365 4.23 -17.97 -22.02
CA LEU F 365 3.85 -18.04 -23.42
C LEU F 365 5.05 -18.15 -24.35
N ARG F 366 6.27 -18.06 -23.83
CA ARG F 366 7.47 -18.13 -24.64
C ARG F 366 8.08 -19.52 -24.66
N ARG F 367 7.42 -20.50 -24.06
CA ARG F 367 7.95 -21.85 -24.00
C ARG F 367 7.86 -22.52 -25.37
N PHE F 368 8.24 -23.80 -25.42
CA PHE F 368 8.17 -24.55 -26.67
C PHE F 368 6.72 -24.63 -27.14
N GLY F 369 6.55 -24.62 -28.46
CA GLY F 369 5.20 -24.48 -28.97
C GLY F 369 4.73 -23.06 -28.72
N ARG F 370 3.42 -22.88 -28.80
CA ARG F 370 2.80 -21.59 -28.52
C ARG F 370 3.42 -20.48 -29.36
N PHE F 371 4.19 -19.60 -28.73
CA PHE F 371 4.86 -18.50 -29.40
C PHE F 371 6.35 -18.81 -29.44
N ASP F 372 6.79 -19.49 -30.50
CA ASP F 372 8.19 -19.87 -30.62
C ASP F 372 9.01 -18.79 -31.32
N ARG F 373 8.68 -18.49 -32.58
CA ARG F 373 9.42 -17.48 -33.31
C ARG F 373 9.10 -16.09 -32.76
N GLU F 374 10.01 -15.15 -33.00
CA GLU F 374 9.83 -13.78 -32.53
C GLU F 374 10.45 -12.84 -33.56
N ILE F 375 9.63 -12.34 -34.49
CA ILE F 375 10.10 -11.33 -35.42
C ILE F 375 10.28 -10.01 -34.70
N ASP F 376 11.01 -9.09 -35.33
CA ASP F 376 11.29 -7.78 -34.74
C ASP F 376 11.11 -6.73 -35.82
N ILE F 377 10.03 -5.96 -35.72
CA ILE F 377 9.74 -4.89 -36.68
C ILE F 377 10.38 -3.62 -36.09
N GLY F 378 11.62 -3.37 -36.48
CA GLY F 378 12.32 -2.20 -36.00
C GLY F 378 11.94 -0.94 -36.75
N VAL F 379 12.47 0.18 -36.28
CA VAL F 379 12.21 1.46 -36.95
C VAL F 379 12.84 1.44 -38.34
N PRO F 380 12.21 2.01 -39.35
CA PRO F 380 12.79 1.99 -40.70
C PRO F 380 14.06 2.82 -40.77
N ASP F 381 14.94 2.44 -41.68
CA ASP F 381 16.16 3.17 -41.96
C ASP F 381 15.90 4.19 -43.07
N GLU F 382 16.95 4.77 -43.64
CA GLU F 382 16.78 5.84 -44.63
C GLU F 382 15.95 5.38 -45.82
N ILE F 383 16.29 4.22 -46.39
CA ILE F 383 15.53 3.70 -47.51
C ILE F 383 14.10 3.40 -47.09
N GLY F 384 13.91 2.94 -45.85
CA GLY F 384 12.56 2.67 -45.38
C GLY F 384 11.69 3.91 -45.35
N ARG F 385 12.22 5.01 -44.84
CA ARG F 385 11.47 6.26 -44.83
C ARG F 385 11.24 6.77 -46.25
N LEU F 386 12.27 6.70 -47.10
CA LEU F 386 12.13 7.15 -48.47
C LEU F 386 11.08 6.34 -49.22
N GLU F 387 10.85 5.09 -48.81
CA GLU F 387 9.84 4.26 -49.44
C GLU F 387 8.45 4.48 -48.86
N VAL F 388 8.33 4.59 -47.54
CA VAL F 388 7.02 4.78 -46.94
C VAL F 388 6.44 6.14 -47.31
N LEU F 389 7.30 7.15 -47.48
CA LEU F 389 6.79 8.44 -47.95
C LEU F 389 6.20 8.32 -49.35
N ARG F 390 6.86 7.59 -50.23
CA ARG F 390 6.29 7.35 -51.56
C ARG F 390 4.99 6.57 -51.47
N ILE F 391 4.90 5.63 -50.54
CA ILE F 391 3.67 4.86 -50.37
C ILE F 391 2.52 5.79 -49.97
N HIS F 392 2.78 6.69 -49.03
CA HIS F 392 1.73 7.57 -48.53
C HIS F 392 1.36 8.69 -49.50
N THR F 393 2.30 9.14 -50.33
CA THR F 393 2.05 10.27 -51.22
C THR F 393 1.47 9.86 -52.56
N LYS F 394 0.77 8.72 -52.63
CA LYS F 394 0.21 8.27 -53.89
C LYS F 394 -1.06 9.01 -54.28
N ASN F 395 -1.70 9.71 -53.34
CA ASN F 395 -2.98 10.34 -53.61
C ASN F 395 -2.98 11.85 -53.46
N MET F 396 -2.04 12.42 -52.72
CA MET F 396 -2.01 13.87 -52.53
C MET F 396 -1.65 14.57 -53.84
N LYS F 397 -2.26 15.73 -54.06
CA LYS F 397 -2.03 16.48 -55.30
C LYS F 397 -0.74 17.28 -55.21
N LEU F 398 0.36 16.61 -54.90
CA LEU F 398 1.64 17.29 -54.78
C LEU F 398 2.17 17.69 -56.15
N ALA F 399 2.81 18.85 -56.21
CA ALA F 399 3.32 19.37 -57.46
C ALA F 399 4.54 18.57 -57.92
N GLU F 400 5.11 18.98 -59.05
CA GLU F 400 6.24 18.26 -59.63
C GLU F 400 7.58 18.66 -59.03
N ASP F 401 7.60 19.68 -58.17
CA ASP F 401 8.84 20.19 -57.58
C ASP F 401 9.00 19.76 -56.12
N VAL F 402 8.59 18.55 -55.78
CA VAL F 402 8.68 18.04 -54.41
C VAL F 402 9.85 17.09 -54.30
N ASP F 403 10.64 17.25 -53.25
CA ASP F 403 11.83 16.42 -53.00
C ASP F 403 11.53 15.54 -51.80
N LEU F 404 11.31 14.25 -52.06
CA LEU F 404 11.11 13.29 -50.97
C LEU F 404 12.42 12.84 -50.36
N GLU F 405 13.52 12.91 -51.12
CA GLU F 405 14.82 12.48 -50.61
C GLU F 405 15.28 13.38 -49.46
N ARG F 406 15.05 14.69 -49.58
CA ARG F 406 15.40 15.60 -48.49
C ARG F 406 14.64 15.25 -47.22
N ILE F 407 13.34 14.98 -47.35
CA ILE F 407 12.53 14.62 -46.19
C ILE F 407 13.00 13.30 -45.60
N SER F 408 13.39 12.36 -46.45
CA SER F 408 13.90 11.07 -45.97
C SER F 408 15.19 11.25 -45.19
N LYS F 409 16.12 12.04 -45.73
CA LYS F 409 17.41 12.20 -45.08
C LYS F 409 17.33 13.05 -43.82
N ASP F 410 16.37 13.98 -43.75
CA ASP F 410 16.24 14.85 -42.60
C ASP F 410 15.34 14.27 -41.50
N THR F 411 14.76 13.09 -41.72
CA THR F 411 13.93 12.43 -40.72
C THR F 411 14.71 11.27 -40.10
N HIS F 412 14.94 11.35 -38.80
CA HIS F 412 15.65 10.31 -38.06
C HIS F 412 14.84 9.94 -36.83
N GLY F 413 14.63 8.65 -36.63
CA GLY F 413 13.80 8.15 -35.56
C GLY F 413 12.32 8.07 -35.88
N TYR F 414 11.91 8.51 -37.07
CA TYR F 414 10.50 8.46 -37.46
C TYR F 414 10.08 7.02 -37.74
N VAL F 415 8.79 6.77 -37.53
CA VAL F 415 8.18 5.47 -37.84
C VAL F 415 7.04 5.72 -38.82
N GLY F 416 6.32 4.65 -39.19
CA GLY F 416 5.29 4.79 -40.20
C GLY F 416 4.18 5.74 -39.79
N ALA F 417 3.72 5.64 -38.53
CA ALA F 417 2.67 6.53 -38.07
C ALA F 417 3.11 7.99 -38.09
N ASP F 418 4.35 8.26 -37.68
CA ASP F 418 4.85 9.63 -37.70
C ASP F 418 4.92 10.18 -39.11
N LEU F 419 5.24 9.35 -40.10
CA LEU F 419 5.31 9.83 -41.47
C LEU F 419 3.92 10.03 -42.07
N ALA F 420 2.95 9.20 -41.70
CA ALA F 420 1.57 9.50 -42.09
C ALA F 420 1.11 10.82 -41.49
N ALA F 421 1.44 11.06 -40.23
CA ALA F 421 1.11 12.33 -39.60
C ALA F 421 1.81 13.49 -40.30
N LEU F 422 3.07 13.29 -40.71
CA LEU F 422 3.79 14.32 -41.44
C LEU F 422 3.11 14.64 -42.76
N CYS F 423 2.67 13.62 -43.49
CA CYS F 423 1.98 13.86 -44.77
C CYS F 423 0.68 14.62 -44.56
N THR F 424 -0.13 14.18 -43.59
CA THR F 424 -1.40 14.88 -43.39
C THR F 424 -1.19 16.28 -42.82
N GLU F 425 -0.11 16.50 -42.08
CA GLU F 425 0.17 17.84 -41.58
C GLU F 425 0.68 18.75 -42.70
N ALA F 426 1.40 18.18 -43.67
CA ALA F 426 1.77 18.96 -44.85
C ALA F 426 0.52 19.36 -45.64
N ALA F 427 -0.44 18.44 -45.76
CA ALA F 427 -1.69 18.79 -46.43
C ALA F 427 -2.43 19.88 -45.68
N LEU F 428 -2.48 19.79 -44.35
CA LEU F 428 -3.11 20.84 -43.55
C LEU F 428 -2.40 22.17 -43.73
N GLN F 429 -1.07 22.15 -43.79
CA GLN F 429 -0.30 23.37 -44.02
C GLN F 429 -0.62 23.98 -45.38
N CYS F 430 -0.79 23.14 -46.41
CA CYS F 430 -1.18 23.64 -47.72
C CYS F 430 -2.56 24.28 -47.66
N ILE F 431 -3.49 23.66 -46.94
CA ILE F 431 -4.82 24.26 -46.78
C ILE F 431 -4.77 25.56 -46.00
N ARG F 432 -3.82 25.68 -45.07
CA ARG F 432 -3.72 26.85 -44.21
C ARG F 432 -3.56 28.14 -45.03
N GLU F 433 -2.81 28.07 -46.12
CA GLU F 433 -2.52 29.25 -46.93
C GLU F 433 -3.61 29.55 -47.96
N LYS F 434 -4.69 28.76 -47.99
CA LYS F 434 -5.82 29.02 -48.86
C LYS F 434 -6.95 29.74 -48.14
N MET F 435 -6.73 30.18 -46.90
CA MET F 435 -7.75 30.89 -46.14
C MET F 435 -7.86 32.37 -46.50
N ASP F 436 -6.87 32.92 -47.20
CA ASP F 436 -6.92 34.34 -47.55
C ASP F 436 -8.08 34.64 -48.49
N VAL F 437 -8.30 33.77 -49.49
CA VAL F 437 -9.35 33.99 -50.48
C VAL F 437 -10.62 33.19 -50.17
N ILE F 438 -10.56 32.22 -49.29
CA ILE F 438 -11.72 31.42 -48.92
C ILE F 438 -12.21 31.88 -47.56
N ASP F 439 -13.47 32.30 -47.48
CA ASP F 439 -14.08 32.79 -46.26
C ASP F 439 -15.12 31.81 -45.77
N LEU F 440 -15.09 31.51 -44.46
CA LEU F 440 -16.09 30.63 -43.87
C LEU F 440 -17.48 31.23 -43.93
N GLU F 441 -17.59 32.55 -44.09
CA GLU F 441 -18.90 33.18 -44.27
C GLU F 441 -19.57 32.72 -45.56
N ASP F 442 -18.78 32.37 -46.56
CA ASP F 442 -19.34 31.92 -47.83
C ASP F 442 -20.09 30.60 -47.65
N ASP F 443 -21.25 30.50 -48.31
CA ASP F 443 -22.05 29.28 -48.20
C ASP F 443 -21.36 28.09 -48.84
N SER F 444 -20.67 28.29 -49.95
CA SER F 444 -19.97 27.23 -50.65
C SER F 444 -18.61 27.74 -51.09
N ILE F 445 -17.68 26.81 -51.25
CA ILE F 445 -16.32 27.12 -51.67
C ILE F 445 -16.25 27.09 -53.19
N ASP F 446 -15.49 28.03 -53.76
CA ASP F 446 -15.31 28.07 -55.20
C ASP F 446 -14.65 26.78 -55.69
N ALA F 447 -15.22 26.19 -56.74
CA ALA F 447 -14.68 24.94 -57.28
C ALA F 447 -13.32 25.15 -57.92
N GLU F 448 -13.11 26.32 -58.54
CA GLU F 448 -11.82 26.59 -59.16
C GLU F 448 -10.69 26.61 -58.14
N ILE F 449 -10.93 27.27 -56.99
CA ILE F 449 -9.93 27.29 -55.93
C ILE F 449 -9.72 25.88 -55.38
N LEU F 450 -10.79 25.10 -55.25
CA LEU F 450 -10.66 23.74 -54.75
C LEU F 450 -9.80 22.89 -55.68
N ASN F 451 -9.98 23.04 -56.99
CA ASN F 451 -9.24 22.24 -57.95
C ASN F 451 -7.86 22.80 -58.26
N SER F 452 -7.56 24.03 -57.83
CA SER F 452 -6.27 24.64 -58.11
C SER F 452 -5.25 24.42 -56.99
N MET F 453 -5.58 23.63 -55.98
CA MET F 453 -4.71 23.46 -54.82
C MET F 453 -3.66 22.38 -55.07
N ALA F 454 -2.47 22.62 -54.54
CA ALA F 454 -1.37 21.66 -54.62
C ALA F 454 -0.38 21.96 -53.50
N VAL F 455 0.42 20.97 -53.16
CA VAL F 455 1.43 21.11 -52.12
C VAL F 455 2.81 21.06 -52.77
N THR F 456 3.81 21.51 -52.01
CA THR F 456 5.15 21.67 -52.55
C THR F 456 6.16 21.39 -51.44
N ASN F 457 7.41 21.78 -51.68
CA ASN F 457 8.51 21.41 -50.78
C ASN F 457 8.47 22.22 -49.49
N GLU F 458 8.17 23.52 -49.56
CA GLU F 458 8.17 24.34 -48.36
C GLU F 458 7.09 23.90 -47.39
N HIS F 459 5.95 23.41 -47.89
CA HIS F 459 4.93 22.88 -47.01
C HIS F 459 5.46 21.69 -46.22
N PHE F 460 6.16 20.78 -46.89
CA PHE F 460 6.73 19.62 -46.19
C PHE F 460 7.79 20.05 -45.20
N HIS F 461 8.60 21.05 -45.55
CA HIS F 461 9.61 21.52 -44.61
C HIS F 461 8.96 22.14 -43.37
N THR F 462 7.88 22.91 -43.55
CA THR F 462 7.17 23.47 -42.41
C THR F 462 6.58 22.36 -41.54
N ALA F 463 5.99 21.35 -42.18
CA ALA F 463 5.42 20.23 -41.43
C ALA F 463 6.50 19.48 -40.66
N LEU F 464 7.67 19.28 -41.28
CA LEU F 464 8.78 18.61 -40.61
C LEU F 464 9.27 19.43 -39.42
N GLY F 465 9.35 20.74 -39.58
CA GLY F 465 9.72 21.58 -38.45
C GLY F 465 8.73 21.49 -37.31
N ASN F 466 7.44 21.41 -37.64
CA ASN F 466 6.42 21.33 -36.59
C ASN F 466 6.24 19.91 -36.06
N SER F 467 6.75 18.90 -36.76
CA SER F 467 6.51 17.52 -36.35
C SER F 467 7.48 17.10 -35.26
N ASN F 468 7.22 15.93 -34.69
CA ASN F 468 8.05 15.33 -33.65
C ASN F 468 8.22 13.84 -33.93
N PRO F 469 9.37 13.27 -33.61
CA PRO F 469 9.55 11.83 -33.73
C PRO F 469 8.99 11.08 -32.52
N SER F 470 8.77 9.78 -32.73
CA SER F 470 8.26 8.91 -31.67
C SER F 470 9.25 7.87 -31.20
N ALA F 471 10.35 7.66 -31.91
CA ALA F 471 11.31 6.62 -31.58
C ALA F 471 12.73 7.17 -31.63
N LEU F 472 12.93 8.34 -31.03
CA LEU F 472 14.27 8.90 -30.93
C LEU F 472 15.10 8.22 -29.84
N ARG F 473 14.45 7.56 -28.89
CA ARG F 473 15.14 6.88 -27.81
C ARG F 473 15.42 5.42 -28.11
N GLU F 474 14.98 4.91 -29.25
CA GLU F 474 15.21 3.51 -29.60
C GLU F 474 16.67 3.30 -29.98
N THR F 475 17.19 2.13 -29.61
CA THR F 475 18.57 1.75 -29.91
C THR F 475 18.62 1.31 -31.37
N VAL F 476 18.81 2.28 -32.27
CA VAL F 476 18.81 1.99 -33.69
C VAL F 476 20.07 1.18 -34.05
N VAL F 477 19.87 0.09 -34.77
CA VAL F 477 20.95 -0.78 -35.22
C VAL F 477 21.09 -0.60 -36.72
N GLU F 478 22.24 -0.10 -37.16
CA GLU F 478 22.43 0.23 -38.57
C GLU F 478 23.91 0.11 -38.91
N VAL F 479 24.18 -0.02 -40.20
CA VAL F 479 25.55 -0.09 -40.70
C VAL F 479 26.04 1.33 -40.95
N PRO F 480 27.12 1.77 -40.30
CA PRO F 480 27.61 3.13 -40.51
C PRO F 480 28.16 3.31 -41.93
N ASN F 481 28.07 4.55 -42.40
CA ASN F 481 28.50 4.90 -43.75
C ASN F 481 29.85 5.61 -43.79
N VAL F 482 30.54 5.73 -42.66
CA VAL F 482 31.83 6.40 -42.65
C VAL F 482 32.85 5.55 -43.41
N SER F 483 33.52 6.17 -44.37
CA SER F 483 34.45 5.43 -45.22
C SER F 483 35.72 5.06 -44.46
N TRP F 484 36.38 4.02 -44.94
CA TRP F 484 37.63 3.56 -44.35
C TRP F 484 38.78 4.53 -44.58
N ASN F 485 38.62 5.48 -45.50
CA ASN F 485 39.65 6.47 -45.76
C ASN F 485 39.28 7.87 -45.28
N ASP F 486 38.07 8.07 -44.75
CA ASP F 486 37.70 9.39 -44.23
C ASP F 486 38.53 9.77 -43.03
N ILE F 487 38.93 8.79 -42.21
CA ILE F 487 39.69 9.08 -41.00
C ILE F 487 41.10 9.54 -41.39
N GLY F 488 41.57 10.58 -40.70
CA GLY F 488 42.86 11.17 -41.00
C GLY F 488 43.94 10.62 -40.10
N GLY F 489 45.03 10.17 -40.72
CA GLY F 489 46.12 9.57 -39.96
C GLY F 489 45.73 8.21 -39.42
N LEU F 490 46.45 7.81 -38.37
CA LEU F 490 46.20 6.54 -37.68
C LEU F 490 46.25 5.35 -38.63
N GLU F 491 47.32 5.29 -39.42
CA GLU F 491 47.46 4.20 -40.39
C GLU F 491 47.79 2.89 -39.71
N ASN F 492 48.73 2.91 -38.76
CA ASN F 492 49.12 1.68 -38.07
C ASN F 492 47.95 1.09 -37.28
N VAL F 493 47.17 1.95 -36.62
CA VAL F 493 46.02 1.48 -35.87
C VAL F 493 45.01 0.85 -36.79
N LYS F 494 44.80 1.43 -37.97
CA LYS F 494 43.89 0.82 -38.95
C LYS F 494 44.41 -0.54 -39.40
N ARG F 495 45.71 -0.64 -39.66
CA ARG F 495 46.28 -1.91 -40.11
C ARG F 495 46.09 -2.99 -39.05
N GLU F 496 46.31 -2.65 -37.78
CA GLU F 496 46.13 -3.63 -36.72
C GLU F 496 44.66 -3.98 -36.53
N LEU F 497 43.78 -2.97 -36.53
CA LEU F 497 42.36 -3.21 -36.27
C LEU F 497 41.73 -4.05 -37.35
N GLN F 498 42.16 -3.90 -38.60
CA GLN F 498 41.61 -4.72 -39.66
C GLN F 498 41.84 -6.21 -39.38
N GLU F 499 43.07 -6.58 -39.04
CA GLU F 499 43.37 -7.98 -38.76
C GLU F 499 42.79 -8.44 -37.43
N THR F 500 42.54 -7.52 -36.50
CA THR F 500 41.92 -7.92 -35.24
C THR F 500 40.43 -8.19 -35.39
N VAL F 501 39.76 -7.43 -36.26
CA VAL F 501 38.31 -7.51 -36.35
C VAL F 501 37.85 -8.35 -37.54
N GLN F 502 38.23 -7.93 -38.75
CA GLN F 502 37.65 -8.53 -39.95
C GLN F 502 38.03 -10.00 -40.09
N TYR F 503 39.31 -10.33 -39.86
CA TYR F 503 39.78 -11.69 -40.14
C TYR F 503 39.06 -12.76 -39.35
N PRO F 504 38.88 -12.64 -38.02
CA PRO F 504 38.15 -13.70 -37.30
C PRO F 504 36.69 -13.83 -37.70
N VAL F 505 36.11 -12.80 -38.33
CA VAL F 505 34.70 -12.84 -38.70
C VAL F 505 34.56 -13.18 -40.18
N GLU F 506 35.22 -12.39 -41.05
CA GLU F 506 35.06 -12.59 -42.48
C GLU F 506 35.77 -13.85 -42.98
N HIS F 507 36.89 -14.22 -42.36
CA HIS F 507 37.68 -15.38 -42.79
C HIS F 507 38.00 -16.27 -41.60
N PRO F 508 36.98 -16.92 -41.02
CA PRO F 508 37.24 -17.83 -39.90
C PRO F 508 37.81 -19.18 -40.30
N GLU F 509 37.77 -19.52 -41.59
CA GLU F 509 38.30 -20.81 -42.02
C GLU F 509 39.81 -20.90 -41.81
N LYS F 510 40.52 -19.77 -41.92
CA LYS F 510 41.95 -19.78 -41.64
C LYS F 510 42.21 -20.14 -40.19
N PHE F 511 41.43 -19.56 -39.27
CA PHE F 511 41.57 -19.88 -37.86
C PHE F 511 41.17 -21.33 -37.59
N GLU F 512 40.17 -21.83 -38.30
CA GLU F 512 39.82 -23.25 -38.18
C GLU F 512 40.98 -24.14 -38.60
N LYS F 513 41.65 -23.78 -39.70
CA LYS F 513 42.82 -24.52 -40.13
C LYS F 513 43.92 -24.46 -39.08
N PHE F 514 44.16 -23.28 -38.52
CA PHE F 514 45.15 -23.16 -37.44
C PHE F 514 44.63 -23.69 -36.11
N GLY F 515 43.32 -23.66 -35.90
CA GLY F 515 42.75 -24.09 -34.65
C GLY F 515 42.86 -23.10 -33.51
N MET F 516 43.29 -21.88 -33.80
CA MET F 516 43.45 -20.88 -32.75
C MET F 516 42.12 -20.22 -32.42
N SER F 517 41.97 -19.84 -31.15
CA SER F 517 40.77 -19.16 -30.67
C SER F 517 41.12 -17.71 -30.35
N PRO F 518 40.76 -16.76 -31.20
CA PRO F 518 41.14 -15.36 -30.97
C PRO F 518 40.28 -14.71 -29.89
N SER F 519 40.68 -13.51 -29.51
CA SER F 519 39.95 -12.71 -28.54
C SER F 519 39.08 -11.70 -29.26
N LYS F 520 38.08 -11.19 -28.53
CA LYS F 520 37.06 -10.32 -29.12
C LYS F 520 37.12 -8.88 -28.64
N GLY F 521 37.08 -8.65 -27.33
CA GLY F 521 37.02 -7.28 -26.84
C GLY F 521 38.27 -6.49 -27.20
N VAL F 522 38.08 -5.21 -27.50
CA VAL F 522 39.16 -4.28 -27.77
C VAL F 522 38.88 -2.99 -27.02
N LEU F 523 39.92 -2.39 -26.45
CA LEU F 523 39.78 -1.15 -25.69
C LEU F 523 40.63 -0.07 -26.34
N PHE F 524 40.07 1.14 -26.44
CA PHE F 524 40.77 2.30 -26.97
C PHE F 524 41.06 3.27 -25.83
N TYR F 525 42.29 3.76 -25.75
CA TYR F 525 42.63 4.79 -24.78
C TYR F 525 43.50 5.84 -25.42
N GLY F 526 43.26 7.10 -25.07
CA GLY F 526 43.97 8.22 -25.63
C GLY F 526 43.37 9.54 -25.25
N PRO F 527 43.87 10.63 -25.85
CA PRO F 527 43.32 11.95 -25.53
C PRO F 527 41.88 12.06 -25.97
N PRO F 528 41.06 12.84 -25.27
CA PRO F 528 39.67 13.01 -25.68
C PRO F 528 39.57 13.66 -27.06
N GLY F 529 38.58 13.21 -27.84
CA GLY F 529 38.34 13.76 -29.15
C GLY F 529 39.50 13.60 -30.11
N CYS F 530 39.97 12.37 -30.28
CA CYS F 530 41.12 12.10 -31.13
C CYS F 530 40.83 11.13 -32.26
N GLY F 531 39.60 10.60 -32.36
CA GLY F 531 39.27 9.72 -33.46
C GLY F 531 38.90 8.31 -33.07
N LYS F 532 38.30 8.13 -31.90
CA LYS F 532 37.95 6.78 -31.45
C LYS F 532 36.63 6.33 -32.04
N THR F 533 35.55 7.10 -31.84
CA THR F 533 34.25 6.71 -32.38
C THR F 533 34.28 6.62 -33.89
N LEU F 534 35.01 7.53 -34.54
CA LEU F 534 35.17 7.45 -35.99
C LEU F 534 35.89 6.17 -36.39
N LEU F 535 36.91 5.78 -35.61
CA LEU F 535 37.62 4.54 -35.91
C LEU F 535 36.70 3.34 -35.80
N ALA F 536 35.89 3.29 -34.73
CA ALA F 536 34.98 2.17 -34.55
C ALA F 536 33.94 2.11 -35.68
N LYS F 537 33.35 3.25 -36.02
CA LYS F 537 32.38 3.27 -37.10
C LYS F 537 33.02 2.93 -38.44
N ALA F 538 34.26 3.35 -38.66
CA ALA F 538 34.95 3.04 -39.90
C ALA F 538 35.19 1.53 -40.03
N ILE F 539 35.65 0.89 -38.96
CA ILE F 539 35.88 -0.55 -39.05
C ILE F 539 34.56 -1.30 -39.18
N ALA F 540 33.51 -0.82 -38.50
CA ALA F 540 32.19 -1.44 -38.68
C ALA F 540 31.72 -1.33 -40.12
N ASN F 541 31.92 -0.15 -40.73
CA ASN F 541 31.55 0.03 -42.14
C ASN F 541 32.36 -0.88 -43.04
N GLU F 542 33.66 -1.01 -42.78
CA GLU F 542 34.50 -1.85 -43.61
C GLU F 542 34.06 -3.31 -43.53
N CYS F 543 33.74 -3.79 -42.32
CA CYS F 543 33.30 -5.17 -42.18
C CYS F 543 31.82 -5.35 -42.52
N GLN F 544 31.10 -4.27 -42.80
CA GLN F 544 29.70 -4.32 -43.22
C GLN F 544 28.81 -5.03 -42.19
N ALA F 545 29.10 -4.84 -40.91
CA ALA F 545 28.30 -5.40 -39.84
C ALA F 545 27.49 -4.29 -39.18
N ASN F 546 26.77 -4.65 -38.12
CA ASN F 546 25.94 -3.69 -37.42
C ASN F 546 26.82 -2.81 -36.52
N PHE F 547 26.17 -1.90 -35.79
CA PHE F 547 26.89 -1.01 -34.87
C PHE F 547 25.90 -0.50 -33.84
N ILE F 548 26.04 -0.91 -32.59
CA ILE F 548 25.12 -0.52 -31.54
C ILE F 548 25.84 0.37 -30.53
N SER F 549 25.79 1.68 -30.73
CA SER F 549 26.48 2.60 -29.83
C SER F 549 25.71 2.71 -28.52
N VAL F 550 26.43 2.59 -27.42
CA VAL F 550 25.87 2.77 -26.07
C VAL F 550 26.83 3.63 -25.27
N LYS F 551 26.29 4.55 -24.49
CA LYS F 551 27.08 5.48 -23.71
C LYS F 551 26.85 5.25 -22.23
N GLY F 552 27.85 5.61 -21.43
CA GLY F 552 27.80 5.42 -20.00
C GLY F 552 26.65 6.14 -19.31
N PRO F 553 26.47 7.44 -19.61
CA PRO F 553 25.30 8.14 -19.08
C PRO F 553 23.99 7.49 -19.49
N GLU F 554 23.91 6.97 -20.72
CA GLU F 554 22.71 6.28 -21.15
C GLU F 554 22.48 5.03 -20.30
N LEU F 555 23.55 4.27 -20.03
CA LEU F 555 23.41 3.09 -19.19
C LEU F 555 22.95 3.44 -17.78
N LEU F 556 23.53 4.48 -17.19
CA LEU F 556 23.12 4.87 -15.84
C LEU F 556 21.68 5.35 -15.81
N THR F 557 21.27 6.14 -16.80
CA THR F 557 19.88 6.61 -16.85
C THR F 557 18.91 5.44 -17.01
N MET F 558 19.22 4.49 -17.89
CA MET F 558 18.34 3.34 -18.06
C MET F 558 18.33 2.45 -16.83
N TRP F 559 19.47 2.35 -16.12
CA TRP F 559 19.51 1.60 -14.88
C TRP F 559 18.60 2.24 -13.83
N PHE F 560 18.64 3.56 -13.72
CA PHE F 560 17.80 4.23 -12.73
C PHE F 560 16.32 4.17 -13.10
N GLY F 561 16.01 4.26 -14.39
CA GLY F 561 14.62 4.35 -14.81
C GLY F 561 13.94 3.06 -15.19
N GLU F 562 14.67 1.96 -15.38
CA GLU F 562 14.09 0.71 -15.85
C GLU F 562 14.71 -0.49 -15.14
N SER F 563 15.06 -0.34 -13.87
CA SER F 563 15.65 -1.40 -13.07
C SER F 563 16.98 -1.86 -13.65
N GLU F 564 17.35 -3.13 -13.41
CA GLU F 564 18.65 -3.65 -13.81
C GLU F 564 18.56 -4.61 -15.00
N ALA F 565 17.54 -4.44 -15.85
CA ALA F 565 17.35 -5.31 -17.01
C ALA F 565 17.66 -4.61 -18.32
N ASN F 566 18.53 -3.59 -18.31
CA ASN F 566 18.83 -2.85 -19.53
C ASN F 566 20.03 -3.44 -20.26
N VAL F 567 21.11 -3.73 -19.53
CA VAL F 567 22.32 -4.23 -20.17
C VAL F 567 22.07 -5.60 -20.79
N ARG F 568 21.32 -6.46 -20.10
CA ARG F 568 20.98 -7.76 -20.66
C ARG F 568 20.15 -7.61 -21.93
N GLU F 569 19.21 -6.65 -21.93
CA GLU F 569 18.42 -6.41 -23.13
C GLU F 569 19.29 -5.94 -24.29
N ILE F 570 20.25 -5.06 -24.02
CA ILE F 570 21.14 -4.59 -25.08
C ILE F 570 21.98 -5.74 -25.63
N PHE F 571 22.50 -6.59 -24.73
CA PHE F 571 23.29 -7.73 -25.19
C PHE F 571 22.44 -8.70 -26.01
N ASP F 572 21.19 -8.92 -25.60
CA ASP F 572 20.30 -9.78 -26.39
C ASP F 572 20.01 -9.17 -27.75
N LYS F 573 19.82 -7.85 -27.80
CA LYS F 573 19.63 -7.18 -29.08
C LYS F 573 20.84 -7.35 -29.98
N ALA F 574 22.04 -7.24 -29.41
CA ALA F 574 23.25 -7.47 -30.19
C ALA F 574 23.34 -8.92 -30.67
N ARG F 575 22.99 -9.86 -29.80
CA ARG F 575 23.03 -11.27 -30.17
C ARG F 575 22.08 -11.58 -31.31
N GLN F 576 20.88 -11.02 -31.26
CA GLN F 576 19.90 -11.21 -32.33
C GLN F 576 20.40 -10.62 -33.65
N SER F 577 21.16 -9.52 -33.58
CA SER F 577 21.61 -8.80 -34.76
C SER F 577 23.03 -9.16 -35.17
N ALA F 578 23.45 -10.40 -34.94
CA ALA F 578 24.78 -10.81 -35.33
C ALA F 578 24.91 -10.84 -36.85
N PRO F 579 26.08 -10.48 -37.39
CA PRO F 579 27.31 -10.02 -36.73
C PRO F 579 27.16 -8.59 -36.22
N CYS F 580 27.96 -8.16 -35.25
CA CYS F 580 27.77 -6.85 -34.65
C CYS F 580 29.10 -6.32 -34.12
N VAL F 581 29.15 -5.01 -33.93
CA VAL F 581 30.30 -4.34 -33.32
C VAL F 581 29.72 -3.46 -32.21
N LEU F 582 29.62 -4.02 -31.00
CA LEU F 582 29.03 -3.32 -29.87
C LEU F 582 30.02 -2.30 -29.34
N PHE F 583 29.63 -1.03 -29.31
CA PHE F 583 30.52 0.05 -28.90
C PHE F 583 30.03 0.62 -27.58
N PHE F 584 30.80 0.39 -26.51
CA PHE F 584 30.47 0.88 -25.18
C PHE F 584 31.26 2.17 -24.93
N ASP F 585 30.79 3.25 -25.54
CA ASP F 585 31.50 4.52 -25.43
C ASP F 585 31.44 5.06 -24.01
N GLU F 586 32.51 5.75 -23.62
CA GLU F 586 32.59 6.47 -22.36
C GLU F 586 32.37 5.54 -21.16
N LEU F 587 33.29 4.58 -21.02
CA LEU F 587 33.29 3.71 -19.86
C LEU F 587 33.83 4.40 -18.61
N ASP F 588 34.37 5.61 -18.74
CA ASP F 588 34.98 6.29 -17.61
C ASP F 588 33.97 6.53 -16.48
N SER F 589 32.69 6.68 -16.81
CA SER F 589 31.69 6.96 -15.80
C SER F 589 31.33 5.74 -14.96
N ILE F 590 31.54 4.53 -15.48
CA ILE F 590 31.11 3.33 -14.78
C ILE F 590 32.24 2.34 -14.54
N ALA F 591 33.31 2.35 -15.33
CA ALA F 591 34.35 1.34 -15.25
C ALA F 591 35.54 1.79 -14.40
N THR F 592 35.32 2.65 -13.42
CA THR F 592 36.40 3.02 -12.51
C THR F 592 36.45 2.08 -11.32
N GLN F 593 37.61 2.05 -10.67
CA GLN F 593 37.79 1.20 -9.50
C GLN F 593 36.92 1.69 -8.34
N ARG F 594 36.38 0.75 -7.58
CA ARG F 594 35.52 1.10 -6.46
C ARG F 594 36.29 1.90 -5.42
N GLY F 595 35.63 2.93 -4.88
CA GLY F 595 36.26 3.82 -3.93
C GLY F 595 35.93 3.45 -2.49
N GLY F 596 36.94 3.59 -1.63
CA GLY F 596 36.75 3.32 -0.21
C GLY F 596 36.01 4.39 0.55
N GLY F 597 35.76 5.54 -0.08
CA GLY F 597 35.02 6.61 0.56
C GLY F 597 33.57 6.67 0.12
N SER F 598 33.08 5.58 -0.48
CA SER F 598 31.71 5.54 -0.95
C SER F 598 30.74 5.50 0.22
N GLY F 599 29.50 5.89 -0.06
CA GLY F 599 28.46 5.88 0.96
C GLY F 599 27.15 6.34 0.37
N GLY F 600 26.10 6.20 1.18
CA GLY F 600 24.78 6.64 0.75
C GLY F 600 24.30 5.87 -0.46
N ASP F 601 23.87 6.62 -1.48
CA ASP F 601 23.32 6.04 -2.71
C ASP F 601 24.39 5.58 -3.68
N GLY F 602 25.67 5.87 -3.41
CA GLY F 602 26.74 5.56 -4.34
C GLY F 602 26.90 4.09 -4.65
N GLY F 603 26.32 3.21 -3.83
CA GLY F 603 26.35 1.79 -4.10
C GLY F 603 25.36 1.31 -5.13
N GLY F 604 24.54 2.20 -5.67
CA GLY F 604 23.60 1.83 -6.70
C GLY F 604 24.11 2.15 -8.10
N ALA F 605 25.21 2.89 -8.17
CA ALA F 605 25.77 3.32 -9.44
C ALA F 605 27.25 3.02 -9.49
N ALA F 606 27.76 2.81 -10.71
CA ALA F 606 29.15 2.56 -11.04
C ALA F 606 29.67 1.23 -10.51
N ASP F 607 28.86 0.46 -9.80
CA ASP F 607 29.27 -0.86 -9.34
C ASP F 607 28.26 -1.92 -9.75
N ARG F 608 26.97 -1.58 -9.69
CA ARG F 608 25.93 -2.52 -10.12
C ARG F 608 25.98 -2.73 -11.63
N VAL F 609 26.05 -1.64 -12.38
CA VAL F 609 26.15 -1.75 -13.83
C VAL F 609 27.46 -2.43 -14.21
N LEU F 610 28.52 -2.16 -13.46
CA LEU F 610 29.80 -2.82 -13.75
C LEU F 610 29.71 -4.33 -13.56
N ASN F 611 29.07 -4.77 -12.47
CA ASN F 611 28.94 -6.20 -12.23
C ASN F 611 28.06 -6.87 -13.28
N GLN F 612 26.93 -6.24 -13.63
CA GLN F 612 26.07 -6.82 -14.66
C GLN F 612 26.78 -6.87 -16.01
N LEU F 613 27.51 -5.81 -16.35
CA LEU F 613 28.25 -5.77 -17.60
C LEU F 613 29.31 -6.87 -17.64
N LEU F 614 30.03 -7.07 -16.53
CA LEU F 614 31.02 -8.13 -16.47
C LEU F 614 30.37 -9.51 -16.61
N THR F 615 29.24 -9.72 -15.94
CA THR F 615 28.57 -11.01 -16.02
C THR F 615 28.12 -11.31 -17.45
N GLU F 616 27.54 -10.32 -18.13
CA GLU F 616 27.13 -10.53 -19.51
C GLU F 616 28.34 -10.71 -20.43
N MET F 617 29.41 -9.96 -20.19
CA MET F 617 30.57 -9.98 -21.07
C MET F 617 31.30 -11.32 -20.99
N ASP F 618 31.42 -11.88 -19.79
CA ASP F 618 32.10 -13.17 -19.65
C ASP F 618 31.32 -14.31 -20.28
N GLY F 619 30.02 -14.15 -20.50
CA GLY F 619 29.24 -15.13 -21.23
C GLY F 619 29.07 -14.82 -22.70
N MET F 620 29.39 -13.59 -23.11
CA MET F 620 29.33 -13.22 -24.52
C MET F 620 30.20 -14.12 -25.39
N ASN F 621 31.31 -14.63 -24.82
CA ASN F 621 32.31 -15.35 -25.60
C ASN F 621 31.79 -16.64 -26.23
N ALA F 622 30.53 -17.01 -26.00
CA ALA F 622 30.00 -18.24 -26.58
C ALA F 622 29.86 -18.11 -28.10
N LYS F 623 29.25 -17.04 -28.58
CA LYS F 623 29.06 -16.86 -30.00
C LYS F 623 30.36 -16.37 -30.64
N LYS F 624 30.35 -16.26 -31.97
CA LYS F 624 31.57 -16.00 -32.72
C LYS F 624 31.57 -14.67 -33.46
N THR F 625 30.41 -14.05 -33.68
CA THR F 625 30.32 -12.85 -34.51
C THR F 625 29.83 -11.64 -33.74
N VAL F 626 30.06 -11.62 -32.43
CA VAL F 626 29.73 -10.46 -31.59
C VAL F 626 31.04 -9.90 -31.06
N PHE F 627 31.25 -8.60 -31.28
CA PHE F 627 32.51 -7.93 -31.02
C PHE F 627 32.26 -6.76 -30.09
N ILE F 628 33.02 -6.68 -29.01
CA ILE F 628 32.85 -5.63 -28.01
C ILE F 628 34.04 -4.68 -28.10
N ILE F 629 33.75 -3.40 -28.30
CA ILE F 629 34.75 -2.36 -28.40
C ILE F 629 34.40 -1.27 -27.40
N GLY F 630 35.36 -0.92 -26.54
CA GLY F 630 35.14 0.13 -25.57
C GLY F 630 36.12 1.27 -25.74
N ALA F 631 35.77 2.45 -25.27
CA ALA F 631 36.63 3.61 -25.37
C ALA F 631 36.70 4.32 -24.02
N THR F 632 37.88 4.84 -23.69
CA THR F 632 38.03 5.55 -22.43
C THR F 632 39.06 6.65 -22.58
N ASN F 633 38.86 7.74 -21.84
CA ASN F 633 39.79 8.86 -21.82
C ASN F 633 40.65 8.89 -20.57
N ARG F 634 40.43 7.98 -19.63
CA ARG F 634 41.16 7.92 -18.37
C ARG F 634 41.65 6.49 -18.15
N PRO F 635 42.65 6.05 -18.90
CA PRO F 635 43.15 4.67 -18.75
C PRO F 635 43.86 4.43 -17.43
N ASP F 636 44.33 5.49 -16.76
CA ASP F 636 45.05 5.32 -15.50
C ASP F 636 44.14 4.98 -14.32
N ILE F 637 42.83 5.18 -14.45
CA ILE F 637 41.88 4.90 -13.39
C ILE F 637 40.87 3.83 -13.79
N ILE F 638 41.13 3.11 -14.88
CA ILE F 638 40.21 2.07 -15.32
C ILE F 638 40.24 0.90 -14.34
N ASP F 639 39.12 0.18 -14.27
CA ASP F 639 39.06 -1.01 -13.43
C ASP F 639 40.02 -2.07 -13.96
N SER F 640 40.64 -2.80 -13.03
CA SER F 640 41.52 -3.90 -13.40
C SER F 640 40.77 -5.18 -13.73
N ALA F 641 39.46 -5.23 -13.44
CA ALA F 641 38.67 -6.40 -13.78
C ALA F 641 38.26 -6.42 -15.24
N LEU F 642 38.40 -5.30 -15.95
CA LEU F 642 38.08 -5.23 -17.37
C LEU F 642 39.32 -5.33 -18.25
N LEU F 643 40.41 -5.91 -17.73
CA LEU F 643 41.61 -6.18 -18.52
C LEU F 643 42.06 -7.63 -18.39
N ARG F 644 41.24 -8.48 -17.77
CA ARG F 644 41.55 -9.90 -17.66
C ARG F 644 41.41 -10.57 -19.02
N PRO F 645 41.91 -11.80 -19.17
CA PRO F 645 41.69 -12.54 -20.41
C PRO F 645 40.20 -12.63 -20.72
N GLY F 646 39.87 -12.47 -22.00
CA GLY F 646 38.50 -12.20 -22.37
C GLY F 646 38.17 -10.74 -22.11
N ARG F 647 36.87 -10.46 -22.03
CA ARG F 647 36.37 -9.12 -21.73
C ARG F 647 37.01 -8.14 -22.71
N LEU F 648 37.57 -7.03 -22.25
CA LEU F 648 38.26 -6.06 -23.11
C LEU F 648 39.75 -6.17 -22.79
N ASP F 649 40.44 -7.06 -23.47
CA ASP F 649 41.83 -7.33 -23.16
C ASP F 649 42.80 -6.48 -23.97
N GLN F 650 42.65 -6.46 -25.29
CA GLN F 650 43.63 -5.82 -26.17
C GLN F 650 43.48 -4.31 -26.09
N LEU F 651 44.45 -3.66 -25.45
CA LEU F 651 44.48 -2.21 -25.35
C LEU F 651 45.14 -1.61 -26.59
N ILE F 652 44.62 -0.48 -27.06
CA ILE F 652 45.17 0.24 -28.19
C ILE F 652 45.26 1.71 -27.82
N TYR F 653 46.43 2.30 -28.03
CA TYR F 653 46.67 3.71 -27.75
C TYR F 653 46.41 4.52 -29.02
N ILE F 654 45.55 5.53 -28.92
CA ILE F 654 45.23 6.41 -30.03
C ILE F 654 45.99 7.72 -29.80
N PRO F 655 47.02 8.03 -30.60
CA PRO F 655 47.83 9.22 -30.35
C PRO F 655 47.28 10.45 -31.07
N LEU F 656 47.72 11.61 -30.58
CA LEU F 656 47.37 12.86 -31.25
C LEU F 656 47.96 12.88 -32.65
N PRO F 657 47.26 13.46 -33.62
CA PRO F 657 47.76 13.42 -35.00
C PRO F 657 49.09 14.15 -35.15
N ASP F 658 49.90 13.67 -36.08
CA ASP F 658 51.19 14.28 -36.37
C ASP F 658 51.05 15.29 -37.51
N GLU F 659 52.18 15.84 -37.96
CA GLU F 659 52.19 16.87 -38.99
C GLU F 659 51.44 16.41 -40.24
N ASP F 660 51.89 15.30 -40.84
CA ASP F 660 51.21 14.76 -42.00
C ASP F 660 49.78 14.37 -41.65
N SER F 661 49.57 13.80 -40.47
CA SER F 661 48.21 13.49 -40.03
C SER F 661 47.38 14.75 -39.86
N ARG F 662 47.98 15.84 -39.41
CA ARG F 662 47.24 17.10 -39.31
C ARG F 662 46.84 17.61 -40.70
N LEU F 663 47.74 17.50 -41.68
CA LEU F 663 47.37 17.87 -43.04
C LEU F 663 46.21 16.99 -43.54
N ASN F 664 46.29 15.69 -43.26
CA ASN F 664 45.24 14.77 -43.70
C ASN F 664 43.90 15.13 -43.07
N ILE F 665 43.88 15.40 -41.78
CA ILE F 665 42.61 15.71 -41.13
C ILE F 665 42.08 17.07 -41.58
N PHE F 666 42.98 18.04 -41.83
CA PHE F 666 42.53 19.33 -42.36
C PHE F 666 41.85 19.16 -43.71
N LYS F 667 42.46 18.41 -44.61
CA LYS F 667 41.86 18.22 -45.93
C LYS F 667 40.59 17.39 -45.85
N ALA F 668 40.52 16.42 -44.94
CA ALA F 668 39.31 15.62 -44.78
C ALA F 668 38.16 16.47 -44.26
N ALA F 669 38.43 17.36 -43.30
CA ALA F 669 37.38 18.23 -42.79
C ALA F 669 36.96 19.26 -43.82
N LEU F 670 37.91 19.77 -44.61
CA LEU F 670 37.61 20.75 -45.65
C LEU F 670 37.33 20.11 -47.00
N ARG F 671 37.01 18.81 -47.02
CA ARG F 671 36.74 18.13 -48.29
C ARG F 671 35.59 18.78 -49.04
N LYS F 672 34.51 19.13 -48.34
CA LYS F 672 33.32 19.66 -49.01
C LYS F 672 33.30 21.17 -49.08
N SER F 673 33.75 21.86 -48.03
CA SER F 673 33.60 23.31 -47.98
C SER F 673 34.43 23.96 -49.08
N PRO F 674 33.91 24.99 -49.74
CA PRO F 674 34.70 25.69 -50.77
C PRO F 674 35.92 26.35 -50.16
N ILE F 675 37.05 26.25 -50.88
CA ILE F 675 38.33 26.75 -50.40
C ILE F 675 38.90 27.70 -51.44
N ALA F 676 39.36 28.87 -50.98
CA ALA F 676 40.05 29.78 -51.86
C ALA F 676 41.37 29.16 -52.33
N LYS F 677 41.79 29.53 -53.55
CA LYS F 677 42.96 28.92 -54.16
C LYS F 677 44.26 29.31 -53.46
N ASP F 678 44.24 30.29 -52.56
CA ASP F 678 45.44 30.79 -51.91
C ASP F 678 45.60 30.26 -50.48
N VAL F 679 44.82 29.25 -50.10
CA VAL F 679 44.89 28.69 -48.76
C VAL F 679 46.10 27.76 -48.66
N ASP F 680 46.96 28.01 -47.68
CA ASP F 680 48.15 27.20 -47.46
C ASP F 680 47.87 26.24 -46.30
N ILE F 681 47.57 24.99 -46.63
CA ILE F 681 47.32 23.99 -45.60
C ILE F 681 48.58 23.69 -44.81
N GLY F 682 49.75 23.70 -45.47
CA GLY F 682 50.98 23.42 -44.76
C GLY F 682 51.27 24.43 -43.66
N ALA F 683 50.94 25.70 -43.90
CA ALA F 683 51.11 26.71 -42.86
C ALA F 683 50.25 26.40 -41.65
N LEU F 684 49.01 25.95 -41.89
CA LEU F 684 48.15 25.53 -40.79
C LEU F 684 48.73 24.33 -40.06
N ALA F 685 49.28 23.37 -40.80
CA ALA F 685 49.89 22.20 -40.18
C ALA F 685 51.04 22.59 -39.28
N LYS F 686 51.90 23.50 -39.74
CA LYS F 686 52.95 24.03 -38.88
C LYS F 686 52.36 24.81 -37.71
N TYR F 687 51.20 25.42 -37.90
CA TYR F 687 50.63 26.30 -36.89
C TYR F 687 50.03 25.50 -35.73
N THR F 688 49.41 24.36 -36.02
CA THR F 688 48.52 23.67 -35.09
C THR F 688 49.20 22.50 -34.38
N GLN F 689 50.47 22.63 -34.02
CA GLN F 689 51.15 21.56 -33.31
C GLN F 689 50.48 21.31 -31.96
N GLY F 690 50.26 20.03 -31.65
CA GLY F 690 49.64 19.66 -30.39
C GLY F 690 48.14 19.77 -30.35
N PHE F 691 47.48 19.95 -31.49
CA PHE F 691 46.03 20.12 -31.54
C PHE F 691 45.37 18.79 -31.84
N SER F 692 44.32 18.47 -31.07
CA SER F 692 43.55 17.26 -31.31
C SER F 692 42.65 17.44 -32.54
N GLY F 693 41.95 16.36 -32.89
CA GLY F 693 41.04 16.43 -34.02
C GLY F 693 39.87 17.37 -33.77
N ALA F 694 39.34 17.36 -32.55
CA ALA F 694 38.21 18.22 -32.23
C ALA F 694 38.57 19.69 -32.39
N ASP F 695 39.79 20.07 -31.99
CA ASP F 695 40.19 21.46 -32.14
C ASP F 695 40.38 21.85 -33.60
N ILE F 696 40.86 20.93 -34.44
CA ILE F 696 40.98 21.23 -35.87
C ILE F 696 39.60 21.43 -36.48
N THR F 697 38.64 20.57 -36.11
CA THR F 697 37.27 20.74 -36.59
C THR F 697 36.69 22.06 -36.10
N GLU F 698 36.98 22.43 -34.86
CA GLU F 698 36.50 23.71 -34.32
C GLU F 698 37.10 24.88 -35.08
N ILE F 699 38.39 24.82 -35.42
CA ILE F 699 39.01 25.89 -36.18
C ILE F 699 38.35 26.03 -37.55
N CYS F 700 38.11 24.89 -38.22
CA CYS F 700 37.45 24.94 -39.52
C CYS F 700 36.04 25.52 -39.40
N GLN F 701 35.32 25.14 -38.34
CA GLN F 701 33.97 25.66 -38.14
C GLN F 701 34.00 27.17 -37.88
N ARG F 702 34.98 27.63 -37.10
CA ARG F 702 35.10 29.06 -36.84
C ARG F 702 35.38 29.83 -38.12
N ALA F 703 36.26 29.30 -38.96
CA ALA F 703 36.54 29.94 -40.24
C ALA F 703 35.30 30.00 -41.11
N CYS F 704 34.54 28.90 -41.15
CA CYS F 704 33.30 28.89 -41.91
C CYS F 704 32.30 29.92 -41.39
N LYS F 705 32.20 30.05 -40.06
CA LYS F 705 31.28 31.01 -39.49
C LYS F 705 31.69 32.44 -39.81
N TYR F 706 32.99 32.73 -39.77
CA TYR F 706 33.45 34.06 -40.15
C TYR F 706 33.20 34.33 -41.62
N ALA F 707 33.35 33.31 -42.47
CA ALA F 707 33.03 33.48 -43.89
C ALA F 707 31.55 33.77 -44.09
N ILE F 708 30.69 33.10 -43.33
CA ILE F 708 29.26 33.36 -43.41
C ILE F 708 28.95 34.79 -42.95
N ARG F 709 29.62 35.23 -41.88
CA ARG F 709 29.44 36.61 -41.43
C ARG F 709 29.84 37.61 -42.50
N GLU F 710 30.98 37.36 -43.17
CA GLU F 710 31.43 38.24 -44.23
C GLU F 710 30.45 38.26 -45.39
N ASN F 711 29.92 37.09 -45.77
CA ASN F 711 28.94 37.03 -46.85
C ASN F 711 27.67 37.78 -46.50
N ILE F 712 27.19 37.63 -45.26
CA ILE F 712 26.00 38.35 -44.83
C ILE F 712 26.23 39.85 -44.86
N GLU F 713 27.39 40.29 -44.38
CA GLU F 713 27.71 41.71 -44.42
C GLU F 713 27.77 42.23 -45.84
N LYS F 714 28.36 41.45 -46.75
CA LYS F 714 28.44 41.86 -48.15
C LYS F 714 27.05 41.97 -48.78
N ASP F 715 26.18 41.00 -48.50
CA ASP F 715 24.82 41.05 -49.03
C ASP F 715 24.05 42.25 -48.48
N ILE F 716 24.21 42.53 -47.18
CA ILE F 716 23.54 43.67 -46.57
C ILE F 716 24.05 44.97 -47.18
N GLU F 717 25.36 45.06 -47.42
CA GLU F 717 25.91 46.25 -48.06
C GLU F 717 25.39 46.42 -49.48
N LYS F 718 25.28 45.32 -50.22
CA LYS F 718 24.72 45.39 -51.56
C LYS F 718 23.27 45.86 -51.54
N GLU F 719 22.48 45.35 -50.59
CA GLU F 719 21.09 45.78 -50.46
C GLU F 719 21.01 47.27 -50.10
N LYS F 720 21.90 47.72 -49.22
CA LYS F 720 21.94 49.13 -48.86
C LYS F 720 22.28 50.00 -50.06
N ARG F 721 23.27 49.57 -50.86
CA ARG F 721 23.63 50.33 -52.05
C ARG F 721 22.49 50.36 -53.06
N ARG F 722 21.77 49.23 -53.18
CA ARG F 722 20.59 49.21 -54.05
C ARG F 722 19.53 50.19 -53.55
N SER F 723 19.33 50.25 -52.24
CA SER F 723 18.39 51.22 -51.68
C SER F 723 18.87 52.65 -51.92
N GLU F 724 20.19 52.86 -51.98
CA GLU F 724 20.72 54.19 -52.28
C GLU F 724 20.38 54.62 -53.71
N ASN F 725 20.44 53.69 -54.67
CA ASN F 725 20.12 53.98 -56.07
C ASN F 725 19.15 52.92 -56.59
N PRO F 726 17.87 52.99 -56.20
CA PRO F 726 16.90 52.01 -56.69
C PRO F 726 16.46 52.26 -58.13
N GLU F 727 16.82 53.40 -58.72
CA GLU F 727 16.36 53.73 -60.07
C GLU F 727 16.90 52.75 -61.10
N ALA F 728 18.17 52.37 -60.97
CA ALA F 728 18.79 51.47 -61.95
C ALA F 728 18.22 50.06 -61.81
N MET F 729 18.51 49.24 -62.81
CA MET F 729 18.07 47.86 -62.82
C MET F 729 18.80 47.06 -61.74
N GLU F 730 18.44 45.78 -61.61
CA GLU F 730 19.02 44.93 -60.58
C GLU F 730 20.53 44.80 -60.78
N GLU F 731 21.28 44.99 -59.69
CA GLU F 731 22.73 45.00 -59.77
C GLU F 731 23.28 43.61 -60.07
N ASP F 732 24.49 43.59 -60.65
CA ASP F 732 25.16 42.34 -61.01
C ASP F 732 25.95 41.75 -59.86
N GLY F 733 25.97 42.40 -58.70
CA GLY F 733 26.68 41.87 -57.55
C GLY F 733 25.90 40.80 -56.82
N VAL F 734 25.33 39.84 -57.58
CA VAL F 734 24.54 38.79 -56.99
C VAL F 734 25.43 37.89 -56.13
N ASP F 735 24.78 37.13 -55.23
CA ASP F 735 25.49 36.25 -54.31
C ASP F 735 26.34 35.24 -55.07
N GLU F 736 27.66 35.37 -54.96
CA GLU F 736 28.58 34.47 -55.64
C GLU F 736 28.81 33.24 -54.76
N VAL F 737 29.84 32.45 -55.10
CA VAL F 737 30.16 31.26 -54.32
C VAL F 737 30.47 31.63 -52.88
N SER F 738 31.18 32.76 -52.69
CA SER F 738 31.54 33.25 -51.37
C SER F 738 32.38 32.22 -50.61
N GLU F 739 33.49 31.82 -51.23
CA GLU F 739 34.37 30.84 -50.64
C GLU F 739 35.05 31.38 -49.40
N ILE F 740 35.51 30.47 -48.55
CA ILE F 740 36.27 30.84 -47.36
C ILE F 740 37.56 31.50 -47.82
N LYS F 741 37.74 32.78 -47.48
CA LYS F 741 38.89 33.53 -47.94
C LYS F 741 40.17 32.94 -47.37
N ALA F 742 41.29 33.14 -48.08
CA ALA F 742 42.54 32.52 -47.71
C ALA F 742 43.01 32.97 -46.32
N ALA F 743 42.90 34.26 -46.04
CA ALA F 743 43.33 34.77 -44.74
C ALA F 743 42.30 34.55 -43.65
N HIS F 744 41.10 34.08 -43.99
CA HIS F 744 40.02 33.99 -43.01
C HIS F 744 40.38 33.09 -41.84
N PHE F 745 41.07 31.97 -42.11
CA PHE F 745 41.50 31.09 -41.04
C PHE F 745 42.30 31.84 -39.97
N GLU F 746 43.07 32.85 -40.37
CA GLU F 746 43.82 33.63 -39.39
C GLU F 746 42.89 34.25 -38.36
N GLU F 747 41.76 34.79 -38.80
CA GLU F 747 40.80 35.36 -37.85
C GLU F 747 40.34 34.31 -36.84
N SER F 748 40.24 33.05 -37.26
CA SER F 748 39.94 31.99 -36.31
C SER F 748 41.15 31.60 -35.48
N MET F 749 42.34 31.60 -36.10
CA MET F 749 43.52 31.13 -35.41
C MET F 749 43.92 32.01 -34.24
N LYS F 750 43.38 33.23 -34.16
CA LYS F 750 43.67 34.08 -33.01
C LYS F 750 42.92 33.64 -31.77
N TYR F 751 41.91 32.78 -31.92
CA TYR F 751 41.15 32.26 -30.78
C TYR F 751 41.25 30.74 -30.68
N ALA F 752 42.36 30.17 -31.16
CA ALA F 752 42.54 28.72 -31.14
C ALA F 752 42.59 28.21 -29.70
N ARG F 753 41.85 27.14 -29.43
CA ARG F 753 41.78 26.56 -28.10
C ARG F 753 42.91 25.53 -27.95
N ARG F 754 42.90 24.78 -26.86
CA ARG F 754 43.80 23.65 -26.71
C ARG F 754 43.16 22.68 -25.72
N SER F 755 42.68 21.54 -26.23
CA SER F 755 41.92 20.60 -25.40
C SER F 755 42.82 19.93 -24.37
N VAL F 756 43.97 19.43 -24.80
CA VAL F 756 44.84 18.62 -23.95
C VAL F 756 46.10 19.40 -23.63
N SER F 757 46.44 19.47 -22.34
CA SER F 757 47.62 20.18 -21.89
C SER F 757 48.85 19.27 -21.97
N ASP F 758 49.99 19.80 -21.53
CA ASP F 758 51.23 19.03 -21.61
C ASP F 758 51.28 17.94 -20.54
N ALA F 759 50.80 18.24 -19.33
CA ALA F 759 50.87 17.27 -18.25
C ALA F 759 50.05 16.02 -18.56
N ASP F 760 48.84 16.20 -19.11
CA ASP F 760 48.03 15.05 -19.48
C ASP F 760 48.69 14.23 -20.58
N ILE F 761 49.33 14.90 -21.54
CA ILE F 761 50.05 14.19 -22.59
C ILE F 761 51.19 13.37 -22.00
N ARG F 762 51.93 13.95 -21.05
CA ARG F 762 53.01 13.21 -20.41
C ARG F 762 52.47 12.01 -19.64
N LYS F 763 51.34 12.18 -18.97
CA LYS F 763 50.73 11.06 -18.25
C LYS F 763 50.34 9.94 -19.21
N TYR F 764 49.72 10.30 -20.34
CA TYR F 764 49.35 9.29 -21.33
C TYR F 764 50.57 8.59 -21.90
N GLN F 765 51.63 9.35 -22.18
CA GLN F 765 52.85 8.75 -22.71
C GLN F 765 53.46 7.79 -21.70
N ALA F 766 53.49 8.17 -20.43
CA ALA F 766 54.03 7.30 -19.39
C ALA F 766 53.18 6.03 -19.25
N PHE F 767 51.86 6.18 -19.31
CA PHE F 767 50.99 5.01 -19.22
C PHE F 767 51.19 4.08 -20.40
N ALA F 768 51.39 4.64 -21.59
CA ALA F 768 51.65 3.81 -22.76
C ALA F 768 52.99 3.11 -22.65
N GLN F 769 54.01 3.81 -22.16
CA GLN F 769 55.35 3.24 -22.12
C GLN F 769 55.49 2.17 -21.04
N THR F 770 54.85 2.39 -19.88
CA THR F 770 54.87 1.35 -18.84
C THR F 770 54.14 0.10 -19.27
N LEU F 771 53.30 0.19 -20.30
CA LEU F 771 52.70 -0.97 -20.94
C LEU F 771 53.43 -1.36 -22.22
N GLN F 772 54.62 -0.81 -22.44
CA GLN F 772 55.45 -1.11 -23.61
C GLN F 772 56.90 -1.33 -23.18
N GLN F 773 57.09 -2.18 -22.17
CA GLN F 773 58.42 -2.46 -21.65
C GLN F 773 59.23 -3.41 -22.53
N SER F 774 58.63 -3.94 -23.60
CA SER F 774 59.33 -4.81 -24.53
C SER F 774 60.21 -4.05 -25.51
N ARG F 775 60.29 -2.72 -25.39
CA ARG F 775 61.08 -1.91 -26.30
C ARG F 775 62.57 -2.25 -26.26
N GLY F 776 63.01 -2.96 -25.21
CA GLY F 776 64.40 -3.39 -25.15
C GLY F 776 64.72 -4.58 -26.04
N PHE F 777 63.72 -5.18 -26.70
CA PHE F 777 63.96 -6.29 -27.59
C PHE F 777 64.35 -5.84 -29.00
N GLY F 778 64.41 -4.54 -29.26
CA GLY F 778 64.77 -4.04 -30.57
C GLY F 778 66.18 -4.37 -30.98
N MET G 6 -53.77 72.23 16.39
CA MET G 6 -53.26 70.87 16.20
C MET G 6 -53.09 70.16 17.54
N MET G 7 -53.71 69.00 17.69
CA MET G 7 -53.61 68.21 18.91
C MET G 7 -53.67 66.74 18.54
N MET G 8 -52.83 65.94 19.20
CA MET G 8 -52.75 64.51 18.95
C MET G 8 -53.47 63.78 20.09
N LEU G 9 -54.44 62.96 19.73
CA LEU G 9 -55.23 62.21 20.71
C LEU G 9 -55.12 60.72 20.42
N ARG G 10 -54.84 59.93 21.46
CA ARG G 10 -54.77 58.50 21.34
C ARG G 10 -56.15 57.87 21.47
N ILE G 11 -56.40 56.84 20.67
CA ILE G 11 -57.71 56.20 20.57
C ILE G 11 -57.51 54.73 20.89
N ARG G 12 -58.02 54.29 22.04
CA ARG G 12 -57.89 52.90 22.45
C ARG G 12 -59.15 52.12 22.09
N SER G 13 -58.97 50.94 21.53
CA SER G 13 -60.08 50.10 21.10
C SER G 13 -59.79 48.66 21.54
N ARG G 14 -60.74 47.77 21.26
CA ARG G 14 -60.54 46.36 21.56
C ARG G 14 -59.40 45.78 20.73
N ASP G 15 -59.20 46.30 19.51
CA ASP G 15 -58.14 45.82 18.64
C ASP G 15 -56.77 46.33 19.03
N GLY G 16 -56.69 47.40 19.81
CA GLY G 16 -55.41 47.95 20.20
C GLY G 16 -55.42 49.45 20.42
N LEU G 17 -54.48 50.15 19.77
CA LEU G 17 -54.35 51.60 19.95
C LEU G 17 -54.05 52.25 18.61
N GLU G 18 -54.64 53.42 18.38
CA GLU G 18 -54.40 54.26 17.21
C GLU G 18 -54.23 55.69 17.68
N ARG G 19 -53.96 56.59 16.73
CA ARG G 19 -53.81 58.00 17.07
C ARG G 19 -54.45 58.85 15.99
N VAL G 20 -54.96 60.01 16.39
CA VAL G 20 -55.63 60.94 15.47
C VAL G 20 -55.12 62.35 15.73
N THR G 21 -54.95 63.11 14.65
CA THR G 21 -54.55 64.50 14.73
C THR G 21 -55.76 65.38 14.40
N ALA G 22 -56.11 66.28 15.31
CA ALA G 22 -57.27 67.15 15.16
C ALA G 22 -56.83 68.61 15.22
N GLU G 23 -57.78 69.49 14.88
CA GLU G 23 -57.49 70.92 14.92
C GLU G 23 -57.19 71.39 16.33
N GLY G 24 -57.94 70.89 17.31
CA GLY G 24 -57.70 71.28 18.69
C GLY G 24 -58.86 70.83 19.56
N ALA G 25 -58.78 71.24 20.83
CA ALA G 25 -59.82 70.90 21.80
C ALA G 25 -61.07 71.75 21.64
N HIS G 26 -61.01 72.82 20.84
CA HIS G 26 -62.17 73.69 20.66
C HIS G 26 -63.34 73.00 19.97
N ILE G 27 -63.07 71.95 19.19
CA ILE G 27 -64.16 71.23 18.54
C ILE G 27 -64.89 70.36 19.56
N THR G 28 -66.07 69.88 19.17
CA THR G 28 -66.88 69.04 20.02
C THR G 28 -66.69 67.58 19.64
N VAL G 29 -67.46 66.70 20.30
CA VAL G 29 -67.36 65.27 20.04
C VAL G 29 -67.85 64.94 18.64
N SER G 30 -68.80 65.73 18.12
CA SER G 30 -69.30 65.49 16.76
C SER G 30 -68.19 65.67 15.73
N GLN G 31 -67.40 66.73 15.86
CA GLN G 31 -66.30 66.96 14.93
C GLN G 31 -65.23 65.87 15.08
N LEU G 32 -64.98 65.44 16.32
CA LEU G 32 -64.01 64.36 16.54
C LEU G 32 -64.47 63.07 15.86
N LYS G 33 -65.76 62.76 15.98
CA LYS G 33 -66.31 61.58 15.33
C LYS G 33 -66.24 61.69 13.81
N THR G 34 -66.51 62.88 13.28
CA THR G 34 -66.40 63.11 11.83
C THR G 34 -64.96 62.91 11.37
N LEU G 35 -64.00 63.44 12.12
CA LEU G 35 -62.59 63.26 11.76
C LEU G 35 -62.18 61.80 11.84
N ILE G 36 -62.66 61.07 12.85
CA ILE G 36 -62.37 59.65 12.96
C ILE G 36 -62.93 58.90 11.76
N ALA G 37 -64.16 59.23 11.36
CA ALA G 37 -64.75 58.58 10.20
C ALA G 37 -63.96 58.89 8.93
N ASP G 38 -63.52 60.14 8.77
CA ASP G 38 -62.80 60.54 7.56
C ASP G 38 -61.36 60.06 7.52
N GLN G 39 -60.77 59.72 8.65
CA GLN G 39 -59.37 59.28 8.70
C GLN G 39 -59.21 57.78 8.87
N LEU G 40 -59.85 57.20 9.89
CA LEU G 40 -59.75 55.76 10.17
C LEU G 40 -60.77 54.95 9.39
N GLN G 41 -61.65 55.59 8.62
CA GLN G 41 -62.67 54.93 7.80
C GLN G 41 -63.64 54.11 8.63
N ILE G 42 -63.90 54.52 9.87
CA ILE G 42 -64.86 53.84 10.74
C ILE G 42 -66.22 54.52 10.58
N PRO G 43 -67.28 53.77 10.30
CA PRO G 43 -68.59 54.40 10.08
C PRO G 43 -69.11 55.09 11.34
N LEU G 44 -69.91 56.15 11.12
CA LEU G 44 -70.40 56.95 12.24
C LEU G 44 -71.28 56.13 13.18
N HIS G 45 -72.14 55.26 12.64
CA HIS G 45 -73.10 54.54 13.46
C HIS G 45 -72.43 53.55 14.40
N LYS G 46 -71.16 53.21 14.20
CA LYS G 46 -70.46 52.27 15.06
C LYS G 46 -69.57 52.94 16.10
N GLN G 47 -69.14 54.18 15.85
CA GLN G 47 -68.19 54.84 16.75
C GLN G 47 -68.86 55.19 18.07
N THR G 48 -68.20 54.84 19.17
CA THR G 48 -68.63 55.23 20.51
C THR G 48 -67.42 55.65 21.32
N LEU G 49 -67.45 56.87 21.83
CA LEU G 49 -66.31 57.44 22.54
C LEU G 49 -66.56 57.44 24.04
N SER G 50 -65.48 57.29 24.81
CA SER G 50 -65.56 57.29 26.26
C SER G 50 -64.19 57.58 26.85
N THR G 51 -64.19 57.84 28.16
CA THR G 51 -62.97 58.05 28.92
C THR G 51 -62.66 56.90 29.87
N ASN G 52 -63.64 56.06 30.17
CA ASN G 52 -63.41 54.92 31.04
C ASN G 52 -62.78 53.78 30.26
N ARG G 53 -61.91 53.02 30.93
CA ARG G 53 -61.27 51.87 30.30
C ARG G 53 -62.20 50.68 30.16
N ASP G 54 -63.35 50.70 30.81
CA ASP G 54 -64.29 49.58 30.75
C ASP G 54 -65.21 49.64 29.54
N LEU G 55 -65.14 50.70 28.74
CA LEU G 55 -66.01 50.80 27.56
C LEU G 55 -65.77 49.64 26.60
N LEU G 56 -64.50 49.29 26.38
CA LEU G 56 -64.17 48.18 25.52
C LEU G 56 -64.53 46.83 26.13
N LEU G 57 -64.89 46.79 27.40
CA LEU G 57 -65.31 45.56 28.06
C LEU G 57 -66.78 45.26 27.85
N ALA G 58 -67.51 46.12 27.16
CA ALA G 58 -68.90 45.86 26.86
C ALA G 58 -69.04 45.04 25.59
N LYS G 59 -70.21 44.41 25.43
CA LYS G 59 -70.46 43.52 24.30
C LYS G 59 -71.76 43.87 23.56
N THR G 60 -72.24 45.10 23.66
CA THR G 60 -73.48 45.52 23.02
C THR G 60 -73.40 47.00 22.71
N PRO G 61 -73.83 47.43 21.52
CA PRO G 61 -73.82 48.87 21.23
C PRO G 61 -74.61 49.70 22.22
N ALA G 62 -75.71 49.16 22.77
CA ALA G 62 -76.44 49.88 23.81
C ALA G 62 -75.57 50.08 25.05
N ASP G 63 -74.81 49.06 25.43
CA ASP G 63 -73.89 49.20 26.55
C ASP G 63 -72.82 50.25 26.26
N LEU G 64 -72.33 50.29 25.01
CA LEU G 64 -71.36 51.30 24.63
C LEU G 64 -71.95 52.71 24.75
N LEU G 65 -73.18 52.88 24.26
CA LEU G 65 -73.84 54.18 24.36
C LEU G 65 -74.22 54.54 25.79
N ALA G 66 -74.29 53.55 26.68
CA ALA G 66 -74.60 53.84 28.08
C ALA G 66 -73.56 54.74 28.72
N PHE G 67 -72.31 54.67 28.25
CA PHE G 67 -71.25 55.56 28.74
C PHE G 67 -71.39 56.90 28.03
N THR G 68 -72.17 57.79 28.64
CA THR G 68 -72.54 59.06 28.05
C THR G 68 -71.54 60.17 28.36
N ASP G 69 -70.43 59.86 29.02
CA ASP G 69 -69.41 60.86 29.29
C ASP G 69 -68.81 61.40 27.99
N LEU G 70 -68.78 60.58 26.94
CA LEU G 70 -68.32 61.04 25.64
C LEU G 70 -69.20 60.57 24.49
N THR G 71 -70.28 59.84 24.77
CA THR G 71 -71.18 59.39 23.71
C THR G 71 -71.85 60.56 23.01
N ASP G 72 -72.27 61.56 23.77
CA ASP G 72 -72.99 62.69 23.19
C ASP G 72 -72.05 63.51 22.29
N PRO G 73 -72.42 63.73 21.03
CA PRO G 73 -71.55 64.52 20.13
C PRO G 73 -71.56 66.01 20.44
N ASN G 74 -72.50 66.49 21.26
CA ASN G 74 -72.60 67.93 21.52
C ASN G 74 -71.52 68.40 22.49
N LEU G 75 -71.05 67.52 23.38
CA LEU G 75 -70.14 67.92 24.42
C LEU G 75 -68.83 68.42 23.82
N PRO G 76 -68.36 69.61 24.21
CA PRO G 76 -67.07 70.10 23.69
C PRO G 76 -65.92 69.26 24.19
N LEU G 77 -64.88 69.14 23.36
CA LEU G 77 -63.68 68.41 23.76
C LEU G 77 -62.84 69.21 24.74
N SER G 78 -62.94 70.54 24.71
CA SER G 78 -62.14 71.37 25.62
C SER G 78 -62.57 71.18 27.07
N SER G 79 -63.86 70.94 27.32
CA SER G 79 -64.36 70.75 28.67
C SER G 79 -63.83 69.48 29.32
N LEU G 80 -63.31 68.53 28.55
CA LEU G 80 -62.79 67.28 29.07
C LEU G 80 -61.31 67.35 29.39
N ASN G 81 -60.68 68.52 29.23
CA ASN G 81 -59.27 68.73 29.54
C ASN G 81 -58.36 67.82 28.71
N LEU G 82 -58.75 67.56 27.47
CA LEU G 82 -57.92 66.75 26.59
C LEU G 82 -56.71 67.55 26.12
N GLY G 83 -55.57 66.88 26.04
CA GLY G 83 -54.33 67.53 25.63
C GLY G 83 -53.47 66.67 24.73
N HIS G 84 -52.22 67.07 24.53
CA HIS G 84 -51.31 66.30 23.71
C HIS G 84 -50.99 64.97 24.37
N GLY G 85 -51.18 63.88 23.62
CA GLY G 85 -50.97 62.56 24.17
C GLY G 85 -52.06 62.05 25.08
N SER G 86 -53.26 62.64 25.03
CA SER G 86 -54.34 62.24 25.91
C SER G 86 -54.88 60.87 25.50
N MET G 87 -55.68 60.29 26.40
CA MET G 87 -56.24 58.96 26.23
C MET G 87 -57.75 59.05 25.99
N LEU G 88 -58.21 58.37 24.94
CA LEU G 88 -59.64 58.22 24.66
C LEU G 88 -59.89 56.77 24.28
N TYR G 89 -61.13 56.31 24.50
CA TYR G 89 -61.50 54.93 24.23
C TYR G 89 -62.62 54.91 23.21
N LEU G 90 -62.39 54.24 22.08
CA LEU G 90 -63.36 54.13 21.00
C LEU G 90 -63.77 52.68 20.84
N ALA G 91 -65.07 52.43 20.87
CA ALA G 91 -65.63 51.12 20.65
C ALA G 91 -66.49 51.12 19.39
N TYR G 92 -66.39 50.05 18.62
CA TYR G 92 -67.13 49.93 17.37
C TYR G 92 -67.50 48.47 17.14
N ASP G 93 -68.53 48.26 16.34
CA ASP G 93 -68.99 46.91 16.04
C ASP G 93 -67.97 46.19 15.16
N GLY G 94 -67.78 44.90 15.45
CA GLY G 94 -66.86 44.09 14.69
C GLY G 94 -65.44 44.20 15.19
N GLU G 95 -64.58 43.36 14.62
CA GLU G 95 -63.17 43.32 14.95
C GLU G 95 -62.34 43.63 13.70
N ARG G 96 -61.37 44.53 13.86
CA ARG G 96 -60.54 44.99 12.75
C ARG G 96 -59.07 44.73 13.07
N SER G 97 -58.23 44.85 12.05
CA SER G 97 -56.78 44.74 12.19
C SER G 97 -56.18 46.13 12.07
N ILE G 98 -55.65 46.64 13.18
CA ILE G 98 -55.06 47.98 13.17
C ILE G 98 -53.80 47.96 12.31
N PRO G 99 -53.63 48.90 11.37
CA PRO G 99 -52.44 48.89 10.52
C PRO G 99 -51.20 49.30 11.29
N GLY G 100 -50.06 49.21 10.60
CA GLY G 100 -48.79 49.56 11.19
C GLY G 100 -48.14 48.50 12.04
N ALA G 101 -48.64 47.27 12.00
CA ALA G 101 -48.11 46.21 12.83
C ALA G 101 -46.73 45.76 12.32
N PRO G 102 -45.69 45.84 13.13
CA PRO G 102 -44.38 45.34 12.71
C PRO G 102 -44.36 43.81 12.70
N PRO G 103 -43.50 43.20 11.89
CA PRO G 103 -43.41 41.74 11.88
C PRO G 103 -42.96 41.20 13.23
N VAL G 104 -43.56 40.08 13.62
CA VAL G 104 -43.26 39.43 14.90
C VAL G 104 -43.00 37.96 14.64
N THR G 105 -41.85 37.47 15.10
CA THR G 105 -41.50 36.07 14.93
C THR G 105 -42.29 35.20 15.91
N PRO G 106 -42.68 34.00 15.50
CA PRO G 106 -43.37 33.09 16.42
C PRO G 106 -42.43 32.55 17.48
N ALA G 107 -43.02 32.12 18.59
CA ALA G 107 -42.24 31.59 19.71
C ALA G 107 -41.59 30.27 19.34
N GLY G 108 -40.35 30.09 19.81
CA GLY G 108 -39.65 28.84 19.63
C GLY G 108 -39.03 28.61 18.27
N SER G 109 -39.11 29.59 17.37
CA SER G 109 -38.57 29.42 16.02
C SER G 109 -37.10 29.83 15.96
N PHE G 110 -36.25 29.15 16.74
CA PHE G 110 -34.82 29.38 16.71
C PHE G 110 -34.09 28.04 16.67
N GLY G 111 -33.08 27.95 15.81
CA GLY G 111 -32.32 26.73 15.66
C GLY G 111 -33.08 25.66 14.92
N ARG G 112 -33.38 25.89 13.64
CA ARG G 112 -34.08 24.92 12.82
C ARG G 112 -33.10 23.90 12.27
N LYS G 113 -32.31 23.29 13.14
CA LYS G 113 -31.22 22.40 12.71
C LYS G 113 -31.82 21.11 12.18
N MET G 114 -31.84 20.97 10.86
CA MET G 114 -32.25 19.72 10.26
C MET G 114 -31.09 18.72 10.29
N THR G 115 -31.39 17.48 9.92
CA THR G 115 -30.37 16.44 9.86
C THR G 115 -30.77 15.42 8.81
N VAL G 116 -29.82 14.55 8.47
CA VAL G 116 -30.11 13.48 7.51
C VAL G 116 -31.13 12.52 8.09
N ASP G 117 -30.99 12.17 9.38
CA ASP G 117 -31.94 11.28 10.03
C ASP G 117 -33.32 11.90 10.09
N ASP G 118 -33.40 13.20 10.38
CA ASP G 118 -34.68 13.89 10.37
C ASP G 118 -35.30 13.87 8.99
N LEU G 119 -34.47 14.00 7.94
CA LEU G 119 -34.98 13.87 6.58
C LEU G 119 -35.54 12.48 6.33
N ILE G 120 -34.82 11.44 6.79
CA ILE G 120 -35.28 10.07 6.59
C ILE G 120 -36.62 9.85 7.28
N ALA G 121 -36.74 10.33 8.52
CA ALA G 121 -37.98 10.13 9.27
C ALA G 121 -39.13 10.93 8.67
N ARG G 122 -38.91 12.22 8.40
CA ARG G 122 -39.99 13.09 7.93
C ARG G 122 -40.42 12.74 6.51
N GLN G 123 -39.45 12.59 5.60
CA GLN G 123 -39.78 12.26 4.22
C GLN G 123 -40.38 10.86 4.14
N MET G 124 -41.51 10.75 3.44
CA MET G 124 -42.16 9.45 3.28
C MET G 124 -41.29 8.53 2.43
N ARG G 125 -41.17 7.29 2.87
CA ARG G 125 -40.44 6.26 2.14
C ARG G 125 -41.36 5.08 1.90
N VAL G 126 -40.88 4.12 1.12
CA VAL G 126 -41.65 2.92 0.77
C VAL G 126 -40.79 1.69 0.99
N THR G 127 -41.34 0.71 1.69
CA THR G 127 -40.69 -0.58 1.89
C THR G 127 -41.75 -1.65 2.02
N ARG G 128 -41.37 -2.89 1.72
CA ARG G 128 -42.26 -4.03 1.84
C ARG G 128 -42.12 -4.62 3.23
N GLN G 129 -43.15 -4.49 4.05
CA GLN G 129 -43.11 -5.02 5.40
C GLN G 129 -43.05 -6.55 5.37
N GLU G 130 -42.23 -7.11 6.25
CA GLU G 130 -42.00 -8.56 6.24
C GLU G 130 -43.10 -9.31 6.97
N THR G 131 -43.36 -8.93 8.22
CA THR G 131 -44.37 -9.60 9.04
C THR G 131 -45.51 -8.63 9.30
N SER G 132 -46.73 -9.06 8.97
CA SER G 132 -47.91 -8.24 9.19
C SER G 132 -48.42 -8.41 10.62
N HIS G 133 -49.35 -7.52 11.00
CA HIS G 133 -49.97 -7.63 12.31
C HIS G 133 -50.81 -8.89 12.44
N CYS G 134 -51.53 -9.26 11.38
CA CYS G 134 -52.32 -10.49 11.36
C CYS G 134 -51.43 -11.62 10.86
N ASP G 135 -51.11 -12.57 11.75
CA ASP G 135 -50.25 -13.68 11.36
C ASP G 135 -50.91 -14.55 10.30
N SER G 136 -52.20 -14.85 10.46
CA SER G 136 -52.93 -15.67 9.52
C SER G 136 -54.40 -15.32 9.57
N VAL G 137 -55.06 -15.41 8.42
CA VAL G 137 -56.48 -15.11 8.29
C VAL G 137 -57.19 -16.38 7.84
N SER G 138 -58.20 -16.79 8.60
CA SER G 138 -58.94 -18.01 8.33
C SER G 138 -60.25 -17.64 7.64
N PHE G 139 -60.50 -18.23 6.47
CA PHE G 139 -61.67 -17.91 5.66
C PHE G 139 -62.72 -19.00 5.84
N ASP G 140 -63.99 -18.59 5.91
CA ASP G 140 -65.08 -19.54 5.98
C ASP G 140 -65.17 -20.33 4.68
N ARG G 141 -65.25 -21.65 4.79
CA ARG G 141 -65.23 -22.50 3.61
C ARG G 141 -66.49 -22.31 2.77
N ASP G 142 -67.65 -22.19 3.41
CA ASP G 142 -68.89 -21.99 2.65
C ASP G 142 -68.87 -20.65 1.93
N ALA G 143 -68.46 -19.59 2.63
CA ALA G 143 -68.41 -18.26 2.02
C ALA G 143 -67.40 -18.22 0.87
N ALA G 144 -66.23 -18.83 1.09
CA ALA G 144 -65.22 -18.88 0.03
C ALA G 144 -65.71 -19.64 -1.18
N ASN G 145 -66.38 -20.78 -0.95
CA ASN G 145 -66.90 -21.56 -2.07
C ASN G 145 -67.96 -20.79 -2.84
N ALA G 146 -68.87 -20.13 -2.13
CA ALA G 146 -69.92 -19.35 -2.80
C ALA G 146 -69.33 -18.20 -3.60
N PHE G 147 -68.37 -17.48 -3.01
CA PHE G 147 -67.74 -16.37 -3.71
C PHE G 147 -66.99 -16.85 -4.94
N GLN G 148 -66.26 -17.96 -4.81
CA GLN G 148 -65.53 -18.51 -5.94
C GLN G 148 -66.47 -18.95 -7.04
N HIS G 149 -67.58 -19.59 -6.68
CA HIS G 149 -68.55 -20.03 -7.67
C HIS G 149 -69.15 -18.83 -8.42
N TYR G 150 -69.51 -17.79 -7.68
CA TYR G 150 -70.09 -16.61 -8.34
C TYR G 150 -69.08 -15.94 -9.25
N VAL G 151 -67.82 -15.84 -8.81
CA VAL G 151 -66.81 -15.17 -9.63
C VAL G 151 -66.52 -15.98 -10.89
N ASN G 152 -66.36 -17.30 -10.75
CA ASN G 152 -65.94 -18.12 -11.87
C ASN G 152 -67.08 -18.35 -12.86
N GLU G 153 -68.31 -18.51 -12.36
CA GLU G 153 -69.42 -18.86 -13.23
C GLU G 153 -70.20 -17.63 -13.70
N SER G 154 -70.74 -16.86 -12.77
CA SER G 154 -71.58 -15.72 -13.13
C SER G 154 -70.78 -14.57 -13.74
N LEU G 155 -69.46 -14.53 -13.53
CA LEU G 155 -68.64 -13.46 -14.07
C LEU G 155 -67.57 -13.94 -15.05
N ALA G 156 -67.10 -15.19 -14.93
CA ALA G 156 -66.05 -15.73 -15.79
C ALA G 156 -64.79 -14.89 -15.73
N PHE G 157 -64.55 -14.25 -14.58
CA PHE G 157 -63.42 -13.35 -14.38
C PHE G 157 -63.36 -12.26 -15.45
N ALA G 158 -64.53 -11.71 -15.80
CA ALA G 158 -64.62 -10.62 -16.75
C ALA G 158 -65.09 -9.31 -16.15
N VAL G 159 -65.86 -9.37 -15.05
CA VAL G 159 -66.32 -8.18 -14.34
C VAL G 159 -65.83 -8.26 -12.91
N LYS G 160 -65.17 -7.20 -12.45
CA LYS G 160 -64.60 -7.20 -11.11
C LYS G 160 -65.70 -7.12 -10.06
N ARG G 161 -65.57 -7.95 -9.02
CA ARG G 161 -66.51 -7.97 -7.91
C ARG G 161 -65.74 -7.83 -6.60
N GLY G 162 -66.34 -7.14 -5.64
CA GLY G 162 -65.67 -6.88 -4.38
C GLY G 162 -66.65 -6.90 -3.22
N GLY G 163 -66.11 -7.17 -2.04
CA GLY G 163 -66.91 -7.20 -0.84
C GLY G 163 -66.06 -7.04 0.40
N PHE G 164 -66.65 -6.42 1.43
CA PHE G 164 -65.99 -6.27 2.72
C PHE G 164 -65.99 -7.61 3.46
N MET G 165 -64.89 -7.89 4.16
CA MET G 165 -64.77 -9.10 4.96
C MET G 165 -65.10 -8.79 6.41
N TYR G 166 -65.91 -9.64 7.05
CA TYR G 166 -66.23 -9.46 8.45
C TYR G 166 -65.92 -10.73 9.22
N GLY G 167 -65.48 -10.55 10.46
CA GLY G 167 -65.13 -11.69 11.30
C GLY G 167 -64.57 -11.22 12.62
N THR G 168 -64.06 -12.19 13.38
CA THR G 168 -63.50 -11.95 14.70
C THR G 168 -61.98 -11.89 14.64
N VAL G 169 -61.41 -11.09 15.54
CA VAL G 169 -59.96 -10.90 15.63
C VAL G 169 -59.49 -11.45 16.97
N THR G 170 -58.47 -12.30 16.93
CA THR G 170 -57.94 -12.90 18.13
C THR G 170 -56.85 -12.03 18.75
N GLU G 171 -56.36 -12.46 19.92
CA GLU G 171 -55.32 -11.71 20.61
C GLU G 171 -54.02 -11.67 19.82
N GLU G 172 -53.62 -12.81 19.23
CA GLU G 172 -52.39 -12.85 18.47
C GLU G 172 -52.51 -12.19 17.11
N GLY G 173 -53.72 -11.80 16.71
CA GLY G 173 -53.95 -11.17 15.43
C GLY G 173 -54.60 -12.06 14.39
N GLN G 174 -54.74 -13.36 14.66
CA GLN G 174 -55.40 -14.26 13.71
C GLN G 174 -56.86 -13.86 13.55
N VAL G 175 -57.34 -13.90 12.30
CA VAL G 175 -58.68 -13.46 11.95
C VAL G 175 -59.43 -14.64 11.35
N GLU G 176 -60.63 -14.89 11.87
CA GLU G 176 -61.53 -15.90 11.32
C GLU G 176 -62.62 -15.20 10.51
N VAL G 177 -62.56 -15.35 9.19
CA VAL G 177 -63.52 -14.71 8.31
C VAL G 177 -64.87 -15.41 8.45
N ASP G 178 -65.92 -14.63 8.68
CA ASP G 178 -67.26 -15.17 8.85
C ASP G 178 -68.18 -14.92 7.68
N PHE G 179 -68.12 -13.75 7.04
CA PHE G 179 -68.94 -13.50 5.86
C PHE G 179 -68.35 -12.34 5.06
N ILE G 180 -68.93 -12.12 3.89
CA ILE G 180 -68.56 -11.05 2.97
C ILE G 180 -69.82 -10.26 2.64
N TYR G 181 -69.70 -8.93 2.72
CA TYR G 181 -70.81 -8.03 2.41
C TYR G 181 -70.50 -7.27 1.12
N GLU G 182 -71.37 -7.39 0.13
CA GLU G 182 -71.17 -6.68 -1.13
C GLU G 182 -72.10 -5.48 -1.19
N PRO G 183 -71.59 -4.25 -1.08
CA PRO G 183 -72.45 -3.08 -1.23
C PRO G 183 -72.83 -2.89 -2.69
N PRO G 184 -73.87 -2.06 -2.98
CA PRO G 184 -74.20 -1.76 -4.37
C PRO G 184 -73.00 -1.18 -5.11
N GLN G 185 -72.67 -1.74 -6.27
CA GLN G 185 -71.43 -1.37 -6.94
C GLN G 185 -71.54 -1.63 -8.43
N GLN G 186 -70.67 -0.97 -9.19
CA GLN G 186 -70.57 -1.16 -10.63
C GLN G 186 -69.16 -1.65 -10.95
N GLY G 187 -69.06 -2.79 -11.62
CA GLY G 187 -67.79 -3.38 -11.94
C GLY G 187 -67.49 -3.36 -13.43
N THR G 188 -66.20 -3.26 -13.75
CA THR G 188 -65.74 -3.29 -15.13
C THR G 188 -64.45 -4.10 -15.18
N GLU G 189 -63.73 -4.00 -16.30
CA GLU G 189 -62.53 -4.82 -16.49
C GLU G 189 -61.43 -4.46 -15.51
N ALA G 190 -61.15 -3.17 -15.35
CA ALA G 190 -60.02 -2.72 -14.54
C ALA G 190 -60.41 -1.78 -13.42
N ASN G 191 -61.69 -1.72 -13.05
CA ASN G 191 -62.12 -0.84 -11.97
C ASN G 191 -63.39 -1.40 -11.35
N LEU G 192 -63.71 -0.90 -10.16
CA LEU G 192 -64.90 -1.33 -9.43
C LEU G 192 -65.30 -0.20 -8.49
N ILE G 193 -66.36 0.52 -8.86
CA ILE G 193 -66.81 1.66 -8.08
C ILE G 193 -67.92 1.20 -7.13
N LEU G 194 -67.68 1.33 -5.83
CA LEU G 194 -68.60 0.87 -4.80
C LEU G 194 -69.52 2.02 -4.42
N MET G 195 -70.79 1.94 -4.84
CA MET G 195 -71.80 2.90 -4.42
C MET G 195 -72.37 2.45 -3.07
N ARG G 196 -71.57 2.68 -2.03
CA ARG G 196 -71.92 2.23 -0.70
C ARG G 196 -73.14 2.95 -0.18
N ASP G 197 -74.03 2.22 0.48
CA ASP G 197 -75.25 2.77 1.04
C ASP G 197 -75.06 3.01 2.53
N ALA G 198 -75.49 4.18 3.01
CA ALA G 198 -75.33 4.50 4.43
C ALA G 198 -76.17 3.59 5.30
N ASP G 199 -77.45 3.44 4.98
CA ASP G 199 -78.34 2.59 5.78
C ASP G 199 -77.92 1.13 5.73
N GLU G 200 -77.53 0.64 4.54
CA GLU G 200 -77.10 -0.75 4.42
C GLU G 200 -75.82 -1.00 5.20
N GLU G 201 -74.88 -0.06 5.16
CA GLU G 201 -73.65 -0.20 5.94
C GLU G 201 -73.94 -0.18 7.43
N LYS G 202 -74.87 0.69 7.86
CA LYS G 202 -75.27 0.69 9.26
C LYS G 202 -75.88 -0.64 9.67
N ARG G 203 -76.73 -1.21 8.80
CA ARG G 203 -77.32 -2.51 9.10
C ARG G 203 -76.26 -3.60 9.19
N VAL G 204 -75.27 -3.57 8.29
CA VAL G 204 -74.20 -4.56 8.32
C VAL G 204 -73.40 -4.42 9.62
N ASP G 205 -73.10 -3.18 10.00
CA ASP G 205 -72.37 -2.96 11.26
C ASP G 205 -73.17 -3.44 12.46
N ALA G 206 -74.49 -3.21 12.44
CA ALA G 206 -75.33 -3.69 13.52
C ALA G 206 -75.34 -5.21 13.58
N ILE G 207 -75.39 -5.87 12.41
CA ILE G 207 -75.33 -7.33 12.37
C ILE G 207 -74.01 -7.82 12.95
N ALA G 208 -72.91 -7.16 12.56
CA ALA G 208 -71.60 -7.55 13.08
C ALA G 208 -71.51 -7.36 14.59
N MET G 209 -72.06 -6.26 15.10
CA MET G 209 -72.08 -6.05 16.54
C MET G 209 -72.89 -7.13 17.24
N GLY G 210 -74.05 -7.48 16.69
CA GLY G 210 -74.83 -8.58 17.24
C GLY G 210 -74.14 -9.92 17.08
N LEU G 211 -73.42 -10.12 15.97
CA LEU G 211 -72.67 -11.34 15.73
C LEU G 211 -71.31 -11.33 16.41
N GLY G 212 -71.02 -10.32 17.22
CA GLY G 212 -69.76 -10.27 17.95
C GLY G 212 -68.53 -10.25 17.07
N MET G 213 -68.56 -9.49 15.98
CA MET G 213 -67.45 -9.43 15.05
C MET G 213 -67.36 -8.02 14.49
N ARG G 214 -66.43 -7.83 13.55
CA ARG G 214 -66.18 -6.51 12.99
C ARG G 214 -65.53 -6.66 11.62
N ARG G 215 -65.39 -5.53 10.93
CA ARG G 215 -64.72 -5.52 9.63
C ARG G 215 -63.26 -5.91 9.81
N VAL G 216 -62.79 -6.84 8.97
CA VAL G 216 -61.44 -7.37 9.06
C VAL G 216 -60.69 -7.25 7.74
N GLY G 217 -61.32 -6.78 6.69
CA GLY G 217 -60.64 -6.63 5.42
C GLY G 217 -61.64 -6.45 4.30
N PHE G 218 -61.11 -6.57 3.07
CA PHE G 218 -61.90 -6.42 1.87
C PHE G 218 -61.38 -7.37 0.81
N ILE G 219 -62.31 -7.96 0.06
CA ILE G 219 -61.96 -8.93 -0.98
C ILE G 219 -62.37 -8.37 -2.33
N PHE G 220 -61.60 -8.72 -3.35
CA PHE G 220 -62.00 -8.45 -4.73
C PHE G 220 -61.29 -9.43 -5.64
N ASN G 221 -61.77 -9.51 -6.89
CA ASN G 221 -61.21 -10.43 -7.86
C ASN G 221 -60.55 -9.67 -9.00
N GLN G 222 -59.48 -10.25 -9.53
CA GLN G 222 -58.80 -9.71 -10.70
C GLN G 222 -59.22 -10.48 -11.94
N THR G 223 -59.48 -9.75 -13.02
CA THR G 223 -59.91 -10.38 -14.26
C THR G 223 -58.77 -11.19 -14.87
N VAL G 224 -59.08 -11.86 -15.99
CA VAL G 224 -58.07 -12.68 -16.67
C VAL G 224 -56.92 -11.82 -17.16
N VAL G 225 -57.23 -10.65 -17.73
CA VAL G 225 -56.18 -9.75 -18.22
C VAL G 225 -55.32 -9.26 -17.06
N GLN G 226 -55.94 -8.91 -15.93
CA GLN G 226 -55.17 -8.40 -14.79
C GLN G 226 -54.25 -9.48 -14.22
N ASP G 227 -54.70 -10.74 -14.21
CA ASP G 227 -53.85 -11.81 -13.70
C ASP G 227 -52.61 -11.99 -14.56
N LYS G 228 -52.75 -11.90 -15.88
CA LYS G 228 -51.61 -12.01 -16.78
C LYS G 228 -50.62 -10.86 -16.62
N THR G 229 -51.06 -9.71 -16.13
CA THR G 229 -50.18 -8.57 -15.95
C THR G 229 -49.21 -8.82 -14.80
N GLU G 230 -48.08 -8.12 -14.85
CA GLU G 230 -47.01 -8.32 -13.88
C GLU G 230 -47.21 -7.51 -12.61
N TYR G 231 -48.29 -7.77 -11.89
CA TYR G 231 -48.49 -7.19 -10.58
C TYR G 231 -49.41 -8.07 -9.76
N THR G 232 -49.35 -7.91 -8.44
CA THR G 232 -50.31 -8.60 -7.57
C THR G 232 -51.59 -7.81 -7.43
N LEU G 233 -51.51 -6.49 -7.32
CA LEU G 233 -52.66 -5.61 -7.26
C LEU G 233 -52.44 -4.41 -8.17
N SER G 234 -53.53 -3.87 -8.70
CA SER G 234 -53.46 -2.67 -9.51
C SER G 234 -53.51 -1.43 -8.62
N ASN G 235 -53.20 -0.27 -9.22
CA ASN G 235 -53.18 0.96 -8.46
C ASN G 235 -54.56 1.30 -7.91
N ALA G 236 -55.61 1.10 -8.72
CA ALA G 236 -56.97 1.35 -8.25
C ALA G 236 -57.34 0.43 -7.09
N GLU G 237 -56.99 -0.86 -7.20
CA GLU G 237 -57.30 -1.80 -6.13
C GLU G 237 -56.55 -1.44 -4.84
N VAL G 238 -55.27 -1.08 -4.97
CA VAL G 238 -54.49 -0.70 -3.80
C VAL G 238 -55.07 0.56 -3.16
N LEU G 239 -55.47 1.53 -3.98
CA LEU G 239 -56.05 2.76 -3.46
C LEU G 239 -57.36 2.49 -2.74
N GLN G 240 -58.22 1.64 -3.32
CA GLN G 240 -59.48 1.31 -2.68
C GLN G 240 -59.25 0.59 -1.35
N ALA G 241 -58.32 -0.37 -1.34
CA ALA G 241 -58.04 -1.10 -0.11
C ALA G 241 -57.48 -0.18 0.96
N ALA G 242 -56.59 0.74 0.57
CA ALA G 242 -56.03 1.69 1.53
C ALA G 242 -57.10 2.63 2.06
N GLU G 243 -58.01 3.08 1.20
CA GLU G 243 -59.10 3.94 1.65
C GLU G 243 -59.98 3.22 2.66
N LEU G 244 -60.32 1.97 2.38
CA LEU G 244 -61.16 1.21 3.29
C LEU G 244 -60.44 0.92 4.60
N HIS G 245 -59.13 0.66 4.54
CA HIS G 245 -58.36 0.47 5.75
C HIS G 245 -58.29 1.74 6.59
N ALA G 246 -58.17 2.90 5.93
CA ALA G 246 -58.20 4.16 6.65
C ALA G 246 -59.57 4.40 7.28
N GLU G 247 -60.64 4.05 6.59
CA GLU G 247 -61.97 4.10 7.19
C GLU G 247 -62.06 3.14 8.39
N SER G 248 -61.49 1.95 8.25
CA SER G 248 -61.50 0.99 9.34
C SER G 248 -60.56 1.42 10.45
N GLU G 249 -60.83 0.94 11.67
CA GLU G 249 -59.99 1.23 12.83
C GLU G 249 -59.22 -0.01 13.30
N LEU G 250 -59.24 -1.09 12.53
CA LEU G 250 -58.60 -2.34 12.91
C LEU G 250 -57.21 -2.43 12.29
N LYS G 251 -56.25 -2.92 13.06
CA LYS G 251 -54.90 -3.13 12.56
C LYS G 251 -54.73 -4.44 11.82
N GLU G 252 -55.71 -5.34 11.90
CA GLU G 252 -55.65 -6.64 11.24
C GLU G 252 -56.39 -6.67 9.91
N TRP G 253 -56.39 -5.56 9.18
CA TRP G 253 -57.05 -5.49 7.88
C TRP G 253 -56.35 -6.41 6.89
N VAL G 254 -57.14 -7.11 6.07
CA VAL G 254 -56.63 -8.07 5.10
C VAL G 254 -57.28 -7.77 3.75
N THR G 255 -56.45 -7.54 2.73
CA THR G 255 -56.92 -7.39 1.36
C THR G 255 -56.79 -8.74 0.67
N ALA G 256 -57.90 -9.29 0.20
CA ALA G 256 -57.92 -10.60 -0.43
C ALA G 256 -58.15 -10.46 -1.93
N VAL G 257 -57.41 -11.24 -2.70
CA VAL G 257 -57.46 -11.22 -4.15
C VAL G 257 -57.93 -12.58 -4.63
N VAL G 258 -58.91 -12.60 -5.52
CA VAL G 258 -59.42 -13.82 -6.13
C VAL G 258 -58.88 -13.88 -7.55
N LYS G 259 -58.01 -14.84 -7.82
CA LYS G 259 -57.30 -14.89 -9.09
C LYS G 259 -57.45 -16.25 -9.74
N LEU G 260 -57.71 -16.23 -11.05
CA LEU G 260 -57.87 -17.44 -11.85
C LEU G 260 -56.50 -17.86 -12.38
N GLU G 261 -55.74 -18.55 -11.55
CA GLU G 261 -54.40 -18.99 -11.93
C GLU G 261 -54.49 -20.12 -12.94
N VAL G 262 -53.45 -20.21 -13.78
CA VAL G 262 -53.35 -21.25 -14.79
C VAL G 262 -52.15 -22.14 -14.42
N ASN G 263 -52.40 -23.42 -14.24
CA ASN G 263 -51.36 -24.36 -13.88
C ASN G 263 -50.53 -24.75 -15.10
N GLU G 264 -49.44 -25.47 -14.85
CA GLU G 264 -48.58 -25.93 -15.93
C GLU G 264 -49.29 -26.91 -16.84
N ASP G 265 -50.33 -27.58 -16.33
CA ASP G 265 -51.11 -28.52 -17.12
C ASP G 265 -52.22 -27.86 -17.93
N GLY G 266 -52.37 -26.54 -17.81
CA GLY G 266 -53.40 -25.82 -18.53
C GLY G 266 -54.70 -25.66 -17.79
N GLY G 267 -54.87 -26.29 -16.63
CA GLY G 267 -56.09 -26.12 -15.88
C GLY G 267 -56.19 -24.75 -15.25
N ALA G 268 -57.44 -24.32 -15.02
CA ALA G 268 -57.72 -23.02 -14.41
C ALA G 268 -58.22 -23.26 -12.98
N ASP G 269 -57.44 -22.79 -12.01
CA ASP G 269 -57.78 -22.95 -10.60
C ASP G 269 -57.94 -21.57 -9.98
N VAL G 270 -59.02 -21.39 -9.23
CA VAL G 270 -59.31 -20.12 -8.56
C VAL G 270 -58.63 -20.14 -7.20
N HIS G 271 -57.80 -19.14 -6.93
CA HIS G 271 -57.05 -19.05 -5.69
C HIS G 271 -57.37 -17.76 -4.96
N PHE G 272 -57.42 -17.85 -3.63
CA PHE G 272 -57.59 -16.71 -2.74
C PHE G 272 -56.23 -16.37 -2.15
N GLU G 273 -55.70 -15.20 -2.50
CA GLU G 273 -54.41 -14.72 -2.01
C GLU G 273 -54.69 -13.56 -1.06
N ALA G 274 -54.50 -13.80 0.23
CA ALA G 274 -54.76 -12.78 1.24
C ALA G 274 -53.45 -12.13 1.68
N PHE G 275 -53.35 -10.82 1.50
CA PHE G 275 -52.19 -10.07 1.92
C PHE G 275 -52.63 -8.92 2.81
N GLN G 276 -51.81 -8.56 3.78
CA GLN G 276 -52.09 -7.40 4.61
C GLN G 276 -51.28 -6.21 4.11
N MET G 277 -51.95 -5.09 3.86
CA MET G 277 -51.24 -3.91 3.40
C MET G 277 -50.32 -3.39 4.50
N SER G 278 -49.12 -2.96 4.11
CA SER G 278 -48.18 -2.43 5.07
C SER G 278 -48.70 -1.12 5.65
N ASP G 279 -48.36 -0.87 6.91
CA ASP G 279 -48.73 0.39 7.55
C ASP G 279 -48.10 1.60 6.87
N MET G 280 -47.06 1.39 6.07
CA MET G 280 -46.52 2.46 5.24
C MET G 280 -47.57 2.95 4.24
N CYS G 281 -48.32 2.01 3.65
CA CYS G 281 -49.36 2.38 2.70
C CYS G 281 -50.47 3.18 3.38
N ILE G 282 -50.89 2.75 4.58
CA ILE G 282 -51.96 3.46 5.27
C ILE G 282 -51.46 4.84 5.72
N ARG G 283 -50.18 4.94 6.09
CA ARG G 283 -49.61 6.24 6.41
C ARG G 283 -49.57 7.14 5.18
N LEU G 284 -49.26 6.56 4.02
CA LEU G 284 -49.28 7.30 2.76
C LEU G 284 -50.68 7.83 2.47
N PHE G 285 -51.69 7.00 2.64
CA PHE G 285 -53.05 7.41 2.30
C PHE G 285 -53.58 8.45 3.28
N LYS G 286 -53.35 8.25 4.59
CA LYS G 286 -53.89 9.16 5.57
C LYS G 286 -53.23 10.54 5.51
N GLU G 287 -52.05 10.64 4.90
CA GLU G 287 -51.39 11.92 4.70
C GLU G 287 -51.68 12.51 3.33
N GLU G 288 -52.60 11.93 2.56
CA GLU G 288 -53.06 12.42 1.27
C GLU G 288 -51.96 12.44 0.21
N TRP G 289 -50.97 11.55 0.31
CA TRP G 289 -49.94 11.49 -0.71
C TRP G 289 -50.44 10.80 -1.98
N PHE G 290 -51.29 9.79 -1.83
CA PHE G 290 -51.79 9.04 -2.98
C PHE G 290 -52.68 9.93 -3.85
N GLU G 291 -52.63 9.67 -5.16
CA GLU G 291 -53.49 10.37 -6.12
C GLU G 291 -54.72 9.52 -6.38
N THR G 292 -55.87 9.96 -5.85
CA THR G 292 -57.12 9.26 -6.10
C THR G 292 -57.57 9.36 -7.55
N GLU G 293 -56.97 10.26 -8.33
CA GLU G 293 -57.30 10.42 -9.75
C GLU G 293 -56.29 9.60 -10.56
N ILE G 294 -56.76 8.50 -11.15
CA ILE G 294 -55.94 7.63 -11.97
C ILE G 294 -56.49 7.63 -13.39
N MET G 295 -55.66 8.01 -14.35
CA MET G 295 -56.04 8.08 -15.75
C MET G 295 -55.92 6.71 -16.39
N PRO G 296 -56.64 6.47 -17.49
CA PRO G 296 -56.47 5.20 -18.21
C PRO G 296 -55.06 4.98 -18.72
N ASP G 297 -54.35 6.06 -19.08
CA ASP G 297 -52.96 5.93 -19.53
C ASP G 297 -52.01 5.61 -18.39
N ASP G 298 -52.44 5.76 -17.14
CA ASP G 298 -51.58 5.48 -16.00
C ASP G 298 -51.27 3.99 -15.92
N ASP G 299 -50.02 3.67 -15.60
CA ASP G 299 -49.62 2.28 -15.51
C ASP G 299 -50.15 1.65 -14.23
N PRO G 300 -50.95 0.58 -14.31
CA PRO G 300 -51.42 -0.09 -13.09
C PRO G 300 -50.32 -0.80 -12.32
N LYS G 301 -49.15 -1.00 -12.91
CA LYS G 301 -48.05 -1.65 -12.21
C LYS G 301 -47.59 -0.82 -11.02
N LEU G 302 -47.55 0.51 -11.19
CA LEU G 302 -46.99 1.42 -10.19
C LEU G 302 -48.08 2.31 -9.63
N SER G 303 -48.02 2.57 -8.33
CA SER G 303 -49.03 3.39 -7.66
C SER G 303 -48.77 4.87 -7.93
N LYS G 304 -49.81 5.68 -7.71
CA LYS G 304 -49.77 7.10 -7.98
C LYS G 304 -49.66 7.87 -6.66
N MET G 305 -48.69 8.78 -6.59
CA MET G 305 -48.47 9.59 -5.39
C MET G 305 -48.24 11.03 -5.80
N LYS G 306 -48.88 11.96 -5.08
CA LYS G 306 -48.76 13.38 -5.40
C LYS G 306 -47.36 13.92 -5.14
N LYS G 307 -46.56 13.24 -4.31
CA LYS G 307 -45.21 13.66 -3.99
C LYS G 307 -44.27 12.49 -4.08
N GLU G 308 -43.03 12.77 -4.47
CA GLU G 308 -42.03 11.72 -4.66
C GLU G 308 -41.66 11.08 -3.32
N VAL G 309 -41.53 9.76 -3.34
CA VAL G 309 -41.09 9.00 -2.16
C VAL G 309 -39.95 8.09 -2.58
N VAL G 310 -39.25 7.55 -1.59
CA VAL G 310 -38.13 6.64 -1.83
C VAL G 310 -38.66 5.21 -1.78
N VAL G 311 -38.56 4.51 -2.91
CA VAL G 311 -39.03 3.12 -2.99
C VAL G 311 -37.83 2.25 -2.62
N GLY G 312 -37.66 2.04 -1.32
CA GLY G 312 -36.52 1.28 -0.84
C GLY G 312 -35.22 2.01 -1.10
N VAL G 313 -34.45 1.52 -2.08
CA VAL G 313 -33.23 2.19 -2.52
C VAL G 313 -33.44 3.05 -3.76
N LYS G 314 -34.50 2.82 -4.52
CA LYS G 314 -34.77 3.55 -5.76
C LYS G 314 -35.71 4.70 -5.47
N ASP G 315 -35.36 5.90 -5.95
CA ASP G 315 -36.15 7.11 -5.73
C ASP G 315 -37.06 7.30 -6.93
N LEU G 316 -38.31 6.85 -6.81
CA LEU G 316 -39.30 7.01 -7.86
C LEU G 316 -40.62 7.43 -7.27
N LYS G 317 -41.28 8.41 -7.89
CA LYS G 317 -42.61 8.81 -7.45
C LYS G 317 -43.61 7.66 -7.64
N GLU G 318 -43.54 7.00 -8.78
CA GLU G 318 -44.37 5.82 -9.04
C GLU G 318 -43.83 4.64 -8.25
N VAL G 319 -44.72 3.95 -7.53
CA VAL G 319 -44.34 2.89 -6.60
C VAL G 319 -45.06 1.61 -6.98
N ASP G 320 -44.30 0.52 -7.14
CA ASP G 320 -44.88 -0.78 -7.42
C ASP G 320 -45.78 -1.22 -6.28
N ASN G 321 -46.89 -1.89 -6.64
CA ASN G 321 -47.89 -2.27 -5.65
C ASN G 321 -47.38 -3.38 -4.73
N ASP G 322 -46.45 -4.21 -5.20
CA ASP G 322 -45.94 -5.30 -4.38
C ASP G 322 -45.17 -4.78 -3.16
N PHE G 323 -44.73 -3.53 -3.19
CA PHE G 323 -44.07 -2.93 -2.03
C PHE G 323 -45.04 -2.67 -0.88
N PHE G 324 -46.33 -2.78 -1.11
CA PHE G 324 -47.34 -2.48 -0.10
C PHE G 324 -47.92 -3.71 0.57
N LEU G 325 -47.82 -4.87 -0.06
CA LEU G 325 -48.48 -6.08 0.43
C LEU G 325 -47.52 -6.91 1.28
N VAL G 326 -48.08 -7.58 2.28
CA VAL G 326 -47.35 -8.48 3.16
C VAL G 326 -48.04 -9.84 3.10
N LEU G 327 -47.26 -10.88 2.81
CA LEU G 327 -47.82 -12.22 2.66
C LEU G 327 -48.37 -12.71 3.99
N VAL G 328 -49.64 -13.14 3.98
CA VAL G 328 -50.31 -13.66 5.16
C VAL G 328 -50.81 -15.06 4.84
N ARG G 329 -50.53 -16.01 5.73
CA ARG G 329 -50.95 -17.38 5.51
C ARG G 329 -52.46 -17.49 5.49
N ILE G 330 -52.98 -18.27 4.56
CA ILE G 330 -54.41 -18.46 4.37
C ILE G 330 -54.84 -19.74 5.08
N LEU G 331 -55.97 -19.67 5.78
CA LEU G 331 -56.50 -20.80 6.52
C LEU G 331 -57.99 -20.95 6.18
N ASP G 332 -58.47 -22.19 6.29
CA ASP G 332 -59.86 -22.51 6.03
C ASP G 332 -60.49 -23.11 7.27
N HIS G 333 -61.69 -22.65 7.60
CA HIS G 333 -62.42 -23.14 8.77
C HIS G 333 -63.91 -23.08 8.48
N GLN G 334 -64.67 -23.87 9.23
CA GLN G 334 -66.13 -23.92 9.12
C GLN G 334 -66.72 -23.17 10.31
N GLY G 335 -67.02 -21.89 10.10
CA GLY G 335 -67.55 -21.06 11.16
C GLY G 335 -69.03 -21.27 11.38
N PRO G 336 -69.60 -20.55 12.35
CA PRO G 336 -71.04 -20.69 12.63
C PRO G 336 -71.94 -20.09 11.56
N LEU G 337 -71.38 -19.40 10.58
CA LEU G 337 -72.17 -18.75 9.53
C LEU G 337 -71.90 -19.40 8.19
N SER G 338 -72.98 -19.74 7.49
CA SER G 338 -72.91 -20.24 6.12
C SER G 338 -73.22 -19.12 5.14
N SER G 339 -72.94 -19.37 3.86
CA SER G 339 -73.17 -18.36 2.83
C SER G 339 -73.81 -19.00 1.60
N THR G 340 -74.73 -19.94 1.82
CA THR G 340 -75.46 -20.54 0.70
C THR G 340 -76.40 -19.54 0.03
N PHE G 341 -76.94 -18.59 0.80
CA PHE G 341 -77.79 -17.57 0.22
C PHE G 341 -76.97 -16.66 -0.70
N PRO G 342 -77.50 -16.29 -1.86
CA PRO G 342 -76.74 -15.41 -2.77
C PRO G 342 -76.45 -14.07 -2.12
N ILE G 343 -75.25 -13.54 -2.39
CA ILE G 343 -74.85 -12.28 -1.79
C ILE G 343 -75.64 -11.13 -2.41
N GLU G 344 -76.04 -10.19 -1.57
CA GLU G 344 -76.86 -9.07 -2.01
C GLU G 344 -76.07 -8.16 -2.94
N ASN G 345 -76.80 -7.33 -3.68
CA ASN G 345 -76.29 -6.31 -4.60
C ASN G 345 -75.56 -6.91 -5.81
N ARG G 346 -75.63 -8.22 -6.01
CA ARG G 346 -74.98 -8.86 -7.14
C ARG G 346 -75.84 -8.71 -8.40
N SER G 347 -75.37 -9.34 -9.48
CA SER G 347 -76.16 -9.38 -10.70
C SER G 347 -77.48 -10.09 -10.48
N SER G 348 -77.47 -11.19 -9.75
CA SER G 348 -78.69 -11.89 -9.35
C SER G 348 -79.21 -11.24 -8.08
N ARG G 349 -80.09 -10.26 -8.26
CA ARG G 349 -80.62 -9.52 -7.13
C ARG G 349 -81.42 -10.44 -6.20
N ALA G 350 -81.17 -10.32 -4.91
CA ALA G 350 -81.85 -11.15 -3.92
C ALA G 350 -83.29 -10.70 -3.77
N THR G 351 -84.22 -11.65 -3.91
CA THR G 351 -85.65 -11.38 -3.82
C THR G 351 -86.29 -12.36 -2.84
N MET G 352 -87.61 -12.23 -2.67
CA MET G 352 -88.35 -13.11 -1.78
C MET G 352 -88.36 -14.55 -2.30
N ARG G 353 -88.43 -14.71 -3.62
CA ARG G 353 -88.41 -16.06 -4.19
C ARG G 353 -87.09 -16.76 -3.90
N ALA G 354 -85.97 -16.04 -4.02
CA ALA G 354 -84.68 -16.61 -3.66
C ALA G 354 -84.62 -16.97 -2.18
N LEU G 355 -85.21 -16.13 -1.33
CA LEU G 355 -85.27 -16.44 0.10
C LEU G 355 -86.05 -17.72 0.36
N LYS G 356 -87.19 -17.87 -0.31
CA LYS G 356 -88.00 -19.08 -0.14
C LYS G 356 -87.25 -20.31 -0.64
N THR G 357 -86.55 -20.18 -1.77
CA THR G 357 -85.77 -21.29 -2.30
C THR G 357 -84.66 -21.68 -1.33
N HIS G 358 -83.97 -20.70 -0.76
CA HIS G 358 -82.92 -20.98 0.20
C HIS G 358 -83.47 -21.67 1.45
N LEU G 359 -84.62 -21.19 1.93
CA LEU G 359 -85.23 -21.82 3.10
C LEU G 359 -85.65 -23.26 2.81
N ASP G 360 -86.20 -23.51 1.61
CA ASP G 360 -86.59 -24.86 1.25
C ASP G 360 -85.38 -25.77 1.11
N ARG G 361 -84.28 -25.23 0.58
CA ARG G 361 -83.07 -26.04 0.42
C ARG G 361 -82.54 -26.51 1.76
N ALA G 362 -82.53 -25.64 2.76
CA ALA G 362 -82.05 -25.97 4.10
C ALA G 362 -83.19 -26.25 5.07
N LYS G 363 -84.28 -26.87 4.60
CA LYS G 363 -85.41 -27.13 5.47
C LYS G 363 -85.06 -28.11 6.57
N SER G 364 -84.26 -29.13 6.26
CA SER G 364 -83.88 -30.12 7.26
C SER G 364 -83.05 -29.50 8.38
N LEU G 365 -82.29 -28.46 8.07
CA LEU G 365 -81.47 -27.81 9.07
C LEU G 365 -82.35 -27.08 10.09
N PRO G 366 -81.86 -26.87 11.31
CA PRO G 366 -82.65 -26.13 12.30
C PRO G 366 -82.89 -24.69 11.87
N LEU G 367 -83.93 -24.09 12.44
CA LEU G 367 -84.31 -22.73 12.07
C LEU G 367 -83.17 -21.74 12.35
N VAL G 368 -82.44 -21.94 13.46
CA VAL G 368 -81.29 -21.08 13.74
C VAL G 368 -80.22 -21.27 12.68
N LYS G 369 -80.02 -22.50 12.21
CA LYS G 369 -79.08 -22.75 11.13
C LYS G 369 -79.55 -22.17 9.80
N LYS G 370 -80.87 -22.13 9.58
CA LYS G 370 -81.39 -21.52 8.36
C LYS G 370 -81.05 -20.04 8.30
N MET G 371 -81.16 -19.33 9.41
CA MET G 371 -80.86 -17.92 9.48
C MET G 371 -79.40 -17.64 9.80
N SER G 372 -78.55 -18.67 9.85
CA SER G 372 -77.12 -18.48 10.04
C SER G 372 -76.41 -18.10 8.76
N ASP G 373 -76.90 -17.07 8.07
CA ASP G 373 -76.32 -16.57 6.84
C ASP G 373 -76.43 -15.04 6.87
N PHE G 374 -75.31 -14.36 6.65
CA PHE G 374 -75.30 -12.91 6.77
C PHE G 374 -76.22 -12.26 5.75
N HIS G 375 -76.23 -12.77 4.51
CA HIS G 375 -77.06 -12.18 3.47
C HIS G 375 -78.54 -12.29 3.81
N LEU G 376 -78.96 -13.44 4.32
CA LEU G 376 -80.33 -13.61 4.78
C LEU G 376 -80.64 -12.66 5.92
N LEU G 377 -79.71 -12.52 6.87
CA LEU G 377 -79.92 -11.64 8.00
C LEU G 377 -80.05 -10.18 7.54
N LEU G 378 -79.24 -9.77 6.56
CA LEU G 378 -79.33 -8.41 6.04
C LEU G 378 -80.63 -8.19 5.29
N PHE G 379 -81.07 -9.20 4.53
CA PHE G 379 -82.35 -9.09 3.83
C PHE G 379 -83.50 -8.94 4.82
N VAL G 380 -83.43 -9.67 5.94
CA VAL G 380 -84.41 -9.48 7.01
C VAL G 380 -84.28 -8.08 7.61
N ALA G 381 -83.04 -7.63 7.80
CA ALA G 381 -82.77 -6.31 8.36
C ALA G 381 -83.32 -5.19 7.50
N GLN G 382 -83.49 -5.44 6.19
CA GLN G 382 -84.15 -4.46 5.33
C GLN G 382 -85.58 -4.21 5.76
N PHE G 383 -86.17 -5.12 6.55
CA PHE G 383 -87.53 -4.97 7.05
C PHE G 383 -87.61 -5.05 8.56
N LEU G 384 -86.48 -4.91 9.26
CA LEU G 384 -86.45 -4.98 10.72
C LEU G 384 -85.72 -3.76 11.28
N ASP G 385 -86.00 -3.47 12.55
CA ASP G 385 -85.36 -2.34 13.22
C ASP G 385 -83.86 -2.61 13.38
N VAL G 386 -83.05 -1.69 12.85
CA VAL G 386 -81.60 -1.86 12.89
C VAL G 386 -81.07 -1.71 14.32
N SER G 387 -81.78 -0.97 15.16
CA SER G 387 -81.28 -0.66 16.50
C SER G 387 -81.51 -1.80 17.50
N SER G 388 -82.68 -2.43 17.46
CA SER G 388 -83.04 -3.43 18.46
C SER G 388 -83.20 -4.82 17.87
N ASP G 389 -84.06 -4.98 16.86
CA ASP G 389 -84.36 -6.32 16.34
C ASP G 389 -83.15 -6.95 15.67
N VAL G 390 -82.43 -6.15 14.87
CA VAL G 390 -81.27 -6.70 14.16
C VAL G 390 -80.16 -7.17 15.10
N PRO G 391 -79.72 -6.38 16.08
CA PRO G 391 -78.69 -6.92 17.00
C PRO G 391 -79.16 -8.13 17.77
N ALA G 392 -80.43 -8.17 18.18
CA ALA G 392 -80.95 -9.33 18.91
C ALA G 392 -80.94 -10.58 18.03
N LEU G 393 -81.38 -10.44 16.78
CA LEU G 393 -81.37 -11.58 15.87
C LEU G 393 -79.96 -12.05 15.59
N ALA G 394 -79.02 -11.11 15.41
CA ALA G 394 -77.63 -11.48 15.17
C ALA G 394 -77.03 -12.18 16.38
N GLU G 395 -77.36 -11.72 17.59
CA GLU G 395 -76.88 -12.38 18.79
C GLU G 395 -77.45 -13.78 18.91
N CYS G 396 -78.73 -13.94 18.58
CA CYS G 396 -79.33 -15.27 18.60
C CYS G 396 -78.66 -16.21 17.60
N VAL G 397 -78.34 -15.68 16.41
CA VAL G 397 -77.64 -16.49 15.41
C VAL G 397 -76.26 -16.89 15.91
N ARG G 398 -75.53 -15.93 16.50
CA ARG G 398 -74.18 -16.21 16.98
C ARG G 398 -74.19 -17.24 18.10
N LEU G 399 -75.08 -17.09 19.08
CA LEU G 399 -75.12 -17.99 20.22
C LEU G 399 -75.80 -19.31 19.93
N GLN G 400 -76.42 -19.46 18.75
CA GLN G 400 -77.15 -20.67 18.37
C GLN G 400 -78.26 -20.97 19.39
N SER G 401 -78.83 -19.92 19.96
CA SER G 401 -79.91 -20.04 20.93
C SER G 401 -81.23 -20.24 20.22
N PRO G 402 -82.24 -20.78 20.91
CA PRO G 402 -83.56 -20.94 20.27
C PRO G 402 -84.12 -19.58 19.88
N VAL G 403 -84.48 -19.47 18.60
CA VAL G 403 -84.98 -18.20 18.06
C VAL G 403 -86.34 -17.89 18.66
N PRO G 404 -86.62 -16.65 19.03
CA PRO G 404 -87.97 -16.30 19.51
C PRO G 404 -89.02 -16.58 18.45
N GLU G 405 -90.22 -16.96 18.90
CA GLU G 405 -91.28 -17.34 17.99
C GLU G 405 -91.67 -16.20 17.07
N GLY G 406 -91.62 -14.96 17.57
CA GLY G 406 -92.01 -13.82 16.75
C GLY G 406 -91.13 -13.64 15.53
N TYR G 407 -89.82 -13.75 15.71
CA TYR G 407 -88.90 -13.60 14.58
C TYR G 407 -89.13 -14.69 13.53
N ALA G 408 -89.28 -15.94 13.98
CA ALA G 408 -89.50 -17.03 13.05
C ALA G 408 -90.82 -16.86 12.30
N LEU G 409 -91.88 -16.45 13.01
CA LEU G 409 -93.17 -16.24 12.36
C LEU G 409 -93.09 -15.11 11.35
N LEU G 410 -92.41 -14.02 11.69
CA LEU G 410 -92.27 -12.91 10.74
C LEU G 410 -91.49 -13.33 9.51
N ILE G 411 -90.40 -14.08 9.70
CA ILE G 411 -89.58 -14.52 8.57
C ILE G 411 -90.38 -15.44 7.67
N GLU G 412 -91.12 -16.39 8.26
CA GLU G 412 -91.93 -17.31 7.47
C GLU G 412 -93.02 -16.55 6.72
N SER G 413 -93.68 -15.60 7.38
CA SER G 413 -94.75 -14.85 6.74
C SER G 413 -94.23 -14.03 5.57
N MET G 414 -93.07 -13.36 5.74
CA MET G 414 -92.54 -12.56 4.65
C MET G 414 -91.90 -13.42 3.56
N ALA G 415 -91.53 -14.67 3.87
CA ALA G 415 -90.94 -15.56 2.88
C ALA G 415 -91.98 -16.40 2.15
N ASN G 416 -93.23 -16.38 2.59
CA ASN G 416 -94.31 -17.12 1.95
C ASN G 416 -95.30 -16.19 1.24
N THR G 417 -94.87 -14.98 0.87
CA THR G 417 -95.72 -14.00 0.20
C THR G 417 -96.98 -13.68 1.02
N CYS G 418 -96.80 -13.42 2.31
CA CYS G 418 -97.90 -13.10 3.22
C CYS G 418 -98.97 -14.19 3.23
#